data_8Q67
#
_entry.id   8Q67
#
_cell.length_a   228.699
_cell.length_b   127.488
_cell.length_c   177.038
_cell.angle_alpha   90.000
_cell.angle_beta   91.713
_cell.angle_gamma   90.000
#
_symmetry.space_group_name_H-M   'C 1 2 1'
#
loop_
_entity.id
_entity.type
_entity.pdbx_description
1 polymer 'DNA helicase'
2 non-polymer "ADENOSINE-5'-DIPHOSPHATE"
3 non-polymer 'PHOSPHATE ION'
4 non-polymer 'ZINC ION'
5 water water
#
_entity_poly.entity_id   1
_entity_poly.type   'polypeptide(L)'
_entity_poly.pdbx_seq_one_letter_code
;GMAEQQTSSLKLLFDEFLESYYSDEIKDIIIKFPNKRSLPVNISDLEEFDPDTATNLIADPEIIIDAANESLMGKLAGLN
FDTYIPHVRFYNQSINTPMVLNVGSAYINKFVSIDALVVKRSDIRPKIRDAVFVCTFCNAKVKANLEKEEIPKVCPECKK
RTLKIVPEESSFFNSQKIAVQDPLERLSGSIPTWQLEAWLDDDLVNMAIPGDRIEISGVLKIRPRKDSRGKVDPSIYSMY
LNVTSLETKQKEFADIDISEDEERQIKELSKDPEIFNKVTQSVAPSIYGYNEIKQAVALQLFGGTPGKKLVDGGQIRSDM
HILLIGDPGSAKTRILQSVSRLVPKGIYVSGKSVTGGGLTAVAERDDFSEGGWTLKAGAMVLGNGGIVAIDQFDKISEED
TAALHEALESQTISVAKAGIIATFNAKASVLAAANPKFGRFDPHKYPAEQFDISPTLLSRFDLIFPIRDIMDTELDKSIA
NYILNQHEAAGAAIADVESSVAAEEPPIEHSLLKKYIAYAKRYVMPRLSEEASNRIKEYYVDLRRAGSMKGATPITPRQI
EGLIRMAEASAKSQLRDVVSVKDANLAISLSEYMLKTLAVD
;
_entity_poly.pdbx_strand_id   A,B,C,D,E,F
#
loop_
_chem_comp.id
_chem_comp.type
_chem_comp.name
_chem_comp.formula
ADP non-polymer ADENOSINE-5'-DIPHOSPHATE 'C10 H15 N5 O10 P2'
PO4 non-polymer 'PHOSPHATE ION' 'O4 P -3'
ZN non-polymer 'ZINC ION' 'Zn 2'
#
# COMPACT_ATOMS: atom_id res chain seq x y z
N SER A 8 46.45 -24.83 37.35
CA SER A 8 46.53 -25.73 36.21
C SER A 8 45.76 -26.99 36.47
N SER A 9 45.14 -27.03 37.64
CA SER A 9 44.45 -28.24 38.05
C SER A 9 43.43 -28.64 37.01
N LEU A 10 42.66 -27.69 36.53
CA LEU A 10 41.64 -27.97 35.57
C LEU A 10 42.22 -28.45 34.30
N LYS A 11 43.25 -27.80 33.81
CA LYS A 11 43.87 -28.22 32.55
C LYS A 11 44.34 -29.67 32.64
N LEU A 12 44.89 -30.01 33.79
CA LEU A 12 45.39 -31.35 34.00
C LEU A 12 44.21 -32.27 34.10
N LEU A 13 43.14 -31.77 34.65
CA LEU A 13 41.96 -32.59 34.75
C LEU A 13 41.50 -32.89 33.36
N PHE A 14 41.40 -31.88 32.53
CA PHE A 14 40.92 -32.08 31.17
C PHE A 14 41.82 -32.94 30.33
N ASP A 15 43.12 -32.89 30.56
CA ASP A 15 44.05 -33.70 29.81
C ASP A 15 43.71 -35.17 29.90
N GLU A 16 43.44 -35.63 31.11
CA GLU A 16 43.05 -37.00 31.33
C GLU A 16 41.77 -37.22 30.54
N PHE A 17 40.77 -36.43 30.86
CA PHE A 17 39.46 -36.50 30.22
C PHE A 17 39.49 -36.55 28.72
N LEU A 18 40.17 -35.60 28.11
CA LEU A 18 40.20 -35.58 26.68
C LEU A 18 40.84 -36.80 26.12
N GLU A 19 41.95 -37.22 26.71
CA GLU A 19 42.63 -38.39 26.21
C GLU A 19 41.73 -39.59 26.30
N SER A 20 41.07 -39.75 27.42
CA SER A 20 40.21 -40.88 27.60
C SER A 20 39.08 -40.95 26.60
N TYR A 21 38.21 -39.95 26.61
CA TYR A 21 37.04 -40.00 25.76
C TYR A 21 37.17 -39.56 24.32
N TYR A 22 38.07 -38.63 24.01
CA TYR A 22 38.12 -38.17 22.64
C TYR A 22 39.46 -38.29 21.96
N SER A 23 40.25 -39.29 22.32
CA SER A 23 41.54 -39.40 21.70
C SER A 23 41.53 -39.59 20.22
N ASP A 24 40.67 -40.40 19.69
CA ASP A 24 40.59 -40.57 18.24
C ASP A 24 40.14 -39.28 17.57
N GLU A 25 39.21 -38.58 18.16
CA GLU A 25 38.75 -37.37 17.57
C GLU A 25 39.85 -36.36 17.55
N ILE A 26 40.56 -36.24 18.64
CA ILE A 26 41.65 -35.28 18.69
C ILE A 26 42.71 -35.60 17.65
N LYS A 27 42.96 -36.89 17.40
CA LYS A 27 43.89 -37.27 16.34
C LYS A 27 43.40 -36.79 14.99
N ASP A 28 42.11 -36.87 14.79
CA ASP A 28 41.56 -36.43 13.56
C ASP A 28 41.76 -34.96 13.41
N ILE A 29 41.73 -34.24 14.51
CA ILE A 29 41.91 -32.83 14.42
C ILE A 29 43.32 -32.52 14.16
N ILE A 30 44.22 -33.25 14.78
CA ILE A 30 45.63 -33.00 14.53
C ILE A 30 45.93 -33.12 13.05
N ILE A 31 45.29 -34.08 12.38
CA ILE A 31 45.52 -34.24 10.95
C ILE A 31 44.90 -33.09 10.16
N LYS A 32 43.62 -32.82 10.44
CA LYS A 32 42.86 -31.82 9.67
C LYS A 32 42.94 -30.36 10.11
N PHE A 33 43.73 -30.05 11.13
CA PHE A 33 43.85 -28.67 11.58
C PHE A 33 44.51 -27.85 10.45
N PRO A 34 44.07 -26.61 10.17
CA PRO A 34 43.03 -25.69 10.70
C PRO A 34 41.64 -25.86 10.06
N ASN A 35 41.53 -26.63 8.98
CA ASN A 35 40.27 -26.82 8.35
C ASN A 35 39.22 -27.42 9.22
N LYS A 36 39.59 -28.33 10.07
CA LYS A 36 38.68 -28.82 11.03
C LYS A 36 39.31 -28.39 12.30
N ARG A 37 38.66 -27.58 13.11
CA ARG A 37 39.32 -27.12 14.31
C ARG A 37 38.49 -27.08 15.56
N SER A 38 37.47 -27.90 15.65
CA SER A 38 36.68 -27.88 16.84
C SER A 38 36.40 -29.24 17.35
N LEU A 39 36.32 -29.40 18.65
CA LEU A 39 36.05 -30.72 19.22
C LEU A 39 34.70 -30.71 19.91
N PRO A 40 33.64 -31.19 19.28
CA PRO A 40 32.38 -31.38 20.01
C PRO A 40 32.57 -32.36 21.16
N VAL A 41 32.11 -31.96 22.35
CA VAL A 41 32.28 -32.76 23.55
C VAL A 41 30.94 -32.87 24.26
N ASN A 42 30.43 -34.10 24.42
CA ASN A 42 29.20 -34.31 25.10
C ASN A 42 29.44 -34.03 26.58
N ILE A 43 28.53 -33.31 27.21
CA ILE A 43 28.59 -33.06 28.59
C ILE A 43 28.20 -34.28 29.36
N SER A 44 27.50 -35.22 28.76
CA SER A 44 27.19 -36.44 29.44
C SER A 44 28.47 -37.14 29.79
N ASP A 45 29.41 -37.17 28.89
CA ASP A 45 30.65 -37.83 29.18
C ASP A 45 31.37 -37.16 30.30
N LEU A 46 31.37 -35.86 30.31
CA LEU A 46 32.05 -35.15 31.34
C LEU A 46 31.40 -35.33 32.66
N GLU A 47 30.10 -35.49 32.73
CA GLU A 47 29.45 -35.68 33.99
C GLU A 47 29.61 -37.07 34.47
N GLU A 48 29.93 -37.97 33.58
CA GLU A 48 30.19 -39.32 33.95
C GLU A 48 31.57 -39.42 34.48
N PHE A 49 32.45 -38.58 33.97
CA PHE A 49 33.86 -38.58 34.34
C PHE A 49 34.20 -37.78 35.58
N ASP A 50 33.50 -36.68 35.81
CA ASP A 50 33.67 -35.92 37.02
C ASP A 50 32.46 -35.08 37.18
N PRO A 51 31.49 -35.55 37.93
CA PRO A 51 30.23 -34.83 38.14
C PRO A 51 30.40 -33.47 38.73
N ASP A 52 31.54 -33.17 39.31
CA ASP A 52 31.70 -31.87 39.90
C ASP A 52 32.12 -30.90 38.83
N THR A 53 32.98 -31.36 37.93
CA THR A 53 33.43 -30.50 36.87
C THR A 53 32.25 -30.13 36.00
N ALA A 54 31.44 -31.11 35.66
CA ALA A 54 30.26 -30.86 34.85
C ALA A 54 29.34 -29.87 35.50
N THR A 55 29.14 -29.97 36.81
CA THR A 55 28.29 -29.03 37.50
C THR A 55 28.91 -27.64 37.53
N ASN A 56 30.22 -27.57 37.58
CA ASN A 56 30.93 -26.31 37.57
C ASN A 56 30.77 -25.64 36.24
N LEU A 57 30.77 -26.44 35.18
CA LEU A 57 30.63 -25.92 33.85
C LEU A 57 29.36 -25.13 33.68
N ILE A 58 28.26 -25.62 34.22
CA ILE A 58 27.01 -24.92 34.09
C ILE A 58 26.93 -23.60 34.82
N ALA A 59 27.74 -23.42 35.86
CA ALA A 59 27.62 -22.19 36.69
C ALA A 59 28.77 -21.23 36.43
N ASP A 60 29.92 -21.76 36.04
CA ASP A 60 31.04 -20.86 35.66
C ASP A 60 31.61 -21.38 34.34
N PRO A 61 30.87 -21.40 33.21
CA PRO A 61 31.42 -21.97 32.00
C PRO A 61 32.61 -21.28 31.43
N GLU A 62 32.77 -19.98 31.61
CA GLU A 62 33.89 -19.37 30.89
C GLU A 62 35.25 -19.88 31.37
N ILE A 63 35.35 -20.08 32.65
CA ILE A 63 36.57 -20.53 33.23
C ILE A 63 36.79 -21.95 32.94
N ILE A 64 35.76 -22.74 32.76
CA ILE A 64 35.96 -24.15 32.51
C ILE A 64 36.26 -24.34 31.06
N ILE A 65 35.55 -23.63 30.24
CA ILE A 65 35.74 -23.72 28.79
C ILE A 65 37.14 -23.25 28.42
N ASP A 66 37.60 -22.17 29.06
CA ASP A 66 38.95 -21.70 28.81
C ASP A 66 39.96 -22.79 29.13
N ALA A 67 39.78 -23.47 30.26
CA ALA A 67 40.70 -24.55 30.63
C ALA A 67 40.68 -25.67 29.60
N ALA A 68 39.49 -26.07 29.15
CA ALA A 68 39.41 -27.15 28.16
C ALA A 68 40.04 -26.76 26.84
N ASN A 69 39.85 -25.51 26.41
CA ASN A 69 40.48 -25.03 25.18
C ASN A 69 41.99 -25.05 25.31
N GLU A 70 42.52 -24.66 26.47
CA GLU A 70 43.96 -24.76 26.69
C GLU A 70 44.43 -26.21 26.65
N SER A 71 43.66 -27.11 27.24
CA SER A 71 44.02 -28.53 27.19
C SER A 71 44.07 -29.04 25.75
N LEU A 72 43.05 -28.70 24.95
CA LEU A 72 43.04 -29.16 23.56
C LEU A 72 44.20 -28.57 22.77
N MET A 73 44.53 -27.30 23.00
CA MET A 73 45.69 -26.71 22.36
C MET A 73 46.95 -27.46 22.73
N GLY A 74 47.05 -27.91 23.98
CA GLY A 74 48.19 -28.72 24.37
C GLY A 74 48.25 -30.04 23.61
N LYS A 75 47.15 -30.74 23.51
CA LYS A 75 47.15 -31.98 22.81
C LYS A 75 47.38 -31.79 21.34
N LEU A 76 47.08 -30.64 20.83
CA LEU A 76 47.36 -30.32 19.43
C LEU A 76 48.78 -29.78 19.27
N ALA A 77 49.75 -30.52 19.81
CA ALA A 77 51.11 -30.00 19.90
C ALA A 77 51.79 -30.05 18.53
N GLY A 78 52.64 -29.05 18.28
CA GLY A 78 53.39 -28.96 17.04
C GLY A 78 52.71 -28.22 15.92
N LEU A 79 51.46 -27.78 16.11
CA LEU A 79 50.71 -27.08 15.08
C LEU A 79 50.80 -25.58 15.31
N ASN A 80 50.50 -24.86 14.22
CA ASN A 80 50.56 -23.45 14.14
C ASN A 80 49.29 -22.79 14.64
N PHE A 81 49.35 -22.04 15.74
CA PHE A 81 48.19 -21.33 16.22
C PHE A 81 48.33 -19.82 16.04
N ASP A 82 49.10 -19.41 15.03
CA ASP A 82 49.26 -17.99 14.76
C ASP A 82 47.98 -17.40 14.18
N THR A 83 47.28 -18.16 13.34
CA THR A 83 46.11 -17.68 12.62
C THR A 83 44.79 -18.19 13.20
N TYR A 84 44.74 -19.46 13.56
CA TYR A 84 43.54 -20.06 14.10
C TYR A 84 43.76 -20.69 15.47
N ILE A 85 42.70 -20.78 16.26
CA ILE A 85 42.75 -21.30 17.62
C ILE A 85 41.82 -22.50 17.72
N PRO A 86 42.24 -23.61 18.33
CA PRO A 86 41.30 -24.72 18.54
C PRO A 86 40.21 -24.37 19.55
N HIS A 87 39.09 -25.05 19.39
CA HIS A 87 37.94 -24.82 20.23
C HIS A 87 37.26 -26.06 20.73
N VAL A 88 37.08 -26.13 22.03
CA VAL A 88 36.26 -27.18 22.62
C VAL A 88 34.83 -26.64 22.72
N ARG A 89 33.87 -27.39 22.14
CA ARG A 89 32.48 -26.93 22.02
C ARG A 89 31.57 -27.92 22.74
N PHE A 90 31.25 -27.63 24.00
CA PHE A 90 30.44 -28.54 24.75
C PHE A 90 28.97 -28.45 24.33
N TYR A 91 28.29 -29.58 24.39
CA TYR A 91 26.90 -29.63 24.02
C TYR A 91 26.26 -30.75 24.81
N ASN A 92 24.94 -30.72 24.79
CA ASN A 92 24.03 -31.65 25.42
C ASN A 92 23.90 -31.69 26.90
N GLN A 93 23.25 -30.71 27.47
CA GLN A 93 22.98 -30.68 28.88
C GLN A 93 21.55 -30.40 29.10
N SER A 94 21.03 -30.78 30.23
CA SER A 94 19.59 -30.63 30.52
C SER A 94 19.32 -29.92 31.84
N ILE A 95 20.31 -29.23 32.40
CA ILE A 95 20.11 -28.53 33.66
C ILE A 95 19.49 -27.16 33.43
N ASN A 96 20.05 -26.40 32.50
CA ASN A 96 19.57 -25.06 32.17
C ASN A 96 19.07 -25.08 30.73
N THR A 97 17.81 -25.46 30.55
CA THR A 97 17.17 -25.52 29.23
C THR A 97 15.95 -24.60 29.23
N PRO A 98 16.17 -23.28 29.26
CA PRO A 98 15.04 -22.34 29.21
C PRO A 98 14.49 -22.20 27.80
N MET A 99 13.28 -21.65 27.74
CA MET A 99 12.74 -21.15 26.48
C MET A 99 13.34 -19.77 26.20
N VAL A 100 13.38 -19.40 24.92
CA VAL A 100 13.95 -18.11 24.57
C VAL A 100 13.20 -16.99 25.28
N LEU A 101 11.88 -17.14 25.44
CA LEU A 101 11.10 -16.08 26.06
C LEU A 101 11.40 -15.99 27.55
N ASN A 102 11.89 -17.08 28.16
CA ASN A 102 12.11 -17.17 29.59
C ASN A 102 13.56 -17.01 30.00
N VAL A 103 14.48 -16.89 29.04
CA VAL A 103 15.83 -16.49 29.42
C VAL A 103 15.77 -15.17 30.17
N GLY A 104 16.45 -15.13 31.30
CA GLY A 104 16.45 -13.95 32.15
C GLY A 104 17.69 -13.77 33.00
N SER A 105 17.57 -12.94 34.04
CA SER A 105 18.71 -12.62 34.89
C SER A 105 19.25 -13.84 35.63
N ALA A 106 18.46 -14.91 35.76
CA ALA A 106 18.92 -16.08 36.49
C ALA A 106 20.05 -16.82 35.78
N TYR A 107 20.18 -16.65 34.45
CA TYR A 107 21.17 -17.36 33.66
C TYR A 107 22.35 -16.48 33.28
N ILE A 108 22.50 -15.32 33.93
CA ILE A 108 23.56 -14.39 33.55
C ILE A 108 24.91 -15.06 33.79
N ASN A 109 25.74 -15.10 32.75
CA ASN A 109 27.07 -15.70 32.83
C ASN A 109 27.00 -17.17 33.25
N LYS A 110 25.95 -17.85 32.81
CA LYS A 110 25.76 -19.28 33.03
C LYS A 110 25.57 -19.97 31.69
N PHE A 111 25.75 -21.26 31.65
CA PHE A 111 25.66 -21.97 30.44
C PHE A 111 24.25 -22.36 30.19
N VAL A 112 23.69 -22.16 29.01
CA VAL A 112 22.33 -22.49 28.74
C VAL A 112 22.17 -23.14 27.43
N SER A 113 21.24 -24.04 27.24
CA SER A 113 21.01 -24.60 25.95
C SER A 113 19.63 -24.30 25.55
N ILE A 114 19.35 -23.80 24.37
CA ILE A 114 18.00 -23.55 24.04
C ILE A 114 17.56 -24.09 22.72
N ASP A 115 16.32 -24.55 22.62
CA ASP A 115 15.71 -24.98 21.37
C ASP A 115 15.33 -23.74 20.58
N ALA A 116 15.96 -23.51 19.42
CA ALA A 116 15.93 -22.21 18.79
C ALA A 116 15.53 -22.30 17.32
N LEU A 117 14.69 -21.36 16.91
CA LEU A 117 14.37 -21.10 15.51
C LEU A 117 15.15 -19.86 15.08
N VAL A 118 16.03 -20.02 14.10
CA VAL A 118 16.88 -18.92 13.66
C VAL A 118 16.02 -18.04 12.76
N VAL A 119 15.90 -16.76 13.11
CA VAL A 119 15.04 -15.85 12.37
C VAL A 119 15.85 -14.94 11.46
N LYS A 120 17.00 -14.48 11.92
CA LYS A 120 17.83 -13.58 11.12
C LYS A 120 19.28 -13.95 11.30
N ARG A 121 20.09 -13.57 10.31
CA ARG A 121 21.54 -13.77 10.28
C ARG A 121 22.18 -12.54 9.66
N SER A 122 23.29 -12.08 10.23
CA SER A 122 23.92 -10.85 9.79
C SER A 122 25.03 -11.15 8.78
N ASP A 123 25.67 -10.09 8.30
CA ASP A 123 26.86 -10.23 7.46
C ASP A 123 28.04 -10.65 8.32
N ILE A 124 29.03 -11.26 7.66
CA ILE A 124 30.28 -11.60 8.34
C ILE A 124 31.03 -10.31 8.65
N ARG A 125 31.29 -10.05 9.96
CA ARG A 125 31.94 -8.83 10.46
C ARG A 125 33.28 -9.16 11.13
N PRO A 126 34.40 -8.99 10.35
CA PRO A 126 35.70 -9.34 10.93
C PRO A 126 35.98 -8.58 12.22
N LYS A 127 36.43 -9.33 13.23
CA LYS A 127 36.72 -8.82 14.55
C LYS A 127 38.16 -9.17 14.92
N ILE A 128 38.84 -8.22 15.55
CA ILE A 128 40.24 -8.36 15.89
C ILE A 128 40.39 -9.22 17.14
N ARG A 129 41.43 -10.07 17.14
CA ARG A 129 41.86 -10.77 18.34
C ARG A 129 43.25 -10.34 18.80
N ASP A 130 44.29 -10.56 18.00
CA ASP A 130 45.58 -10.09 18.45
C ASP A 130 45.71 -8.73 17.89
N ALA A 131 45.62 -7.74 18.76
CA ALA A 131 45.65 -6.37 18.32
C ALA A 131 46.94 -5.64 18.56
N VAL A 132 47.21 -4.68 17.71
CA VAL A 132 48.37 -3.84 17.82
C VAL A 132 47.95 -2.40 17.82
N PHE A 133 48.43 -1.62 18.77
CA PHE A 133 48.05 -0.20 18.87
C PHE A 133 49.29 0.68 18.70
N VAL A 134 49.14 1.90 18.19
CA VAL A 134 50.28 2.86 18.07
C VAL A 134 49.87 4.17 18.78
N CYS A 135 50.73 4.77 19.57
CA CYS A 135 50.46 6.01 20.25
C CYS A 135 50.56 7.13 19.32
N THR A 136 49.54 7.96 19.26
CA THR A 136 49.59 9.06 18.38
C THR A 136 50.64 9.98 18.80
N PHE A 137 50.73 10.26 20.08
CA PHE A 137 51.75 11.11 20.59
C PHE A 137 53.18 10.65 20.61
N CYS A 138 53.51 9.44 21.09
CA CYS A 138 54.91 9.04 21.23
C CYS A 138 55.35 7.86 20.39
N ASN A 139 54.48 7.43 19.49
CA ASN A 139 54.77 6.38 18.56
C ASN A 139 55.23 5.04 19.03
N ALA A 140 54.82 4.60 20.19
CA ALA A 140 55.19 3.31 20.64
C ALA A 140 54.20 2.29 20.18
N LYS A 141 54.53 1.04 20.09
CA LYS A 141 53.60 -0.03 19.67
C LYS A 141 53.19 -0.83 20.89
N VAL A 142 51.90 -0.90 21.18
CA VAL A 142 51.43 -1.69 22.28
C VAL A 142 50.65 -2.83 21.71
N LYS A 143 50.83 -4.01 22.26
CA LYS A 143 50.11 -5.13 21.75
C LYS A 143 49.06 -5.54 22.74
N ALA A 144 48.01 -6.19 22.27
CA ALA A 144 46.95 -6.65 23.16
C ALA A 144 46.15 -7.75 22.59
N ASN A 145 45.59 -8.60 23.42
CA ASN A 145 44.74 -9.71 22.97
C ASN A 145 43.32 -9.39 23.40
N LEU A 146 42.49 -8.93 22.47
CA LEU A 146 41.15 -8.51 22.76
C LEU A 146 40.20 -9.58 23.15
N GLU A 147 40.59 -10.80 23.00
CA GLU A 147 39.78 -11.91 23.50
C GLU A 147 40.12 -12.29 24.92
N LYS A 148 41.18 -11.69 25.49
CA LYS A 148 41.60 -11.96 26.85
C LYS A 148 41.73 -10.71 27.75
N GLU A 149 41.85 -9.48 27.26
CA GLU A 149 41.88 -8.30 28.07
C GLU A 149 41.13 -7.20 27.34
N GLU A 150 40.90 -6.09 27.99
CA GLU A 150 40.15 -5.03 27.35
C GLU A 150 41.02 -4.19 26.49
N ILE A 151 40.39 -3.43 25.63
CA ILE A 151 41.10 -2.56 24.72
C ILE A 151 41.88 -1.61 25.57
N PRO A 152 43.19 -1.58 25.36
CA PRO A 152 44.15 -0.75 26.06
C PRO A 152 43.90 0.69 25.78
N LYS A 153 44.24 1.54 26.73
CA LYS A 153 43.97 2.96 26.61
C LYS A 153 45.10 3.97 26.73
N VAL A 154 46.23 3.62 27.33
CA VAL A 154 47.28 4.61 27.48
C VAL A 154 48.62 4.07 27.03
N CYS A 155 49.47 4.95 26.49
CA CYS A 155 50.78 4.52 26.07
C CYS A 155 51.54 4.26 27.35
N PRO A 156 52.36 3.19 27.35
CA PRO A 156 53.12 2.88 28.58
C PRO A 156 54.33 3.79 28.78
N GLU A 157 54.74 4.54 27.77
CA GLU A 157 55.91 5.42 27.90
C GLU A 157 55.57 6.88 28.23
N CYS A 158 54.62 7.48 27.51
CA CYS A 158 54.26 8.88 27.74
C CYS A 158 52.99 9.08 28.59
N LYS A 159 52.31 7.98 28.91
CA LYS A 159 51.09 7.98 29.73
C LYS A 159 49.88 8.80 29.26
N LYS A 160 49.78 9.12 27.97
CA LYS A 160 48.59 9.85 27.47
C LYS A 160 47.58 8.85 26.92
N ARG A 161 46.28 9.20 26.98
CA ARG A 161 45.23 8.32 26.50
C ARG A 161 45.17 8.46 24.98
N THR A 162 46.14 7.91 24.28
CA THR A 162 46.25 8.13 22.88
C THR A 162 46.62 6.90 22.06
N LEU A 163 46.09 5.75 22.37
CA LEU A 163 46.46 4.51 21.65
C LEU A 163 45.51 4.29 20.48
N LYS A 164 46.03 4.21 19.26
CA LYS A 164 45.22 4.04 18.08
C LYS A 164 45.44 2.65 17.48
N ILE A 165 44.38 1.98 17.12
CA ILE A 165 44.45 0.64 16.56
C ILE A 165 45.06 0.63 15.18
N VAL A 166 45.86 -0.38 14.89
CA VAL A 166 46.48 -0.54 13.62
C VAL A 166 45.98 -1.84 13.08
N PRO A 167 44.96 -1.80 12.24
CA PRO A 167 44.36 -3.06 11.77
C PRO A 167 45.24 -3.81 10.77
N GLU A 168 46.17 -3.13 10.10
CA GLU A 168 47.05 -3.81 9.14
C GLU A 168 48.02 -4.76 9.83
N GLU A 169 48.17 -4.62 11.13
CA GLU A 169 49.08 -5.46 11.84
C GLU A 169 48.36 -6.29 12.87
N SER A 170 47.06 -6.41 12.78
CA SER A 170 46.35 -7.19 13.75
C SER A 170 45.72 -8.38 13.11
N SER A 171 45.31 -9.31 13.93
CA SER A 171 44.68 -10.54 13.47
C SER A 171 43.16 -10.41 13.58
N PHE A 172 42.45 -11.18 12.74
CA PHE A 172 41.00 -11.10 12.63
C PHE A 172 40.40 -12.50 12.65
N PHE A 173 39.17 -12.60 13.14
CA PHE A 173 38.44 -13.86 13.16
C PHE A 173 36.97 -13.52 12.90
N ASN A 174 36.26 -14.36 12.14
CA ASN A 174 34.87 -14.09 11.80
C ASN A 174 33.93 -13.95 13.00
N SER A 175 32.86 -13.19 12.80
CA SER A 175 31.85 -12.98 13.82
C SER A 175 30.52 -12.69 13.19
N GLN A 176 29.44 -12.99 13.88
CA GLN A 176 28.13 -12.80 13.30
C GLN A 176 26.99 -12.69 14.34
N LYS A 177 25.98 -11.88 14.03
CA LYS A 177 24.81 -11.77 14.89
C LYS A 177 23.64 -12.54 14.27
N ILE A 178 23.00 -13.40 15.07
CA ILE A 178 21.76 -14.07 14.67
C ILE A 178 20.66 -13.66 15.64
N ALA A 179 19.43 -13.70 15.14
CA ALA A 179 18.22 -13.50 15.93
C ALA A 179 17.56 -14.86 16.10
N VAL A 180 17.11 -15.17 17.32
CA VAL A 180 16.58 -16.49 17.66
C VAL A 180 15.27 -16.30 18.42
N GLN A 181 14.42 -17.32 18.33
CA GLN A 181 13.09 -17.27 18.89
C GLN A 181 12.72 -18.69 19.29
N ASP A 182 11.65 -18.82 20.02
CA ASP A 182 11.14 -20.15 20.29
C ASP A 182 10.51 -20.72 19.03
N PRO A 183 10.70 -22.01 18.75
CA PRO A 183 9.96 -22.63 17.65
C PRO A 183 8.47 -22.41 17.84
N LEU A 184 7.78 -22.10 16.74
CA LEU A 184 6.35 -21.82 16.83
C LEU A 184 5.57 -23.05 17.29
N GLU A 185 6.16 -24.23 17.21
CA GLU A 185 5.52 -25.45 17.68
C GLU A 185 5.48 -25.55 19.20
N ARG A 186 6.19 -24.67 19.90
CA ARG A 186 6.27 -24.72 21.36
C ARG A 186 5.50 -23.60 22.05
N LEU A 187 4.71 -22.83 21.30
CA LEU A 187 4.01 -21.65 21.82
C LEU A 187 2.52 -21.94 21.92
N SER A 188 1.95 -21.63 23.09
CA SER A 188 0.55 -21.95 23.33
C SER A 188 -0.38 -21.03 22.56
N GLY A 189 -0.03 -19.75 22.45
CA GLY A 189 -0.90 -18.77 21.84
C GLY A 189 -0.22 -17.92 20.78
N SER A 190 -0.27 -16.60 20.97
CA SER A 190 0.27 -15.66 20.01
C SER A 190 1.79 -15.59 20.11
N ILE A 191 2.40 -15.14 19.01
CA ILE A 191 3.86 -15.15 18.88
C ILE A 191 4.47 -14.08 19.77
N PRO A 192 5.57 -14.34 20.47
CA PRO A 192 6.28 -13.25 21.16
C PRO A 192 6.82 -12.22 20.18
N THR A 193 6.83 -10.97 20.61
CA THR A 193 7.25 -9.85 19.78
C THR A 193 8.71 -9.48 19.99
N TRP A 194 9.56 -10.45 20.34
CA TRP A 194 10.97 -10.18 20.50
C TRP A 194 11.79 -11.45 20.26
N GLN A 195 13.08 -11.25 20.03
CA GLN A 195 14.01 -12.30 19.65
C GLN A 195 15.27 -12.11 20.48
N LEU A 196 15.89 -13.23 20.85
CA LEU A 196 17.13 -13.19 21.60
C LEU A 196 18.30 -13.05 20.62
N GLU A 197 19.20 -12.12 20.93
CA GLU A 197 20.40 -11.90 20.16
C GLU A 197 21.44 -12.98 20.50
N ALA A 198 22.15 -13.46 19.49
CA ALA A 198 23.20 -14.45 19.69
C ALA A 198 24.37 -14.13 18.76
N TRP A 199 25.58 -14.51 19.19
CA TRP A 199 26.79 -14.16 18.46
C TRP A 199 27.58 -15.42 18.14
N LEU A 200 27.93 -15.60 16.87
CA LEU A 200 28.68 -16.74 16.44
C LEU A 200 30.05 -16.26 16.09
N ASP A 201 31.07 -17.02 16.46
CA ASP A 201 32.44 -16.62 16.21
C ASP A 201 33.20 -17.71 15.51
N ASP A 202 34.16 -17.34 14.67
CA ASP A 202 35.02 -18.30 13.99
C ASP A 202 34.29 -19.31 13.13
N ASP A 203 34.46 -20.59 13.41
CA ASP A 203 33.84 -21.64 12.61
C ASP A 203 32.34 -21.82 12.79
N LEU A 204 31.79 -21.23 13.83
CA LEU A 204 30.36 -21.25 14.09
C LEU A 204 29.60 -20.48 13.03
N VAL A 205 30.19 -19.40 12.54
CA VAL A 205 29.61 -18.52 11.53
C VAL A 205 28.98 -19.22 10.33
N ASN A 206 27.82 -18.70 9.88
CA ASN A 206 27.06 -19.21 8.73
C ASN A 206 26.65 -20.67 8.91
N MET A 207 26.73 -21.19 10.14
CA MET A 207 26.25 -22.51 10.48
C MET A 207 24.85 -22.51 11.08
N ALA A 208 24.23 -21.33 11.22
CA ALA A 208 22.85 -21.18 11.69
C ALA A 208 22.11 -20.34 10.65
N ILE A 209 21.64 -20.98 9.58
CA ILE A 209 20.86 -20.27 8.57
C ILE A 209 19.45 -19.97 9.08
N PRO A 210 18.88 -18.84 8.68
CA PRO A 210 17.49 -18.53 9.08
C PRO A 210 16.55 -19.63 8.67
N GLY A 211 15.65 -19.99 9.59
CA GLY A 211 14.71 -21.07 9.39
C GLY A 211 15.11 -22.38 10.01
N ASP A 212 16.40 -22.58 10.30
CA ASP A 212 16.84 -23.80 10.95
C ASP A 212 16.35 -23.85 12.40
N ARG A 213 16.20 -25.07 12.92
CA ARG A 213 15.91 -25.30 14.32
C ARG A 213 17.13 -26.01 14.92
N ILE A 214 17.83 -25.33 15.83
CA ILE A 214 19.08 -25.80 16.37
C ILE A 214 19.02 -25.73 17.89
N GLU A 215 19.63 -26.66 18.60
CA GLU A 215 19.79 -26.58 19.97
C GLU A 215 21.00 -25.73 20.07
N ILE A 216 20.90 -24.51 20.50
CA ILE A 216 22.02 -23.63 20.55
C ILE A 216 22.47 -23.50 21.93
N SER A 217 23.73 -23.65 22.20
CA SER A 217 24.22 -23.63 23.52
C SER A 217 25.26 -22.63 23.70
N GLY A 218 25.38 -22.06 24.89
CA GLY A 218 26.40 -21.06 25.06
C GLY A 218 26.31 -20.39 26.40
N VAL A 219 26.76 -19.16 26.45
CA VAL A 219 26.78 -18.44 27.72
C VAL A 219 25.94 -17.18 27.58
N LEU A 220 24.92 -17.05 28.41
CA LEU A 220 24.17 -15.80 28.43
C LEU A 220 25.04 -14.68 28.99
N LYS A 221 24.88 -13.49 28.40
CA LYS A 221 25.66 -12.33 28.78
C LYS A 221 24.76 -11.12 28.75
N ILE A 222 25.18 -10.06 29.45
CA ILE A 222 24.40 -8.83 29.51
C ILE A 222 25.26 -7.67 29.08
N ARG A 223 24.57 -6.60 28.77
CA ARG A 223 25.13 -5.42 28.22
C ARG A 223 24.22 -4.28 28.60
N PRO A 224 24.77 -3.10 28.81
CA PRO A 224 23.91 -1.99 29.20
C PRO A 224 22.95 -1.69 28.09
N ARG A 225 21.71 -1.35 28.40
CA ARG A 225 20.72 -1.15 27.39
C ARG A 225 20.76 0.19 26.77
N LYS A 226 20.48 0.33 25.50
CA LYS A 226 20.48 1.59 24.87
C LYS A 226 19.08 1.85 24.45
N ASP A 227 18.52 3.01 24.73
CA ASP A 227 17.14 3.31 24.41
C ASP A 227 16.90 3.80 22.98
N SER A 228 15.75 4.36 22.61
CA SER A 228 15.54 4.83 21.26
C SER A 228 16.55 5.84 20.80
N ARG A 229 16.92 6.75 21.67
CA ARG A 229 17.89 7.74 21.31
C ARG A 229 19.33 7.33 21.53
N GLY A 230 19.58 6.15 22.04
CA GLY A 230 20.92 5.70 22.29
C GLY A 230 21.38 6.08 23.66
N LYS A 231 20.54 6.67 24.46
CA LYS A 231 20.95 7.10 25.73
C LYS A 231 21.08 5.90 26.61
N VAL A 232 22.12 5.79 27.39
CA VAL A 232 22.31 4.65 28.22
C VAL A 232 21.38 4.64 29.36
N ASP A 233 21.20 3.50 29.91
CA ASP A 233 20.28 3.23 30.97
C ASP A 233 20.74 3.59 32.38
N PRO A 234 19.79 3.68 33.33
CA PRO A 234 20.18 3.90 34.72
C PRO A 234 20.78 2.60 35.28
N SER A 235 20.03 1.49 35.23
CA SER A 235 20.55 0.20 35.68
C SER A 235 19.88 -0.97 34.96
N ILE A 236 19.47 -0.77 33.73
CA ILE A 236 18.78 -1.80 32.98
C ILE A 236 19.65 -2.40 31.92
N TYR A 237 19.67 -3.71 31.81
CA TYR A 237 20.56 -4.33 30.86
C TYR A 237 19.89 -5.13 29.80
N SER A 238 20.52 -5.25 28.66
CA SER A 238 19.99 -6.10 27.63
C SER A 238 20.70 -7.44 27.71
N MET A 239 20.31 -8.37 26.90
CA MET A 239 20.90 -9.70 26.96
C MET A 239 21.39 -10.12 25.58
N TYR A 240 22.38 -11.02 25.59
CA TYR A 240 22.88 -11.62 24.36
C TYR A 240 23.62 -12.90 24.71
N LEU A 241 23.45 -13.94 23.92
CA LEU A 241 24.06 -15.19 24.18
C LEU A 241 25.26 -15.41 23.34
N ASN A 242 26.38 -15.84 23.89
CA ASN A 242 27.52 -16.08 23.09
C ASN A 242 27.53 -17.53 22.85
N VAL A 243 27.42 -17.97 21.63
CA VAL A 243 27.27 -19.35 21.38
C VAL A 243 28.49 -20.19 21.44
N THR A 244 28.44 -21.37 22.04
CA THR A 244 29.53 -22.28 22.06
C THR A 244 29.34 -23.44 21.17
N SER A 245 28.15 -23.93 20.99
CA SER A 245 27.97 -25.06 20.13
C SER A 245 26.65 -25.04 19.48
N LEU A 246 26.53 -25.77 18.42
CA LEU A 246 25.31 -25.83 17.72
C LEU A 246 24.97 -27.25 17.39
N GLU A 247 23.87 -27.79 17.87
CA GLU A 247 23.48 -29.16 17.57
C GLU A 247 22.13 -29.14 16.85
N THR A 248 22.13 -29.29 15.52
CA THR A 248 20.91 -29.64 14.81
C THR A 248 20.54 -31.07 15.16
N LYS A 249 19.54 -31.26 16.06
CA LYS A 249 19.20 -32.61 16.49
C LYS A 249 18.79 -33.47 15.30
N GLN A 250 17.89 -32.96 14.45
CA GLN A 250 17.40 -33.68 13.27
C GLN A 250 18.02 -33.07 12.01
N LYS A 251 18.63 -33.90 11.18
CA LYS A 251 19.51 -33.41 10.12
C LYS A 251 19.12 -33.96 8.76
N GLU A 252 19.11 -33.09 7.75
CA GLU A 252 18.85 -33.53 6.38
C GLU A 252 19.74 -34.70 6.02
N PHE A 253 19.26 -35.55 5.11
CA PHE A 253 19.97 -36.80 4.81
C PHE A 253 21.43 -36.54 4.48
N ALA A 254 21.71 -35.50 3.69
CA ALA A 254 23.08 -35.24 3.24
C ALA A 254 23.99 -34.81 4.40
N ASP A 255 23.42 -34.16 5.41
CA ASP A 255 24.20 -33.75 6.57
C ASP A 255 24.19 -34.78 7.68
N ILE A 256 23.45 -35.88 7.54
CA ILE A 256 23.48 -36.92 8.56
C ILE A 256 24.90 -37.45 8.69
N ASP A 257 25.36 -37.61 9.92
CA ASP A 257 26.69 -38.13 10.19
C ASP A 257 26.61 -39.63 10.47
N ILE A 258 27.32 -40.39 9.63
CA ILE A 258 27.39 -41.86 9.81
C ILE A 258 28.77 -42.21 10.37
N SER A 259 28.82 -42.93 11.49
CA SER A 259 30.08 -43.33 12.10
C SER A 259 30.66 -44.51 11.39
N GLU A 260 31.90 -44.81 11.69
CA GLU A 260 32.56 -45.95 11.09
C GLU A 260 31.84 -47.21 11.47
N ASP A 261 31.48 -47.33 12.74
CA ASP A 261 30.77 -48.50 13.20
C ASP A 261 29.41 -48.58 12.56
N GLU A 262 28.76 -47.43 12.45
CA GLU A 262 27.45 -47.33 11.83
C GLU A 262 27.53 -47.71 10.37
N GLU A 263 28.62 -47.32 9.71
CA GLU A 263 28.84 -47.68 8.34
C GLU A 263 28.88 -49.19 8.25
N ARG A 264 29.55 -49.89 9.17
CA ARG A 264 29.53 -51.33 9.13
C ARG A 264 28.13 -51.81 9.35
N GLN A 265 27.44 -51.23 10.30
CA GLN A 265 26.10 -51.68 10.63
C GLN A 265 25.17 -51.55 9.48
N ILE A 266 25.26 -50.44 8.77
CA ILE A 266 24.41 -50.26 7.63
C ILE A 266 24.70 -51.30 6.58
N LYS A 267 25.97 -51.56 6.35
CA LYS A 267 26.32 -52.51 5.35
C LYS A 267 25.80 -53.86 5.69
N GLU A 268 25.76 -54.23 6.97
CA GLU A 268 25.26 -55.55 7.25
C GLU A 268 23.79 -55.58 6.92
N LEU A 269 23.09 -54.49 7.13
CA LEU A 269 21.68 -54.47 6.86
C LEU A 269 21.43 -54.70 5.42
N SER A 270 22.30 -54.20 4.59
CA SER A 270 22.19 -54.37 3.15
C SER A 270 22.00 -55.85 2.78
N LYS A 271 22.70 -56.75 3.48
CA LYS A 271 22.68 -58.16 3.16
C LYS A 271 21.40 -58.87 3.59
N ASP A 272 20.59 -58.24 4.43
CA ASP A 272 19.27 -58.78 4.74
C ASP A 272 18.50 -58.90 3.42
N PRO A 273 18.04 -60.10 3.04
CA PRO A 273 17.33 -60.23 1.77
C PRO A 273 15.92 -59.65 1.79
N GLU A 274 15.42 -59.30 2.97
CA GLU A 274 14.11 -58.66 3.14
C GLU A 274 14.23 -57.18 3.50
N ILE A 275 15.39 -56.57 3.28
CA ILE A 275 15.61 -55.22 3.77
C ILE A 275 14.58 -54.25 3.20
N PHE A 276 14.25 -54.41 1.91
CA PHE A 276 13.31 -53.49 1.31
C PHE A 276 11.95 -53.56 1.98
N ASN A 277 11.47 -54.76 2.30
CA ASN A 277 10.16 -54.90 2.91
C ASN A 277 10.15 -54.34 4.32
N LYS A 278 11.27 -54.41 5.02
CA LYS A 278 11.37 -53.74 6.31
C LYS A 278 11.28 -52.23 6.16
N VAL A 279 11.93 -51.67 5.14
CA VAL A 279 11.79 -50.24 4.89
C VAL A 279 10.36 -49.90 4.49
N THR A 280 9.76 -50.78 3.74
CA THR A 280 8.45 -50.56 3.30
C THR A 280 7.49 -50.62 4.41
N GLN A 281 7.76 -51.35 5.46
CA GLN A 281 6.81 -51.43 6.53
C GLN A 281 6.89 -50.29 7.49
N SER A 282 7.97 -49.57 7.48
CA SER A 282 8.15 -48.41 8.34
C SER A 282 7.61 -47.12 7.72
N VAL A 283 7.07 -47.18 6.50
CA VAL A 283 6.59 -45.97 5.83
C VAL A 283 5.47 -45.33 6.64
N ALA A 284 4.35 -46.04 6.76
CA ALA A 284 3.16 -45.58 7.49
C ALA A 284 2.66 -46.71 8.38
N PRO A 285 3.38 -46.99 9.48
CA PRO A 285 3.00 -48.14 10.33
C PRO A 285 1.63 -47.99 10.98
N SER A 286 1.15 -46.79 11.14
CA SER A 286 -0.10 -46.62 11.80
C SER A 286 -1.29 -46.96 11.00
N ILE A 287 -1.17 -47.16 9.71
CA ILE A 287 -2.35 -47.52 8.98
C ILE A 287 -2.26 -48.92 8.43
N TYR A 288 -3.35 -49.66 8.48
CA TYR A 288 -3.43 -51.02 7.93
C TYR A 288 -3.44 -50.97 6.41
N GLY A 289 -2.78 -51.89 5.76
CA GLY A 289 -2.99 -52.00 4.35
C GLY A 289 -2.18 -51.09 3.54
N TYR A 290 -2.66 -50.75 2.36
CA TYR A 290 -2.00 -49.84 1.45
C TYR A 290 -0.58 -50.23 1.22
N ASN A 291 -0.35 -51.52 1.02
CA ASN A 291 1.01 -52.01 0.83
C ASN A 291 1.68 -51.50 -0.45
N GLU A 292 0.88 -51.24 -1.49
CA GLU A 292 1.46 -50.80 -2.71
C GLU A 292 1.86 -49.34 -2.56
N ILE A 293 1.06 -48.53 -1.89
CA ILE A 293 1.38 -47.15 -1.69
C ILE A 293 2.68 -47.04 -0.95
N LYS A 294 2.83 -47.79 0.12
CA LYS A 294 3.99 -47.76 0.93
C LYS A 294 5.21 -48.16 0.18
N GLN A 295 5.10 -49.15 -0.66
CA GLN A 295 6.23 -49.57 -1.41
C GLN A 295 6.67 -48.46 -2.25
N ALA A 296 5.76 -47.76 -2.85
CA ALA A 296 6.18 -46.65 -3.70
C ALA A 296 6.81 -45.51 -2.89
N VAL A 297 6.22 -45.18 -1.74
CA VAL A 297 6.80 -44.14 -0.89
C VAL A 297 8.20 -44.58 -0.43
N ALA A 298 8.38 -45.88 -0.19
CA ALA A 298 9.69 -46.39 0.20
C ALA A 298 10.70 -46.24 -0.93
N LEU A 299 10.31 -46.60 -2.15
CA LEU A 299 11.19 -46.34 -3.29
C LEU A 299 11.54 -44.86 -3.38
N GLN A 300 10.56 -44.00 -3.10
CA GLN A 300 10.77 -42.57 -3.22
C GLN A 300 11.82 -42.07 -2.23
N LEU A 301 11.78 -42.57 -0.99
CA LEU A 301 12.74 -42.10 0.00
C LEU A 301 14.18 -42.25 -0.51
N PHE A 302 14.49 -43.41 -1.09
CA PHE A 302 15.85 -43.63 -1.60
C PHE A 302 16.10 -42.81 -2.87
N GLY A 303 15.12 -42.77 -3.77
CA GLY A 303 15.24 -42.00 -5.00
C GLY A 303 16.04 -42.71 -6.07
N GLY A 304 15.99 -42.16 -7.29
CA GLY A 304 16.74 -42.69 -8.40
C GLY A 304 18.19 -42.25 -8.37
N THR A 305 18.94 -42.71 -9.36
CA THR A 305 20.37 -42.45 -9.40
C THR A 305 20.63 -40.97 -9.65
N PRO A 306 21.32 -40.25 -8.77
CA PRO A 306 21.54 -38.82 -8.97
C PRO A 306 22.78 -38.54 -9.83
N GLY A 307 22.79 -37.34 -10.40
CA GLY A 307 23.94 -36.87 -11.12
C GLY A 307 24.06 -37.31 -12.56
N LYS A 308 22.98 -37.85 -13.14
CA LYS A 308 22.98 -38.21 -14.56
C LYS A 308 22.82 -36.97 -15.42
N LYS A 309 23.50 -36.95 -16.59
CA LYS A 309 23.50 -35.84 -17.54
C LYS A 309 23.09 -36.46 -18.86
N LEU A 310 22.38 -35.71 -19.68
CA LEU A 310 22.08 -36.18 -21.00
C LEU A 310 23.25 -35.80 -21.89
N VAL A 311 23.24 -36.20 -23.14
CA VAL A 311 24.35 -35.87 -24.00
C VAL A 311 24.57 -34.38 -24.15
N ASP A 312 23.52 -33.59 -24.05
CA ASP A 312 23.68 -32.15 -24.13
C ASP A 312 23.88 -31.49 -22.77
N GLY A 313 24.19 -32.27 -21.74
CA GLY A 313 24.41 -31.70 -20.43
C GLY A 313 23.17 -31.27 -19.68
N GLY A 314 22.03 -31.89 -19.97
CA GLY A 314 20.82 -31.64 -19.22
C GLY A 314 20.61 -32.68 -18.13
N GLN A 315 20.72 -32.22 -16.89
CA GLN A 315 20.57 -33.07 -15.73
C GLN A 315 19.18 -33.67 -15.65
N ILE A 316 19.16 -34.96 -15.31
CA ILE A 316 17.98 -35.83 -15.35
C ILE A 316 17.45 -35.97 -13.94
N ARG A 317 16.15 -35.90 -13.79
CA ARG A 317 15.59 -35.97 -12.47
C ARG A 317 15.66 -37.35 -11.83
N SER A 318 16.13 -37.40 -10.61
CA SER A 318 16.18 -38.64 -9.84
C SER A 318 15.06 -38.73 -8.82
N ASP A 319 14.75 -37.62 -8.15
CA ASP A 319 13.64 -37.57 -7.20
C ASP A 319 12.35 -38.02 -7.88
N MET A 320 11.48 -38.65 -7.11
CA MET A 320 10.21 -39.19 -7.58
C MET A 320 9.05 -38.39 -7.02
N HIS A 321 7.94 -38.37 -7.75
CA HIS A 321 6.72 -37.68 -7.35
C HIS A 321 5.55 -38.66 -7.37
N ILE A 322 4.71 -38.60 -6.33
CA ILE A 322 3.62 -39.56 -6.13
C ILE A 322 2.37 -38.80 -5.72
N LEU A 323 1.26 -39.05 -6.41
CA LEU A 323 -0.02 -38.41 -6.10
C LEU A 323 -1.05 -39.45 -5.71
N LEU A 324 -1.60 -39.30 -4.52
CA LEU A 324 -2.65 -40.16 -4.03
C LEU A 324 -3.95 -39.43 -4.21
N ILE A 325 -4.96 -40.14 -4.68
CA ILE A 325 -6.28 -39.57 -4.88
C ILE A 325 -7.26 -40.50 -4.24
N GLY A 326 -8.24 -39.94 -3.55
N GLY A 326 -8.24 -39.94 -3.55
CA GLY A 326 -9.23 -40.76 -2.89
CA GLY A 326 -9.23 -40.76 -2.89
C GLY A 326 -10.33 -39.95 -2.25
C GLY A 326 -10.33 -39.95 -2.25
N ASP A 327 -11.21 -40.64 -1.54
CA ASP A 327 -12.31 -39.98 -0.87
C ASP A 327 -11.91 -39.58 0.50
N PRO A 328 -12.85 -39.02 1.25
CA PRO A 328 -12.49 -38.64 2.60
C PRO A 328 -12.41 -39.92 3.39
N GLY A 329 -11.48 -39.99 4.33
CA GLY A 329 -11.32 -41.16 5.15
C GLY A 329 -10.49 -42.19 4.44
N SER A 330 -9.69 -41.74 3.50
CA SER A 330 -8.85 -42.68 2.77
C SER A 330 -7.48 -42.69 3.31
N ALA A 331 -7.31 -42.18 4.52
CA ALA A 331 -6.02 -42.09 5.18
C ALA A 331 -4.98 -41.45 4.29
N LYS A 332 -5.37 -40.35 3.65
CA LYS A 332 -4.49 -39.62 2.75
C LYS A 332 -3.70 -38.58 3.52
N THR A 333 -4.34 -37.95 4.49
CA THR A 333 -3.69 -36.95 5.28
C THR A 333 -2.71 -37.61 6.20
N ARG A 334 -3.15 -38.68 6.84
CA ARG A 334 -2.32 -39.42 7.78
C ARG A 334 -1.05 -39.98 7.14
N ILE A 335 -1.13 -40.42 5.89
CA ILE A 335 0.02 -40.97 5.25
C ILE A 335 0.97 -39.85 4.97
N LEU A 336 0.43 -38.76 4.46
CA LEU A 336 1.24 -37.62 4.14
C LEU A 336 1.93 -37.14 5.37
N GLN A 337 1.19 -37.00 6.44
CA GLN A 337 1.78 -36.52 7.63
C GLN A 337 2.74 -37.47 8.23
N SER A 338 2.54 -38.75 8.08
CA SER A 338 3.48 -39.68 8.65
C SER A 338 4.77 -39.67 7.87
N VAL A 339 4.71 -39.62 6.56
CA VAL A 339 5.91 -39.63 5.80
C VAL A 339 6.72 -38.42 6.08
N SER A 340 6.09 -37.28 6.28
CA SER A 340 6.83 -36.06 6.59
C SER A 340 7.57 -36.20 7.92
N ARG A 341 7.03 -36.90 8.89
CA ARG A 341 7.71 -37.06 10.12
C ARG A 341 8.84 -38.03 10.00
N LEU A 342 8.70 -39.06 9.18
CA LEU A 342 9.83 -39.99 9.00
C LEU A 342 11.05 -39.27 8.46
N VAL A 343 10.87 -38.47 7.42
CA VAL A 343 12.00 -37.83 6.73
C VAL A 343 12.68 -36.85 7.68
N PRO A 344 14.02 -36.68 7.61
CA PRO A 344 14.69 -35.79 8.56
C PRO A 344 14.13 -34.38 8.59
N LYS A 345 14.14 -33.69 7.46
CA LYS A 345 13.51 -32.37 7.33
C LYS A 345 12.34 -32.54 6.36
N GLY A 346 11.13 -32.58 6.90
CA GLY A 346 9.93 -32.80 6.10
C GLY A 346 9.00 -31.61 6.18
N ILE A 347 8.36 -31.30 5.06
CA ILE A 347 7.38 -30.22 4.98
C ILE A 347 6.00 -30.85 4.79
N TYR A 348 5.01 -30.35 5.53
CA TYR A 348 3.62 -30.69 5.30
C TYR A 348 2.85 -29.39 5.08
N VAL A 349 2.21 -29.26 3.91
CA VAL A 349 1.58 -28.01 3.54
C VAL A 349 0.28 -28.29 2.77
N SER A 350 -0.66 -27.41 2.91
CA SER A 350 -1.88 -27.53 2.20
C SER A 350 -1.73 -26.76 0.91
N GLY A 351 -2.38 -27.22 -0.11
CA GLY A 351 -2.37 -26.61 -1.42
C GLY A 351 -2.95 -25.24 -1.52
N LYS A 352 -3.98 -24.98 -0.75
CA LYS A 352 -4.63 -23.70 -0.80
C LYS A 352 -3.64 -22.61 -0.47
N SER A 353 -3.63 -21.57 -1.28
CA SER A 353 -2.73 -20.44 -1.08
C SER A 353 -3.46 -19.14 -1.32
N VAL A 354 -2.94 -18.08 -0.69
CA VAL A 354 -3.28 -16.71 -1.05
C VAL A 354 -2.23 -16.26 -2.06
N THR A 355 -2.64 -15.41 -3.02
CA THR A 355 -1.70 -15.01 -4.06
C THR A 355 -0.46 -14.41 -3.41
N GLY A 356 0.71 -14.84 -3.88
CA GLY A 356 1.95 -14.45 -3.26
C GLY A 356 2.34 -15.28 -2.05
N GLY A 357 1.56 -16.30 -1.72
CA GLY A 357 1.90 -17.21 -0.65
C GLY A 357 1.81 -18.65 -1.10
N GLY A 358 2.21 -18.89 -2.34
CA GLY A 358 2.13 -20.21 -2.92
C GLY A 358 3.29 -21.11 -2.57
N LEU A 359 3.11 -22.36 -3.00
CA LEU A 359 4.14 -23.38 -2.94
C LEU A 359 5.36 -23.00 -3.76
N THR A 360 5.13 -22.47 -4.96
CA THR A 360 6.17 -22.05 -5.88
C THR A 360 6.62 -20.62 -5.63
N ALA A 361 6.35 -20.06 -4.46
CA ALA A 361 6.82 -18.72 -4.14
C ALA A 361 8.34 -18.65 -4.23
N VAL A 362 8.84 -17.55 -4.81
CA VAL A 362 10.26 -17.28 -4.93
C VAL A 362 10.46 -15.79 -4.66
N ALA A 363 11.66 -15.44 -4.21
CA ALA A 363 11.96 -14.05 -3.89
C ALA A 363 12.02 -13.19 -5.16
N GLU A 364 11.37 -12.02 -5.11
CA GLU A 364 11.65 -10.92 -6.02
C GLU A 364 12.46 -9.80 -5.37
N ARG A 365 12.78 -8.79 -6.18
CA ARG A 365 13.71 -7.72 -5.84
C ARG A 365 12.99 -6.47 -5.38
N ASP A 366 13.30 -6.03 -4.15
CA ASP A 366 12.77 -4.82 -3.56
C ASP A 366 13.91 -4.01 -2.99
N ASP A 367 14.07 -2.78 -3.48
CA ASP A 367 15.15 -1.92 -3.00
C ASP A 367 14.94 -1.43 -1.57
N PHE A 368 13.70 -1.48 -1.07
CA PHE A 368 13.37 -1.02 0.28
C PHE A 368 13.24 -2.17 1.26
N SER A 369 13.94 -3.27 0.99
CA SER A 369 13.95 -4.45 1.84
C SER A 369 15.40 -4.81 2.16
N GLU A 370 15.59 -5.53 3.26
CA GLU A 370 16.94 -5.87 3.69
C GLU A 370 17.56 -6.87 2.72
N GLY A 371 18.70 -6.52 2.14
CA GLY A 371 19.36 -7.35 1.17
C GLY A 371 18.94 -7.11 -0.26
N GLY A 372 17.90 -6.32 -0.49
CA GLY A 372 17.42 -6.06 -1.83
C GLY A 372 16.46 -7.10 -2.39
N TRP A 373 15.99 -8.03 -1.57
CA TRP A 373 15.14 -9.11 -2.02
C TRP A 373 14.02 -9.30 -1.01
N THR A 374 12.80 -9.52 -1.50
CA THR A 374 11.69 -9.75 -0.60
C THR A 374 11.86 -11.09 0.11
N LEU A 375 11.21 -11.20 1.27
CA LEU A 375 11.32 -12.37 2.14
C LEU A 375 10.22 -13.38 1.78
N LYS A 376 10.35 -13.90 0.55
CA LYS A 376 9.39 -14.84 -0.02
C LYS A 376 10.09 -16.15 -0.34
N ALA A 377 9.54 -17.26 0.15
CA ALA A 377 10.08 -18.59 -0.12
C ALA A 377 9.02 -19.62 0.25
N GLY A 378 8.68 -20.48 -0.70
CA GLY A 378 7.63 -21.48 -0.51
C GLY A 378 8.18 -22.86 -0.21
N ALA A 379 7.27 -23.83 -0.12
CA ALA A 379 7.68 -25.19 0.21
C ALA A 379 8.68 -25.74 -0.78
N MET A 380 8.51 -25.43 -2.07
CA MET A 380 9.35 -26.03 -3.10
C MET A 380 10.79 -25.55 -3.01
N VAL A 381 11.01 -24.26 -2.70
CA VAL A 381 12.36 -23.76 -2.57
C VAL A 381 12.99 -24.15 -1.24
N LEU A 382 12.18 -24.40 -0.22
CA LEU A 382 12.65 -24.87 1.09
C LEU A 382 12.73 -26.40 1.16
N GLY A 383 12.45 -27.09 0.06
CA GLY A 383 12.47 -28.55 0.09
C GLY A 383 13.86 -29.09 0.40
N ASN A 384 14.88 -28.55 -0.26
CA ASN A 384 16.26 -28.96 -0.02
C ASN A 384 16.43 -30.46 -0.21
N GLY A 385 15.80 -31.01 -1.25
CA GLY A 385 15.95 -32.40 -1.59
C GLY A 385 15.05 -33.35 -0.83
N GLY A 386 14.39 -32.90 0.23
CA GLY A 386 13.52 -33.76 1.00
C GLY A 386 12.16 -33.93 0.34
N ILE A 387 11.25 -34.55 1.11
CA ILE A 387 9.86 -34.73 0.67
C ILE A 387 9.01 -33.56 1.14
N VAL A 388 8.32 -32.94 0.19
CA VAL A 388 7.30 -31.92 0.43
C VAL A 388 5.95 -32.60 0.28
N ALA A 389 5.23 -32.79 1.39
CA ALA A 389 3.93 -33.44 1.39
C ALA A 389 2.85 -32.37 1.21
N ILE A 390 2.24 -32.39 0.05
CA ILE A 390 1.23 -31.44 -0.25
C ILE A 390 -0.13 -32.03 -0.22
N ASP A 391 -0.86 -31.77 0.84
CA ASP A 391 -2.22 -32.20 0.99
C ASP A 391 -3.10 -31.25 0.20
N GLN A 392 -4.30 -31.69 -0.14
CA GLN A 392 -5.24 -30.87 -0.88
C GLN A 392 -4.71 -30.32 -2.14
N PHE A 393 -4.14 -31.18 -2.96
CA PHE A 393 -3.60 -30.78 -4.24
C PHE A 393 -4.61 -30.19 -5.21
N ASP A 394 -5.87 -30.57 -5.12
CA ASP A 394 -6.91 -30.00 -5.95
C ASP A 394 -7.10 -28.51 -5.72
N LYS A 395 -6.91 -28.04 -4.50
CA LYS A 395 -7.06 -26.64 -4.17
C LYS A 395 -6.00 -25.67 -4.71
N ILE A 396 -4.90 -26.19 -5.20
CA ILE A 396 -3.82 -25.44 -5.81
C ILE A 396 -4.24 -24.25 -6.68
N SER A 397 -3.57 -23.10 -6.53
CA SER A 397 -3.84 -21.88 -7.27
C SER A 397 -3.36 -22.04 -8.71
N GLU A 398 -3.88 -21.18 -9.58
CA GLU A 398 -3.45 -21.19 -10.98
C GLU A 398 -1.98 -20.85 -11.11
N GLU A 399 -1.51 -19.84 -10.36
CA GLU A 399 -0.09 -19.50 -10.35
C GLU A 399 0.76 -20.71 -9.97
N ASP A 400 0.39 -21.36 -8.85
CA ASP A 400 1.12 -22.54 -8.42
C ASP A 400 1.01 -23.65 -9.46
N THR A 401 -0.17 -23.83 -10.05
CA THR A 401 -0.34 -24.89 -11.04
C THR A 401 0.66 -24.74 -12.17
N ALA A 402 0.78 -23.52 -12.71
CA ALA A 402 1.71 -23.31 -13.82
C ALA A 402 3.16 -23.46 -13.38
N ALA A 403 3.53 -22.96 -12.18
CA ALA A 403 4.92 -23.04 -11.76
C ALA A 403 5.37 -24.46 -11.40
N LEU A 404 4.43 -25.29 -10.95
CA LEU A 404 4.78 -26.65 -10.55
C LEU A 404 5.16 -27.51 -11.72
N HIS A 405 4.78 -27.14 -12.95
CA HIS A 405 5.29 -27.87 -14.11
C HIS A 405 6.82 -27.91 -14.07
N GLU A 406 7.44 -26.72 -14.01
CA GLU A 406 8.88 -26.64 -14.10
C GLU A 406 9.49 -27.21 -12.83
N ALA A 407 8.83 -26.94 -11.69
CA ALA A 407 9.36 -27.39 -10.40
C ALA A 407 9.42 -28.92 -10.31
N LEU A 408 8.43 -29.62 -10.87
CA LEU A 408 8.43 -31.07 -10.82
C LEU A 408 9.40 -31.69 -11.82
N GLU A 409 9.47 -31.13 -13.00
CA GLU A 409 10.27 -31.67 -14.05
C GLU A 409 11.74 -31.33 -13.99
N SER A 410 12.03 -30.05 -13.98
CA SER A 410 13.39 -29.55 -13.95
C SER A 410 13.90 -29.23 -12.56
N GLN A 411 13.04 -29.28 -11.54
CA GLN A 411 13.47 -28.98 -10.18
C GLN A 411 14.13 -27.60 -10.12
N THR A 412 13.53 -26.66 -10.85
CA THR A 412 13.92 -25.26 -10.85
C THR A 412 12.66 -24.41 -10.93
N ILE A 413 12.79 -23.14 -10.55
CA ILE A 413 11.74 -22.16 -10.73
C ILE A 413 12.40 -20.94 -11.37
N SER A 414 12.21 -20.77 -12.67
CA SER A 414 12.92 -19.74 -13.40
C SER A 414 12.09 -18.46 -13.45
N VAL A 415 12.77 -17.32 -13.27
CA VAL A 415 12.12 -16.02 -13.27
C VAL A 415 12.93 -15.06 -14.14
N ALA A 416 12.23 -14.07 -14.72
CA ALA A 416 12.85 -12.93 -15.39
C ALA A 416 12.04 -11.71 -14.92
N LYS A 417 12.48 -11.11 -13.81
CA LYS A 417 11.71 -10.03 -13.18
C LYS A 417 12.67 -9.04 -12.52
N ALA A 418 12.28 -7.77 -12.53
CA ALA A 418 13.06 -6.70 -11.90
C ALA A 418 14.47 -6.62 -12.48
N GLY A 419 14.62 -7.00 -13.75
CA GLY A 419 15.92 -6.94 -14.39
C GLY A 419 16.83 -8.10 -14.07
N ILE A 420 16.39 -9.04 -13.24
CA ILE A 420 17.19 -10.20 -12.85
C ILE A 420 16.62 -11.42 -13.56
N ILE A 421 17.47 -12.11 -14.31
CA ILE A 421 17.19 -13.44 -14.84
C ILE A 421 17.76 -14.44 -13.85
N ALA A 422 16.92 -15.37 -13.38
CA ALA A 422 17.37 -16.28 -12.34
C ALA A 422 16.66 -17.61 -12.49
N THR A 423 17.26 -18.66 -11.93
CA THR A 423 16.62 -19.97 -11.84
C THR A 423 16.82 -20.46 -10.40
N PHE A 424 15.80 -20.28 -9.57
CA PHE A 424 15.80 -20.79 -8.21
C PHE A 424 15.87 -22.31 -8.21
N ASN A 425 16.52 -22.87 -7.19
CA ASN A 425 16.63 -24.32 -7.06
C ASN A 425 15.46 -24.86 -6.24
N ALA A 426 14.76 -25.85 -6.79
CA ALA A 426 13.57 -26.39 -6.16
C ALA A 426 13.59 -27.92 -6.16
N LYS A 427 14.73 -28.51 -5.81
CA LYS A 427 14.78 -29.96 -5.70
C LYS A 427 13.93 -30.42 -4.51
N ALA A 428 13.05 -31.39 -4.75
CA ALA A 428 12.14 -31.90 -3.73
C ALA A 428 11.40 -33.10 -4.27
N SER A 429 10.95 -34.02 -3.41
CA SER A 429 10.17 -35.18 -3.82
C SER A 429 8.76 -34.99 -3.28
N VAL A 430 7.81 -34.72 -4.16
CA VAL A 430 6.46 -34.34 -3.75
C VAL A 430 5.62 -35.60 -3.54
N LEU A 431 5.01 -35.71 -2.37
CA LEU A 431 4.00 -36.71 -2.05
C LEU A 431 2.68 -35.97 -1.87
N ALA A 432 1.91 -35.84 -2.94
CA ALA A 432 0.69 -35.06 -2.92
C ALA A 432 -0.52 -35.96 -2.63
N ALA A 433 -1.61 -35.33 -2.25
CA ALA A 433 -2.85 -36.01 -1.97
C ALA A 433 -3.98 -35.11 -2.39
N ALA A 434 -4.99 -35.67 -3.01
CA ALA A 434 -6.08 -34.84 -3.45
C ALA A 434 -7.42 -35.51 -3.33
N ASN A 435 -8.43 -34.78 -2.92
CA ASN A 435 -9.75 -35.35 -2.87
C ASN A 435 -10.35 -35.13 -4.24
N PRO A 436 -11.26 -36.00 -4.65
CA PRO A 436 -11.78 -35.81 -6.00
C PRO A 436 -12.86 -34.76 -6.05
N LYS A 437 -13.22 -34.36 -7.25
CA LYS A 437 -14.23 -33.33 -7.43
C LYS A 437 -15.58 -33.77 -6.93
N PHE A 438 -16.33 -32.80 -6.42
CA PHE A 438 -17.67 -33.06 -5.89
C PHE A 438 -17.65 -34.16 -4.87
N GLY A 439 -16.75 -34.05 -3.90
CA GLY A 439 -16.71 -35.06 -2.87
C GLY A 439 -16.38 -36.46 -3.34
N ARG A 440 -17.33 -37.35 -3.13
CA ARG A 440 -17.18 -38.77 -3.41
C ARG A 440 -16.87 -39.14 -4.82
N PHE A 441 -16.16 -40.25 -4.92
CA PHE A 441 -15.75 -40.84 -6.14
C PHE A 441 -16.93 -41.48 -6.86
N ASP A 442 -16.80 -41.64 -8.17
CA ASP A 442 -17.81 -42.30 -8.98
C ASP A 442 -17.23 -43.61 -9.42
N PRO A 447 -12.21 -42.76 -13.60
CA PRO A 447 -11.78 -42.30 -12.28
C PRO A 447 -11.00 -41.03 -12.50
N ALA A 448 -10.19 -41.02 -13.56
CA ALA A 448 -9.37 -39.92 -13.91
C ALA A 448 -10.12 -38.62 -14.15
N GLU A 449 -11.30 -38.68 -14.72
CA GLU A 449 -12.00 -37.44 -14.99
C GLU A 449 -12.29 -36.58 -13.77
N GLN A 450 -12.66 -37.20 -12.66
CA GLN A 450 -13.06 -36.44 -11.47
C GLN A 450 -12.03 -35.94 -10.46
N PHE A 451 -10.87 -35.50 -10.91
CA PHE A 451 -9.89 -35.04 -10.02
C PHE A 451 -9.79 -33.58 -9.77
N ASP A 452 -9.84 -32.80 -10.84
CA ASP A 452 -9.71 -31.33 -10.92
C ASP A 452 -8.30 -30.88 -10.80
N ILE A 453 -7.42 -31.69 -11.35
CA ILE A 453 -6.02 -31.42 -11.42
C ILE A 453 -5.74 -31.38 -12.90
N SER A 454 -4.89 -30.48 -13.35
CA SER A 454 -4.66 -30.32 -14.77
C SER A 454 -4.04 -31.60 -15.36
N PRO A 455 -4.36 -31.93 -16.60
CA PRO A 455 -3.76 -33.09 -17.24
C PRO A 455 -2.28 -32.89 -17.53
N THR A 456 -1.87 -31.66 -17.81
CA THR A 456 -0.48 -31.32 -18.09
C THR A 456 0.38 -31.37 -16.84
N LEU A 457 -0.21 -31.18 -15.66
CA LEU A 457 0.48 -31.32 -14.38
C LEU A 457 0.43 -32.73 -13.83
N LEU A 458 -0.55 -33.49 -14.21
CA LEU A 458 -0.61 -34.85 -13.81
C LEU A 458 0.48 -35.60 -14.48
N SER A 459 0.88 -35.16 -15.65
CA SER A 459 1.91 -35.87 -16.37
C SER A 459 3.19 -35.96 -15.59
N ARG A 460 3.47 -34.91 -14.83
CA ARG A 460 4.69 -34.85 -14.07
C ARG A 460 4.81 -35.93 -13.03
N PHE A 461 3.74 -36.23 -12.34
CA PHE A 461 3.79 -37.27 -11.32
C PHE A 461 4.17 -38.60 -11.93
N ASP A 462 5.05 -39.34 -11.26
CA ASP A 462 5.50 -40.63 -11.78
C ASP A 462 4.44 -41.71 -11.59
N LEU A 463 3.92 -41.84 -10.37
CA LEU A 463 2.88 -42.80 -10.05
C LEU A 463 1.69 -42.04 -9.48
N ILE A 464 0.47 -42.37 -9.92
CA ILE A 464 -0.74 -41.77 -9.48
C ILE A 464 -1.63 -42.90 -9.03
N PHE A 465 -1.84 -43.04 -7.76
CA PHE A 465 -2.54 -44.17 -7.19
C PHE A 465 -3.94 -43.75 -6.75
N PRO A 466 -5.01 -44.17 -7.41
CA PRO A 466 -6.31 -43.76 -6.87
C PRO A 466 -6.74 -44.68 -5.82
N ILE A 467 -7.37 -44.23 -4.75
CA ILE A 467 -7.79 -45.11 -3.67
C ILE A 467 -9.29 -45.29 -3.60
N ARG A 468 -9.77 -46.52 -3.65
CA ARG A 468 -11.20 -46.72 -3.65
C ARG A 468 -11.65 -47.44 -2.44
N ASP A 469 -12.90 -47.28 -2.06
CA ASP A 469 -13.41 -47.97 -0.90
C ASP A 469 -14.25 -49.18 -1.29
N ILE A 470 -13.67 -50.37 -1.32
CA ILE A 470 -14.40 -51.52 -1.73
C ILE A 470 -15.44 -52.01 -0.78
N MET A 471 -15.37 -51.58 0.47
CA MET A 471 -16.31 -51.98 1.52
C MET A 471 -16.54 -53.51 1.62
N ASP A 472 -15.45 -54.27 1.76
CA ASP A 472 -15.56 -55.67 1.95
C ASP A 472 -15.71 -55.75 3.43
N THR A 473 -16.64 -56.51 3.93
CA THR A 473 -16.90 -56.49 5.36
C THR A 473 -15.76 -57.10 6.17
N GLU A 474 -15.17 -58.14 5.64
CA GLU A 474 -14.11 -58.79 6.34
C GLU A 474 -12.97 -57.83 6.46
N LEU A 475 -12.79 -57.02 5.43
CA LEU A 475 -11.73 -56.06 5.44
C LEU A 475 -12.06 -55.03 6.44
N ASP A 476 -13.32 -54.62 6.50
CA ASP A 476 -13.77 -53.67 7.47
C ASP A 476 -13.52 -54.17 8.86
N LYS A 477 -13.77 -55.44 9.12
CA LYS A 477 -13.49 -55.98 10.43
C LYS A 477 -12.03 -55.98 10.77
N SER A 478 -11.18 -56.17 9.79
CA SER A 478 -9.76 -56.17 10.01
C SER A 478 -9.30 -54.78 10.33
N ILE A 479 -9.80 -53.80 9.58
CA ILE A 479 -9.43 -52.42 9.81
C ILE A 479 -9.81 -51.99 11.17
N ALA A 480 -11.02 -52.32 11.54
CA ALA A 480 -11.53 -51.96 12.82
C ALA A 480 -10.71 -52.56 13.92
N ASN A 481 -10.34 -53.81 13.76
CA ASN A 481 -9.51 -54.50 14.67
C ASN A 481 -8.21 -53.76 14.86
N TYR A 482 -7.57 -53.33 13.79
CA TYR A 482 -6.33 -52.62 13.89
C TYR A 482 -6.46 -51.34 14.63
N ILE A 483 -7.44 -50.55 14.26
CA ILE A 483 -7.59 -49.26 14.85
C ILE A 483 -7.80 -49.32 16.33
N LEU A 484 -8.59 -50.24 16.81
CA LEU A 484 -8.84 -50.29 18.20
C LEU A 484 -7.58 -50.65 18.93
N ASN A 485 -6.86 -51.62 18.39
CA ASN A 485 -5.63 -52.11 18.94
C ASN A 485 -4.70 -51.02 19.29
N GLN A 486 -4.44 -50.15 18.31
CA GLN A 486 -3.59 -48.98 18.52
C GLN A 486 -4.05 -48.17 19.71
N HIS A 487 -5.33 -47.90 19.80
CA HIS A 487 -5.84 -47.14 20.87
C HIS A 487 -5.70 -47.82 22.17
N GLU A 488 -5.89 -49.12 22.19
CA GLU A 488 -5.78 -49.82 23.44
C GLU A 488 -4.37 -49.68 23.90
N ALA A 489 -3.47 -49.74 22.97
CA ALA A 489 -2.05 -49.68 23.33
C ALA A 489 -1.68 -48.30 23.88
N ALA A 490 -2.12 -47.29 23.20
CA ALA A 490 -1.82 -45.96 23.60
C ALA A 490 -2.34 -45.74 24.96
N GLY A 491 -3.53 -46.24 25.22
CA GLY A 491 -4.12 -46.05 26.52
C GLY A 491 -3.26 -46.67 27.59
N ALA A 492 -2.87 -47.89 27.32
CA ALA A 492 -2.00 -48.64 28.20
C ALA A 492 -0.75 -47.83 28.54
N ALA A 493 -0.18 -47.16 27.54
CA ALA A 493 1.04 -46.39 27.77
C ALA A 493 0.78 -45.27 28.76
N ILE A 494 -0.38 -44.68 28.71
CA ILE A 494 -0.64 -43.63 29.66
C ILE A 494 -0.79 -44.24 31.04
N ALA A 495 -1.30 -45.47 31.08
CA ALA A 495 -1.51 -46.19 32.34
C ALA A 495 -0.22 -46.71 33.00
N ASP A 496 0.87 -46.76 32.22
CA ASP A 496 2.23 -47.19 32.64
C ASP A 496 2.36 -48.72 32.89
N VAL A 497 1.40 -49.49 32.38
CA VAL A 497 1.42 -50.94 32.54
C VAL A 497 2.22 -51.58 31.41
N PRO A 506 9.17 -52.83 15.81
CA PRO A 506 9.57 -51.99 14.70
C PRO A 506 10.51 -52.70 13.79
N PRO A 507 10.23 -52.61 12.48
CA PRO A 507 11.12 -53.39 11.61
C PRO A 507 12.57 -52.92 11.65
N ILE A 508 12.77 -51.61 11.62
CA ILE A 508 14.08 -51.00 11.73
C ILE A 508 13.95 -49.84 12.68
N GLU A 509 14.98 -49.53 13.44
CA GLU A 509 14.92 -48.40 14.33
C GLU A 509 14.95 -47.16 13.54
N HIS A 510 14.32 -46.11 13.99
CA HIS A 510 14.21 -44.91 13.21
C HIS A 510 15.50 -44.30 12.89
N SER A 511 16.35 -44.21 13.86
CA SER A 511 17.62 -43.62 13.67
C SER A 511 18.46 -44.31 12.69
N LEU A 512 18.46 -45.59 12.73
CA LEU A 512 19.16 -46.36 11.79
C LEU A 512 18.57 -46.27 10.45
N LEU A 513 17.27 -46.20 10.37
CA LEU A 513 16.64 -46.10 9.12
C LEU A 513 17.07 -44.91 8.38
N LYS A 514 17.17 -43.80 9.04
CA LYS A 514 17.57 -42.61 8.36
C LYS A 514 18.99 -42.65 7.96
N LYS A 515 19.84 -43.18 8.80
CA LYS A 515 21.23 -43.25 8.45
C LYS A 515 21.44 -44.15 7.29
N TYR A 516 20.70 -45.25 7.22
CA TYR A 516 20.84 -46.18 6.10
C TYR A 516 20.44 -45.59 4.80
N ILE A 517 19.40 -44.80 4.84
CA ILE A 517 18.98 -44.16 3.64
C ILE A 517 19.95 -43.10 3.25
N ALA A 518 20.45 -42.38 4.21
CA ALA A 518 21.46 -41.37 3.91
C ALA A 518 22.70 -41.98 3.30
N TYR A 519 23.15 -43.09 3.84
CA TYR A 519 24.30 -43.74 3.30
C TYR A 519 24.04 -44.15 1.88
N ALA A 520 22.90 -44.74 1.64
CA ALA A 520 22.58 -45.22 0.30
C ALA A 520 22.49 -44.07 -0.70
N LYS A 521 21.90 -42.95 -0.30
CA LYS A 521 21.81 -41.81 -1.20
C LYS A 521 23.20 -41.22 -1.47
N ARG A 522 24.10 -41.30 -0.50
CA ARG A 522 25.39 -40.63 -0.68
C ARG A 522 26.39 -41.48 -1.46
N TYR A 523 26.37 -42.81 -1.30
CA TYR A 523 27.44 -43.62 -1.83
C TYR A 523 27.05 -44.69 -2.85
N VAL A 524 25.77 -44.86 -3.16
CA VAL A 524 25.33 -45.84 -4.15
C VAL A 524 24.63 -45.12 -5.29
N MET A 525 25.14 -45.30 -6.51
CA MET A 525 24.69 -44.58 -7.70
C MET A 525 24.33 -45.66 -8.71
N PRO A 526 23.14 -46.28 -8.63
CA PRO A 526 22.90 -47.46 -9.48
C PRO A 526 23.03 -47.13 -10.97
N ARG A 527 23.56 -48.11 -11.74
CA ARG A 527 23.75 -47.95 -13.18
C ARG A 527 23.03 -49.09 -13.91
N LEU A 528 22.36 -48.76 -15.01
CA LEU A 528 21.44 -49.69 -15.63
C LEU A 528 22.18 -50.83 -16.34
N SER A 529 21.80 -52.07 -16.04
CA SER A 529 22.29 -53.23 -16.77
C SER A 529 21.61 -53.33 -18.13
N GLU A 530 22.23 -54.09 -19.04
CA GLU A 530 21.61 -54.29 -20.36
C GLU A 530 20.28 -55.03 -20.21
N GLU A 531 20.27 -56.09 -19.43
CA GLU A 531 19.06 -56.90 -19.27
C GLU A 531 17.90 -56.06 -18.73
N ALA A 532 18.17 -55.24 -17.71
CA ALA A 532 17.11 -54.41 -17.14
C ALA A 532 16.64 -53.35 -18.12
N SER A 533 17.59 -52.67 -18.78
CA SER A 533 17.24 -51.70 -19.82
C SER A 533 16.30 -52.33 -20.84
N ASN A 534 16.61 -53.56 -21.26
CA ASN A 534 15.81 -54.22 -22.28
C ASN A 534 14.43 -54.58 -21.74
N ARG A 535 14.34 -55.05 -20.49
CA ARG A 535 13.02 -55.33 -19.93
C ARG A 535 12.16 -54.07 -19.91
N ILE A 536 12.72 -52.96 -19.46
CA ILE A 536 11.96 -51.71 -19.41
C ILE A 536 11.49 -51.32 -20.81
N LYS A 537 12.40 -51.40 -21.79
CA LYS A 537 12.04 -51.09 -23.16
C LYS A 537 10.87 -51.95 -23.62
N GLU A 538 10.94 -53.26 -23.37
CA GLU A 538 9.86 -54.14 -23.81
C GLU A 538 8.53 -53.74 -23.18
N TYR A 539 8.54 -53.45 -21.87
CA TYR A 539 7.30 -53.09 -21.20
C TYR A 539 6.71 -51.81 -21.78
N TYR A 540 7.55 -50.86 -22.16
CA TYR A 540 7.02 -49.64 -22.71
C TYR A 540 6.31 -49.88 -24.00
N VAL A 541 7.01 -50.47 -24.95
CA VAL A 541 6.44 -50.72 -26.25
C VAL A 541 5.16 -51.52 -26.18
N ASP A 542 5.13 -52.50 -25.28
CA ASP A 542 3.95 -53.31 -25.12
C ASP A 542 2.79 -52.49 -24.61
N LEU A 543 3.09 -51.57 -23.70
CA LEU A 543 2.08 -50.70 -23.17
C LEU A 543 1.49 -49.82 -24.25
N ARG A 544 2.31 -49.36 -25.18
CA ARG A 544 1.83 -48.53 -26.27
C ARG A 544 0.82 -49.27 -27.12
N ARG A 545 1.07 -50.56 -27.38
CA ARG A 545 0.12 -51.34 -28.14
C ARG A 545 -1.12 -51.34 -27.31
N ALA A 546 -2.23 -51.03 -27.97
CA ALA A 546 -3.52 -50.90 -27.33
C ALA A 546 -3.39 -50.01 -26.10
N ALA A 552 -7.42 -43.97 -20.99
CA ALA A 552 -7.67 -42.82 -20.14
C ALA A 552 -6.42 -41.98 -20.08
N THR A 553 -5.36 -42.54 -19.51
CA THR A 553 -4.09 -41.83 -19.44
C THR A 553 -3.28 -42.00 -20.72
N PRO A 554 -2.71 -40.91 -21.26
CA PRO A 554 -1.78 -41.05 -22.39
C PRO A 554 -0.46 -41.66 -21.93
N ILE A 555 0.05 -42.64 -22.69
CA ILE A 555 1.31 -43.30 -22.34
C ILE A 555 2.43 -42.77 -23.23
N THR A 556 3.01 -41.65 -22.83
CA THR A 556 4.09 -40.95 -23.53
C THR A 556 5.46 -41.57 -23.22
N PRO A 557 6.55 -41.04 -23.82
CA PRO A 557 7.87 -41.56 -23.44
C PRO A 557 8.19 -41.33 -21.96
N ARG A 558 7.76 -40.19 -21.40
CA ARG A 558 7.88 -39.82 -19.98
C ARG A 558 7.85 -41.00 -19.02
N GLN A 559 6.83 -41.84 -19.19
CA GLN A 559 6.66 -43.03 -18.39
C GLN A 559 7.91 -43.90 -18.35
N ILE A 560 8.67 -43.97 -19.43
CA ILE A 560 9.88 -44.74 -19.43
C ILE A 560 10.85 -44.22 -18.41
N GLU A 561 11.00 -42.91 -18.28
CA GLU A 561 11.90 -42.36 -17.30
C GLU A 561 11.45 -42.72 -15.92
N GLY A 562 10.17 -42.67 -15.66
CA GLY A 562 9.67 -43.07 -14.37
C GLY A 562 10.05 -44.48 -14.03
N LEU A 563 9.98 -45.38 -15.00
CA LEU A 563 10.32 -46.76 -14.74
C LEU A 563 11.81 -46.91 -14.46
N ILE A 564 12.65 -46.10 -15.14
CA ILE A 564 14.06 -46.10 -14.82
C ILE A 564 14.27 -45.63 -13.39
N ARG A 565 13.70 -44.47 -13.07
CA ARG A 565 13.85 -43.92 -11.72
C ARG A 565 13.53 -44.96 -10.67
N MET A 566 12.28 -45.43 -10.65
CA MET A 566 11.86 -46.42 -9.67
C MET A 566 12.83 -47.60 -9.62
N ALA A 567 13.19 -48.15 -10.79
CA ALA A 567 14.06 -49.33 -10.78
C ALA A 567 15.39 -49.01 -10.14
N GLU A 568 15.99 -47.88 -10.54
CA GLU A 568 17.24 -47.45 -9.89
C GLU A 568 17.06 -47.39 -8.39
N ALA A 569 15.92 -46.87 -7.94
CA ALA A 569 15.69 -46.76 -6.50
C ALA A 569 15.68 -48.14 -5.83
N SER A 570 15.03 -49.12 -6.45
CA SER A 570 15.04 -50.46 -5.88
C SER A 570 16.47 -50.91 -5.65
N ALA A 571 17.34 -50.67 -6.62
CA ALA A 571 18.76 -51.00 -6.46
C ALA A 571 19.34 -50.29 -5.24
N LYS A 572 19.14 -48.97 -5.17
CA LYS A 572 19.68 -48.20 -4.05
C LYS A 572 19.05 -48.63 -2.72
N SER A 573 17.87 -49.26 -2.77
CA SER A 573 17.27 -49.77 -1.54
C SER A 573 18.05 -50.93 -0.97
N GLN A 574 18.70 -51.72 -1.83
CA GLN A 574 19.52 -52.84 -1.39
C GLN A 574 21.01 -52.50 -1.42
N LEU A 575 21.36 -51.22 -1.60
CA LEU A 575 22.76 -50.78 -1.64
C LEU A 575 23.53 -51.50 -2.74
N ARG A 576 22.86 -51.75 -3.85
CA ARG A 576 23.46 -52.40 -5.01
C ARG A 576 23.79 -51.38 -6.07
N ASP A 577 24.93 -51.55 -6.73
CA ASP A 577 25.43 -50.59 -7.70
C ASP A 577 24.99 -50.88 -9.13
N VAL A 578 24.16 -51.90 -9.35
CA VAL A 578 23.70 -52.25 -10.68
C VAL A 578 22.22 -52.61 -10.61
N VAL A 579 21.46 -52.11 -11.58
CA VAL A 579 20.02 -52.39 -11.63
C VAL A 579 19.80 -53.76 -12.24
N SER A 580 19.03 -54.60 -11.54
CA SER A 580 18.73 -55.94 -12.01
C SER A 580 17.41 -55.93 -12.79
N VAL A 581 17.04 -57.09 -13.34
CA VAL A 581 15.70 -57.25 -13.89
C VAL A 581 14.71 -57.41 -12.75
N LYS A 582 15.19 -57.83 -11.58
CA LYS A 582 14.33 -57.88 -10.39
C LYS A 582 13.88 -56.47 -10.02
N ASP A 583 14.81 -55.51 -10.05
CA ASP A 583 14.49 -54.10 -9.83
C ASP A 583 13.43 -53.62 -10.82
N ALA A 584 13.72 -53.84 -12.11
CA ALA A 584 12.80 -53.40 -13.15
C ALA A 584 11.43 -54.04 -12.98
N ASN A 585 11.37 -55.25 -12.43
CA ASN A 585 10.08 -55.89 -12.23
C ASN A 585 9.30 -55.31 -11.07
N LEU A 586 9.98 -54.86 -10.01
CA LEU A 586 9.28 -54.08 -9.00
C LEU A 586 8.73 -52.78 -9.59
N ALA A 587 9.51 -52.13 -10.45
CA ALA A 587 9.03 -50.90 -11.07
C ALA A 587 7.82 -51.15 -11.97
N ILE A 588 7.91 -52.17 -12.82
CA ILE A 588 6.82 -52.52 -13.73
C ILE A 588 5.60 -52.96 -12.94
N SER A 589 5.82 -53.61 -11.79
CA SER A 589 4.71 -54.04 -10.94
C SER A 589 3.96 -52.84 -10.39
N LEU A 590 4.67 -51.86 -9.81
CA LEU A 590 3.99 -50.70 -9.26
C LEU A 590 3.28 -49.89 -10.34
N SER A 591 3.94 -49.73 -11.50
CA SER A 591 3.24 -49.17 -12.65
C SER A 591 1.91 -49.89 -12.83
N GLU A 592 1.97 -51.20 -13.10
CA GLU A 592 0.76 -51.95 -13.42
C GLU A 592 -0.31 -51.81 -12.34
N TYR A 593 0.09 -51.74 -11.06
CA TYR A 593 -0.90 -51.54 -10.00
C TYR A 593 -1.60 -50.20 -10.17
N MET A 594 -0.84 -49.14 -10.48
CA MET A 594 -1.46 -47.86 -10.81
C MET A 594 -2.43 -48.03 -11.96
N LEU A 595 -2.02 -48.76 -12.99
CA LEU A 595 -2.80 -48.82 -14.21
C LEU A 595 -4.10 -49.60 -13.98
N LYS A 596 -4.08 -50.58 -13.07
CA LYS A 596 -5.26 -51.40 -12.83
C LYS A 596 -6.46 -50.57 -12.46
N THR A 597 -6.25 -49.53 -11.64
CA THR A 597 -7.31 -48.59 -11.29
C THR A 597 -7.40 -47.58 -12.44
N LEU A 598 -8.03 -48.04 -13.51
CA LEU A 598 -8.23 -47.35 -14.77
C LEU A 598 -8.31 -45.85 -14.73
N GLN B 6 5.85 3.65 64.57
CA GLN B 6 6.86 3.84 63.52
C GLN B 6 6.85 2.72 62.44
N THR B 7 7.98 2.59 61.72
CA THR B 7 8.16 1.45 60.81
C THR B 7 8.25 0.14 61.58
N SER B 8 8.94 0.14 62.72
CA SER B 8 9.07 -1.07 63.51
C SER B 8 7.71 -1.56 63.99
N SER B 9 6.89 -0.63 64.46
CA SER B 9 5.52 -0.95 64.84
C SER B 9 4.79 -1.65 63.71
N LEU B 10 4.93 -1.11 62.49
CA LEU B 10 4.28 -1.71 61.33
C LEU B 10 4.75 -3.14 61.13
N LYS B 11 6.07 -3.36 61.25
CA LYS B 11 6.63 -4.70 61.09
C LYS B 11 6.02 -5.67 62.10
N LEU B 12 5.91 -5.26 63.36
CA LEU B 12 5.22 -6.07 64.37
C LEU B 12 3.80 -6.42 63.93
N LEU B 13 3.08 -5.42 63.46
CA LEU B 13 1.72 -5.62 63.07
C LEU B 13 1.55 -6.65 62.04
N PHE B 14 2.39 -6.65 61.02
CA PHE B 14 2.15 -7.59 59.96
C PHE B 14 2.47 -8.94 60.52
N ASP B 15 3.50 -9.00 61.36
CA ASP B 15 3.97 -10.18 62.00
C ASP B 15 2.87 -11.01 62.55
N GLU B 16 2.01 -10.43 63.36
CA GLU B 16 0.93 -11.21 63.89
C GLU B 16 0.03 -11.63 62.76
N PHE B 17 -0.30 -10.67 61.93
CA PHE B 17 -1.23 -10.88 60.86
C PHE B 17 -0.87 -11.94 59.88
N LEU B 18 0.39 -11.97 59.45
CA LEU B 18 0.84 -12.98 58.49
C LEU B 18 0.65 -14.38 59.08
N GLU B 19 1.02 -14.52 60.34
CA GLU B 19 0.91 -15.77 61.06
C GLU B 19 -0.51 -16.14 61.16
N SER B 20 -1.33 -15.19 61.55
CA SER B 20 -2.69 -15.52 61.70
C SER B 20 -3.36 -16.00 60.47
N TYR B 21 -3.37 -15.22 59.42
CA TYR B 21 -4.10 -15.68 58.27
C TYR B 21 -3.35 -16.44 57.22
N TYR B 22 -2.03 -16.39 57.16
CA TYR B 22 -1.36 -17.11 56.11
C TYR B 22 -0.25 -18.00 56.55
N SER B 23 -0.31 -18.53 57.75
CA SER B 23 0.77 -19.36 58.26
C SER B 23 1.08 -20.53 57.39
N ASP B 24 0.12 -21.39 57.18
CA ASP B 24 0.36 -22.58 56.36
C ASP B 24 0.86 -22.22 54.95
N GLU B 25 0.32 -21.18 54.32
CA GLU B 25 0.89 -20.74 53.05
C GLU B 25 2.34 -20.30 53.20
N ILE B 26 2.61 -19.64 54.30
CA ILE B 26 3.95 -19.16 54.59
C ILE B 26 4.94 -20.24 54.70
N LYS B 27 4.53 -21.26 55.34
CA LYS B 27 5.39 -22.43 55.51
C LYS B 27 5.65 -23.13 54.17
N ASP B 28 4.62 -23.21 53.32
CA ASP B 28 4.88 -23.71 51.96
C ASP B 28 5.97 -22.89 51.30
N ILE B 29 5.97 -21.57 51.53
CA ILE B 29 7.01 -20.73 50.94
C ILE B 29 8.36 -20.99 51.58
N ILE B 30 8.39 -21.36 52.84
CA ILE B 30 9.65 -21.70 53.44
C ILE B 30 10.25 -22.87 52.72
N ILE B 31 9.43 -23.86 52.46
CA ILE B 31 9.94 -25.03 51.75
C ILE B 31 10.45 -24.64 50.36
N LYS B 32 9.63 -23.90 49.60
CA LYS B 32 9.83 -23.80 48.15
C LYS B 32 10.75 -22.67 47.70
N PHE B 33 11.05 -21.73 48.59
CA PHE B 33 11.94 -20.65 48.22
C PHE B 33 13.23 -21.22 47.65
N PRO B 34 13.72 -20.72 46.51
CA PRO B 34 13.23 -19.55 45.78
C PRO B 34 12.18 -19.81 44.71
N ASN B 35 12.01 -21.06 44.30
CA ASN B 35 11.14 -21.35 43.16
C ASN B 35 9.74 -20.80 43.36
N LYS B 36 9.32 -20.62 44.61
CA LYS B 36 8.06 -19.95 44.94
C LYS B 36 8.38 -18.88 45.97
N ARG B 37 8.29 -17.62 45.55
CA ARG B 37 8.63 -16.52 46.44
C ARG B 37 7.62 -15.41 46.63
N SER B 38 6.36 -15.69 46.39
CA SER B 38 5.35 -14.66 46.61
C SER B 38 4.18 -15.21 47.41
N LEU B 39 3.51 -14.27 48.07
CA LEU B 39 2.41 -14.50 48.97
C LEU B 39 1.13 -13.75 48.61
N PRO B 40 0.27 -14.43 47.81
CA PRO B 40 -1.02 -13.78 47.55
C PRO B 40 -1.73 -13.47 48.87
N VAL B 41 -2.20 -12.22 49.00
CA VAL B 41 -2.84 -11.77 50.24
C VAL B 41 -4.09 -10.98 49.88
N ASN B 42 -5.24 -11.43 50.35
CA ASN B 42 -6.48 -10.69 50.16
C ASN B 42 -6.49 -9.46 51.07
N ILE B 43 -6.92 -8.34 50.53
CA ILE B 43 -6.97 -7.14 51.30
C ILE B 43 -8.14 -7.19 52.23
N SER B 44 -9.13 -8.00 51.94
CA SER B 44 -10.27 -8.14 52.83
C SER B 44 -9.82 -8.71 54.14
N ASP B 45 -8.93 -9.69 54.11
CA ASP B 45 -8.39 -10.24 55.32
C ASP B 45 -7.68 -9.13 56.05
N LEU B 46 -6.91 -8.29 55.39
CA LEU B 46 -6.30 -7.19 56.07
C LEU B 46 -7.34 -6.25 56.67
N GLU B 47 -8.47 -6.08 55.98
CA GLU B 47 -9.53 -5.23 56.47
C GLU B 47 -10.02 -5.73 57.83
N GLU B 48 -10.19 -7.04 57.96
CA GLU B 48 -10.64 -7.62 59.20
C GLU B 48 -9.66 -7.38 60.27
N PHE B 49 -8.43 -7.72 60.01
CA PHE B 49 -7.44 -7.62 61.02
C PHE B 49 -7.25 -6.26 61.57
N ASP B 50 -7.13 -5.27 60.72
CA ASP B 50 -6.99 -3.93 61.22
C ASP B 50 -7.40 -3.03 60.12
N PRO B 51 -8.64 -2.59 60.14
CA PRO B 51 -9.11 -1.71 59.10
C PRO B 51 -8.30 -0.47 58.86
N ASP B 52 -7.69 0.05 59.88
CA ASP B 52 -6.91 1.27 59.67
C ASP B 52 -5.73 1.01 58.74
N THR B 53 -5.05 -0.12 58.91
CA THR B 53 -3.92 -0.42 58.03
C THR B 53 -4.39 -0.70 56.61
N ALA B 54 -5.58 -1.21 56.45
CA ALA B 54 -6.07 -1.46 55.13
C ALA B 54 -6.27 -0.16 54.48
N THR B 55 -7.00 0.73 55.11
CA THR B 55 -7.20 2.05 54.50
C THR B 55 -5.87 2.76 54.27
N ASN B 56 -4.90 2.54 55.13
CA ASN B 56 -3.60 3.17 54.96
C ASN B 56 -2.88 2.62 53.74
N LEU B 57 -3.14 1.37 53.36
CA LEU B 57 -2.50 0.82 52.18
C LEU B 57 -2.88 1.59 50.92
N ILE B 58 -4.18 1.90 50.77
CA ILE B 58 -4.65 2.60 49.58
C ILE B 58 -4.06 3.99 49.47
N ALA B 59 -3.65 4.58 50.59
CA ALA B 59 -3.14 5.95 50.63
C ALA B 59 -1.62 6.02 50.56
N ASP B 60 -0.91 5.29 51.41
CA ASP B 60 0.55 5.27 51.44
C ASP B 60 1.03 3.86 51.11
N PRO B 61 0.77 3.39 49.89
CA PRO B 61 1.03 1.97 49.57
C PRO B 61 2.47 1.57 49.83
N GLU B 62 3.43 2.26 49.20
CA GLU B 62 4.82 1.81 49.23
C GLU B 62 5.33 1.64 50.66
N ILE B 63 4.93 2.52 51.57
CA ILE B 63 5.34 2.37 52.97
C ILE B 63 4.90 1.02 53.51
N ILE B 64 3.61 0.69 53.32
CA ILE B 64 3.07 -0.53 53.90
C ILE B 64 3.63 -1.76 53.20
N ILE B 65 3.81 -1.68 51.88
CA ILE B 65 4.29 -2.84 51.13
C ILE B 65 5.73 -3.14 51.49
N ASP B 66 6.55 -2.09 51.65
CA ASP B 66 7.91 -2.29 52.12
C ASP B 66 7.92 -2.93 53.50
N ALA B 67 7.09 -2.43 54.43
CA ALA B 67 7.08 -3.01 55.76
C ALA B 67 6.57 -4.45 55.76
N ALA B 68 5.59 -4.76 54.96
CA ALA B 68 5.09 -6.10 54.91
C ALA B 68 6.09 -7.02 54.34
N ASN B 69 6.78 -6.58 53.32
CA ASN B 69 7.84 -7.40 52.74
C ASN B 69 8.96 -7.64 53.75
N GLU B 70 9.27 -6.62 54.56
CA GLU B 70 10.20 -6.86 55.66
C GLU B 70 9.66 -7.89 56.64
N SER B 71 8.36 -7.84 56.88
CA SER B 71 7.75 -8.79 57.77
C SER B 71 7.82 -10.15 57.20
N LEU B 72 7.72 -10.25 55.89
CA LEU B 72 7.77 -11.55 55.29
C LEU B 72 9.15 -12.06 55.17
N MET B 73 10.13 -11.20 55.22
CA MET B 73 11.49 -11.61 55.21
C MET B 73 11.89 -11.93 56.62
N GLY B 74 11.30 -11.25 57.58
CA GLY B 74 11.61 -11.50 58.97
C GLY B 74 11.30 -12.94 59.28
N LYS B 75 10.06 -13.32 58.98
CA LYS B 75 9.60 -14.70 59.19
C LYS B 75 10.32 -15.64 58.22
N LEU B 76 10.49 -16.90 58.61
CA LEU B 76 11.19 -17.91 57.82
C LEU B 76 12.58 -17.36 57.44
N ALA B 77 13.30 -16.88 58.45
CA ALA B 77 14.62 -16.31 58.26
C ALA B 77 15.68 -17.38 58.10
N GLY B 78 16.82 -16.98 57.56
CA GLY B 78 17.92 -17.90 57.34
C GLY B 78 18.07 -18.34 55.91
N LEU B 79 16.99 -18.30 55.13
CA LEU B 79 17.05 -18.68 53.73
C LEU B 79 18.00 -17.73 53.01
N ASN B 80 18.65 -18.20 51.94
CA ASN B 80 19.59 -17.33 51.24
C ASN B 80 18.82 -16.29 50.45
N PHE B 81 18.98 -15.00 50.81
CA PHE B 81 18.36 -13.88 50.10
C PHE B 81 19.33 -13.05 49.33
N ASP B 82 20.52 -13.55 49.15
CA ASP B 82 21.50 -12.79 48.40
C ASP B 82 21.05 -12.56 46.96
N THR B 83 20.36 -13.54 46.37
CA THR B 83 19.90 -13.41 44.99
C THR B 83 18.41 -13.05 44.89
N TYR B 84 17.54 -13.91 45.36
CA TYR B 84 16.12 -13.61 45.26
C TYR B 84 15.59 -12.92 46.49
N ILE B 85 14.32 -12.57 46.46
CA ILE B 85 13.70 -11.89 47.57
C ILE B 85 12.21 -12.16 47.57
N PRO B 86 11.61 -12.37 48.73
CA PRO B 86 10.19 -12.68 48.80
C PRO B 86 9.34 -11.43 48.61
N HIS B 87 8.09 -11.65 48.21
CA HIS B 87 7.17 -10.57 47.96
C HIS B 87 5.82 -10.87 48.55
N VAL B 88 5.05 -9.82 48.79
CA VAL B 88 3.74 -9.96 49.32
C VAL B 88 2.90 -9.28 48.30
N ARG B 89 2.00 -9.97 47.66
CA ARG B 89 1.21 -9.47 46.53
C ARG B 89 -0.22 -9.23 46.97
N PHE B 90 -0.52 -7.99 47.35
CA PHE B 90 -1.87 -7.64 47.77
C PHE B 90 -2.82 -7.66 46.59
N TYR B 91 -4.02 -8.18 46.81
CA TYR B 91 -5.00 -8.26 45.74
C TYR B 91 -6.40 -8.09 46.31
N ASN B 92 -7.33 -7.75 45.41
CA ASN B 92 -8.76 -7.59 45.67
C ASN B 92 -9.15 -6.50 46.66
N GLN B 93 -9.04 -5.26 46.22
CA GLN B 93 -9.66 -4.13 46.91
C GLN B 93 -10.62 -3.44 45.97
N SER B 94 -11.52 -2.68 46.58
CA SER B 94 -12.62 -2.04 45.86
C SER B 94 -12.66 -0.53 46.02
N ILE B 95 -11.73 0.05 46.77
CA ILE B 95 -11.84 1.48 47.04
C ILE B 95 -11.44 2.28 45.80
N ASN B 96 -10.29 1.97 45.21
CA ASN B 96 -9.82 2.65 44.01
C ASN B 96 -9.82 1.64 42.85
N THR B 97 -10.86 1.68 42.03
CA THR B 97 -10.96 0.80 40.86
C THR B 97 -11.24 1.60 39.61
N PRO B 98 -10.31 2.48 39.21
CA PRO B 98 -10.54 3.32 38.02
C PRO B 98 -10.37 2.55 36.71
N MET B 99 -11.03 3.06 35.66
CA MET B 99 -10.75 2.57 34.32
C MET B 99 -9.39 3.07 33.86
N VAL B 100 -8.77 2.32 32.94
CA VAL B 100 -7.49 2.76 32.39
C VAL B 100 -7.62 4.14 31.75
N LEU B 101 -8.80 4.48 31.24
CA LEU B 101 -9.00 5.77 30.61
C LEU B 101 -9.04 6.92 31.61
N ASN B 102 -9.39 6.64 32.87
CA ASN B 102 -9.51 7.71 33.85
C ASN B 102 -8.45 7.65 34.96
N VAL B 103 -7.40 6.84 34.83
CA VAL B 103 -6.30 6.93 35.78
C VAL B 103 -5.70 8.32 35.65
N GLY B 104 -5.49 8.99 36.77
CA GLY B 104 -5.07 10.37 36.71
C GLY B 104 -4.42 10.87 37.98
N SER B 105 -4.44 12.19 38.12
CA SER B 105 -3.64 12.86 39.16
C SER B 105 -4.13 12.55 40.57
N ALA B 106 -5.32 11.98 40.72
CA ALA B 106 -5.82 11.67 42.06
C ALA B 106 -5.19 10.41 42.61
N TYR B 107 -4.72 9.53 41.73
CA TYR B 107 -4.20 8.22 42.19
C TYR B 107 -2.67 8.20 42.18
N ILE B 108 -2.04 9.38 42.08
CA ILE B 108 -0.55 9.46 42.07
C ILE B 108 -0.02 8.90 43.39
N ASN B 109 0.84 7.88 43.32
CA ASN B 109 1.43 7.24 44.53
C ASN B 109 0.32 6.66 45.41
N LYS B 110 -0.68 6.01 44.80
CA LYS B 110 -1.78 5.42 45.55
C LYS B 110 -2.04 4.02 44.99
N PHE B 111 -2.62 3.15 45.83
CA PHE B 111 -2.97 1.80 45.39
C PHE B 111 -4.15 1.85 44.42
N VAL B 112 -4.05 1.06 43.35
CA VAL B 112 -5.02 1.02 42.26
C VAL B 112 -5.12 -0.39 41.72
N SER B 113 -6.35 -0.83 41.48
CA SER B 113 -6.63 -2.08 40.77
C SER B 113 -7.48 -1.74 39.56
N ILE B 114 -7.07 -2.22 38.39
CA ILE B 114 -7.76 -1.92 37.13
C ILE B 114 -8.03 -3.22 36.39
N ASP B 115 -9.24 -3.36 35.87
CA ASP B 115 -9.59 -4.50 35.01
C ASP B 115 -9.08 -4.21 33.60
N ALA B 116 -8.08 -4.96 33.13
CA ALA B 116 -7.30 -4.52 31.99
C ALA B 116 -7.12 -5.62 30.95
N LEU B 117 -6.96 -5.17 29.71
CA LEU B 117 -6.59 -6.00 28.58
C LEU B 117 -5.13 -5.74 28.24
N VAL B 118 -4.29 -6.77 28.35
CA VAL B 118 -2.91 -6.66 27.93
C VAL B 118 -2.85 -6.54 26.42
N VAL B 119 -2.08 -5.56 25.93
CA VAL B 119 -1.97 -5.29 24.50
C VAL B 119 -0.56 -5.55 24.01
N LYS B 120 0.44 -5.25 24.83
CA LYS B 120 1.80 -5.46 24.41
C LYS B 120 2.64 -5.90 25.60
N ARG B 121 3.72 -6.63 25.31
CA ARG B 121 4.71 -6.98 26.31
C ARG B 121 6.10 -6.82 25.72
N SER B 122 7.06 -6.36 26.54
CA SER B 122 8.40 -6.09 26.06
C SER B 122 9.33 -7.27 26.34
N ASP B 123 10.59 -7.14 25.90
CA ASP B 123 11.61 -8.12 26.19
C ASP B 123 12.03 -8.04 27.65
N ILE B 124 12.61 -9.13 28.13
CA ILE B 124 13.05 -9.21 29.52
C ILE B 124 14.34 -8.41 29.65
N ARG B 125 14.35 -7.43 30.53
CA ARG B 125 15.51 -6.59 30.71
C ARG B 125 16.03 -6.64 32.12
N PRO B 126 17.11 -7.36 32.35
CA PRO B 126 17.69 -7.45 33.69
C PRO B 126 18.03 -6.08 34.26
N LYS B 127 17.66 -5.88 35.54
CA LYS B 127 17.77 -4.61 36.24
C LYS B 127 18.37 -4.88 37.61
N ILE B 128 19.29 -4.02 38.01
CA ILE B 128 20.09 -4.24 39.21
C ILE B 128 19.29 -3.89 40.44
N ARG B 129 19.48 -4.67 41.51
CA ARG B 129 18.95 -4.35 42.82
C ARG B 129 20.05 -4.06 43.81
N ASP B 130 20.94 -5.01 44.09
CA ASP B 130 22.01 -4.80 45.06
C ASP B 130 23.26 -4.38 44.30
N ALA B 131 23.29 -3.11 43.95
CA ALA B 131 24.36 -2.52 43.20
C ALA B 131 25.69 -2.45 43.91
N VAL B 132 26.73 -2.31 43.11
CA VAL B 132 28.09 -2.22 43.57
C VAL B 132 28.84 -1.28 42.65
N PHE B 133 29.37 -0.20 43.19
CA PHE B 133 30.09 0.76 42.37
C PHE B 133 31.57 0.85 42.71
N VAL B 134 32.36 1.30 41.74
CA VAL B 134 33.83 1.47 41.95
C VAL B 134 34.24 2.84 41.38
N CYS B 135 35.17 3.51 42.00
CA CYS B 135 35.57 4.76 41.46
C CYS B 135 36.69 4.46 40.49
N THR B 136 36.90 5.33 39.52
CA THR B 136 38.04 5.18 38.57
C THR B 136 39.24 5.94 39.11
N PHE B 137 39.15 6.55 40.30
CA PHE B 137 40.24 7.23 40.94
C PHE B 137 40.69 6.56 42.25
N CYS B 138 39.87 6.47 43.29
CA CYS B 138 40.36 5.88 44.52
C CYS B 138 40.13 4.41 44.70
N ASN B 139 39.57 3.76 43.71
CA ASN B 139 39.27 2.32 43.68
C ASN B 139 38.58 1.77 44.93
N ALA B 140 37.69 2.56 45.55
CA ALA B 140 36.95 2.11 46.68
C ALA B 140 35.63 1.55 46.17
N LYS B 141 34.76 1.17 47.09
CA LYS B 141 33.54 0.57 46.60
C LYS B 141 32.30 1.09 47.28
N VAL B 142 31.26 1.39 46.54
CA VAL B 142 30.06 1.84 47.19
C VAL B 142 29.00 0.81 46.91
N LYS B 143 28.23 0.43 47.91
CA LYS B 143 27.19 -0.50 47.67
C LYS B 143 25.88 0.20 47.79
N ALA B 144 24.86 -0.27 47.08
CA ALA B 144 23.54 0.36 47.12
C ALA B 144 22.39 -0.48 46.59
N ASN B 145 21.27 -0.42 47.30
CA ASN B 145 20.05 -1.03 46.75
C ASN B 145 19.36 0.04 45.91
N LEU B 146 19.36 -0.16 44.61
CA LEU B 146 18.80 0.79 43.67
C LEU B 146 17.31 0.99 43.78
N GLU B 147 16.61 0.00 44.30
CA GLU B 147 15.18 0.15 44.53
C GLU B 147 14.91 1.13 45.67
N LYS B 148 15.60 0.95 46.80
CA LYS B 148 15.35 1.83 47.94
C LYS B 148 16.14 3.13 47.86
N GLU B 149 17.32 3.10 47.28
CA GLU B 149 18.08 4.31 47.26
C GLU B 149 18.29 4.83 45.88
N GLU B 150 18.64 6.11 45.75
CA GLU B 150 18.91 6.69 44.46
C GLU B 150 20.33 6.39 44.05
N ILE B 151 20.65 6.55 42.78
CA ILE B 151 21.99 6.28 42.29
C ILE B 151 22.95 7.24 42.92
N PRO B 152 24.10 6.73 43.36
CA PRO B 152 25.12 7.52 44.03
C PRO B 152 25.92 8.27 43.02
N LYS B 153 25.74 9.58 43.03
CA LYS B 153 26.41 10.47 42.10
C LYS B 153 27.93 10.58 42.21
N VAL B 154 28.44 10.76 43.41
CA VAL B 154 29.91 11.02 43.58
C VAL B 154 30.53 10.01 44.54
N CYS B 155 31.83 9.96 44.65
CA CYS B 155 32.45 9.03 45.53
C CYS B 155 32.51 9.63 46.87
N PRO B 156 32.27 8.85 47.92
CA PRO B 156 32.49 9.44 49.23
C PRO B 156 33.97 9.82 49.44
N GLU B 157 34.94 9.16 48.83
CA GLU B 157 36.35 9.48 49.07
C GLU B 157 36.93 10.66 48.28
N CYS B 158 36.96 10.58 46.96
CA CYS B 158 37.53 11.64 46.13
C CYS B 158 36.59 12.79 45.79
N LYS B 159 35.32 12.66 46.18
CA LYS B 159 34.32 13.69 45.93
C LYS B 159 34.28 14.19 44.48
N LYS B 160 34.05 13.27 43.55
CA LYS B 160 33.95 13.61 42.16
C LYS B 160 33.17 12.48 41.52
N ARG B 161 32.58 12.79 40.42
CA ARG B 161 31.68 11.84 39.73
C ARG B 161 32.51 10.90 38.87
N THR B 162 32.98 9.84 39.49
CA THR B 162 33.75 8.88 38.81
C THR B 162 33.39 7.45 39.20
N LEU B 163 32.18 7.22 39.68
CA LEU B 163 31.70 5.87 40.10
C LEU B 163 31.26 5.06 38.87
N LYS B 164 31.79 3.86 38.70
CA LYS B 164 31.42 3.01 37.59
C LYS B 164 30.69 1.80 38.12
N ILE B 165 29.48 1.61 37.65
CA ILE B 165 28.68 0.50 38.08
C ILE B 165 29.40 -0.79 37.78
N VAL B 166 29.63 -1.60 38.79
CA VAL B 166 30.28 -2.86 38.57
C VAL B 166 29.21 -3.91 38.54
N PRO B 167 28.99 -4.45 37.35
CA PRO B 167 27.93 -5.43 37.18
C PRO B 167 28.21 -6.79 37.71
N GLU B 168 29.41 -7.30 37.50
CA GLU B 168 29.68 -8.68 37.91
C GLU B 168 29.47 -8.89 39.40
N GLU B 169 29.51 -7.82 40.20
CA GLU B 169 29.28 -7.92 41.63
C GLU B 169 27.87 -7.55 42.04
N SER B 170 27.10 -6.90 41.16
CA SER B 170 25.74 -6.49 41.46
C SER B 170 24.77 -7.65 41.27
N SER B 171 23.61 -7.54 41.91
CA SER B 171 22.53 -8.51 41.77
C SER B 171 21.56 -8.02 40.69
N PHE B 172 20.75 -8.96 40.19
CA PHE B 172 19.86 -8.67 39.06
C PHE B 172 18.51 -9.34 39.27
N PHE B 173 17.49 -8.75 38.69
CA PHE B 173 16.16 -9.30 38.69
C PHE B 173 15.51 -8.90 37.39
N ASN B 174 14.59 -9.72 36.91
CA ASN B 174 13.92 -9.47 35.65
C ASN B 174 12.95 -8.33 35.66
N SER B 175 12.77 -7.69 34.52
CA SER B 175 11.90 -6.54 34.36
C SER B 175 11.21 -6.61 33.01
N GLN B 176 9.94 -6.18 32.97
CA GLN B 176 9.19 -6.19 31.71
C GLN B 176 8.26 -4.99 31.68
N LYS B 177 8.00 -4.48 30.48
CA LYS B 177 7.06 -3.38 30.27
C LYS B 177 5.88 -3.91 29.45
N ILE B 178 4.66 -3.79 29.99
CA ILE B 178 3.46 -4.16 29.26
C ILE B 178 2.65 -2.91 28.97
N ALA B 179 1.86 -2.99 27.91
CA ALA B 179 0.84 -2.00 27.57
C ALA B 179 -0.53 -2.53 27.98
N VAL B 180 -1.37 -1.64 28.54
CA VAL B 180 -2.67 -2.01 29.11
C VAL B 180 -3.75 -1.01 28.75
N GLN B 181 -4.92 -1.53 28.39
CA GLN B 181 -6.06 -0.81 27.84
C GLN B 181 -7.31 -1.26 28.58
N ASP B 182 -8.36 -0.55 28.39
CA ASP B 182 -9.62 -1.02 28.91
C ASP B 182 -10.09 -2.19 28.04
N PRO B 183 -10.73 -3.18 28.63
CA PRO B 183 -11.39 -4.20 27.81
C PRO B 183 -12.36 -3.50 26.86
N LEU B 184 -12.38 -3.95 25.60
CA LEU B 184 -13.33 -3.36 24.65
C LEU B 184 -14.76 -3.62 25.08
N GLU B 185 -14.97 -4.55 26.01
CA GLU B 185 -16.31 -4.78 26.54
C GLU B 185 -16.83 -3.61 27.36
N ARG B 186 -15.93 -2.86 28.01
CA ARG B 186 -16.37 -1.75 28.85
C ARG B 186 -16.51 -0.42 28.11
N LEU B 187 -16.07 -0.34 26.85
CA LEU B 187 -16.12 0.90 26.09
C LEU B 187 -17.43 1.01 25.31
N SER B 188 -18.05 2.19 25.38
CA SER B 188 -19.31 2.45 24.67
C SER B 188 -19.04 3.03 23.28
N GLY B 189 -18.22 4.07 23.20
CA GLY B 189 -17.93 4.71 21.94
C GLY B 189 -16.67 4.19 21.27
N SER B 190 -15.87 5.09 20.75
CA SER B 190 -14.65 4.72 20.04
C SER B 190 -13.57 4.30 21.04
N ILE B 191 -12.65 3.49 20.55
CA ILE B 191 -11.54 3.03 21.41
C ILE B 191 -10.68 4.23 21.78
N PRO B 192 -10.18 4.31 23.02
CA PRO B 192 -9.17 5.33 23.33
C PRO B 192 -7.95 5.19 22.42
N THR B 193 -7.35 6.33 22.10
CA THR B 193 -6.16 6.39 21.26
C THR B 193 -4.88 6.13 22.05
N TRP B 194 -4.98 5.56 23.25
CA TRP B 194 -3.79 5.41 24.09
C TRP B 194 -3.94 4.23 25.04
N GLN B 195 -2.80 3.89 25.64
CA GLN B 195 -2.70 2.78 26.59
C GLN B 195 -1.90 3.25 27.80
N LEU B 196 -1.93 2.44 28.86
CA LEU B 196 -1.21 2.71 30.09
C LEU B 196 0.03 1.84 30.14
N GLU B 197 1.17 2.47 30.44
CA GLU B 197 2.41 1.75 30.64
C GLU B 197 2.42 1.08 32.01
N ALA B 198 2.90 -0.16 32.07
CA ALA B 198 2.92 -0.92 33.31
C ALA B 198 4.22 -1.73 33.37
N TRP B 199 4.67 -2.04 34.59
CA TRP B 199 5.98 -2.62 34.79
C TRP B 199 5.89 -3.84 35.71
N LEU B 200 6.37 -4.97 35.21
CA LEU B 200 6.38 -6.20 35.97
C LEU B 200 7.79 -6.54 36.35
N ASP B 201 7.99 -7.01 37.57
CA ASP B 201 9.31 -7.34 38.07
C ASP B 201 9.39 -8.75 38.65
N ASP B 202 10.53 -9.39 38.51
CA ASP B 202 10.78 -10.72 39.03
C ASP B 202 9.84 -11.77 38.53
N ASP B 203 9.13 -12.44 39.43
CA ASP B 203 8.19 -13.49 39.05
C ASP B 203 6.97 -13.03 38.30
N LEU B 204 6.61 -11.76 38.43
CA LEU B 204 5.50 -11.18 37.71
C LEU B 204 5.75 -11.20 36.21
N VAL B 205 6.99 -11.00 35.79
CA VAL B 205 7.39 -11.04 34.40
C VAL B 205 6.85 -12.24 33.63
N ASN B 206 6.35 -11.96 32.41
CA ASN B 206 5.77 -12.90 31.45
C ASN B 206 4.52 -13.59 31.97
N MET B 207 3.93 -13.09 33.04
CA MET B 207 2.64 -13.54 33.53
C MET B 207 1.48 -12.74 32.95
N ALA B 208 1.76 -11.71 32.14
CA ALA B 208 0.75 -10.89 31.49
C ALA B 208 1.01 -10.98 29.98
N ILE B 209 0.16 -11.70 29.27
CA ILE B 209 0.45 -12.07 27.90
C ILE B 209 -0.47 -11.20 27.04
N PRO B 210 -0.06 -10.69 25.89
CA PRO B 210 -1.01 -9.89 25.09
C PRO B 210 -2.30 -10.65 24.80
N GLY B 211 -3.44 -10.01 25.10
CA GLY B 211 -4.76 -10.58 24.91
C GLY B 211 -5.46 -10.94 26.20
N ASP B 212 -4.71 -11.32 27.23
CA ASP B 212 -5.32 -11.68 28.49
C ASP B 212 -6.08 -10.50 29.09
N ARG B 213 -7.03 -10.84 29.97
CA ARG B 213 -7.78 -9.87 30.76
C ARG B 213 -7.49 -10.18 32.23
N ILE B 214 -6.74 -9.29 32.88
CA ILE B 214 -6.27 -9.47 34.24
C ILE B 214 -6.70 -8.24 35.05
N GLU B 215 -7.11 -8.42 36.32
CA GLU B 215 -7.28 -7.30 37.23
C GLU B 215 -5.82 -7.03 37.74
N ILE B 216 -5.17 -5.96 37.28
CA ILE B 216 -3.79 -5.59 37.60
C ILE B 216 -3.84 -4.55 38.70
N SER B 217 -3.18 -4.83 39.83
CA SER B 217 -3.08 -3.87 40.92
C SER B 217 -1.64 -3.38 41.05
N GLY B 218 -1.48 -2.22 41.68
CA GLY B 218 -0.17 -1.64 41.84
C GLY B 218 -0.28 -0.18 42.25
N VAL B 219 0.87 0.48 42.24
CA VAL B 219 0.99 1.85 42.71
C VAL B 219 1.21 2.71 41.49
N LEU B 220 0.30 3.66 41.22
CA LEU B 220 0.53 4.57 40.10
C LEU B 220 1.71 5.50 40.44
N LYS B 221 2.54 5.79 39.43
CA LYS B 221 3.72 6.65 39.60
C LYS B 221 3.74 7.65 38.45
N ILE B 222 4.53 8.71 38.61
CA ILE B 222 4.68 9.72 37.57
C ILE B 222 6.16 9.95 37.31
N ARG B 223 6.42 10.43 36.12
CA ARG B 223 7.73 10.80 35.65
C ARG B 223 7.54 11.99 34.76
N PRO B 224 8.54 12.83 34.62
CA PRO B 224 8.36 14.00 33.78
C PRO B 224 8.14 13.62 32.35
N ARG B 225 7.23 14.32 31.69
CA ARG B 225 6.91 14.06 30.31
C ARG B 225 7.93 14.59 29.34
N LYS B 226 7.95 14.04 28.15
CA LYS B 226 8.89 14.47 27.14
C LYS B 226 8.18 14.85 25.87
N ASP B 227 8.66 15.88 25.18
CA ASP B 227 8.05 16.33 23.89
C ASP B 227 8.46 15.38 22.77
N SER B 228 7.87 15.56 21.58
CA SER B 228 8.28 14.76 20.43
C SER B 228 9.78 14.87 20.21
N ARG B 229 10.31 16.09 20.35
CA ARG B 229 11.74 16.35 20.22
C ARG B 229 12.52 15.90 21.45
N GLY B 230 11.85 15.31 22.44
CA GLY B 230 12.52 14.84 23.64
C GLY B 230 12.75 15.87 24.71
N LYS B 231 12.34 17.11 24.47
CA LYS B 231 12.49 18.14 25.46
C LYS B 231 11.48 17.83 26.53
N VAL B 232 11.85 18.09 27.76
CA VAL B 232 10.99 17.77 28.86
C VAL B 232 10.12 18.92 29.27
N ASP B 233 8.83 18.65 29.34
CA ASP B 233 7.84 19.62 29.74
C ASP B 233 8.10 20.03 31.17
N PRO B 234 7.84 21.28 31.46
CA PRO B 234 8.14 21.88 32.77
C PRO B 234 7.34 21.31 33.94
N SER B 235 6.03 21.40 33.85
CA SER B 235 5.13 21.04 34.93
C SER B 235 4.17 19.94 34.46
N ILE B 236 4.46 19.40 33.30
CA ILE B 236 3.66 18.35 32.75
C ILE B 236 4.36 17.02 32.95
N TYR B 237 3.64 16.04 33.47
CA TYR B 237 4.21 14.74 33.79
C TYR B 237 3.47 13.58 33.17
N SER B 238 4.11 12.43 33.05
CA SER B 238 3.47 11.26 32.50
C SER B 238 3.14 10.26 33.59
N MET B 239 2.59 9.12 33.24
CA MET B 239 2.14 8.13 34.23
C MET B 239 2.59 6.73 33.83
N TYR B 240 2.71 5.87 34.84
CA TYR B 240 3.10 4.48 34.65
C TYR B 240 2.79 3.72 35.95
N LEU B 241 2.30 2.49 35.81
CA LEU B 241 1.88 1.68 36.94
C LEU B 241 2.98 0.68 37.29
N ASN B 242 3.34 0.63 38.57
CA ASN B 242 4.29 -0.36 39.08
C ASN B 242 3.48 -1.50 39.66
N VAL B 243 3.35 -2.58 38.90
CA VAL B 243 2.45 -3.66 39.27
C VAL B 243 2.96 -4.39 40.51
N THR B 244 2.06 -4.67 41.44
CA THR B 244 2.37 -5.51 42.59
C THR B 244 1.49 -6.76 42.66
N SER B 245 0.46 -6.89 41.83
CA SER B 245 -0.36 -8.10 41.89
C SER B 245 -1.09 -8.27 40.57
N LEU B 246 -1.27 -9.52 40.17
CA LEU B 246 -1.92 -9.90 38.91
C LEU B 246 -2.91 -11.01 39.23
N GLU B 247 -4.21 -10.70 39.26
CA GLU B 247 -5.22 -11.71 39.56
C GLU B 247 -6.04 -11.96 38.30
N THR B 248 -6.21 -13.23 37.97
CA THR B 248 -6.98 -13.59 36.79
C THR B 248 -8.31 -14.21 37.13
N LYS B 249 -9.38 -13.46 36.90
CA LYS B 249 -10.71 -13.98 37.13
C LYS B 249 -11.05 -15.09 36.14
N GLN B 250 -10.57 -14.96 34.91
CA GLN B 250 -10.90 -15.93 33.87
C GLN B 250 -10.43 -17.32 34.22
N LYS B 251 -9.18 -17.46 34.67
CA LYS B 251 -8.67 -18.75 35.12
C LYS B 251 -8.94 -19.95 34.23
N GLU B 252 -8.22 -20.11 33.12
CA GLU B 252 -8.40 -21.28 32.25
C GLU B 252 -8.32 -22.66 32.94
N PHE B 253 -8.89 -23.67 32.30
CA PHE B 253 -9.09 -24.98 32.91
C PHE B 253 -7.89 -25.64 33.53
N ALA B 254 -6.75 -25.61 32.88
CA ALA B 254 -5.58 -26.22 33.51
C ALA B 254 -5.17 -25.47 34.78
N ASP B 255 -5.26 -24.15 34.72
CA ASP B 255 -4.86 -23.31 35.83
C ASP B 255 -5.78 -23.30 37.04
N ILE B 256 -6.99 -23.81 36.91
CA ILE B 256 -7.93 -23.78 38.01
C ILE B 256 -7.45 -24.53 39.24
N ASP B 257 -7.74 -23.98 40.43
CA ASP B 257 -7.31 -24.59 41.69
C ASP B 257 -8.46 -25.27 42.45
N ILE B 258 -8.19 -26.45 43.03
CA ILE B 258 -9.22 -27.25 43.66
C ILE B 258 -8.71 -27.57 45.05
N SER B 259 -9.47 -27.20 46.07
CA SER B 259 -8.99 -27.37 47.42
C SER B 259 -9.33 -28.79 47.90
N GLU B 260 -8.98 -29.07 49.16
CA GLU B 260 -9.26 -30.38 49.69
C GLU B 260 -10.75 -30.53 49.84
N ASP B 261 -11.36 -29.50 50.38
CA ASP B 261 -12.78 -29.55 50.59
C ASP B 261 -13.48 -29.68 49.27
N GLU B 262 -13.05 -28.90 48.31
CA GLU B 262 -13.66 -28.94 47.00
C GLU B 262 -13.49 -30.30 46.38
N GLU B 263 -12.31 -30.90 46.53
CA GLU B 263 -12.06 -32.20 45.94
C GLU B 263 -13.03 -33.21 46.50
N ARG B 264 -13.27 -33.20 47.81
CA ARG B 264 -14.22 -34.16 48.38
C ARG B 264 -15.61 -33.90 47.84
N GLN B 265 -15.96 -32.63 47.71
CA GLN B 265 -17.25 -32.31 47.17
C GLN B 265 -17.36 -32.82 45.77
N ILE B 266 -16.32 -32.63 44.98
CA ILE B 266 -16.32 -33.07 43.61
C ILE B 266 -16.50 -34.56 43.52
N LYS B 267 -15.80 -35.31 44.36
CA LYS B 267 -15.92 -36.74 44.32
C LYS B 267 -17.32 -37.16 44.66
N GLU B 268 -17.88 -36.53 45.68
CA GLU B 268 -19.24 -36.80 46.13
C GLU B 268 -20.18 -36.74 44.96
N LEU B 269 -20.09 -35.67 44.17
CA LEU B 269 -20.86 -35.60 42.92
C LEU B 269 -20.77 -36.91 42.14
N SER B 270 -19.54 -37.36 41.88
CA SER B 270 -19.38 -38.52 41.00
C SER B 270 -20.37 -39.64 41.32
N LYS B 271 -20.72 -39.80 42.60
CA LYS B 271 -21.53 -40.94 43.03
C LYS B 271 -23.00 -40.77 42.68
N ASP B 272 -23.43 -39.62 42.22
CA ASP B 272 -24.78 -39.45 41.84
C ASP B 272 -24.97 -40.34 40.67
N PRO B 273 -26.00 -41.15 40.67
CA PRO B 273 -26.25 -41.98 39.51
C PRO B 273 -26.74 -41.20 38.32
N GLU B 274 -27.28 -40.00 38.46
CA GLU B 274 -27.72 -39.18 37.36
C GLU B 274 -26.78 -38.00 37.15
N ILE B 275 -25.51 -38.18 37.32
CA ILE B 275 -24.55 -37.08 37.26
C ILE B 275 -24.52 -36.52 35.83
N PHE B 276 -24.47 -37.40 34.84
CA PHE B 276 -24.35 -36.94 33.47
C PHE B 276 -25.59 -36.19 33.02
N ASN B 277 -26.76 -36.66 33.43
CA ASN B 277 -28.00 -35.99 33.06
C ASN B 277 -28.08 -34.60 33.69
N LYS B 278 -27.58 -34.46 34.92
CA LYS B 278 -27.50 -33.14 35.52
C LYS B 278 -26.60 -32.22 34.70
N VAL B 279 -25.39 -32.69 34.37
CA VAL B 279 -24.49 -31.87 33.56
C VAL B 279 -25.14 -31.54 32.23
N THR B 280 -25.83 -32.52 31.63
CA THR B 280 -26.51 -32.30 30.36
C THR B 280 -27.54 -31.19 30.47
N GLN B 281 -28.25 -31.14 31.59
CA GLN B 281 -29.22 -30.07 31.80
C GLN B 281 -28.58 -28.73 32.15
N SER B 282 -27.30 -28.70 32.50
CA SER B 282 -26.62 -27.43 32.73
C SER B 282 -25.94 -26.88 31.49
N VAL B 283 -26.05 -27.55 30.34
CA VAL B 283 -25.38 -27.08 29.13
C VAL B 283 -26.01 -25.78 28.63
N ALA B 284 -27.28 -25.84 28.27
CA ALA B 284 -28.05 -24.71 27.74
C ALA B 284 -29.28 -24.56 28.64
N PRO B 285 -29.11 -24.09 29.87
CA PRO B 285 -30.22 -24.07 30.83
C PRO B 285 -31.36 -23.15 30.45
N SER B 286 -31.24 -22.33 29.41
CA SER B 286 -32.30 -21.43 29.01
C SER B 286 -33.03 -21.86 27.74
N ILE B 287 -32.76 -23.07 27.24
CA ILE B 287 -33.42 -23.60 26.05
C ILE B 287 -34.20 -24.86 26.43
N TYR B 288 -35.32 -25.06 25.73
CA TYR B 288 -36.23 -26.17 25.99
C TYR B 288 -35.92 -27.30 25.03
N GLY B 289 -35.70 -28.50 25.57
CA GLY B 289 -35.51 -29.65 24.69
C GLY B 289 -34.19 -29.53 23.95
N TYR B 290 -34.12 -30.05 22.73
CA TYR B 290 -32.85 -30.19 22.04
C TYR B 290 -31.88 -31.04 22.85
N ASN B 291 -32.39 -32.06 23.56
CA ASN B 291 -31.57 -32.70 24.58
C ASN B 291 -30.39 -33.44 23.98
N GLU B 292 -30.59 -34.09 22.83
CA GLU B 292 -29.48 -34.85 22.25
C GLU B 292 -28.30 -33.93 21.97
N ILE B 293 -28.59 -32.73 21.48
CA ILE B 293 -27.55 -31.72 21.28
C ILE B 293 -26.84 -31.44 22.60
N LYS B 294 -27.61 -31.29 23.67
CA LYS B 294 -27.03 -30.98 24.97
C LYS B 294 -26.16 -32.14 25.47
N GLN B 295 -26.59 -33.38 25.22
CA GLN B 295 -25.77 -34.53 25.56
C GLN B 295 -24.42 -34.47 24.84
N ALA B 296 -24.45 -34.18 23.55
CA ALA B 296 -23.20 -34.11 22.79
C ALA B 296 -22.30 -33.00 23.34
N VAL B 297 -22.87 -31.82 23.57
CA VAL B 297 -22.07 -30.70 24.06
C VAL B 297 -21.47 -31.03 25.42
N ALA B 298 -22.26 -31.69 26.28
CA ALA B 298 -21.75 -32.09 27.58
C ALA B 298 -20.56 -33.02 27.45
N LEU B 299 -20.63 -33.98 26.53
CA LEU B 299 -19.48 -34.84 26.31
C LEU B 299 -18.30 -34.07 25.73
N GLN B 300 -18.58 -32.97 25.02
CA GLN B 300 -17.50 -32.14 24.48
C GLN B 300 -16.77 -31.38 25.58
N LEU B 301 -17.45 -31.10 26.64
CA LEU B 301 -16.83 -30.37 27.69
C LEU B 301 -15.75 -31.14 28.35
N PHE B 302 -15.88 -32.45 28.38
CA PHE B 302 -14.87 -33.31 28.98
C PHE B 302 -13.86 -33.77 27.94
N GLY B 303 -14.34 -34.27 26.82
CA GLY B 303 -13.46 -34.69 25.75
C GLY B 303 -12.87 -36.05 25.91
N GLY B 304 -12.10 -36.48 24.94
CA GLY B 304 -11.49 -37.79 25.02
C GLY B 304 -10.24 -37.83 25.85
N THR B 305 -9.64 -39.00 25.95
CA THR B 305 -8.43 -39.14 26.70
C THR B 305 -7.37 -38.42 25.94
N PRO B 306 -6.65 -37.54 26.60
CA PRO B 306 -5.60 -36.77 25.93
C PRO B 306 -4.24 -37.35 26.06
N GLY B 307 -3.40 -37.19 25.05
CA GLY B 307 -2.07 -37.67 25.13
C GLY B 307 -1.82 -39.00 24.53
N LYS B 308 -2.77 -39.53 23.83
CA LYS B 308 -2.57 -40.80 23.22
C LYS B 308 -1.67 -40.58 22.05
N LYS B 309 -0.72 -41.45 21.80
CA LYS B 309 0.15 -41.27 20.68
C LYS B 309 0.27 -42.59 19.99
N LEU B 310 0.39 -42.60 18.68
CA LEU B 310 0.49 -43.81 17.91
C LEU B 310 1.90 -44.33 17.86
N VAL B 311 2.15 -45.44 17.17
CA VAL B 311 3.49 -46.02 17.07
C VAL B 311 4.46 -45.08 16.36
N ASP B 312 4.02 -44.41 15.29
CA ASP B 312 4.91 -43.45 14.63
C ASP B 312 5.01 -42.11 15.36
N GLY B 313 4.43 -42.00 16.56
CA GLY B 313 4.47 -40.79 17.33
C GLY B 313 3.36 -39.81 17.00
N GLY B 314 2.49 -40.14 16.07
CA GLY B 314 1.47 -39.21 15.66
C GLY B 314 0.54 -38.93 16.76
N GLN B 315 -0.04 -37.72 16.97
CA GLN B 315 -0.88 -37.48 18.06
C GLN B 315 -2.25 -37.99 17.75
N ILE B 316 -3.03 -38.18 18.79
CA ILE B 316 -4.34 -38.68 18.64
C ILE B 316 -5.27 -37.66 19.20
N ARG B 317 -6.24 -37.23 18.45
CA ARG B 317 -7.14 -36.22 18.90
C ARG B 317 -8.14 -36.64 19.98
N SER B 318 -8.31 -35.83 21.01
CA SER B 318 -9.31 -36.03 22.05
C SER B 318 -10.44 -35.02 21.98
N ASP B 319 -10.13 -33.79 21.59
CA ASP B 319 -11.15 -32.76 21.43
C ASP B 319 -12.18 -33.18 20.40
N MET B 320 -13.44 -32.84 20.66
CA MET B 320 -14.56 -33.23 19.81
C MET B 320 -15.10 -32.03 19.05
N HIS B 321 -15.69 -32.30 17.88
CA HIS B 321 -16.24 -31.26 17.02
C HIS B 321 -17.70 -31.55 16.73
N ILE B 322 -18.55 -30.54 16.85
CA ILE B 322 -19.99 -30.68 16.70
C ILE B 322 -20.51 -29.57 15.81
N LEU B 323 -21.19 -29.92 14.73
CA LEU B 323 -21.75 -28.95 13.83
C LEU B 323 -23.27 -28.99 13.91
N LEU B 324 -23.89 -27.85 14.16
CA LEU B 324 -25.33 -27.78 14.27
C LEU B 324 -25.91 -27.06 13.10
N ILE B 325 -26.57 -27.77 12.21
CA ILE B 325 -27.19 -27.13 11.07
C ILE B 325 -28.64 -27.03 11.35
N GLY B 326 -29.24 -25.90 11.05
CA GLY B 326 -30.64 -25.74 11.30
C GLY B 326 -31.24 -24.55 10.63
N ASP B 327 -32.57 -24.47 10.69
CA ASP B 327 -33.33 -23.39 10.10
C ASP B 327 -33.27 -22.19 10.97
N PRO B 328 -33.60 -20.97 10.49
CA PRO B 328 -33.64 -19.82 11.38
C PRO B 328 -34.62 -20.03 12.54
N GLY B 329 -34.35 -19.39 13.68
CA GLY B 329 -35.24 -19.49 14.85
C GLY B 329 -35.01 -20.77 15.62
N SER B 330 -34.06 -21.61 15.20
CA SER B 330 -33.87 -22.84 15.87
C SER B 330 -32.94 -22.87 17.03
N ALA B 331 -32.56 -21.72 17.54
CA ALA B 331 -31.84 -21.44 18.78
C ALA B 331 -30.39 -21.89 18.70
N LYS B 332 -29.81 -21.85 17.54
CA LYS B 332 -28.45 -22.23 17.38
C LYS B 332 -27.51 -21.28 18.11
N THR B 333 -27.56 -20.01 17.76
CA THR B 333 -26.61 -19.05 18.30
C THR B 333 -26.68 -18.98 19.83
N ARG B 334 -27.89 -19.09 20.42
CA ARG B 334 -28.06 -19.10 21.88
C ARG B 334 -27.31 -20.27 22.52
N ILE B 335 -27.33 -21.45 21.90
CA ILE B 335 -26.56 -22.57 22.43
C ILE B 335 -25.06 -22.28 22.34
N LEU B 336 -24.62 -21.78 21.18
CA LEU B 336 -23.19 -21.50 21.03
C LEU B 336 -22.72 -20.50 22.08
N GLN B 337 -23.45 -19.39 22.23
CA GLN B 337 -23.04 -18.35 23.17
C GLN B 337 -23.08 -18.86 24.60
N SER B 338 -24.07 -19.68 24.94
CA SER B 338 -24.16 -20.21 26.29
C SER B 338 -23.00 -21.14 26.60
N VAL B 339 -22.63 -22.01 25.66
CA VAL B 339 -21.51 -22.91 25.91
C VAL B 339 -20.20 -22.12 26.00
N SER B 340 -20.08 -21.05 25.19
CA SER B 340 -18.88 -20.21 25.29
C SER B 340 -18.81 -19.52 26.66
N ARG B 341 -19.95 -19.06 27.18
CA ARG B 341 -19.95 -18.45 28.51
C ARG B 341 -19.63 -19.47 29.59
N LEU B 342 -20.08 -20.71 29.41
CA LEU B 342 -19.82 -21.73 30.43
C LEU B 342 -18.33 -22.04 30.55
N VAL B 343 -17.70 -22.39 29.45
CA VAL B 343 -16.30 -22.70 29.49
C VAL B 343 -15.52 -21.44 29.76
N PRO B 344 -14.43 -21.51 30.52
CA PRO B 344 -13.67 -20.29 30.74
C PRO B 344 -13.02 -19.74 29.52
N LYS B 345 -12.51 -20.60 28.65
CA LYS B 345 -11.87 -20.15 27.44
C LYS B 345 -12.93 -20.07 26.39
N GLY B 346 -13.78 -19.07 26.48
CA GLY B 346 -14.91 -18.95 25.57
C GLY B 346 -14.61 -18.03 24.40
N ILE B 347 -14.60 -18.55 23.18
CA ILE B 347 -14.52 -17.72 21.99
C ILE B 347 -15.80 -17.95 21.20
N TYR B 348 -16.49 -16.87 20.84
CA TYR B 348 -17.62 -16.91 19.94
C TYR B 348 -17.30 -16.01 18.74
N VAL B 349 -17.49 -16.53 17.54
CA VAL B 349 -17.00 -15.84 16.35
C VAL B 349 -17.81 -16.26 15.14
N SER B 350 -18.10 -15.31 14.27
CA SER B 350 -18.76 -15.60 13.01
C SER B 350 -17.75 -16.13 12.00
N GLY B 351 -18.22 -17.03 11.14
CA GLY B 351 -17.35 -17.62 10.13
C GLY B 351 -17.04 -16.71 8.96
N LYS B 352 -17.84 -15.68 8.73
CA LYS B 352 -17.54 -14.71 7.69
C LYS B 352 -16.27 -13.96 8.05
N SER B 353 -15.39 -13.79 7.06
CA SER B 353 -14.09 -13.18 7.29
C SER B 353 -13.60 -12.52 6.00
N VAL B 354 -12.69 -11.56 6.17
CA VAL B 354 -12.01 -10.94 5.06
C VAL B 354 -10.69 -11.67 4.95
N THR B 355 -10.11 -11.68 3.75
CA THR B 355 -8.84 -12.37 3.60
C THR B 355 -7.82 -11.80 4.57
N GLY B 356 -7.14 -12.68 5.30
CA GLY B 356 -6.25 -12.27 6.37
C GLY B 356 -6.92 -12.05 7.70
N GLY B 357 -8.23 -12.23 7.79
CA GLY B 357 -8.92 -12.11 9.06
C GLY B 357 -9.65 -13.39 9.41
N GLY B 358 -9.12 -14.52 8.96
CA GLY B 358 -9.81 -15.79 9.06
C GLY B 358 -9.68 -16.43 10.43
N LEU B 359 -10.38 -17.56 10.56
CA LEU B 359 -10.32 -18.35 11.79
C LEU B 359 -8.99 -19.06 11.91
N THR B 360 -8.46 -19.55 10.79
CA THR B 360 -7.17 -20.22 10.73
C THR B 360 -6.03 -19.26 10.44
N ALA B 361 -6.24 -17.96 10.61
CA ALA B 361 -5.18 -16.98 10.42
C ALA B 361 -4.00 -17.29 11.32
N VAL B 362 -2.79 -17.21 10.76
CA VAL B 362 -1.56 -17.42 11.50
C VAL B 362 -0.55 -16.37 11.08
N ALA B 363 0.40 -16.09 11.97
CA ALA B 363 1.38 -15.04 11.72
C ALA B 363 2.30 -15.41 10.55
N GLU B 364 2.84 -14.37 9.91
CA GLU B 364 3.77 -14.53 8.79
C GLU B 364 4.93 -13.55 8.95
N ARG B 365 6.13 -14.04 8.65
CA ARG B 365 7.37 -13.30 8.82
C ARG B 365 7.35 -11.97 8.08
N ASP B 366 7.59 -10.88 8.79
CA ASP B 366 7.63 -9.56 8.17
C ASP B 366 8.62 -8.69 8.92
N ASP B 367 9.70 -8.25 8.27
CA ASP B 367 10.69 -7.40 8.92
C ASP B 367 10.11 -6.04 9.22
N PHE B 368 9.24 -5.53 8.35
CA PHE B 368 8.65 -4.22 8.61
C PHE B 368 7.91 -4.22 9.93
N SER B 369 7.14 -5.27 10.20
CA SER B 369 6.41 -5.37 11.46
C SER B 369 7.38 -5.50 12.64
N GLU B 370 7.05 -4.84 13.75
CA GLU B 370 7.90 -4.93 14.93
C GLU B 370 7.74 -6.31 15.58
N GLY B 371 8.87 -6.96 15.83
CA GLY B 371 8.88 -8.35 16.22
C GLY B 371 9.25 -9.31 15.12
N GLY B 372 9.22 -8.87 13.86
CA GLY B 372 9.52 -9.75 12.76
C GLY B 372 8.41 -10.71 12.40
N TRP B 373 7.20 -10.47 12.89
CA TRP B 373 6.06 -11.34 12.64
C TRP B 373 4.81 -10.48 12.58
N THR B 374 3.96 -10.70 11.58
CA THR B 374 2.72 -9.95 11.49
C THR B 374 1.82 -10.31 12.67
N LEU B 375 0.99 -9.35 13.06
CA LEU B 375 0.08 -9.52 14.20
C LEU B 375 -1.20 -10.19 13.71
N LYS B 376 -1.09 -11.49 13.41
CA LYS B 376 -2.19 -12.27 12.85
C LYS B 376 -2.38 -13.51 13.70
N ALA B 377 -3.55 -13.61 14.34
CA ALA B 377 -3.90 -14.78 15.14
C ALA B 377 -5.42 -14.90 15.16
N GLY B 378 -5.94 -15.97 14.55
CA GLY B 378 -7.36 -16.22 14.52
C GLY B 378 -7.82 -16.97 15.76
N ALA B 379 -9.06 -17.50 15.67
CA ALA B 379 -9.64 -18.18 16.81
C ALA B 379 -9.02 -19.55 17.03
N MET B 380 -8.64 -20.25 15.95
CA MET B 380 -8.10 -21.59 16.10
C MET B 380 -6.78 -21.57 16.88
N VAL B 381 -5.94 -20.56 16.64
CA VAL B 381 -4.69 -20.46 17.37
C VAL B 381 -4.91 -19.88 18.76
N LEU B 382 -5.93 -19.04 18.93
CA LEU B 382 -6.25 -18.46 20.22
C LEU B 382 -7.15 -19.37 21.08
N GLY B 383 -7.52 -20.51 20.54
CA GLY B 383 -8.37 -21.43 21.23
C GLY B 383 -7.82 -22.02 22.49
N ASN B 384 -6.57 -22.45 22.43
CA ASN B 384 -5.89 -23.02 23.58
C ASN B 384 -6.68 -24.14 24.21
N GLY B 385 -7.10 -25.10 23.41
CA GLY B 385 -7.82 -26.24 23.94
C GLY B 385 -9.09 -25.88 24.66
N GLY B 386 -9.82 -24.96 24.09
CA GLY B 386 -11.06 -24.50 24.64
C GLY B 386 -12.14 -24.62 23.59
N ILE B 387 -13.37 -24.52 23.99
CA ILE B 387 -14.43 -24.61 23.03
C ILE B 387 -14.44 -23.37 22.20
N VAL B 388 -14.48 -23.52 20.89
CA VAL B 388 -14.52 -22.39 20.00
C VAL B 388 -15.80 -22.45 19.22
N ALA B 389 -16.68 -21.49 19.41
CA ALA B 389 -18.01 -21.57 18.80
C ALA B 389 -18.04 -20.68 17.56
N ILE B 390 -18.26 -21.29 16.41
CA ILE B 390 -18.16 -20.62 15.12
C ILE B 390 -19.56 -20.58 14.51
N ASP B 391 -20.23 -19.45 14.67
CA ASP B 391 -21.53 -19.19 14.04
C ASP B 391 -21.34 -18.83 12.57
N GLN B 392 -22.45 -18.84 11.84
CA GLN B 392 -22.44 -18.82 10.37
C GLN B 392 -21.28 -19.61 9.76
N PHE B 393 -21.21 -20.90 10.10
CA PHE B 393 -20.23 -21.79 9.50
C PHE B 393 -20.51 -22.06 8.03
N ASP B 394 -21.68 -21.68 7.52
CA ASP B 394 -21.92 -21.73 6.08
C ASP B 394 -21.26 -20.57 5.33
N LYS B 395 -20.86 -19.49 6.02
CA LYS B 395 -20.17 -18.39 5.35
C LYS B 395 -18.65 -18.47 5.49
N ILE B 396 -18.10 -19.64 5.80
CA ILE B 396 -16.64 -19.74 5.92
C ILE B 396 -16.00 -19.42 4.57
N SER B 397 -14.84 -18.77 4.62
CA SER B 397 -14.09 -18.50 3.39
C SER B 397 -13.55 -19.81 2.82
N GLU B 398 -13.14 -19.75 1.54
CA GLU B 398 -12.44 -20.91 0.98
C GLU B 398 -11.08 -21.13 1.64
N GLU B 399 -10.35 -20.05 1.95
CA GLU B 399 -9.09 -20.15 2.66
C GLU B 399 -9.26 -20.84 4.00
N ASP B 400 -10.20 -20.36 4.81
CA ASP B 400 -10.48 -21.02 6.07
C ASP B 400 -10.99 -22.44 5.85
N THR B 401 -11.79 -22.65 4.81
CA THR B 401 -12.28 -24.00 4.55
C THR B 401 -11.12 -24.97 4.41
N ALA B 402 -10.16 -24.63 3.59
CA ALA B 402 -9.03 -25.50 3.40
C ALA B 402 -8.20 -25.66 4.64
N ALA B 403 -7.97 -24.59 5.36
CA ALA B 403 -7.10 -24.70 6.54
C ALA B 403 -7.78 -25.47 7.68
N LEU B 404 -9.10 -25.44 7.74
CA LEU B 404 -9.80 -26.10 8.84
C LEU B 404 -9.74 -27.61 8.72
N HIS B 405 -9.36 -28.14 7.57
CA HIS B 405 -9.22 -29.56 7.40
C HIS B 405 -8.18 -30.08 8.34
N GLU B 406 -7.05 -29.43 8.35
CA GLU B 406 -5.93 -29.73 9.25
C GLU B 406 -6.18 -29.21 10.66
N ALA B 407 -6.69 -27.98 10.81
CA ALA B 407 -6.97 -27.49 12.17
C ALA B 407 -7.95 -28.37 12.94
N LEU B 408 -8.79 -29.14 12.24
CA LEU B 408 -9.75 -30.03 12.88
C LEU B 408 -9.20 -31.44 13.06
N GLU B 409 -8.43 -31.93 12.15
CA GLU B 409 -7.91 -33.26 12.32
C GLU B 409 -6.66 -33.31 13.11
N SER B 410 -5.63 -32.64 12.67
CA SER B 410 -4.36 -32.65 13.38
C SER B 410 -4.28 -31.64 14.51
N GLN B 411 -5.22 -30.70 14.60
CA GLN B 411 -5.13 -29.61 15.58
C GLN B 411 -3.82 -28.86 15.41
N THR B 412 -3.47 -28.62 14.15
CA THR B 412 -2.30 -27.83 13.77
C THR B 412 -2.65 -27.04 12.51
N ILE B 413 -1.91 -25.97 12.29
CA ILE B 413 -2.00 -25.18 11.06
C ILE B 413 -0.58 -25.09 10.52
N SER B 414 -0.28 -25.87 9.49
CA SER B 414 1.09 -25.95 8.99
C SER B 414 1.28 -24.98 7.83
N VAL B 415 2.39 -24.25 7.83
CA VAL B 415 2.66 -23.27 6.79
C VAL B 415 4.11 -23.39 6.31
N ALA B 416 4.33 -23.04 5.03
CA ALA B 416 5.67 -22.82 4.48
C ALA B 416 5.63 -21.52 3.69
N LYS B 417 5.83 -20.41 4.38
CA LYS B 417 5.89 -19.09 3.76
C LYS B 417 7.01 -18.27 4.40
N ALA B 418 7.48 -17.27 3.64
CA ALA B 418 8.48 -16.33 4.13
C ALA B 418 9.77 -17.02 4.59
N GLY B 419 10.04 -18.22 4.06
CA GLY B 419 11.24 -18.95 4.41
C GLY B 419 11.15 -19.77 5.67
N ILE B 420 10.05 -19.66 6.42
CA ILE B 420 9.88 -20.35 7.69
C ILE B 420 8.88 -21.48 7.49
N ILE B 421 9.32 -22.70 7.75
CA ILE B 421 8.43 -23.86 7.82
C ILE B 421 8.00 -24.02 9.27
N ALA B 422 6.70 -24.00 9.52
CA ALA B 422 6.25 -24.05 10.90
C ALA B 422 4.84 -24.61 11.02
N THR B 423 4.61 -25.39 12.07
CA THR B 423 3.28 -25.92 12.38
C THR B 423 2.75 -25.20 13.63
N PHE B 424 1.90 -24.19 13.41
CA PHE B 424 1.21 -23.51 14.50
C PHE B 424 0.30 -24.51 15.21
N ASN B 425 0.08 -24.28 16.51
CA ASN B 425 -0.80 -25.14 17.29
C ASN B 425 -2.24 -24.60 17.25
N ALA B 426 -3.19 -25.48 16.93
CA ALA B 426 -4.59 -25.10 16.79
C ALA B 426 -5.51 -26.05 17.55
N LYS B 427 -5.14 -26.39 18.78
CA LYS B 427 -6.00 -27.23 19.61
C LYS B 427 -7.24 -26.46 20.06
N ALA B 428 -8.41 -27.01 19.80
CA ALA B 428 -9.70 -26.43 20.16
C ALA B 428 -10.77 -27.43 19.96
N SER B 429 -11.93 -27.10 20.46
CA SER B 429 -13.09 -27.93 20.29
C SER B 429 -14.05 -27.02 19.61
N VAL B 430 -14.37 -27.30 18.38
CA VAL B 430 -15.28 -26.45 17.62
C VAL B 430 -16.72 -26.86 17.89
N LEU B 431 -17.55 -25.88 18.22
CA LEU B 431 -19.01 -26.04 18.27
C LEU B 431 -19.57 -25.12 17.19
N ALA B 432 -19.63 -25.63 15.95
CA ALA B 432 -20.07 -24.84 14.81
C ALA B 432 -21.59 -24.88 14.66
N ALA B 433 -22.11 -23.88 13.96
CA ALA B 433 -23.53 -23.76 13.69
C ALA B 433 -23.72 -23.05 12.37
N ALA B 434 -24.53 -23.64 11.49
CA ALA B 434 -24.68 -23.13 10.15
C ALA B 434 -26.15 -23.07 9.77
N ASN B 435 -26.42 -22.28 8.74
CA ASN B 435 -27.74 -22.18 8.22
C ASN B 435 -27.82 -23.01 6.92
N PRO B 436 -29.00 -23.39 6.48
CA PRO B 436 -29.01 -24.18 5.26
C PRO B 436 -28.91 -23.35 4.05
N LYS B 437 -28.70 -24.05 2.95
CA LYS B 437 -28.44 -23.47 1.66
C LYS B 437 -29.17 -22.22 1.29
N PHE B 438 -30.48 -22.27 1.29
CA PHE B 438 -31.18 -21.10 0.93
C PHE B 438 -32.07 -20.63 2.03
N GLY B 439 -31.60 -20.72 3.26
CA GLY B 439 -32.38 -20.30 4.39
C GLY B 439 -33.31 -21.38 4.88
N ARG B 440 -34.38 -21.61 4.14
CA ARG B 440 -35.33 -22.58 4.56
C ARG B 440 -34.80 -23.95 4.29
N PHE B 441 -35.30 -24.91 5.03
CA PHE B 441 -34.86 -26.27 4.85
C PHE B 441 -35.70 -27.00 3.81
N PRO B 447 -33.06 -33.92 2.24
CA PRO B 447 -32.69 -33.57 3.61
C PRO B 447 -31.23 -33.26 3.87
N ALA B 448 -30.32 -34.09 3.39
CA ALA B 448 -28.94 -33.86 3.70
C ALA B 448 -28.17 -33.17 2.61
N GLU B 449 -28.74 -32.98 1.41
CA GLU B 449 -27.89 -32.34 0.41
C GLU B 449 -28.08 -30.87 0.27
N GLN B 450 -28.26 -30.18 1.39
CA GLN B 450 -28.50 -28.74 1.40
C GLN B 450 -27.60 -28.09 2.40
N PHE B 451 -26.40 -28.61 2.52
CA PHE B 451 -25.43 -28.18 3.53
C PHE B 451 -24.64 -26.95 3.13
N ASP B 452 -24.26 -26.89 1.85
CA ASP B 452 -23.44 -25.81 1.27
C ASP B 452 -22.09 -25.68 1.96
N ILE B 453 -21.51 -26.83 2.32
CA ILE B 453 -20.22 -26.92 2.98
C ILE B 453 -19.46 -28.02 2.24
N SER B 454 -18.18 -27.81 1.95
CA SER B 454 -17.38 -28.79 1.21
C SER B 454 -17.45 -30.18 1.85
N PRO B 455 -17.88 -31.22 1.14
CA PRO B 455 -17.98 -32.56 1.72
C PRO B 455 -16.82 -33.07 2.56
N THR B 456 -15.58 -32.81 2.14
CA THR B 456 -14.43 -33.27 2.91
C THR B 456 -14.31 -32.62 4.30
N LEU B 457 -14.87 -31.42 4.47
CA LEU B 457 -14.81 -30.72 5.75
C LEU B 457 -15.83 -31.27 6.75
N LEU B 458 -16.90 -31.89 6.25
CA LEU B 458 -17.93 -32.45 7.11
C LEU B 458 -17.48 -33.78 7.73
N SER B 459 -16.51 -34.43 7.09
CA SER B 459 -15.98 -35.71 7.58
C SER B 459 -15.10 -35.49 8.80
N ARG B 460 -14.51 -34.30 8.89
CA ARG B 460 -13.64 -33.95 10.01
C ARG B 460 -14.47 -33.79 11.28
N PHE B 461 -15.70 -33.30 11.12
CA PHE B 461 -16.61 -33.11 12.25
C PHE B 461 -17.03 -34.48 12.79
N ASP B 462 -17.27 -34.56 14.10
CA ASP B 462 -17.65 -35.83 14.72
C ASP B 462 -19.15 -36.05 14.68
N LEU B 463 -19.91 -35.11 15.25
CA LEU B 463 -21.36 -35.24 15.29
C LEU B 463 -22.05 -34.09 14.53
N ILE B 464 -22.87 -34.40 13.52
CA ILE B 464 -23.59 -33.38 12.78
C ILE B 464 -25.07 -33.52 13.14
N PHE B 465 -25.65 -32.53 13.82
CA PHE B 465 -27.04 -32.61 14.23
C PHE B 465 -27.99 -31.70 13.45
N PRO B 466 -28.74 -32.22 12.48
CA PRO B 466 -29.66 -31.33 11.81
C PRO B 466 -30.80 -30.98 12.72
N ILE B 467 -31.31 -29.77 12.62
CA ILE B 467 -32.42 -29.37 13.46
C ILE B 467 -33.55 -29.05 12.55
N ARG B 468 -34.72 -29.56 12.87
CA ARG B 468 -35.87 -29.34 12.03
C ARG B 468 -37.05 -28.86 12.80
N ASP B 469 -37.92 -28.18 12.09
CA ASP B 469 -39.10 -27.61 12.67
C ASP B 469 -40.20 -28.62 12.56
N ILE B 470 -40.56 -29.22 13.67
CA ILE B 470 -41.59 -30.23 13.61
C ILE B 470 -42.97 -29.64 13.54
N MET B 471 -43.11 -28.40 14.00
CA MET B 471 -44.38 -27.69 13.94
C MET B 471 -45.48 -28.45 14.70
N ASP B 472 -45.10 -28.89 15.87
CA ASP B 472 -45.98 -29.61 16.72
C ASP B 472 -46.60 -28.63 17.67
N THR B 473 -47.91 -28.54 17.73
CA THR B 473 -48.56 -27.60 18.61
C THR B 473 -48.40 -27.86 20.08
N GLU B 474 -48.15 -29.10 20.47
CA GLU B 474 -47.95 -29.37 21.89
C GLU B 474 -46.64 -28.68 22.24
N LEU B 475 -45.64 -28.90 21.39
CA LEU B 475 -44.34 -28.27 21.54
C LEU B 475 -44.45 -26.78 21.61
N ASP B 476 -45.20 -26.15 20.71
CA ASP B 476 -45.40 -24.72 20.72
C ASP B 476 -45.88 -24.23 22.02
N LYS B 477 -46.84 -24.93 22.57
CA LYS B 477 -47.46 -24.55 23.82
C LYS B 477 -46.44 -24.56 24.87
N SER B 478 -45.52 -25.47 24.80
CA SER B 478 -44.55 -25.60 25.86
C SER B 478 -43.39 -24.72 25.71
N ILE B 479 -42.97 -24.47 24.50
CA ILE B 479 -41.83 -23.60 24.31
C ILE B 479 -42.22 -22.25 24.82
N ALA B 480 -43.35 -21.76 24.38
CA ALA B 480 -43.86 -20.48 24.80
C ALA B 480 -43.98 -20.35 26.30
N ASN B 481 -44.42 -21.37 27.00
CA ASN B 481 -44.48 -21.35 28.42
C ASN B 481 -43.09 -21.20 28.97
N TYR B 482 -42.14 -21.94 28.43
CA TYR B 482 -40.79 -21.87 28.91
C TYR B 482 -40.17 -20.55 28.70
N ILE B 483 -40.41 -19.97 27.56
CA ILE B 483 -39.80 -18.72 27.28
C ILE B 483 -40.39 -17.71 28.16
N LEU B 484 -41.70 -17.63 28.20
CA LEU B 484 -42.38 -16.65 29.02
C LEU B 484 -42.06 -16.70 30.47
N ASN B 485 -41.85 -17.88 31.01
CA ASN B 485 -41.51 -18.03 32.40
C ASN B 485 -40.27 -17.29 32.72
N GLN B 486 -39.26 -17.40 31.89
CA GLN B 486 -38.03 -16.72 32.11
C GLN B 486 -38.22 -15.25 32.20
N HIS B 487 -38.96 -14.69 31.28
CA HIS B 487 -39.18 -13.27 31.28
C HIS B 487 -39.93 -12.76 32.46
N GLU B 488 -40.84 -13.52 33.02
CA GLU B 488 -41.55 -13.05 34.17
C GLU B 488 -40.62 -13.03 35.32
N ALA B 489 -39.78 -14.03 35.42
CA ALA B 489 -38.84 -14.07 36.50
C ALA B 489 -37.87 -12.93 36.38
N ALA B 490 -37.40 -12.68 35.18
CA ALA B 490 -36.46 -11.60 34.96
C ALA B 490 -37.01 -10.28 35.43
N GLY B 491 -38.16 -9.90 34.91
CA GLY B 491 -38.78 -8.67 35.29
C GLY B 491 -39.02 -8.66 36.77
N ALA B 492 -39.36 -9.81 37.31
CA ALA B 492 -39.55 -9.88 38.75
C ALA B 492 -38.27 -9.53 39.49
N ALA B 493 -37.14 -10.05 39.01
CA ALA B 493 -35.87 -9.70 39.63
C ALA B 493 -35.61 -8.20 39.54
N ILE B 494 -35.93 -7.60 38.40
CA ILE B 494 -35.67 -6.16 38.29
C ILE B 494 -36.56 -5.38 39.26
N ALA B 495 -37.84 -5.76 39.36
CA ALA B 495 -38.74 -5.09 40.28
C ALA B 495 -38.62 -5.61 41.72
N ASP B 496 -37.87 -6.69 41.93
CA ASP B 496 -37.47 -7.13 43.26
C ASP B 496 -38.72 -7.46 44.06
N VAL B 497 -39.52 -8.31 43.40
CA VAL B 497 -40.73 -8.94 43.82
C VAL B 497 -40.60 -10.45 43.53
N PRO B 507 -29.48 -26.73 39.14
CA PRO B 507 -29.20 -28.11 38.72
C PRO B 507 -27.84 -28.56 39.25
N ILE B 508 -26.81 -27.88 38.77
CA ILE B 508 -25.44 -27.98 39.25
C ILE B 508 -24.89 -26.58 39.43
N GLU B 509 -24.25 -26.33 40.57
CA GLU B 509 -23.68 -25.01 40.82
C GLU B 509 -22.57 -24.73 39.81
N HIS B 510 -22.66 -23.56 39.18
CA HIS B 510 -21.87 -23.29 37.97
C HIS B 510 -20.38 -23.20 38.28
N SER B 511 -20.01 -22.55 39.39
CA SER B 511 -18.61 -22.56 39.80
C SER B 511 -18.12 -23.98 40.06
N LEU B 512 -18.91 -24.76 40.80
CA LEU B 512 -18.54 -26.15 41.08
C LEU B 512 -18.49 -26.96 39.81
N LEU B 513 -19.38 -26.69 38.86
CA LEU B 513 -19.34 -27.43 37.60
C LEU B 513 -18.04 -27.17 36.84
N LYS B 514 -17.55 -25.97 36.94
CA LYS B 514 -16.32 -25.65 36.26
C LYS B 514 -15.25 -26.45 36.91
N LYS B 515 -15.23 -26.42 38.20
CA LYS B 515 -14.16 -27.11 38.91
C LYS B 515 -14.25 -28.64 38.69
N TYR B 516 -15.46 -29.17 38.51
CA TYR B 516 -15.64 -30.61 38.29
C TYR B 516 -15.13 -31.02 36.91
N ILE B 517 -15.41 -30.19 35.96
CA ILE B 517 -14.96 -30.47 34.65
C ILE B 517 -13.47 -30.38 34.63
N ALA B 518 -12.95 -29.45 35.39
CA ALA B 518 -11.54 -29.29 35.41
C ALA B 518 -10.89 -30.49 35.99
N TYR B 519 -11.33 -30.87 37.17
CA TYR B 519 -10.77 -32.00 37.90
C TYR B 519 -10.76 -33.26 37.04
N ALA B 520 -11.87 -33.54 36.38
CA ALA B 520 -11.96 -34.72 35.53
C ALA B 520 -10.96 -34.65 34.38
N LYS B 521 -10.73 -33.47 33.90
CA LYS B 521 -9.82 -33.31 32.82
C LYS B 521 -8.45 -33.55 33.29
N ARG B 522 -8.17 -33.14 34.49
CA ARG B 522 -6.84 -33.25 34.99
C ARG B 522 -6.39 -34.58 35.42
N TYR B 523 -7.27 -35.35 36.00
CA TYR B 523 -6.85 -36.58 36.67
C TYR B 523 -7.48 -37.86 36.13
N VAL B 524 -8.22 -37.81 35.01
CA VAL B 524 -8.94 -38.97 34.51
C VAL B 524 -8.56 -39.14 33.03
N MET B 525 -7.86 -40.24 32.71
CA MET B 525 -7.40 -40.66 31.38
C MET B 525 -7.98 -42.04 31.11
N PRO B 526 -9.27 -42.13 30.83
CA PRO B 526 -9.90 -43.44 30.64
C PRO B 526 -9.07 -44.41 29.81
N ARG B 527 -9.20 -45.69 30.13
CA ARG B 527 -8.65 -46.78 29.33
C ARG B 527 -9.82 -47.54 28.74
N LEU B 528 -9.79 -47.77 27.44
CA LEU B 528 -10.89 -48.48 26.80
C LEU B 528 -10.88 -49.94 27.22
N SER B 529 -11.99 -50.40 27.80
CA SER B 529 -12.11 -51.78 28.19
C SER B 529 -12.22 -52.68 26.96
N GLU B 530 -11.93 -53.97 27.16
CA GLU B 530 -12.02 -54.93 26.06
C GLU B 530 -13.46 -55.06 25.56
N GLU B 531 -14.42 -55.17 26.49
CA GLU B 531 -15.82 -55.31 26.10
C GLU B 531 -16.30 -54.06 25.35
N ALA B 532 -15.89 -52.88 25.81
CA ALA B 532 -16.26 -51.65 25.12
C ALA B 532 -15.66 -51.62 23.71
N SER B 533 -14.42 -52.04 23.56
CA SER B 533 -13.82 -52.11 22.23
C SER B 533 -14.64 -53.00 21.32
N ASN B 534 -15.05 -54.16 21.82
CA ASN B 534 -15.84 -55.07 20.99
C ASN B 534 -17.19 -54.47 20.61
N ARG B 535 -17.83 -53.74 21.52
CA ARG B 535 -19.10 -53.10 21.16
C ARG B 535 -18.91 -52.07 20.05
N ILE B 536 -17.82 -51.35 20.14
CA ILE B 536 -17.56 -50.36 19.16
C ILE B 536 -17.28 -51.02 17.87
N LYS B 537 -16.55 -52.10 17.94
CA LYS B 537 -16.19 -52.78 16.76
C LYS B 537 -17.39 -53.37 16.09
N GLU B 538 -18.28 -53.94 16.86
CA GLU B 538 -19.41 -54.55 16.27
C GLU B 538 -20.27 -53.59 15.53
N TYR B 539 -20.56 -52.47 16.18
CA TYR B 539 -21.41 -51.44 15.61
C TYR B 539 -20.88 -50.91 14.28
N TYR B 540 -19.58 -50.67 14.22
CA TYR B 540 -18.96 -50.14 13.02
C TYR B 540 -19.15 -51.10 11.85
N VAL B 541 -18.88 -52.37 12.08
CA VAL B 541 -19.03 -53.34 11.02
C VAL B 541 -20.46 -53.47 10.60
N ASP B 542 -21.40 -53.39 11.51
CA ASP B 542 -22.77 -53.46 11.15
C ASP B 542 -23.09 -52.30 10.31
N LEU B 543 -22.64 -51.12 10.68
CA LEU B 543 -22.97 -49.94 9.92
C LEU B 543 -22.47 -49.99 8.55
N ARG B 544 -21.26 -50.50 8.37
CA ARG B 544 -20.70 -50.58 7.03
C ARG B 544 -21.54 -51.51 6.14
N ARG B 545 -22.10 -52.57 6.71
CA ARG B 545 -22.89 -53.50 5.96
C ARG B 545 -24.12 -52.86 5.40
N ALA B 546 -24.77 -52.01 6.16
CA ALA B 546 -25.92 -51.37 5.64
C ALA B 546 -25.53 -50.44 4.51
N GLY B 547 -24.66 -49.46 4.78
CA GLY B 547 -24.27 -48.46 3.79
C GLY B 547 -23.88 -47.14 4.43
N ILE B 555 -19.49 -44.45 7.61
CA ILE B 555 -19.36 -44.50 6.16
C ILE B 555 -17.87 -44.58 5.76
N THR B 556 -16.99 -44.33 6.74
CA THR B 556 -15.55 -44.44 6.62
C THR B 556 -15.02 -44.99 7.93
N PRO B 557 -13.70 -45.21 8.07
CA PRO B 557 -13.21 -45.70 9.35
C PRO B 557 -13.07 -44.64 10.39
N ARG B 558 -13.20 -43.39 10.03
CA ARG B 558 -13.08 -42.30 10.94
C ARG B 558 -14.21 -42.13 11.92
N GLN B 559 -15.34 -42.80 11.72
CA GLN B 559 -16.40 -42.78 12.69
C GLN B 559 -15.93 -43.48 13.93
N ILE B 560 -15.17 -44.56 13.78
CA ILE B 560 -14.63 -45.31 14.87
C ILE B 560 -13.97 -44.45 15.87
N GLU B 561 -13.14 -43.55 15.40
CA GLU B 561 -12.41 -42.73 16.26
C GLU B 561 -13.32 -41.86 16.96
N GLY B 562 -14.36 -41.30 16.29
CA GLY B 562 -15.35 -40.49 16.90
C GLY B 562 -16.03 -41.25 17.99
N LEU B 563 -16.39 -42.49 17.73
CA LEU B 563 -17.06 -43.23 18.80
C LEU B 563 -16.14 -43.43 20.00
N ILE B 564 -14.88 -43.64 19.75
CA ILE B 564 -13.96 -43.81 20.82
C ILE B 564 -13.86 -42.55 21.61
N ARG B 565 -13.73 -41.43 20.93
CA ARG B 565 -13.66 -40.15 21.62
C ARG B 565 -14.88 -39.96 22.52
N MET B 566 -16.08 -40.17 21.98
CA MET B 566 -17.29 -39.94 22.76
C MET B 566 -17.37 -40.89 23.96
N ALA B 567 -16.97 -42.15 23.77
CA ALA B 567 -17.04 -43.10 24.89
C ALA B 567 -16.05 -42.76 25.99
N GLU B 568 -14.88 -42.30 25.61
CA GLU B 568 -13.92 -41.91 26.58
C GLU B 568 -14.44 -40.73 27.32
N ALA B 569 -15.08 -39.85 26.62
CA ALA B 569 -15.69 -38.70 27.28
C ALA B 569 -16.78 -39.11 28.25
N SER B 570 -17.55 -40.16 27.93
CA SER B 570 -18.58 -40.60 28.86
C SER B 570 -17.97 -41.23 30.10
N ALA B 571 -16.78 -41.82 29.97
CA ALA B 571 -16.09 -42.33 31.15
C ALA B 571 -15.53 -41.17 31.98
N LYS B 572 -14.92 -40.17 31.32
CA LYS B 572 -14.45 -38.98 32.02
C LYS B 572 -15.59 -38.19 32.63
N SER B 573 -16.81 -38.37 32.13
CA SER B 573 -17.97 -37.69 32.70
C SER B 573 -18.22 -38.16 34.13
N GLN B 574 -18.07 -39.45 34.38
CA GLN B 574 -18.31 -40.04 35.69
C GLN B 574 -17.03 -40.30 36.46
N LEU B 575 -15.91 -39.74 36.02
CA LEU B 575 -14.68 -39.78 36.81
C LEU B 575 -14.18 -41.21 36.96
N ARG B 576 -14.41 -42.03 35.95
CA ARG B 576 -14.06 -43.44 35.96
C ARG B 576 -12.86 -43.66 35.06
N ASP B 577 -11.96 -44.55 35.46
CA ASP B 577 -10.77 -44.69 34.64
C ASP B 577 -10.90 -45.79 33.60
N VAL B 578 -12.12 -46.27 33.35
CA VAL B 578 -12.38 -47.37 32.43
C VAL B 578 -13.66 -47.07 31.66
N VAL B 579 -13.66 -47.40 30.37
CA VAL B 579 -14.79 -47.11 29.50
C VAL B 579 -15.74 -48.30 29.54
N SER B 580 -16.89 -48.13 30.21
CA SER B 580 -17.86 -49.21 30.30
C SER B 580 -18.48 -49.48 28.93
N VAL B 581 -19.15 -50.63 28.82
CA VAL B 581 -19.87 -50.91 27.58
C VAL B 581 -20.99 -49.89 27.46
N LYS B 582 -21.53 -49.44 28.62
CA LYS B 582 -22.59 -48.42 28.64
C LYS B 582 -22.12 -47.16 27.95
N ASP B 583 -20.86 -46.77 28.19
CA ASP B 583 -20.30 -45.56 27.58
C ASP B 583 -20.26 -45.70 26.06
N ALA B 584 -19.76 -46.85 25.59
CA ALA B 584 -19.78 -47.13 24.17
C ALA B 584 -21.19 -46.96 23.62
N ASN B 585 -22.20 -47.37 24.39
CA ASN B 585 -23.56 -47.29 23.87
C ASN B 585 -24.14 -45.89 23.89
N LEU B 586 -23.70 -45.03 24.79
CA LEU B 586 -24.07 -43.62 24.65
C LEU B 586 -23.42 -42.99 23.40
N ALA B 587 -22.17 -43.36 23.11
CA ALA B 587 -21.59 -42.91 21.84
C ALA B 587 -22.38 -43.45 20.64
N ILE B 588 -22.63 -44.76 20.63
CA ILE B 588 -23.52 -45.42 19.67
C ILE B 588 -24.82 -44.64 19.51
N SER B 589 -25.42 -44.26 20.63
CA SER B 589 -26.75 -43.67 20.60
C SER B 589 -26.73 -42.31 19.93
N LEU B 590 -25.76 -41.47 20.29
CA LEU B 590 -25.68 -40.16 19.64
C LEU B 590 -25.40 -40.31 18.15
N SER B 591 -24.54 -41.26 17.77
CA SER B 591 -24.34 -41.53 16.36
C SER B 591 -25.66 -41.89 15.68
N GLU B 592 -26.37 -42.88 16.24
CA GLU B 592 -27.63 -43.32 15.65
C GLU B 592 -28.61 -42.17 15.51
N TYR B 593 -28.64 -41.28 16.51
CA TYR B 593 -29.54 -40.12 16.42
C TYR B 593 -29.14 -39.21 15.28
N MET B 594 -27.84 -39.03 15.07
CA MET B 594 -27.39 -38.22 13.93
C MET B 594 -27.83 -38.85 12.63
N LEU B 595 -27.77 -40.19 12.53
CA LEU B 595 -28.10 -40.84 11.27
C LEU B 595 -29.61 -40.86 11.03
N LYS B 596 -30.40 -40.98 12.11
CA LYS B 596 -31.86 -40.92 11.99
C LYS B 596 -32.31 -39.58 11.40
N THR B 597 -31.82 -38.53 11.98
CA THR B 597 -32.14 -37.24 11.46
C THR B 597 -31.52 -37.09 10.09
N LEU B 598 -30.98 -38.17 9.53
CA LEU B 598 -30.32 -38.17 8.24
C LEU B 598 -29.30 -37.05 8.13
N SER C 9 -13.91 44.98 44.25
CA SER C 9 -15.35 45.30 44.07
C SER C 9 -16.03 44.23 43.24
N LEU C 10 -15.41 43.80 42.14
CA LEU C 10 -15.96 42.71 41.32
C LEU C 10 -16.26 41.52 42.21
N LYS C 11 -15.40 41.25 43.20
CA LYS C 11 -15.65 40.04 43.96
C LYS C 11 -16.98 40.13 44.66
N LEU C 12 -17.28 41.29 45.22
CA LEU C 12 -18.53 41.52 45.90
C LEU C 12 -19.70 41.37 44.95
N LEU C 13 -19.54 41.83 43.72
CA LEU C 13 -20.61 41.71 42.76
C LEU C 13 -20.97 40.26 42.55
N PHE C 14 -19.98 39.40 42.40
CA PHE C 14 -20.30 38.01 42.19
C PHE C 14 -21.00 37.41 43.38
N ASP C 15 -20.55 37.78 44.57
CA ASP C 15 -21.11 37.31 45.81
C ASP C 15 -22.58 37.51 45.78
N GLU C 16 -23.01 38.66 45.32
CA GLU C 16 -24.45 38.82 45.25
C GLU C 16 -25.08 38.01 44.12
N PHE C 17 -24.52 38.06 42.95
CA PHE C 17 -25.10 37.32 41.84
C PHE C 17 -25.21 35.84 42.09
N LEU C 18 -24.17 35.27 42.62
CA LEU C 18 -24.15 33.83 42.85
C LEU C 18 -25.21 33.38 43.84
N GLU C 19 -25.80 34.30 44.60
CA GLU C 19 -26.92 34.00 45.49
C GLU C 19 -28.25 34.23 44.80
N SER C 20 -28.46 35.42 44.22
CA SER C 20 -29.76 35.71 43.64
C SER C 20 -30.20 34.63 42.66
N TYR C 21 -29.25 33.97 41.99
CA TYR C 21 -29.57 33.03 40.94
C TYR C 21 -29.13 31.59 41.19
N TYR C 22 -28.11 31.32 41.98
CA TYR C 22 -27.68 29.96 42.14
C TYR C 22 -27.51 29.48 43.57
N SER C 23 -28.27 30.00 44.55
CA SER C 23 -28.07 29.63 45.95
C SER C 23 -28.17 28.12 46.14
N ASP C 24 -29.24 27.53 45.64
CA ASP C 24 -29.49 26.10 45.86
C ASP C 24 -28.42 25.24 45.19
N GLU C 25 -28.04 25.61 43.97
CA GLU C 25 -27.02 24.87 43.24
C GLU C 25 -25.69 24.92 43.99
N ILE C 26 -25.28 26.12 44.41
CA ILE C 26 -24.06 26.20 45.21
C ILE C 26 -24.19 25.30 46.41
N LYS C 27 -25.34 25.33 47.08
CA LYS C 27 -25.55 24.53 48.30
C LYS C 27 -25.33 23.04 48.05
N ASP C 28 -25.79 22.58 46.91
CA ASP C 28 -25.61 21.20 46.60
C ASP C 28 -24.16 20.90 46.48
N ILE C 29 -23.44 21.84 45.92
CA ILE C 29 -22.05 21.64 45.78
C ILE C 29 -21.33 21.68 47.06
N ILE C 30 -21.67 22.61 47.97
CA ILE C 30 -20.91 22.69 49.21
C ILE C 30 -20.95 21.34 49.88
N ILE C 31 -22.13 20.72 49.88
CA ILE C 31 -22.19 19.35 50.37
C ILE C 31 -21.35 18.43 49.49
N LYS C 32 -21.65 18.40 48.22
CA LYS C 32 -21.01 17.45 47.39
C LYS C 32 -19.54 17.60 47.20
N PHE C 33 -19.00 18.80 47.33
CA PHE C 33 -17.57 19.05 47.15
C PHE C 33 -16.67 18.05 47.87
N PRO C 34 -15.63 17.55 47.21
CA PRO C 34 -14.98 17.92 45.97
C PRO C 34 -15.14 16.85 44.94
N ASN C 35 -16.14 16.00 45.09
CA ASN C 35 -16.34 14.95 44.12
C ASN C 35 -17.05 15.52 42.91
N LYS C 36 -17.81 16.58 43.15
CA LYS C 36 -18.50 17.31 42.12
C LYS C 36 -18.11 18.71 42.51
N ARG C 37 -17.42 19.42 41.62
CA ARG C 37 -16.92 20.75 41.94
C ARG C 37 -17.04 21.84 40.88
N SER C 38 -17.73 21.57 39.79
CA SER C 38 -17.86 22.60 38.81
C SER C 38 -19.24 23.14 38.83
N LEU C 39 -19.38 24.44 38.73
CA LEU C 39 -20.69 25.04 38.73
C LEU C 39 -20.92 25.81 37.47
N PRO C 40 -21.81 25.32 36.64
CA PRO C 40 -22.17 25.91 35.36
C PRO C 40 -22.93 27.16 35.60
N VAL C 41 -22.79 28.16 34.76
CA VAL C 41 -23.49 29.40 34.97
C VAL C 41 -23.97 29.95 33.66
N ASN C 42 -25.27 30.05 33.50
CA ASN C 42 -25.77 30.57 32.26
C ASN C 42 -25.44 32.02 32.21
N ILE C 43 -24.87 32.44 31.09
CA ILE C 43 -24.51 33.83 30.93
C ILE C 43 -25.65 34.80 30.89
N SER C 44 -26.81 34.35 30.41
CA SER C 44 -28.00 35.17 30.33
C SER C 44 -28.27 35.81 31.66
N ASP C 45 -28.34 34.98 32.70
CA ASP C 45 -28.55 35.45 34.03
C ASP C 45 -27.63 36.58 34.41
N LEU C 46 -26.36 36.48 34.11
CA LEU C 46 -25.46 37.54 34.42
C LEU C 46 -25.86 38.77 33.70
N GLU C 47 -26.29 38.66 32.47
CA GLU C 47 -26.74 39.85 31.76
C GLU C 47 -27.89 40.52 32.49
N GLU C 48 -28.85 39.73 32.98
CA GLU C 48 -29.92 40.31 33.79
C GLU C 48 -29.35 41.07 34.98
N PHE C 49 -28.56 40.39 35.81
CA PHE C 49 -28.05 41.03 37.03
C PHE C 49 -27.27 42.34 36.75
N ASP C 50 -26.14 42.25 36.08
CA ASP C 50 -25.39 43.44 35.69
C ASP C 50 -24.92 43.26 34.26
N PRO C 51 -25.54 43.93 33.28
CA PRO C 51 -25.07 43.77 31.90
C PRO C 51 -23.60 44.13 31.72
N ASP C 52 -23.09 45.07 32.50
CA ASP C 52 -21.72 45.54 32.31
C ASP C 52 -20.71 44.45 32.64
N THR C 53 -20.96 43.67 33.70
CA THR C 53 -20.07 42.55 33.99
C THR C 53 -20.15 41.49 32.90
N ALA C 54 -21.34 41.26 32.35
CA ALA C 54 -21.48 40.28 31.29
C ALA C 54 -20.71 40.69 30.05
N THR C 55 -20.71 41.98 29.72
CA THR C 55 -19.94 42.44 28.57
C THR C 55 -18.44 42.41 28.83
N ASN C 56 -18.02 42.47 30.08
CA ASN C 56 -16.60 42.37 30.41
C ASN C 56 -16.12 40.92 30.45
N LEU C 57 -17.03 39.95 30.33
CA LEU C 57 -16.60 38.56 30.19
C LEU C 57 -16.12 38.28 28.77
N ILE C 58 -16.83 38.81 27.77
CA ILE C 58 -16.44 38.65 26.38
C ILE C 58 -15.16 39.44 26.08
N ALA C 59 -14.83 40.42 26.92
CA ALA C 59 -13.70 41.31 26.66
C ALA C 59 -12.48 40.98 27.50
N ASP C 60 -12.64 40.87 28.82
CA ASP C 60 -11.55 40.53 29.73
C ASP C 60 -11.97 39.26 30.48
N PRO C 61 -12.02 38.12 29.78
CA PRO C 61 -12.52 36.89 30.41
C PRO C 61 -11.75 36.50 31.66
N GLU C 62 -10.44 36.33 31.53
CA GLU C 62 -9.65 35.72 32.60
C GLU C 62 -9.83 36.43 33.93
N ILE C 63 -9.85 37.77 33.93
CA ILE C 63 -10.02 38.50 35.19
C ILE C 63 -11.36 38.19 35.85
N ILE C 64 -12.47 38.31 35.11
CA ILE C 64 -13.75 38.15 35.80
C ILE C 64 -14.08 36.69 36.04
N ILE C 65 -13.51 35.76 35.26
CA ILE C 65 -13.57 34.35 35.65
C ILE C 65 -12.84 34.12 36.96
N ASP C 66 -11.64 34.70 37.10
CA ASP C 66 -10.88 34.51 38.34
C ASP C 66 -11.62 35.11 39.53
N ALA C 67 -12.24 36.28 39.35
CA ALA C 67 -13.02 36.87 40.43
C ALA C 67 -14.23 36.01 40.77
N ALA C 68 -14.87 35.45 39.77
CA ALA C 68 -16.01 34.62 40.03
C ALA C 68 -15.57 33.45 40.81
N ASN C 69 -14.42 32.94 40.48
CA ASN C 69 -13.96 31.80 41.18
C ASN C 69 -13.58 32.12 42.60
N GLU C 70 -13.09 33.31 42.87
CA GLU C 70 -12.77 33.68 44.22
C GLU C 70 -14.04 33.66 44.99
N SER C 71 -15.07 34.31 44.46
CA SER C 71 -16.35 34.37 45.11
C SER C 71 -16.90 33.02 45.36
N LEU C 72 -16.81 32.12 44.39
CA LEU C 72 -17.28 30.79 44.60
C LEU C 72 -16.52 30.13 45.69
N MET C 73 -15.21 30.33 45.77
CA MET C 73 -14.48 29.82 46.87
C MET C 73 -15.03 30.50 48.07
N GLY C 74 -15.15 31.82 48.07
CA GLY C 74 -15.72 32.56 49.18
C GLY C 74 -17.00 32.00 49.77
N LYS C 75 -17.94 31.60 48.93
CA LYS C 75 -19.19 31.03 49.40
C LYS C 75 -18.92 29.80 50.16
N LEU C 76 -18.05 28.97 49.62
CA LEU C 76 -17.65 27.74 50.19
C LEU C 76 -16.63 27.97 51.27
N ALA C 77 -17.01 28.30 52.48
CA ALA C 77 -15.99 28.53 53.49
C ALA C 77 -15.70 27.28 54.29
N GLY C 78 -14.45 26.97 54.58
CA GLY C 78 -14.10 25.87 55.45
C GLY C 78 -13.67 24.61 54.73
N LEU C 79 -13.80 24.56 53.42
CA LEU C 79 -13.56 23.28 52.77
C LEU C 79 -12.06 23.17 52.51
N ASN C 80 -11.57 21.94 52.33
CA ASN C 80 -10.15 21.76 52.05
C ASN C 80 -9.88 21.96 50.57
N PHE C 81 -9.05 22.95 50.27
CA PHE C 81 -8.67 23.31 48.92
C PHE C 81 -7.23 22.94 48.59
N ASP C 82 -6.65 22.05 49.37
CA ASP C 82 -5.26 21.66 49.13
C ASP C 82 -5.14 20.86 47.84
N THR C 83 -6.02 19.93 47.65
CA THR C 83 -5.99 19.09 46.49
C THR C 83 -6.88 19.58 45.38
N TYR C 84 -8.15 19.78 45.63
CA TYR C 84 -9.04 20.25 44.57
C TYR C 84 -9.51 21.69 44.73
N ILE C 85 -10.28 22.15 43.75
CA ILE C 85 -10.58 23.55 43.60
C ILE C 85 -11.89 23.69 42.83
N PRO C 86 -12.82 24.49 43.36
CA PRO C 86 -14.12 24.72 42.75
C PRO C 86 -13.97 25.55 41.52
N HIS C 87 -14.85 25.38 40.55
CA HIS C 87 -14.73 26.14 39.33
C HIS C 87 -16.05 26.69 38.89
N VAL C 88 -16.06 27.88 38.32
CA VAL C 88 -17.29 28.45 37.84
C VAL C 88 -17.19 28.41 36.34
N ARG C 89 -18.11 27.76 35.67
CA ARG C 89 -18.03 27.70 34.23
C ARG C 89 -19.18 28.37 33.54
N PHE C 90 -18.91 29.40 32.78
CA PHE C 90 -19.94 30.13 32.10
C PHE C 90 -20.32 29.53 30.78
N TYR C 91 -21.59 29.58 30.40
CA TYR C 91 -21.97 29.06 29.11
C TYR C 91 -23.07 29.91 28.52
N ASN C 92 -23.40 29.64 27.27
CA ASN C 92 -24.44 30.34 26.54
C ASN C 92 -24.36 31.84 26.26
N GLN C 93 -23.39 32.25 25.45
CA GLN C 93 -23.24 33.62 25.07
C GLN C 93 -23.31 33.64 23.57
N SER C 94 -23.91 34.67 22.99
CA SER C 94 -24.04 34.72 21.54
C SER C 94 -23.32 35.86 20.92
N ILE C 95 -22.44 36.49 21.66
CA ILE C 95 -21.66 37.61 21.14
C ILE C 95 -20.49 37.21 20.28
N ASN C 96 -19.67 36.31 20.79
CA ASN C 96 -18.51 35.81 20.08
C ASN C 96 -18.77 34.34 19.78
N THR C 97 -19.31 34.04 18.60
CA THR C 97 -19.61 32.67 18.20
C THR C 97 -18.99 32.40 16.83
N PRO C 98 -17.67 32.37 16.75
CA PRO C 98 -17.01 32.14 15.46
C PRO C 98 -16.96 30.66 15.09
N MET C 99 -16.68 30.41 13.81
CA MET C 99 -16.37 29.07 13.34
C MET C 99 -14.90 28.74 13.67
N VAL C 100 -14.62 27.46 13.85
CA VAL C 100 -13.23 27.05 14.06
C VAL C 100 -12.38 27.48 12.87
N LEU C 101 -12.99 27.59 11.68
CA LEU C 101 -12.25 28.07 10.52
C LEU C 101 -11.79 29.51 10.72
N ASN C 102 -12.60 30.33 11.38
CA ASN C 102 -12.38 31.76 11.41
C ASN C 102 -11.89 32.28 12.76
N VAL C 103 -11.47 31.41 13.69
CA VAL C 103 -10.84 31.89 14.91
C VAL C 103 -9.58 32.65 14.51
N GLY C 104 -9.37 33.81 15.12
CA GLY C 104 -8.24 34.63 14.73
C GLY C 104 -7.85 35.66 15.75
N SER C 105 -7.15 36.69 15.26
CA SER C 105 -6.56 37.68 16.16
C SER C 105 -7.61 38.48 16.91
N ALA C 106 -8.80 38.66 16.32
CA ALA C 106 -9.83 39.47 16.95
C ALA C 106 -10.32 38.88 18.27
N TYR C 107 -10.06 37.60 18.52
CA TYR C 107 -10.53 36.94 19.73
C TYR C 107 -9.40 36.60 20.70
N ILE C 108 -8.21 37.18 20.51
CA ILE C 108 -7.07 36.83 21.35
C ILE C 108 -7.36 37.30 22.78
N ASN C 109 -7.28 36.37 23.73
CA ASN C 109 -7.56 36.65 25.13
C ASN C 109 -8.97 37.20 25.32
N LYS C 110 -9.91 36.69 24.52
CA LYS C 110 -11.32 37.03 24.61
C LYS C 110 -12.12 35.76 24.77
N PHE C 111 -13.36 35.91 25.27
CA PHE C 111 -14.25 34.77 25.44
C PHE C 111 -14.85 34.37 24.10
N VAL C 112 -14.81 33.07 23.79
CA VAL C 112 -15.37 32.56 22.54
C VAL C 112 -16.05 31.23 22.79
N SER C 113 -17.13 30.99 22.04
CA SER C 113 -17.90 29.80 22.08
C SER C 113 -17.89 29.21 20.71
N ILE C 114 -17.53 27.97 20.53
CA ILE C 114 -17.45 27.36 19.21
C ILE C 114 -18.32 26.11 19.17
N ASP C 115 -19.12 26.00 18.10
CA ASP C 115 -19.91 24.79 17.82
C ASP C 115 -18.98 23.82 17.09
N ALA C 116 -18.52 22.77 17.79
CA ALA C 116 -17.34 22.06 17.35
C ALA C 116 -17.54 20.55 17.35
N LEU C 117 -16.78 19.90 16.47
CA LEU C 117 -16.69 18.45 16.36
C LEU C 117 -15.34 18.03 16.93
N VAL C 118 -15.35 17.32 18.06
CA VAL C 118 -14.13 16.74 18.57
C VAL C 118 -13.59 15.73 17.57
N VAL C 119 -12.26 15.72 17.39
CA VAL C 119 -11.59 14.83 16.45
C VAL C 119 -10.54 13.97 17.15
N LYS C 120 -9.71 14.57 18.00
CA LYS C 120 -8.70 13.82 18.73
C LYS C 120 -8.74 14.19 20.21
N ARG C 121 -8.37 13.24 21.06
CA ARG C 121 -8.17 13.49 22.49
C ARG C 121 -6.87 12.83 22.91
N SER C 122 -6.15 13.47 23.83
CA SER C 122 -4.84 13.00 24.25
C SER C 122 -4.95 12.12 25.50
N ASP C 123 -3.82 11.52 25.89
CA ASP C 123 -3.70 10.81 27.15
C ASP C 123 -3.66 11.83 28.29
N ILE C 124 -4.14 11.41 29.46
CA ILE C 124 -4.25 12.36 30.55
C ILE C 124 -2.85 12.68 31.05
N ARG C 125 -2.51 13.96 31.03
CA ARG C 125 -1.22 14.41 31.46
C ARG C 125 -1.30 15.20 32.71
N PRO C 126 -0.87 14.64 33.83
CA PRO C 126 -0.93 15.38 35.10
C PRO C 126 0.00 16.60 35.09
N LYS C 127 -0.51 17.74 35.56
CA LYS C 127 0.16 19.00 35.56
C LYS C 127 0.17 19.55 36.95
N ILE C 128 1.21 20.26 37.35
CA ILE C 128 1.32 20.75 38.69
C ILE C 128 0.71 22.11 38.89
N ARG C 129 -0.01 22.33 39.98
CA ARG C 129 -0.59 23.62 40.28
C ARG C 129 0.18 24.37 41.35
N ASP C 130 0.37 23.73 42.51
CA ASP C 130 1.02 24.38 43.59
C ASP C 130 2.35 23.74 43.62
N ALA C 131 3.39 24.44 43.21
CA ALA C 131 4.65 23.80 43.14
C ALA C 131 5.50 24.03 44.33
N VAL C 132 6.44 23.12 44.56
CA VAL C 132 7.41 23.27 45.68
C VAL C 132 8.79 23.02 45.08
N PHE C 133 9.74 23.92 45.34
CA PHE C 133 11.09 23.80 44.76
C PHE C 133 12.12 23.77 45.90
N VAL C 134 13.19 23.00 45.74
CA VAL C 134 14.28 23.01 46.77
C VAL C 134 15.55 23.55 46.11
N CYS C 135 16.49 24.04 46.88
CA CYS C 135 17.69 24.52 46.27
C CYS C 135 18.68 23.46 46.51
N THR C 136 19.49 23.14 45.53
CA THR C 136 20.55 22.13 45.67
C THR C 136 21.60 22.67 46.65
N PHE C 137 21.81 23.96 46.67
CA PHE C 137 22.77 24.61 47.48
C PHE C 137 22.30 24.99 48.86
N CYS C 138 21.35 25.93 49.03
CA CYS C 138 20.96 26.39 50.38
C CYS C 138 19.81 25.64 51.05
N ASN C 139 19.26 24.65 50.35
CA ASN C 139 18.16 23.79 50.84
C ASN C 139 16.96 24.65 51.25
N ALA C 140 16.61 25.64 50.42
CA ALA C 140 15.47 26.52 50.72
C ALA C 140 14.24 26.04 49.95
N LYS C 141 13.08 26.07 50.60
CA LYS C 141 11.82 25.67 49.92
C LYS C 141 11.20 26.91 49.27
N VAL C 142 10.79 26.80 48.01
CA VAL C 142 10.17 27.91 47.30
C VAL C 142 8.81 27.44 46.83
N LYS C 143 7.75 28.17 47.18
CA LYS C 143 6.39 27.76 46.85
C LYS C 143 5.81 28.68 45.80
N ALA C 144 5.27 28.15 44.73
CA ALA C 144 4.75 28.96 43.69
C ALA C 144 3.62 28.26 43.02
N ASN C 145 2.55 28.96 42.71
CA ASN C 145 1.45 28.41 42.00
C ASN C 145 1.76 28.61 40.56
N LEU C 146 1.99 27.55 39.81
CA LEU C 146 2.34 27.73 38.43
C LEU C 146 1.22 28.12 37.52
N GLU C 147 -0.02 28.05 37.94
CA GLU C 147 -1.08 28.46 37.05
C GLU C 147 -1.11 29.95 36.93
N LYS C 148 -0.63 30.63 37.95
CA LYS C 148 -0.65 32.09 37.94
C LYS C 148 0.74 32.72 37.97
N GLU C 149 1.80 31.92 38.14
CA GLU C 149 3.15 32.44 38.25
C GLU C 149 4.07 31.73 37.25
N GLU C 150 5.25 32.31 37.06
CA GLU C 150 6.31 31.73 36.24
C GLU C 150 7.20 30.86 37.12
N ILE C 151 7.82 29.86 36.49
CA ILE C 151 8.69 28.94 37.23
C ILE C 151 9.94 29.69 37.70
N PRO C 152 10.31 29.60 38.98
CA PRO C 152 11.41 30.44 39.50
C PRO C 152 12.76 30.03 38.89
N LYS C 153 13.42 30.99 38.24
CA LYS C 153 14.71 30.73 37.60
C LYS C 153 15.86 30.68 38.59
N VAL C 154 15.73 31.37 39.72
CA VAL C 154 16.83 31.44 40.72
C VAL C 154 16.26 31.31 42.14
N CYS C 155 17.08 30.95 43.08
CA CYS C 155 16.66 30.78 44.43
C CYS C 155 16.55 32.12 45.03
N PRO C 156 15.53 32.39 45.80
CA PRO C 156 15.42 33.69 46.39
C PRO C 156 16.50 34.02 47.35
N GLU C 157 17.00 33.10 48.17
CA GLU C 157 18.05 33.52 49.04
C GLU C 157 19.37 33.29 48.42
N CYS C 158 19.71 32.09 48.03
CA CYS C 158 21.04 31.89 47.50
C CYS C 158 21.32 32.59 46.21
N LYS C 159 20.33 32.80 45.40
CA LYS C 159 20.43 33.48 44.14
C LYS C 159 21.23 32.84 43.10
N LYS C 160 21.40 31.55 43.15
CA LYS C 160 22.09 30.85 42.10
C LYS C 160 21.06 30.04 41.38
N ARG C 161 21.19 29.78 40.10
CA ARG C 161 20.28 28.91 39.31
C ARG C 161 20.43 27.48 39.84
N THR C 162 19.82 27.14 40.96
CA THR C 162 19.94 25.84 41.54
C THR C 162 18.67 25.38 42.19
N LEU C 163 17.55 25.74 41.63
CA LEU C 163 16.23 25.36 42.18
C LEU C 163 15.73 24.11 41.45
N LYS C 164 15.19 23.15 42.20
CA LYS C 164 14.73 21.88 41.59
C LYS C 164 13.32 21.55 42.07
N ILE C 165 12.40 21.28 41.15
CA ILE C 165 11.02 20.95 41.50
C ILE C 165 10.97 19.69 42.35
N VAL C 166 10.09 19.68 43.34
CA VAL C 166 9.87 18.49 44.15
C VAL C 166 8.48 17.94 43.83
N PRO C 167 8.36 16.91 42.98
CA PRO C 167 7.01 16.41 42.64
C PRO C 167 6.23 15.93 43.85
N GLU C 168 6.92 15.33 44.84
CA GLU C 168 6.24 14.69 45.96
C GLU C 168 5.57 15.67 46.90
N GLU C 169 5.98 16.93 46.89
CA GLU C 169 5.38 17.95 47.74
C GLU C 169 4.51 18.93 46.95
N SER C 170 4.28 18.68 45.66
CA SER C 170 3.53 19.57 44.80
C SER C 170 2.15 18.98 44.49
N SER C 171 1.20 19.78 44.09
CA SER C 171 -0.10 19.26 43.80
C SER C 171 -0.33 19.15 42.33
N PHE C 172 -1.10 18.17 41.90
CA PHE C 172 -1.35 17.94 40.51
C PHE C 172 -2.81 18.05 40.07
N PHE C 173 -3.05 18.23 38.79
CA PHE C 173 -4.41 18.29 38.31
C PHE C 173 -4.37 17.87 36.86
N ASN C 174 -5.27 17.01 36.46
CA ASN C 174 -5.26 16.50 35.09
C ASN C 174 -5.48 17.50 33.98
N SER C 175 -4.86 17.24 32.85
CA SER C 175 -4.99 18.04 31.68
C SER C 175 -5.09 17.15 30.49
N GLN C 176 -5.65 17.65 29.41
CA GLN C 176 -5.82 16.88 28.18
C GLN C 176 -5.84 17.83 26.99
N LYS C 177 -5.33 17.35 25.85
CA LYS C 177 -5.28 18.11 24.61
C LYS C 177 -6.27 17.50 23.63
N ILE C 178 -7.17 18.32 23.09
CA ILE C 178 -8.14 17.86 22.10
C ILE C 178 -7.98 18.67 20.82
N ALA C 179 -8.27 18.00 19.70
CA ALA C 179 -8.29 18.61 18.38
C ALA C 179 -9.74 18.83 17.97
N VAL C 180 -10.03 20.00 17.43
CA VAL C 180 -11.41 20.44 17.25
C VAL C 180 -11.58 21.09 15.88
N GLN C 181 -12.79 20.97 15.31
CA GLN C 181 -13.03 21.37 13.94
C GLN C 181 -14.46 21.88 13.83
N ASP C 182 -14.83 22.35 12.68
CA ASP C 182 -16.24 22.65 12.48
C ASP C 182 -16.98 21.38 12.09
N PRO C 183 -18.23 21.23 12.50
CA PRO C 183 -19.02 20.10 12.00
C PRO C 183 -19.04 20.10 10.48
N LEU C 184 -19.00 18.90 9.91
CA LEU C 184 -19.03 18.77 8.46
C LEU C 184 -20.30 19.36 7.87
N GLU C 185 -21.36 19.52 8.68
CA GLU C 185 -22.62 20.01 8.15
C GLU C 185 -22.62 21.52 7.94
N ARG C 186 -21.73 22.23 8.64
CA ARG C 186 -21.62 23.68 8.53
C ARG C 186 -20.70 24.14 7.41
N LEU C 187 -19.94 23.23 6.79
CA LEU C 187 -19.01 23.59 5.72
C LEU C 187 -19.73 23.55 4.38
N SER C 188 -19.37 24.49 3.49
CA SER C 188 -19.98 24.59 2.17
C SER C 188 -19.17 23.91 1.08
N GLY C 189 -17.97 23.44 1.39
CA GLY C 189 -17.11 22.85 0.37
C GLY C 189 -16.08 21.89 0.94
N SER C 190 -14.85 21.96 0.42
CA SER C 190 -13.80 21.09 0.90
C SER C 190 -13.50 21.35 2.36
N ILE C 191 -13.02 20.31 3.05
CA ILE C 191 -12.77 20.41 4.48
C ILE C 191 -11.52 21.26 4.73
N PRO C 192 -11.54 22.17 5.70
CA PRO C 192 -10.29 22.82 6.11
C PRO C 192 -9.26 21.77 6.53
N THR C 193 -7.99 22.01 6.16
CA THR C 193 -6.94 21.03 6.34
C THR C 193 -6.23 21.16 7.69
N TRP C 194 -6.93 21.65 8.70
CA TRP C 194 -6.31 21.86 10.02
C TRP C 194 -7.39 21.83 11.08
N GLN C 195 -6.95 21.72 12.33
CA GLN C 195 -7.85 21.78 13.47
C GLN C 195 -7.31 22.76 14.51
N LEU C 196 -8.15 23.01 15.51
CA LEU C 196 -7.83 23.89 16.63
C LEU C 196 -7.44 23.07 17.84
N GLU C 197 -6.32 23.45 18.46
CA GLU C 197 -5.88 22.87 19.72
C GLU C 197 -6.70 23.45 20.87
N ALA C 198 -7.15 22.60 21.78
CA ALA C 198 -7.89 23.04 22.96
C ALA C 198 -7.43 22.21 24.15
N TRP C 199 -7.53 22.80 25.35
CA TRP C 199 -7.00 22.18 26.56
C TRP C 199 -8.08 22.06 27.62
N LEU C 200 -8.20 20.89 28.20
CA LEU C 200 -9.18 20.65 29.23
C LEU C 200 -8.40 20.46 30.49
N ASP C 201 -8.76 21.17 31.54
CA ASP C 201 -8.06 21.05 32.80
C ASP C 201 -9.00 20.56 33.86
N ASP C 202 -8.55 19.61 34.67
CA ASP C 202 -9.32 19.02 35.76
C ASP C 202 -10.67 18.46 35.29
N ASP C 203 -11.74 18.82 36.00
CA ASP C 203 -13.11 18.28 35.75
C ASP C 203 -13.45 18.09 34.27
N LEU C 204 -12.88 18.88 33.37
CA LEU C 204 -13.28 18.80 31.99
C LEU C 204 -12.75 17.61 31.27
N VAL C 205 -11.59 17.16 31.67
CA VAL C 205 -10.94 15.97 31.10
C VAL C 205 -11.83 14.79 30.77
N ASN C 206 -11.63 14.19 29.58
CA ASN C 206 -12.36 13.03 29.09
C ASN C 206 -13.87 13.30 28.99
N MET C 207 -14.25 14.57 28.87
CA MET C 207 -15.64 14.95 28.65
C MET C 207 -15.89 15.42 27.23
N ALA C 208 -14.90 15.31 26.34
CA ALA C 208 -15.02 15.62 24.91
C ALA C 208 -14.46 14.42 24.14
N ILE C 209 -15.31 13.41 23.96
CA ILE C 209 -14.90 12.20 23.25
C ILE C 209 -14.84 12.48 21.76
N PRO C 210 -13.88 11.94 21.03
CA PRO C 210 -13.86 12.14 19.57
C PRO C 210 -15.19 11.72 18.94
N GLY C 211 -15.68 12.57 18.03
CA GLY C 211 -16.95 12.38 17.38
C GLY C 211 -18.09 13.18 17.96
N ASP C 212 -17.99 13.55 19.23
CA ASP C 212 -19.01 14.39 19.85
C ASP C 212 -19.07 15.74 19.13
N ARG C 213 -20.22 16.39 19.24
CA ARG C 213 -20.42 17.77 18.81
C ARG C 213 -20.81 18.57 20.04
N ILE C 214 -19.93 19.45 20.49
CA ILE C 214 -20.10 20.17 21.75
C ILE C 214 -19.98 21.67 21.48
N GLU C 215 -20.70 22.46 22.27
CA GLU C 215 -20.47 23.89 22.36
C GLU C 215 -19.35 24.09 23.37
N ILE C 216 -18.14 24.37 22.86
CA ILE C 216 -16.94 24.50 23.69
C ILE C 216 -16.67 26.00 23.87
N SER C 217 -16.74 26.49 25.07
CA SER C 217 -16.42 27.84 25.26
C SER C 217 -15.17 27.94 26.00
N GLY C 218 -14.42 29.06 25.88
CA GLY C 218 -13.18 29.29 26.58
C GLY C 218 -12.58 30.62 26.17
N VAL C 219 -11.27 30.73 26.39
CA VAL C 219 -10.50 31.93 26.08
C VAL C 219 -9.49 31.57 25.00
N LEU C 220 -9.58 32.22 23.84
CA LEU C 220 -8.53 32.06 22.85
C LEU C 220 -7.21 32.59 23.41
N LYS C 221 -6.12 31.86 23.15
CA LYS C 221 -4.78 32.24 23.62
C LYS C 221 -3.80 32.13 22.45
N ILE C 222 -2.63 32.73 22.59
CA ILE C 222 -1.58 32.68 21.58
C ILE C 222 -0.25 32.32 22.23
N ARG C 223 0.54 31.66 21.41
CA ARG C 223 1.82 31.12 21.72
C ARG C 223 2.71 31.40 20.56
N PRO C 224 3.97 31.65 20.80
CA PRO C 224 4.83 31.93 19.67
C PRO C 224 4.93 30.71 18.82
N ARG C 225 4.82 30.87 17.51
CA ARG C 225 4.87 29.77 16.60
C ARG C 225 6.24 29.19 16.42
N LYS C 226 6.31 27.88 16.35
CA LYS C 226 7.56 27.19 16.15
C LYS C 226 7.50 26.59 14.77
N ASP C 227 8.53 26.82 13.97
CA ASP C 227 8.53 26.35 12.60
C ASP C 227 8.88 24.90 12.37
N SER C 228 9.08 24.56 11.10
CA SER C 228 9.43 23.21 10.69
C SER C 228 10.57 22.65 11.53
N ARG C 229 11.64 23.42 11.66
CA ARG C 229 12.78 22.97 12.44
C ARG C 229 12.53 23.17 13.94
N GLY C 230 11.76 24.19 14.28
CA GLY C 230 11.46 24.48 15.66
C GLY C 230 11.93 25.87 16.03
N LYS C 231 12.27 26.66 15.03
CA LYS C 231 12.71 28.00 15.30
C LYS C 231 11.51 28.90 15.54
N VAL C 232 11.74 30.04 16.14
CA VAL C 232 10.66 30.93 16.46
C VAL C 232 10.72 32.32 15.84
N ASP C 233 9.63 32.74 15.22
CA ASP C 233 9.57 34.07 14.66
C ASP C 233 8.81 34.82 15.67
N PRO C 234 9.42 35.84 16.23
CA PRO C 234 8.79 36.65 17.27
C PRO C 234 7.67 37.51 16.75
N SER C 235 7.31 37.40 15.48
CA SER C 235 6.21 38.19 14.94
C SER C 235 5.01 37.30 14.70
N ILE C 236 5.25 36.05 14.37
CA ILE C 236 4.20 35.10 14.07
C ILE C 236 3.86 34.25 15.27
N TYR C 237 2.57 34.01 15.50
CA TYR C 237 2.08 33.26 16.64
C TYR C 237 1.10 32.11 16.31
N SER C 238 0.92 31.19 17.25
CA SER C 238 0.01 30.06 17.11
C SER C 238 -1.15 30.24 18.05
N MET C 239 -2.23 29.51 17.86
CA MET C 239 -3.46 29.65 18.61
C MET C 239 -3.82 28.36 19.35
N TYR C 240 -4.35 28.52 20.56
CA TYR C 240 -4.88 27.40 21.34
C TYR C 240 -5.96 27.93 22.28
N LEU C 241 -7.02 27.13 22.46
CA LEU C 241 -8.17 27.49 23.28
C LEU C 241 -8.05 26.83 24.64
N ASN C 242 -8.21 27.60 25.70
CA ASN C 242 -8.28 27.07 27.06
C ASN C 242 -9.75 26.96 27.42
N VAL C 243 -10.25 25.72 27.49
CA VAL C 243 -11.68 25.50 27.62
C VAL C 243 -12.15 25.89 29.01
N THR C 244 -13.34 26.48 29.07
CA THR C 244 -13.96 26.81 30.33
C THR C 244 -15.26 26.09 30.47
N SER C 245 -15.94 25.85 29.35
CA SER C 245 -17.24 25.20 29.39
C SER C 245 -17.53 24.26 28.30
N LEU C 246 -18.15 23.17 28.66
CA LEU C 246 -18.57 22.16 27.68
C LEU C 246 -20.08 21.99 27.81
N GLU C 247 -20.81 22.27 26.75
CA GLU C 247 -22.24 22.14 26.78
C GLU C 247 -22.76 21.44 25.55
N THR C 248 -23.26 20.23 25.71
CA THR C 248 -23.83 19.46 24.61
C THR C 248 -25.28 19.89 24.41
N LYS C 249 -25.60 20.51 23.29
CA LYS C 249 -26.96 20.99 23.09
C LYS C 249 -27.97 19.87 22.94
N GLN C 250 -27.69 18.94 22.05
CA GLN C 250 -28.60 17.81 21.84
C GLN C 250 -28.07 16.57 22.59
N LYS C 251 -28.55 16.35 23.83
CA LYS C 251 -28.02 15.31 24.73
C LYS C 251 -28.81 13.99 24.59
N GLU C 252 -28.15 12.89 24.79
CA GLU C 252 -28.84 11.64 24.64
C GLU C 252 -29.90 11.48 25.69
N PHE C 253 -30.85 10.59 25.40
CA PHE C 253 -31.96 10.33 26.27
C PHE C 253 -31.58 10.01 27.66
N ALA C 254 -30.46 9.35 27.78
CA ALA C 254 -30.05 8.94 29.13
C ALA C 254 -29.42 10.08 29.91
N ASP C 255 -28.78 11.03 29.21
CA ASP C 255 -28.07 12.13 29.85
C ASP C 255 -28.89 13.42 29.85
N ILE C 256 -30.13 13.34 29.40
CA ILE C 256 -31.00 14.49 29.41
C ILE C 256 -31.30 14.83 30.86
N ASP C 257 -31.41 16.12 31.15
CA ASP C 257 -31.70 16.59 32.49
C ASP C 257 -33.18 16.87 32.66
N ILE C 258 -33.77 16.42 33.78
CA ILE C 258 -35.18 16.60 34.05
C ILE C 258 -35.46 17.26 35.39
N SER C 259 -36.04 18.42 35.39
CA SER C 259 -36.37 19.13 36.61
C SER C 259 -37.65 18.61 37.24
N GLU C 260 -37.89 19.02 38.47
CA GLU C 260 -39.11 18.62 39.16
C GLU C 260 -40.32 19.16 38.45
N ASP C 261 -40.26 20.39 37.98
CA ASP C 261 -41.38 20.97 37.30
C ASP C 261 -41.67 20.19 36.06
N GLU C 262 -40.62 19.85 35.31
CA GLU C 262 -40.75 19.07 34.10
C GLU C 262 -41.32 17.71 34.40
N GLU C 263 -40.93 17.15 35.51
CA GLU C 263 -41.39 15.87 35.90
C GLU C 263 -42.85 15.91 36.10
N ARG C 264 -43.32 16.91 36.79
CA ARG C 264 -44.71 17.13 37.04
C ARG C 264 -45.41 17.24 35.72
N GLN C 265 -44.86 18.05 34.84
CA GLN C 265 -45.45 18.27 33.54
C GLN C 265 -45.52 16.96 32.83
N ILE C 266 -44.54 16.13 33.02
CA ILE C 266 -44.52 14.84 32.40
C ILE C 266 -45.50 13.88 33.01
N LYS C 267 -45.61 13.86 34.33
CA LYS C 267 -46.50 12.95 34.96
C LYS C 267 -47.86 13.28 34.56
N GLU C 268 -48.13 14.51 34.34
CA GLU C 268 -49.45 14.91 33.87
C GLU C 268 -49.77 14.29 32.52
N LEU C 269 -48.80 14.35 31.60
CA LEU C 269 -49.01 13.75 30.28
C LEU C 269 -49.27 12.25 30.40
N SER C 270 -48.72 11.60 31.43
CA SER C 270 -48.89 10.16 31.58
C SER C 270 -50.36 9.81 31.79
N LYS C 271 -51.08 10.59 32.60
CA LYS C 271 -52.49 10.34 32.85
C LYS C 271 -53.38 10.73 31.67
N ASP C 272 -52.84 11.43 30.67
CA ASP C 272 -53.60 11.72 29.45
C ASP C 272 -54.07 10.41 28.84
N PRO C 273 -55.34 10.31 28.40
CA PRO C 273 -55.84 9.01 27.94
C PRO C 273 -55.36 8.63 26.54
N GLU C 274 -55.03 9.63 25.73
CA GLU C 274 -54.64 9.42 24.34
C GLU C 274 -53.16 9.75 24.11
N ILE C 275 -52.34 9.57 25.14
CA ILE C 275 -50.92 9.91 25.04
C ILE C 275 -50.27 9.17 23.87
N PHE C 276 -50.53 7.86 23.76
CA PHE C 276 -49.85 7.07 22.74
C PHE C 276 -50.22 7.54 21.35
N ASN C 277 -51.49 7.89 21.14
CA ASN C 277 -51.90 8.41 19.84
C ASN C 277 -51.14 9.70 19.52
N LYS C 278 -50.97 10.56 20.53
CA LYS C 278 -50.25 11.81 20.31
C LYS C 278 -48.79 11.56 19.95
N VAL C 279 -48.14 10.59 20.61
CA VAL C 279 -46.76 10.29 20.25
C VAL C 279 -46.69 9.68 18.86
N THR C 280 -47.61 8.76 18.55
CA THR C 280 -47.65 8.16 17.22
C THR C 280 -47.81 9.21 16.14
N GLN C 281 -48.59 10.26 16.41
CA GLN C 281 -48.73 11.36 15.47
C GLN C 281 -47.46 12.20 15.37
N SER C 282 -46.62 12.20 16.41
CA SER C 282 -45.35 12.93 16.38
C SER C 282 -44.25 12.19 15.61
N VAL C 283 -44.45 10.92 15.27
CA VAL C 283 -43.39 10.15 14.61
C VAL C 283 -42.96 10.80 13.31
N ALA C 284 -43.87 10.86 12.33
CA ALA C 284 -43.55 11.38 10.99
C ALA C 284 -44.65 12.38 10.62
N PRO C 285 -44.63 13.58 11.21
CA PRO C 285 -45.70 14.55 10.90
C PRO C 285 -45.80 14.85 9.41
N SER C 286 -44.64 15.03 8.77
CA SER C 286 -44.54 15.22 7.32
C SER C 286 -45.47 14.32 6.52
N ILE C 287 -45.56 13.06 6.89
CA ILE C 287 -46.13 12.05 6.01
C ILE C 287 -47.59 11.84 6.38
N TYR C 288 -48.38 11.40 5.40
CA TYR C 288 -49.80 11.13 5.59
C TYR C 288 -50.02 9.63 5.75
N GLY C 289 -50.91 9.27 6.65
CA GLY C 289 -51.25 7.86 6.82
C GLY C 289 -50.14 7.09 7.49
N TYR C 290 -49.82 5.91 6.94
CA TYR C 290 -48.85 5.00 7.53
C TYR C 290 -49.02 4.98 9.05
N ASN C 291 -50.27 4.99 9.53
CA ASN C 291 -50.51 5.08 10.96
C ASN C 291 -49.96 3.88 11.71
N GLU C 292 -49.99 2.70 11.09
CA GLU C 292 -49.48 1.49 11.74
C GLU C 292 -47.96 1.54 11.86
N ILE C 293 -47.27 1.90 10.77
CA ILE C 293 -45.82 2.03 10.83
C ILE C 293 -45.43 3.05 11.89
N LYS C 294 -46.19 4.14 11.97
CA LYS C 294 -45.90 5.18 12.96
C LYS C 294 -46.11 4.65 14.37
N GLN C 295 -47.15 3.85 14.60
CA GLN C 295 -47.33 3.23 15.92
C GLN C 295 -46.14 2.37 16.29
N ALA C 296 -45.66 1.56 15.35
CA ALA C 296 -44.54 0.66 15.65
C ALA C 296 -43.26 1.45 15.92
N VAL C 297 -42.99 2.48 15.11
CA VAL C 297 -41.89 3.38 15.43
C VAL C 297 -42.06 3.96 16.83
N ALA C 298 -43.25 4.46 17.15
CA ALA C 298 -43.45 5.06 18.46
C ALA C 298 -43.08 4.08 19.56
N LEU C 299 -43.41 2.80 19.37
CA LEU C 299 -43.05 1.80 20.37
C LEU C 299 -41.55 1.53 20.39
N GLN C 300 -40.91 1.71 19.26
CA GLN C 300 -39.49 1.49 19.19
C GLN C 300 -38.82 2.53 20.05
N LEU C 301 -39.33 3.74 20.01
CA LEU C 301 -38.72 4.84 20.74
C LEU C 301 -38.61 4.54 22.23
N PHE C 302 -39.72 4.10 22.83
CA PHE C 302 -39.71 3.81 24.26
C PHE C 302 -38.93 2.53 24.54
N GLY C 303 -39.09 1.50 23.71
CA GLY C 303 -38.35 0.28 23.85
C GLY C 303 -38.85 -0.62 24.96
N GLY C 304 -38.46 -1.89 24.95
CA GLY C 304 -38.88 -2.83 25.97
C GLY C 304 -38.18 -2.58 27.29
N THR C 305 -38.38 -3.51 28.21
CA THR C 305 -37.78 -3.38 29.53
C THR C 305 -36.29 -3.70 29.46
N PRO C 306 -35.40 -2.78 29.83
CA PRO C 306 -33.96 -3.09 29.81
C PRO C 306 -33.51 -3.84 31.05
N GLY C 307 -32.45 -4.63 30.87
CA GLY C 307 -31.85 -5.33 31.99
C GLY C 307 -32.33 -6.74 32.22
N LYS C 308 -33.34 -7.20 31.49
CA LYS C 308 -33.79 -8.58 31.62
C LYS C 308 -32.64 -9.52 31.30
N LYS C 309 -32.31 -10.39 32.25
CA LYS C 309 -31.27 -11.40 32.08
C LYS C 309 -31.87 -12.78 32.28
N LEU C 310 -31.38 -13.74 31.50
CA LEU C 310 -31.89 -15.10 31.54
C LEU C 310 -31.36 -15.83 32.77
N VAL C 311 -31.61 -17.14 32.87
CA VAL C 311 -31.12 -17.89 34.02
C VAL C 311 -29.64 -18.14 33.88
N ASP C 312 -29.17 -18.32 32.64
CA ASP C 312 -27.77 -18.58 32.33
C ASP C 312 -26.97 -17.31 32.21
N GLY C 313 -27.55 -16.14 32.51
CA GLY C 313 -26.85 -14.89 32.37
C GLY C 313 -26.90 -14.29 30.99
N GLY C 314 -27.67 -14.86 30.07
CA GLY C 314 -27.78 -14.33 28.73
C GLY C 314 -28.69 -13.12 28.64
N GLN C 315 -28.18 -11.86 28.40
CA GLN C 315 -28.85 -10.64 28.26
C GLN C 315 -29.90 -10.80 27.19
N ILE C 316 -31.08 -10.34 27.46
CA ILE C 316 -32.24 -10.37 26.58
C ILE C 316 -32.41 -8.99 25.95
N ARG C 317 -32.53 -8.97 24.62
CA ARG C 317 -32.70 -7.71 23.91
C ARG C 317 -34.02 -7.04 24.29
N SER C 318 -33.96 -5.72 24.47
CA SER C 318 -35.14 -4.88 24.68
C SER C 318 -35.40 -3.95 23.50
N ASP C 319 -34.39 -3.51 22.77
CA ASP C 319 -34.56 -2.64 21.67
C ASP C 319 -35.22 -3.34 20.53
N MET C 320 -36.08 -2.65 19.82
CA MET C 320 -36.81 -3.20 18.69
C MET C 320 -36.15 -2.81 17.37
N HIS C 321 -36.29 -3.69 16.38
CA HIS C 321 -35.86 -3.43 15.01
C HIS C 321 -37.06 -3.49 14.08
N ILE C 322 -37.10 -2.54 13.13
CA ILE C 322 -38.18 -2.45 12.16
C ILE C 322 -37.58 -2.40 10.77
N LEU C 323 -38.29 -2.99 9.81
CA LEU C 323 -37.91 -2.96 8.40
C LEU C 323 -39.12 -2.53 7.60
N LEU C 324 -38.91 -1.68 6.61
CA LEU C 324 -39.98 -1.23 5.76
C LEU C 324 -39.64 -1.51 4.34
N ILE C 325 -40.39 -2.41 3.71
CA ILE C 325 -40.14 -2.70 2.28
C ILE C 325 -41.24 -2.04 1.45
N GLY C 326 -40.84 -1.23 0.47
CA GLY C 326 -41.81 -0.57 -0.36
C GLY C 326 -41.23 -0.13 -1.66
N ASP C 327 -42.14 0.30 -2.53
CA ASP C 327 -41.74 0.72 -3.88
C ASP C 327 -41.09 2.11 -3.80
N PRO C 328 -40.37 2.60 -4.82
CA PRO C 328 -39.82 3.94 -4.81
C PRO C 328 -41.04 4.83 -4.86
N GLY C 329 -41.07 5.86 -4.04
CA GLY C 329 -42.23 6.72 -3.86
C GLY C 329 -43.14 6.37 -2.69
N SER C 330 -42.60 5.59 -1.78
CA SER C 330 -43.40 5.15 -0.67
C SER C 330 -43.05 5.67 0.68
N ALA C 331 -42.35 6.81 0.70
CA ALA C 331 -42.06 7.63 1.88
C ALA C 331 -40.99 6.99 2.76
N LYS C 332 -40.23 6.07 2.22
CA LYS C 332 -39.26 5.35 2.99
C LYS C 332 -38.16 6.23 3.48
N THR C 333 -37.43 6.79 2.55
CA THR C 333 -36.32 7.67 2.90
C THR C 333 -36.78 8.79 3.82
N ARG C 334 -37.95 9.35 3.50
CA ARG C 334 -38.45 10.49 4.27
C ARG C 334 -38.68 10.07 5.72
N ILE C 335 -39.27 8.89 5.92
CA ILE C 335 -39.62 8.41 7.26
C ILE C 335 -38.36 8.15 8.08
N LEU C 336 -37.40 7.51 7.41
CA LEU C 336 -36.12 7.18 8.01
C LEU C 336 -35.41 8.44 8.49
N GLN C 337 -35.31 9.43 7.62
CA GLN C 337 -34.60 10.67 7.96
C GLN C 337 -35.34 11.46 9.03
N SER C 338 -36.67 11.50 8.96
CA SER C 338 -37.43 12.22 9.99
C SER C 338 -37.26 11.59 11.37
N VAL C 339 -37.28 10.27 11.43
CA VAL C 339 -37.12 9.64 12.71
C VAL C 339 -35.75 9.92 13.24
N SER C 340 -34.76 9.85 12.38
CA SER C 340 -33.41 10.15 12.83
C SER C 340 -33.33 11.54 13.41
N ARG C 341 -33.99 12.51 12.77
CA ARG C 341 -33.97 13.87 13.28
C ARG C 341 -34.67 14.02 14.62
N LEU C 342 -35.69 13.19 14.89
CA LEU C 342 -36.47 13.35 16.12
C LEU C 342 -35.76 12.80 17.35
N VAL C 343 -34.87 11.85 17.18
CA VAL C 343 -34.17 11.31 18.31
C VAL C 343 -32.97 12.16 18.50
N PRO C 344 -32.57 12.32 19.75
CA PRO C 344 -31.37 13.11 19.93
C PRO C 344 -30.21 12.38 19.37
N LYS C 345 -30.14 11.11 19.70
CA LYS C 345 -29.08 10.26 19.24
C LYS C 345 -29.52 9.66 17.94
N GLY C 346 -29.44 10.41 16.86
CA GLY C 346 -29.91 9.91 15.59
C GLY C 346 -28.90 9.73 14.51
N ILE C 347 -28.94 8.59 13.86
CA ILE C 347 -28.00 8.28 12.81
C ILE C 347 -28.71 7.83 11.58
N TYR C 348 -28.34 8.38 10.45
CA TYR C 348 -28.93 7.97 9.19
C TYR C 348 -27.81 7.65 8.21
N VAL C 349 -27.85 6.45 7.63
CA VAL C 349 -26.74 5.93 6.83
C VAL C 349 -27.31 4.97 5.80
N SER C 350 -26.65 4.92 4.64
CA SER C 350 -27.03 4.00 3.57
C SER C 350 -26.36 2.64 3.77
N GLY C 351 -26.98 1.61 3.21
CA GLY C 351 -26.48 0.25 3.39
C GLY C 351 -25.35 -0.15 2.47
N LYS C 352 -25.25 0.48 1.30
CA LYS C 352 -24.14 0.21 0.41
C LYS C 352 -22.84 0.64 1.08
N SER C 353 -21.81 -0.20 0.96
CA SER C 353 -20.55 0.05 1.63
C SER C 353 -19.40 -0.53 0.83
N VAL C 354 -18.26 0.13 0.90
CA VAL C 354 -17.01 -0.46 0.45
C VAL C 354 -16.48 -1.35 1.56
N THR C 355 -15.74 -2.38 1.18
CA THR C 355 -15.31 -3.37 2.15
C THR C 355 -14.38 -2.69 3.14
N GLY C 356 -14.65 -2.85 4.44
CA GLY C 356 -13.92 -2.13 5.46
C GLY C 356 -14.53 -0.79 5.86
N GLY C 357 -15.56 -0.34 5.16
CA GLY C 357 -16.26 0.88 5.53
C GLY C 357 -17.71 0.58 5.82
N GLY C 358 -17.97 -0.53 6.52
CA GLY C 358 -19.31 -1.04 6.70
C GLY C 358 -20.00 -0.53 7.95
N LEU C 359 -21.24 -0.99 8.14
CA LEU C 359 -22.02 -0.62 9.32
C LEU C 359 -21.53 -1.34 10.56
N THR C 360 -21.05 -2.57 10.39
CA THR C 360 -20.56 -3.39 11.49
C THR C 360 -19.05 -3.26 11.65
N ALA C 361 -18.46 -2.21 11.09
CA ALA C 361 -17.02 -2.01 11.21
C ALA C 361 -16.64 -1.87 12.68
N VAL C 362 -15.51 -2.48 13.03
CA VAL C 362 -14.92 -2.40 14.36
C VAL C 362 -13.42 -2.32 14.22
N ALA C 363 -12.78 -1.95 15.34
CA ALA C 363 -11.34 -1.70 15.34
C ALA C 363 -10.55 -2.99 15.32
N GLU C 364 -9.54 -2.95 14.45
CA GLU C 364 -8.50 -3.91 14.14
C GLU C 364 -7.19 -3.50 14.82
N ARG C 365 -6.50 -4.49 15.42
CA ARG C 365 -5.26 -4.26 16.16
C ARG C 365 -4.12 -3.98 15.15
N ASP C 366 -3.63 -2.74 15.12
CA ASP C 366 -2.54 -2.38 14.19
C ASP C 366 -1.46 -1.60 14.92
N ASP C 367 -0.25 -2.17 14.96
CA ASP C 367 0.85 -1.49 15.65
C ASP C 367 1.24 -0.20 14.97
N PHE C 368 1.15 -0.16 13.64
CA PHE C 368 1.56 1.04 12.90
C PHE C 368 0.64 2.21 13.19
N SER C 369 -0.62 1.95 13.54
CA SER C 369 -1.56 3.02 13.83
C SER C 369 -1.32 3.60 15.23
N GLU C 370 -1.91 4.77 15.48
CA GLU C 370 -1.77 5.44 16.76
C GLU C 370 -2.66 4.78 17.80
N GLY C 371 -2.06 4.46 18.96
CA GLY C 371 -2.77 3.78 20.01
C GLY C 371 -2.90 2.28 19.83
N GLY C 372 -2.35 1.73 18.76
CA GLY C 372 -2.42 0.31 18.53
C GLY C 372 -3.73 -0.18 17.96
N TRP C 373 -4.61 0.72 17.51
CA TRP C 373 -5.91 0.34 17.01
C TRP C 373 -6.27 1.26 15.85
N THR C 374 -6.77 0.68 14.77
CA THR C 374 -7.15 1.46 13.61
C THR C 374 -8.41 2.28 13.91
N LEU C 375 -8.71 3.21 13.02
CA LEU C 375 -9.89 4.06 13.17
C LEU C 375 -11.03 3.41 12.38
N LYS C 376 -11.72 2.47 13.03
CA LYS C 376 -12.83 1.76 12.41
C LYS C 376 -13.99 1.70 13.39
N ALA C 377 -15.06 2.43 13.08
CA ALA C 377 -16.28 2.41 13.89
C ALA C 377 -17.44 2.69 12.94
N GLY C 378 -18.30 1.69 12.73
CA GLY C 378 -19.47 1.85 11.89
C GLY C 378 -20.64 2.41 12.66
N ALA C 379 -21.78 2.50 11.97
CA ALA C 379 -22.99 3.04 12.59
C ALA C 379 -23.46 2.17 13.75
N MET C 380 -23.25 0.89 13.65
CA MET C 380 -23.69 0.04 14.71
C MET C 380 -22.91 0.26 15.97
N VAL C 381 -21.61 0.39 15.88
CA VAL C 381 -20.77 0.62 17.06
C VAL C 381 -21.00 2.02 17.62
N LEU C 382 -21.32 2.96 16.76
CA LEU C 382 -21.57 4.29 17.20
C LEU C 382 -22.97 4.52 17.63
N GLY C 383 -23.84 3.56 17.42
CA GLY C 383 -25.21 3.69 17.82
C GLY C 383 -25.48 4.12 19.22
N ASN C 384 -24.77 3.57 20.18
CA ASN C 384 -24.96 3.92 21.57
C ASN C 384 -26.38 3.92 22.08
N GLY C 385 -27.19 2.96 21.70
CA GLY C 385 -28.53 2.94 22.20
C GLY C 385 -29.37 4.01 21.59
N GLY C 386 -29.13 4.30 20.34
CA GLY C 386 -29.90 5.31 19.66
C GLY C 386 -30.68 4.63 18.58
N ILE C 387 -30.99 5.35 17.53
CA ILE C 387 -31.70 4.76 16.45
C ILE C 387 -30.81 4.89 15.29
N VAL C 388 -30.58 3.81 14.58
CA VAL C 388 -29.74 3.88 13.42
C VAL C 388 -30.68 3.66 12.30
N ALA C 389 -30.80 4.58 11.39
CA ALA C 389 -31.72 4.39 10.30
C ALA C 389 -30.98 3.97 9.09
N ILE C 390 -31.01 2.69 8.78
CA ILE C 390 -30.26 2.19 7.64
C ILE C 390 -31.21 2.13 6.44
N ASP C 391 -31.10 3.12 5.56
CA ASP C 391 -31.81 3.09 4.30
C ASP C 391 -31.08 2.15 3.33
N GLN C 392 -31.82 1.68 2.32
CA GLN C 392 -31.26 0.83 1.27
C GLN C 392 -30.62 -0.42 1.87
N PHE C 393 -31.34 -1.08 2.75
CA PHE C 393 -30.92 -2.37 3.32
C PHE C 393 -30.71 -3.53 2.27
N ASP C 394 -31.27 -3.40 1.08
CA ASP C 394 -31.14 -4.41 0.02
C ASP C 394 -29.73 -4.46 -0.56
N LYS C 395 -29.05 -3.32 -0.51
CA LYS C 395 -27.67 -3.17 -0.99
C LYS C 395 -26.59 -3.42 0.07
N ILE C 396 -26.94 -3.99 1.22
CA ILE C 396 -25.96 -4.30 2.26
C ILE C 396 -24.90 -5.25 1.72
N SER C 397 -23.67 -5.04 2.16
CA SER C 397 -22.57 -5.91 1.75
C SER C 397 -22.68 -7.29 2.43
N GLU C 398 -22.04 -8.28 1.80
CA GLU C 398 -22.04 -9.63 2.37
C GLU C 398 -21.39 -9.65 3.74
N GLU C 399 -20.29 -8.90 3.90
CA GLU C 399 -19.66 -8.78 5.21
C GLU C 399 -20.62 -8.22 6.24
N ASP C 400 -21.26 -7.09 5.92
CA ASP C 400 -22.25 -6.52 6.83
C ASP C 400 -23.43 -7.46 7.00
N THR C 401 -23.84 -8.12 5.90
CA THR C 401 -24.95 -9.05 6.01
C THR C 401 -24.68 -10.09 7.09
N ALA C 402 -23.47 -10.61 7.15
CA ALA C 402 -23.16 -11.63 8.15
C ALA C 402 -23.00 -11.03 9.55
N ALA C 403 -22.38 -9.86 9.66
CA ALA C 403 -22.14 -9.30 10.99
C ALA C 403 -23.42 -8.82 11.65
N LEU C 404 -24.40 -8.38 10.86
CA LEU C 404 -25.63 -7.84 11.42
C LEU C 404 -26.50 -8.89 12.07
N HIS C 405 -26.32 -10.17 11.75
CA HIS C 405 -27.02 -11.21 12.50
C HIS C 405 -26.76 -11.05 13.99
N GLU C 406 -25.48 -11.13 14.38
CA GLU C 406 -25.09 -10.95 15.77
C GLU C 406 -25.40 -9.54 16.26
N ALA C 407 -25.17 -8.53 15.42
CA ALA C 407 -25.40 -7.17 15.87
C ALA C 407 -26.86 -6.92 16.24
N LEU C 408 -27.79 -7.46 15.46
CA LEU C 408 -29.21 -7.25 15.72
C LEU C 408 -29.71 -8.12 16.87
N GLU C 409 -29.25 -9.34 16.99
CA GLU C 409 -29.74 -10.15 18.07
C GLU C 409 -29.04 -9.94 19.37
N SER C 410 -27.75 -10.20 19.41
CA SER C 410 -27.00 -10.08 20.66
C SER C 410 -26.62 -8.64 20.99
N GLN C 411 -26.66 -7.76 20.01
CA GLN C 411 -26.27 -6.38 20.08
C GLN C 411 -24.82 -6.27 20.40
N THR C 412 -24.02 -7.22 19.88
CA THR C 412 -22.58 -7.29 20.00
C THR C 412 -22.00 -7.63 18.63
N ILE C 413 -20.75 -7.22 18.42
CA ILE C 413 -19.95 -7.65 17.26
C ILE C 413 -18.68 -8.28 17.81
N SER C 414 -18.59 -9.60 17.73
CA SER C 414 -17.47 -10.31 18.35
C SER C 414 -16.39 -10.62 17.31
N VAL C 415 -15.14 -10.47 17.70
CA VAL C 415 -14.01 -10.67 16.79
C VAL C 415 -12.95 -11.52 17.47
N ALA C 416 -12.18 -12.24 16.65
CA ALA C 416 -11.00 -12.98 17.10
C ALA C 416 -9.91 -12.74 16.04
N LYS C 417 -9.12 -11.68 16.23
CA LYS C 417 -8.24 -11.19 15.17
C LYS C 417 -7.02 -10.53 15.80
N ALA C 418 -5.86 -10.68 15.15
CA ALA C 418 -4.64 -10.02 15.60
C ALA C 418 -4.29 -10.37 17.05
N GLY C 419 -4.69 -11.56 17.50
CA GLY C 419 -4.38 -12.02 18.83
C GLY C 419 -5.35 -11.58 19.91
N ILE C 420 -6.30 -10.71 19.56
CA ILE C 420 -7.28 -10.20 20.51
C ILE C 420 -8.60 -10.91 20.24
N ILE C 421 -9.15 -11.54 21.29
CA ILE C 421 -10.54 -11.96 21.34
C ILE C 421 -11.32 -10.81 21.97
N ALA C 422 -12.34 -10.31 21.26
CA ALA C 422 -13.03 -9.11 21.74
C ALA C 422 -14.51 -9.20 21.42
N THR C 423 -15.30 -8.37 22.10
CA THR C 423 -16.73 -8.31 21.88
C THR C 423 -17.10 -6.83 21.92
N PHE C 424 -17.24 -6.22 20.76
CA PHE C 424 -17.63 -4.83 20.66
C PHE C 424 -19.12 -4.68 20.95
N ASN C 425 -19.51 -3.55 21.50
CA ASN C 425 -20.89 -3.34 21.84
C ASN C 425 -21.62 -2.65 20.75
N ALA C 426 -22.83 -3.07 20.47
CA ALA C 426 -23.56 -2.47 19.41
C ALA C 426 -25.02 -2.31 19.72
N LYS C 427 -25.34 -1.67 20.82
CA LYS C 427 -26.72 -1.50 21.17
C LYS C 427 -27.32 -0.45 20.33
N ALA C 428 -28.36 -0.75 19.58
CA ALA C 428 -29.03 0.23 18.76
C ALA C 428 -30.39 -0.26 18.41
N SER C 429 -31.21 0.61 17.87
CA SER C 429 -32.53 0.24 17.43
C SER C 429 -32.49 0.55 15.97
N VAL C 430 -32.58 -0.45 15.12
CA VAL C 430 -32.46 -0.24 13.68
C VAL C 430 -33.84 0.02 13.09
N LEU C 431 -33.91 1.03 12.24
CA LEU C 431 -35.07 1.33 11.48
C LEU C 431 -34.56 1.19 10.07
N ALA C 432 -34.76 0.04 9.48
CA ALA C 432 -34.27 -0.23 8.12
C ALA C 432 -35.38 0.00 7.09
N ALA C 433 -34.94 0.19 5.84
CA ALA C 433 -35.85 0.40 4.71
C ALA C 433 -35.11 -0.04 3.45
N ALA C 434 -35.82 -0.71 2.57
CA ALA C 434 -35.23 -1.19 1.34
C ALA C 434 -36.24 -1.44 0.25
N ASN C 435 -35.83 -1.32 -0.99
CA ASN C 435 -36.71 -1.57 -2.10
C ASN C 435 -36.78 -3.03 -2.42
N PRO C 436 -37.79 -3.46 -3.24
CA PRO C 436 -37.94 -4.86 -3.59
C PRO C 436 -36.81 -5.42 -4.44
N LYS C 437 -36.96 -6.66 -4.86
CA LYS C 437 -35.92 -7.35 -5.58
C LYS C 437 -35.63 -6.76 -6.93
N PHE C 438 -36.65 -6.46 -7.70
CA PHE C 438 -36.37 -5.87 -8.99
C PHE C 438 -36.74 -4.43 -9.09
N GLY C 439 -37.28 -3.89 -8.00
CA GLY C 439 -37.64 -2.47 -7.95
C GLY C 439 -39.10 -2.27 -7.62
N ARG C 440 -39.96 -3.15 -8.12
CA ARG C 440 -41.43 -2.97 -7.91
C ARG C 440 -42.02 -4.25 -7.34
N PHE C 441 -43.01 -4.11 -6.52
CA PHE C 441 -43.64 -5.21 -5.99
C PHE C 441 -44.64 -5.63 -7.02
N ASP C 442 -44.70 -6.89 -7.35
CA ASP C 442 -45.71 -7.37 -8.25
C ASP C 442 -46.94 -7.67 -7.43
N LYS C 445 -47.89 -11.53 -5.21
CA LYS C 445 -46.88 -12.28 -5.93
C LYS C 445 -45.89 -12.76 -4.92
N TYR C 446 -46.40 -13.26 -3.80
CA TYR C 446 -45.60 -13.67 -2.61
C TYR C 446 -44.53 -12.62 -2.32
N PRO C 447 -44.87 -11.42 -1.78
CA PRO C 447 -43.87 -10.38 -1.57
C PRO C 447 -42.68 -10.87 -0.74
N ALA C 448 -42.90 -11.85 0.14
CA ALA C 448 -41.79 -12.21 1.01
C ALA C 448 -40.55 -12.64 0.22
N GLU C 449 -40.74 -13.40 -0.86
CA GLU C 449 -39.61 -13.82 -1.68
C GLU C 449 -38.95 -12.64 -2.37
N GLN C 450 -39.73 -11.59 -2.63
CA GLN C 450 -39.21 -10.42 -3.41
C GLN C 450 -38.42 -9.49 -2.51
N PHE C 451 -38.24 -9.85 -1.24
CA PHE C 451 -37.57 -8.90 -0.30
C PHE C 451 -36.09 -8.77 -0.63
N ASP C 452 -35.46 -9.84 -1.13
CA ASP C 452 -34.03 -9.84 -1.44
C ASP C 452 -33.19 -9.50 -0.21
N ILE C 453 -33.65 -9.94 0.95
CA ILE C 453 -32.87 -9.94 2.18
C ILE C 453 -32.86 -11.36 2.70
N SER C 454 -31.69 -11.84 3.11
CA SER C 454 -31.58 -13.21 3.58
C SER C 454 -32.69 -13.51 4.58
N PRO C 455 -33.33 -14.68 4.49
CA PRO C 455 -34.34 -15.03 5.51
C PRO C 455 -33.76 -15.03 6.92
N THR C 456 -32.51 -15.46 7.07
CA THR C 456 -31.80 -15.41 8.35
C THR C 456 -31.62 -14.00 8.90
N LEU C 457 -31.49 -12.98 8.06
CA LEU C 457 -31.42 -11.62 8.58
C LEU C 457 -32.79 -11.00 8.84
N LEU C 458 -33.83 -11.45 8.12
CA LEU C 458 -35.18 -10.92 8.35
C LEU C 458 -35.76 -11.40 9.67
N SER C 459 -35.33 -12.56 10.10
CA SER C 459 -35.85 -13.07 11.33
C SER C 459 -35.44 -12.21 12.49
N ARG C 460 -34.53 -11.29 12.27
CA ARG C 460 -34.07 -10.46 13.37
C ARG C 460 -35.00 -9.33 13.61
N PHE C 461 -35.41 -8.68 12.54
CA PHE C 461 -36.37 -7.59 12.63
C PHE C 461 -37.64 -8.07 13.33
N ASP C 462 -38.13 -7.27 14.29
CA ASP C 462 -39.35 -7.63 14.98
C ASP C 462 -40.57 -7.42 14.08
N LEU C 463 -40.64 -6.29 13.40
CA LEU C 463 -41.79 -5.93 12.57
C LEU C 463 -41.31 -5.57 11.18
N ILE C 464 -41.91 -6.19 10.16
CA ILE C 464 -41.47 -6.06 8.77
C ILE C 464 -42.67 -5.59 7.98
N PHE C 465 -42.75 -4.31 7.67
CA PHE C 465 -43.97 -3.75 7.10
C PHE C 465 -43.85 -3.59 5.60
N PRO C 466 -44.57 -4.39 4.75
CA PRO C 466 -44.55 -4.13 3.32
C PRO C 466 -45.47 -2.94 3.05
N ILE C 467 -45.13 -2.10 2.08
CA ILE C 467 -45.97 -0.93 1.72
C ILE C 467 -46.53 -1.14 0.32
N ARG C 468 -47.82 -0.99 0.10
CA ARG C 468 -48.34 -1.19 -1.22
C ARG C 468 -49.07 0.03 -1.72
N ASP C 469 -49.10 0.17 -3.01
CA ASP C 469 -49.81 1.28 -3.66
C ASP C 469 -51.18 0.76 -4.08
N ILE C 470 -52.21 1.06 -3.28
CA ILE C 470 -53.53 0.45 -3.49
C ILE C 470 -54.30 1.11 -4.63
N MET C 471 -53.72 2.11 -5.25
CA MET C 471 -54.35 2.82 -6.32
C MET C 471 -55.81 3.20 -6.15
N ASP C 472 -56.11 3.72 -4.96
CA ASP C 472 -57.41 4.27 -4.62
C ASP C 472 -57.43 5.77 -4.91
N THR C 473 -58.42 6.22 -5.66
CA THR C 473 -58.50 7.60 -6.05
C THR C 473 -58.75 8.57 -4.93
N GLU C 474 -59.67 8.22 -4.04
CA GLU C 474 -59.91 9.06 -2.87
C GLU C 474 -58.61 9.32 -2.12
N LEU C 475 -57.85 8.23 -1.89
CA LEU C 475 -56.59 8.33 -1.14
C LEU C 475 -55.60 9.21 -1.86
N ASP C 476 -55.54 9.10 -3.19
CA ASP C 476 -54.72 10.03 -3.97
C ASP C 476 -55.14 11.47 -3.69
N LYS C 477 -56.45 11.73 -3.68
CA LYS C 477 -56.94 13.07 -3.37
C LYS C 477 -56.42 13.55 -2.01
N SER C 478 -56.55 12.71 -0.98
CA SER C 478 -56.19 13.12 0.37
C SER C 478 -54.69 13.37 0.48
N ILE C 479 -53.89 12.51 -0.13
CA ILE C 479 -52.44 12.67 -0.08
C ILE C 479 -52.03 13.97 -0.78
N ALA C 480 -52.62 14.23 -1.96
CA ALA C 480 -52.29 15.47 -2.65
C ALA C 480 -52.67 16.68 -1.83
N ASN C 481 -53.81 16.62 -1.13
CA ASN C 481 -54.22 17.76 -0.31
C ASN C 481 -53.25 17.97 0.85
N TYR C 482 -52.84 16.89 1.52
CA TYR C 482 -51.86 17.02 2.60
C TYR C 482 -50.57 17.65 2.10
N ILE C 483 -50.06 17.16 0.98
CA ILE C 483 -48.75 17.66 0.49
C ILE C 483 -48.89 19.12 0.07
N LEU C 484 -49.89 19.41 -0.76
CA LEU C 484 -50.04 20.79 -1.29
C LEU C 484 -50.24 21.74 -0.11
N ASN C 485 -50.91 21.28 0.93
CA ASN C 485 -51.18 22.15 2.10
C ASN C 485 -49.86 22.50 2.78
N GLN C 486 -49.04 21.50 3.11
CA GLN C 486 -47.74 21.84 3.68
C GLN C 486 -46.94 22.79 2.78
N HIS C 487 -46.90 22.50 1.47
CA HIS C 487 -46.09 23.35 0.60
C HIS C 487 -46.63 24.77 0.56
N GLU C 488 -47.95 24.88 0.54
CA GLU C 488 -48.60 26.18 0.52
C GLU C 488 -48.30 26.94 1.78
N ALA C 489 -48.43 26.29 2.91
CA ALA C 489 -48.19 26.96 4.20
C ALA C 489 -46.74 27.42 4.31
N ALA C 490 -45.79 26.58 3.89
CA ALA C 490 -44.39 26.97 3.96
C ALA C 490 -44.11 28.19 3.08
N GLY C 491 -44.66 28.19 1.86
CA GLY C 491 -44.49 29.33 1.00
C GLY C 491 -45.10 30.59 1.56
N ALA C 492 -46.20 30.45 2.29
CA ALA C 492 -46.77 31.61 2.99
C ALA C 492 -45.89 32.05 4.15
N ALA C 493 -45.27 31.10 4.78
CA ALA C 493 -44.45 31.39 5.90
C ALA C 493 -43.16 31.96 5.52
N ILE C 494 -42.76 31.84 4.27
CA ILE C 494 -41.50 32.41 3.87
C ILE C 494 -41.60 33.91 3.94
N ALA C 495 -42.74 34.44 3.49
CA ALA C 495 -43.04 35.86 3.60
C ALA C 495 -43.84 36.05 4.90
N ASP C 496 -44.42 37.21 5.16
CA ASP C 496 -45.19 37.31 6.39
C ASP C 496 -46.63 37.44 6.00
N VAL C 497 -47.19 36.31 5.58
CA VAL C 497 -48.55 36.21 5.09
C VAL C 497 -49.26 35.07 5.79
N PRO C 506 -49.08 20.50 16.24
CA PRO C 506 -48.11 19.62 16.93
C PRO C 506 -48.67 19.07 18.24
N PRO C 507 -48.99 17.77 18.28
CA PRO C 507 -49.66 17.24 19.49
C PRO C 507 -48.83 17.40 20.75
N ILE C 508 -47.54 17.07 20.68
CA ILE C 508 -46.59 17.23 21.78
C ILE C 508 -45.39 18.00 21.27
N GLU C 509 -44.94 19.00 22.06
CA GLU C 509 -43.78 19.80 21.75
C GLU C 509 -42.56 18.87 21.76
N HIS C 510 -41.62 19.13 20.88
CA HIS C 510 -40.50 18.27 20.68
C HIS C 510 -39.66 18.12 21.85
N SER C 511 -39.26 19.16 22.53
CA SER C 511 -38.46 18.99 23.70
C SER C 511 -39.14 18.27 24.74
N LEU C 512 -40.39 18.53 24.95
CA LEU C 512 -41.09 17.84 25.97
C LEU C 512 -41.25 16.38 25.64
N LEU C 513 -41.50 16.08 24.39
CA LEU C 513 -41.64 14.72 23.97
C LEU C 513 -40.36 13.96 24.26
N LYS C 514 -39.23 14.58 23.98
CA LYS C 514 -37.96 13.95 24.20
C LYS C 514 -37.78 13.71 25.64
N LYS C 515 -38.22 14.63 26.44
CA LYS C 515 -38.03 14.46 27.84
C LYS C 515 -38.90 13.36 28.37
N TYR C 516 -40.09 13.27 27.78
CA TYR C 516 -41.08 12.24 28.14
C TYR C 516 -40.50 10.85 28.03
N ILE C 517 -39.83 10.62 26.92
CA ILE C 517 -39.24 9.36 26.63
C ILE C 517 -38.10 9.05 27.51
N ALA C 518 -37.29 10.03 27.79
CA ALA C 518 -36.16 9.83 28.63
C ALA C 518 -36.54 9.45 29.99
N TYR C 519 -37.59 10.07 30.50
CA TYR C 519 -38.05 9.77 31.83
C TYR C 519 -38.56 8.34 31.86
N ALA C 520 -39.24 7.95 30.78
CA ALA C 520 -39.76 6.65 30.69
C ALA C 520 -38.70 5.67 30.64
N LYS C 521 -37.68 5.89 29.87
CA LYS C 521 -36.60 4.96 29.82
C LYS C 521 -35.86 4.88 31.10
N ARG C 522 -35.66 6.00 31.73
CA ARG C 522 -34.92 5.99 32.93
C ARG C 522 -35.53 5.26 34.08
N TYR C 523 -36.82 5.46 34.36
CA TYR C 523 -37.38 4.85 35.57
C TYR C 523 -38.62 3.97 35.49
N VAL C 524 -39.10 3.61 34.29
CA VAL C 524 -40.29 2.81 34.26
C VAL C 524 -40.02 1.54 33.53
N MET C 525 -39.80 0.35 34.17
CA MET C 525 -39.38 -0.98 33.72
C MET C 525 -40.59 -1.89 33.80
N PRO C 526 -41.46 -1.93 32.78
CA PRO C 526 -42.64 -2.82 32.85
C PRO C 526 -42.22 -4.26 33.11
N ARG C 527 -42.97 -4.95 33.98
CA ARG C 527 -42.98 -6.41 34.02
C ARG C 527 -44.26 -7.02 33.45
N LEU C 528 -44.14 -8.29 33.08
CA LEU C 528 -45.26 -9.01 32.53
C LEU C 528 -46.27 -9.37 33.61
N SER C 529 -47.54 -9.33 33.28
CA SER C 529 -48.55 -9.76 34.14
C SER C 529 -49.02 -11.06 33.51
N GLU C 530 -49.44 -12.01 34.33
CA GLU C 530 -49.91 -13.31 33.86
C GLU C 530 -50.97 -13.23 32.77
N GLU C 531 -51.91 -12.33 32.94
CA GLU C 531 -52.95 -12.12 31.98
C GLU C 531 -52.31 -11.77 30.67
N ALA C 532 -51.40 -10.80 30.68
CA ALA C 532 -50.75 -10.38 29.46
C ALA C 532 -49.84 -11.45 28.97
N SER C 533 -49.21 -12.16 29.87
CA SER C 533 -48.37 -13.22 29.46
C SER C 533 -49.20 -14.29 28.81
N ASN C 534 -50.38 -14.58 29.35
CA ASN C 534 -51.22 -15.54 28.73
C ASN C 534 -51.54 -15.18 27.33
N ARG C 535 -52.00 -13.97 27.10
CA ARG C 535 -52.43 -13.58 25.77
C ARG C 535 -51.39 -13.75 24.73
N ILE C 536 -50.16 -13.53 25.07
CA ILE C 536 -49.12 -13.73 24.06
C ILE C 536 -48.88 -15.22 23.79
N LYS C 537 -48.87 -16.04 24.85
CA LYS C 537 -48.73 -17.48 24.68
C LYS C 537 -49.81 -18.05 23.77
N GLU C 538 -51.07 -17.70 24.07
CA GLU C 538 -52.19 -18.14 23.25
C GLU C 538 -52.00 -17.70 21.80
N TYR C 539 -51.62 -16.43 21.61
CA TYR C 539 -51.49 -15.92 20.25
C TYR C 539 -50.42 -16.67 19.48
N TYR C 540 -49.32 -17.02 20.15
CA TYR C 540 -48.22 -17.70 19.43
C TYR C 540 -48.76 -19.03 18.92
N VAL C 541 -49.38 -19.80 19.81
CA VAL C 541 -49.81 -21.13 19.36
C VAL C 541 -50.82 -20.99 18.22
N ASP C 542 -51.73 -20.01 18.31
CA ASP C 542 -52.73 -19.87 17.25
C ASP C 542 -52.09 -19.47 15.93
N LEU C 543 -51.14 -18.54 15.95
CA LEU C 543 -50.50 -18.09 14.71
C LEU C 543 -49.68 -19.20 14.07
N ARG C 544 -48.94 -19.97 14.88
CA ARG C 544 -48.10 -21.03 14.32
C ARG C 544 -48.90 -22.22 13.82
N ARG C 545 -50.13 -22.42 14.32
CA ARG C 545 -50.96 -23.50 13.79
C ARG C 545 -51.29 -23.31 12.31
N ALA C 546 -51.18 -22.09 11.78
CA ALA C 546 -51.39 -21.80 10.37
C ALA C 546 -50.02 -21.55 9.74
N GLY C 547 -49.45 -22.58 9.15
CA GLY C 547 -48.15 -22.47 8.52
C GLY C 547 -48.06 -21.37 7.48
N THR C 553 -44.29 -15.53 5.56
CA THR C 553 -43.03 -16.02 6.09
C THR C 553 -43.25 -16.98 7.26
N PRO C 554 -42.26 -17.83 7.64
CA PRO C 554 -42.41 -18.69 8.82
C PRO C 554 -42.44 -17.91 10.14
N ILE C 555 -43.03 -18.51 11.16
CA ILE C 555 -43.11 -17.84 12.50
C ILE C 555 -42.26 -18.66 13.46
N THR C 556 -41.32 -18.03 14.15
CA THR C 556 -40.37 -18.76 15.01
C THR C 556 -40.59 -18.35 16.46
N PRO C 557 -40.03 -19.06 17.46
CA PRO C 557 -40.14 -18.64 18.86
C PRO C 557 -39.53 -17.25 19.12
N ARG C 558 -38.94 -16.63 18.11
CA ARG C 558 -38.36 -15.27 18.26
C ARG C 558 -39.48 -14.26 18.08
N GLN C 559 -40.52 -14.65 17.34
CA GLN C 559 -41.68 -13.75 17.14
C GLN C 559 -42.31 -13.53 18.49
N ILE C 560 -42.25 -14.52 19.37
CA ILE C 560 -42.76 -14.28 20.74
C ILE C 560 -41.95 -13.12 21.30
N GLU C 561 -40.63 -13.28 21.44
CA GLU C 561 -39.80 -12.27 22.07
C GLU C 561 -40.16 -10.89 21.60
N GLY C 562 -40.40 -10.74 20.31
CA GLY C 562 -40.78 -9.46 19.78
C GLY C 562 -42.03 -8.99 20.47
N LEU C 563 -43.05 -9.83 20.50
CA LEU C 563 -44.30 -9.50 21.14
C LEU C 563 -44.10 -9.08 22.54
N ILE C 564 -43.28 -9.77 23.28
CA ILE C 564 -43.03 -9.33 24.64
C ILE C 564 -42.41 -7.93 24.63
N ARG C 565 -41.42 -7.72 23.76
CA ARG C 565 -40.77 -6.42 23.70
C ARG C 565 -41.79 -5.32 23.45
N MET C 566 -42.64 -5.53 22.45
CA MET C 566 -43.59 -4.49 22.06
C MET C 566 -44.63 -4.24 23.15
N ALA C 567 -45.07 -5.30 23.85
CA ALA C 567 -46.02 -5.09 24.94
C ALA C 567 -45.38 -4.30 26.09
N GLU C 568 -44.15 -4.66 26.46
CA GLU C 568 -43.45 -3.88 27.46
C GLU C 568 -43.32 -2.43 27.02
N ALA C 569 -43.10 -2.20 25.72
CA ALA C 569 -43.00 -0.84 25.23
C ALA C 569 -44.31 -0.09 25.38
N SER C 570 -45.42 -0.74 25.06
CA SER C 570 -46.72 -0.10 25.24
C SER C 570 -46.98 0.20 26.71
N ALA C 571 -46.43 -0.60 27.61
CA ALA C 571 -46.53 -0.27 29.04
C ALA C 571 -45.67 0.93 29.41
N LYS C 572 -44.41 0.97 28.94
CA LYS C 572 -43.52 2.10 29.21
C LYS C 572 -44.06 3.42 28.64
N SER C 573 -44.76 3.36 27.51
CA SER C 573 -45.27 4.58 26.90
C SER C 573 -46.21 5.35 27.84
N GLN C 574 -46.89 4.64 28.74
CA GLN C 574 -47.79 5.27 29.71
C GLN C 574 -47.17 5.34 31.10
N LEU C 575 -45.88 5.17 31.24
CA LEU C 575 -45.20 5.16 32.52
C LEU C 575 -45.85 4.25 33.50
N ARG C 576 -46.01 3.04 33.10
CA ARG C 576 -46.67 2.03 33.92
C ARG C 576 -45.71 0.89 34.19
N ASP C 577 -45.78 0.35 35.41
CA ASP C 577 -44.87 -0.70 35.82
C ASP C 577 -45.30 -2.11 35.39
N VAL C 578 -46.57 -2.33 35.03
CA VAL C 578 -47.04 -3.68 34.73
C VAL C 578 -47.61 -3.68 33.33
N VAL C 579 -47.33 -4.73 32.56
CA VAL C 579 -47.88 -4.87 31.21
C VAL C 579 -49.33 -5.32 31.34
N SER C 580 -50.26 -4.56 30.78
CA SER C 580 -51.66 -4.91 30.78
C SER C 580 -51.99 -5.81 29.58
N VAL C 581 -53.23 -6.26 29.51
CA VAL C 581 -53.66 -7.07 28.40
C VAL C 581 -53.81 -6.19 27.23
N LYS C 582 -54.36 -5.02 27.45
CA LYS C 582 -54.40 -4.01 26.39
C LYS C 582 -53.05 -3.80 25.72
N ASP C 583 -51.97 -3.78 26.49
CA ASP C 583 -50.64 -3.64 25.87
C ASP C 583 -50.36 -4.82 24.95
N ALA C 584 -50.54 -6.04 25.47
CA ALA C 584 -50.34 -7.23 24.66
C ALA C 584 -51.13 -7.14 23.38
N ASN C 585 -52.35 -6.61 23.43
CA ASN C 585 -53.15 -6.54 22.23
C ASN C 585 -52.69 -5.44 21.27
N LEU C 586 -52.10 -4.36 21.76
CA LEU C 586 -51.38 -3.49 20.82
C LEU C 586 -50.25 -4.23 20.12
N ALA C 587 -49.48 -5.03 20.86
CA ALA C 587 -48.42 -5.81 20.20
C ALA C 587 -49.00 -6.72 19.12
N ILE C 588 -50.02 -7.48 19.51
CA ILE C 588 -50.66 -8.43 18.60
C ILE C 588 -51.33 -7.77 17.41
N SER C 589 -51.91 -6.59 17.61
CA SER C 589 -52.57 -5.87 16.52
C SER C 589 -51.53 -5.52 15.46
N LEU C 590 -50.37 -5.06 15.90
CA LEU C 590 -49.30 -4.69 14.99
C LEU C 590 -48.75 -5.93 14.30
N SER C 591 -48.62 -7.02 15.06
CA SER C 591 -48.13 -8.27 14.53
C SER C 591 -49.11 -8.78 13.47
N GLU C 592 -50.40 -8.72 13.80
CA GLU C 592 -51.45 -9.16 12.89
C GLU C 592 -51.42 -8.35 11.60
N TYR C 593 -51.24 -7.04 11.74
CA TYR C 593 -51.20 -6.16 10.58
C TYR C 593 -50.13 -6.61 9.60
N MET C 594 -48.90 -6.75 10.10
CA MET C 594 -47.77 -7.16 9.27
C MET C 594 -48.06 -8.45 8.50
N LEU C 595 -48.56 -9.45 9.21
CA LEU C 595 -48.87 -10.75 8.61
C LEU C 595 -49.86 -10.61 7.44
N LYS C 596 -50.86 -9.75 7.60
CA LYS C 596 -51.85 -9.57 6.61
C LYS C 596 -51.29 -9.00 5.35
N THR C 597 -50.37 -8.09 5.49
CA THR C 597 -49.82 -7.47 4.36
C THR C 597 -48.46 -8.02 4.16
N THR D 7 6.96 61.43 -1.89
CA THR D 7 6.21 61.00 -0.71
C THR D 7 5.02 61.90 -0.31
N SER D 8 5.25 63.14 0.11
CA SER D 8 4.12 64.03 0.37
C SER D 8 3.33 64.28 -0.91
N SER D 9 4.06 64.39 -2.01
CA SER D 9 3.48 64.58 -3.33
C SER D 9 2.45 63.50 -3.66
N LEU D 10 2.85 62.28 -3.43
CA LEU D 10 2.01 61.16 -3.71
C LEU D 10 0.77 61.26 -2.93
N LYS D 11 0.95 61.53 -1.66
CA LYS D 11 -0.13 61.64 -0.72
C LYS D 11 -1.18 62.58 -1.21
N LEU D 12 -0.78 63.77 -1.61
CA LEU D 12 -1.71 64.71 -2.15
C LEU D 12 -2.44 64.19 -3.32
N LEU D 13 -1.73 63.65 -4.28
CA LEU D 13 -2.39 63.18 -5.51
C LEU D 13 -3.48 62.17 -5.20
N PHE D 14 -3.20 61.26 -4.24
CA PHE D 14 -4.22 60.28 -3.89
C PHE D 14 -5.39 60.93 -3.18
N ASP D 15 -5.13 61.89 -2.29
CA ASP D 15 -6.25 62.62 -1.70
C ASP D 15 -7.23 63.05 -2.78
N GLU D 16 -6.72 63.53 -3.92
CA GLU D 16 -7.63 63.95 -4.99
C GLU D 16 -8.33 62.75 -5.65
N PHE D 17 -7.53 61.80 -6.17
CA PHE D 17 -8.09 60.69 -6.96
C PHE D 17 -9.17 59.95 -6.18
N LEU D 18 -8.95 59.74 -4.89
CA LEU D 18 -9.87 58.94 -4.08
C LEU D 18 -11.24 59.60 -4.00
N GLU D 19 -11.28 60.88 -3.73
CA GLU D 19 -12.56 61.54 -3.62
C GLU D 19 -13.23 61.63 -4.96
N SER D 20 -12.49 61.90 -6.00
CA SER D 20 -13.10 62.02 -7.31
C SER D 20 -13.79 60.73 -7.73
N TYR D 21 -13.06 59.61 -7.68
CA TYR D 21 -13.58 58.38 -8.28
C TYR D 21 -14.37 57.50 -7.31
N TYR D 22 -14.05 57.56 -6.03
CA TYR D 22 -14.68 56.68 -5.07
C TYR D 22 -15.30 57.31 -3.85
N SER D 23 -15.80 58.52 -4.00
CA SER D 23 -16.39 59.22 -2.88
C SER D 23 -17.48 58.50 -2.18
N ASP D 24 -18.37 57.91 -2.91
CA ASP D 24 -19.46 57.27 -2.25
C ASP D 24 -19.00 56.03 -1.52
N GLU D 25 -18.14 55.24 -2.14
CA GLU D 25 -17.69 54.04 -1.46
C GLU D 25 -16.96 54.38 -0.19
N ILE D 26 -16.21 55.46 -0.22
CA ILE D 26 -15.48 55.84 0.94
C ILE D 26 -16.39 56.24 2.07
N LYS D 27 -17.52 56.87 1.75
CA LYS D 27 -18.43 57.31 2.79
C LYS D 27 -18.91 56.06 3.46
N ASP D 28 -19.32 55.10 2.65
CA ASP D 28 -19.77 53.83 3.12
C ASP D 28 -18.83 53.15 4.09
N ILE D 29 -17.56 53.25 3.80
CA ILE D 29 -16.57 52.65 4.66
C ILE D 29 -16.64 53.28 6.02
N ILE D 30 -16.70 54.60 6.03
CA ILE D 30 -16.73 55.30 7.29
C ILE D 30 -17.82 54.90 8.24
N ILE D 31 -18.96 54.47 7.77
CA ILE D 31 -19.95 54.01 8.67
C ILE D 31 -19.70 52.57 9.02
N LYS D 32 -19.30 51.76 8.04
CA LYS D 32 -19.09 50.34 8.25
C LYS D 32 -17.75 49.94 8.86
N PHE D 33 -16.79 50.87 8.90
CA PHE D 33 -15.50 50.53 9.49
C PHE D 33 -15.69 50.30 11.00
N PRO D 34 -14.96 49.33 11.60
CA PRO D 34 -14.02 48.27 11.22
C PRO D 34 -14.60 47.16 10.34
N ASN D 35 -15.85 46.75 10.58
CA ASN D 35 -16.54 45.67 9.84
C ASN D 35 -16.21 45.61 8.34
N LYS D 36 -16.24 46.74 7.66
CA LYS D 36 -15.85 46.74 6.27
C LYS D 36 -14.56 47.53 6.28
N ARG D 37 -13.52 47.07 5.59
CA ARG D 37 -12.25 47.73 5.70
C ARG D 37 -11.46 48.00 4.47
N SER D 38 -11.62 47.26 3.37
CA SER D 38 -10.82 47.48 2.23
C SER D 38 -11.63 48.12 1.12
N LEU D 39 -10.99 48.99 0.36
CA LEU D 39 -11.60 49.65 -0.75
C LEU D 39 -11.00 49.17 -2.03
N PRO D 40 -11.79 48.46 -2.83
CA PRO D 40 -11.30 47.96 -4.10
C PRO D 40 -11.04 49.10 -5.03
N VAL D 41 -10.01 49.05 -5.87
CA VAL D 41 -9.76 50.16 -6.76
C VAL D 41 -9.32 49.73 -8.13
N ASN D 42 -10.10 50.03 -9.15
CA ASN D 42 -9.69 49.69 -10.50
C ASN D 42 -8.48 50.52 -10.89
N ILE D 43 -7.45 49.85 -11.41
CA ILE D 43 -6.27 50.57 -11.91
C ILE D 43 -6.51 51.26 -13.23
N SER D 44 -7.60 50.91 -13.93
CA SER D 44 -7.97 51.67 -15.12
C SER D 44 -8.43 53.08 -14.77
N ASP D 45 -9.19 53.21 -13.69
CA ASP D 45 -9.57 54.55 -13.22
C ASP D 45 -8.34 55.37 -12.88
N LEU D 46 -7.39 54.75 -12.22
CA LEU D 46 -6.19 55.44 -11.88
C LEU D 46 -5.44 55.78 -13.13
N GLU D 47 -5.65 55.02 -14.18
CA GLU D 47 -4.96 55.30 -15.40
C GLU D 47 -5.49 56.62 -15.86
N GLU D 48 -6.81 56.70 -15.87
CA GLU D 48 -7.52 57.90 -16.31
C GLU D 48 -7.02 59.14 -15.58
N PHE D 49 -6.94 59.07 -14.25
CA PHE D 49 -6.59 60.25 -13.44
C PHE D 49 -5.20 60.79 -13.79
N ASP D 50 -4.20 59.97 -13.56
CA ASP D 50 -2.86 60.33 -13.92
C ASP D 50 -2.23 59.06 -14.39
N PRO D 51 -2.00 58.95 -15.68
CA PRO D 51 -1.42 57.78 -16.31
C PRO D 51 -0.04 57.49 -15.79
N ASP D 52 0.75 58.52 -15.52
CA ASP D 52 2.07 58.33 -15.00
C ASP D 52 2.02 57.62 -13.67
N THR D 53 1.08 57.97 -12.80
CA THR D 53 0.99 57.28 -11.52
C THR D 53 0.64 55.83 -11.67
N ALA D 54 -0.20 55.49 -12.63
CA ALA D 54 -0.55 54.09 -12.85
C ALA D 54 0.67 53.30 -13.21
N THR D 55 1.51 53.85 -14.07
CA THR D 55 2.73 53.22 -14.45
C THR D 55 3.62 53.04 -13.25
N ASN D 56 3.69 54.03 -12.38
CA ASN D 56 4.48 53.91 -11.21
C ASN D 56 4.01 52.80 -10.29
N LEU D 57 2.72 52.58 -10.19
CA LEU D 57 2.24 51.50 -9.37
C LEU D 57 2.75 50.18 -9.92
N ILE D 58 2.67 50.01 -11.22
CA ILE D 58 3.13 48.80 -11.82
C ILE D 58 4.58 48.54 -11.59
N ALA D 59 5.39 49.56 -11.43
CA ALA D 59 6.81 49.29 -11.23
C ALA D 59 7.37 49.63 -9.91
N ASP D 60 6.62 50.23 -9.03
CA ASP D 60 7.13 50.48 -7.72
C ASP D 60 5.98 50.47 -6.79
N PRO D 61 5.22 49.42 -6.79
CA PRO D 61 4.02 49.41 -6.03
C PRO D 61 4.13 49.56 -4.58
N GLU D 62 5.20 49.21 -3.92
CA GLU D 62 5.19 49.32 -2.51
C GLU D 62 5.06 50.74 -2.06
N ILE D 63 5.64 51.69 -2.75
CA ILE D 63 5.51 53.03 -2.28
C ILE D 63 4.23 53.66 -2.68
N ILE D 64 3.64 53.25 -3.76
CA ILE D 64 2.39 53.81 -4.13
C ILE D 64 1.33 53.35 -3.20
N ILE D 65 1.24 52.08 -2.99
CA ILE D 65 0.20 51.49 -2.16
C ILE D 65 0.29 52.04 -0.74
N ASP D 66 1.52 52.21 -0.22
CA ASP D 66 1.66 52.80 1.10
C ASP D 66 1.12 54.22 1.14
N ALA D 67 1.38 55.01 0.10
CA ALA D 67 0.82 56.36 0.03
C ALA D 67 -0.70 56.32 -0.07
N ALA D 68 -1.25 55.36 -0.82
CA ALA D 68 -2.70 55.26 -0.95
C ALA D 68 -3.35 54.90 0.38
N ASN D 69 -2.72 54.00 1.14
CA ASN D 69 -3.25 53.64 2.45
C ASN D 69 -3.11 54.79 3.44
N GLU D 70 -2.02 55.55 3.36
CA GLU D 70 -1.91 56.79 4.13
C GLU D 70 -3.05 57.75 3.80
N SER D 71 -3.34 57.91 2.50
CA SER D 71 -4.39 58.82 2.09
C SER D 71 -5.76 58.36 2.59
N LEU D 72 -6.06 57.11 2.40
CA LEU D 72 -7.34 56.64 2.84
C LEU D 72 -7.47 56.75 4.34
N MET D 73 -6.39 56.51 5.04
CA MET D 73 -6.47 56.54 6.49
C MET D 73 -6.78 57.96 6.92
N GLY D 74 -6.26 58.92 6.15
CA GLY D 74 -6.58 60.32 6.36
C GLY D 74 -8.04 60.63 6.09
N LYS D 75 -8.59 60.05 5.02
CA LYS D 75 -10.00 60.28 4.72
C LYS D 75 -10.90 59.66 5.78
N LEU D 76 -10.46 58.56 6.39
CA LEU D 76 -11.11 57.88 7.51
C LEU D 76 -10.74 58.47 8.86
N ALA D 77 -10.27 59.71 8.89
CA ALA D 77 -9.92 60.34 10.15
C ALA D 77 -11.12 60.35 11.09
N GLY D 78 -10.84 60.44 12.39
CA GLY D 78 -11.88 60.32 13.39
C GLY D 78 -12.34 58.90 13.61
N LEU D 79 -11.47 57.92 13.39
CA LEU D 79 -11.75 56.51 13.63
C LEU D 79 -10.60 55.97 14.48
N ASN D 80 -10.82 54.80 15.09
CA ASN D 80 -9.79 54.17 15.91
C ASN D 80 -9.02 53.16 15.08
N PHE D 81 -7.72 53.39 14.91
CA PHE D 81 -6.85 52.49 14.16
C PHE D 81 -5.88 51.75 15.07
N ASP D 82 -6.19 51.66 16.36
CA ASP D 82 -5.34 50.93 17.29
C ASP D 82 -5.26 49.45 16.92
N THR D 83 -6.39 48.87 16.57
CA THR D 83 -6.40 47.47 16.24
C THR D 83 -6.55 47.15 14.77
N TYR D 84 -7.26 47.97 13.98
CA TYR D 84 -7.62 47.65 12.61
C TYR D 84 -7.20 48.78 11.74
N ILE D 85 -6.96 48.48 10.47
CA ILE D 85 -6.42 49.48 9.55
C ILE D 85 -7.09 49.45 8.17
N PRO D 86 -7.43 50.58 7.59
CA PRO D 86 -8.00 50.55 6.24
C PRO D 86 -6.97 50.09 5.22
N HIS D 87 -7.47 49.42 4.18
CA HIS D 87 -6.63 48.94 3.09
C HIS D 87 -7.15 49.40 1.76
N VAL D 88 -6.26 49.71 0.84
CA VAL D 88 -6.65 50.11 -0.49
C VAL D 88 -6.17 48.96 -1.32
N ARG D 89 -7.06 48.32 -2.06
CA ARG D 89 -6.68 47.14 -2.83
C ARG D 89 -6.92 47.24 -4.32
N PHE D 90 -5.88 47.56 -5.05
CA PHE D 90 -5.89 47.74 -6.51
C PHE D 90 -6.13 46.40 -7.20
N TYR D 91 -7.02 46.35 -8.20
CA TYR D 91 -7.39 45.04 -8.73
C TYR D 91 -7.17 44.82 -10.23
N ASN D 92 -7.61 45.70 -11.13
CA ASN D 92 -7.63 45.34 -12.55
C ASN D 92 -6.49 45.98 -13.34
N GLN D 93 -5.57 45.14 -13.81
CA GLN D 93 -4.49 45.59 -14.68
C GLN D 93 -4.04 44.46 -15.60
N SER D 94 -3.43 44.86 -16.72
CA SER D 94 -3.13 43.95 -17.81
C SER D 94 -1.68 44.08 -18.27
N ILE D 95 -0.86 44.81 -17.53
CA ILE D 95 0.51 45.05 -17.94
C ILE D 95 1.38 43.84 -17.60
N ASN D 96 1.28 43.37 -16.36
CA ASN D 96 2.07 42.24 -15.87
C ASN D 96 1.09 41.12 -15.51
N THR D 97 0.80 40.26 -16.47
CA THR D 97 -0.11 39.13 -16.29
C THR D 97 0.63 37.84 -16.62
N PRO D 98 1.65 37.51 -15.82
CA PRO D 98 2.42 36.30 -16.14
C PRO D 98 1.81 35.03 -15.59
N MET D 99 2.12 33.91 -16.22
CA MET D 99 1.64 32.62 -15.76
C MET D 99 2.42 32.25 -14.50
N VAL D 100 1.82 31.44 -13.64
CA VAL D 100 2.48 31.01 -12.41
C VAL D 100 3.82 30.33 -12.75
N LEU D 101 3.84 29.59 -13.85
CA LEU D 101 5.05 28.88 -14.28
C LEU D 101 6.17 29.87 -14.61
N ASN D 102 5.83 30.96 -15.29
CA ASN D 102 6.83 31.90 -15.80
C ASN D 102 7.11 33.06 -14.86
N VAL D 103 6.40 33.15 -13.74
CA VAL D 103 6.75 34.15 -12.73
C VAL D 103 8.23 34.03 -12.41
N GLY D 104 8.97 35.14 -12.39
CA GLY D 104 10.39 35.01 -12.17
C GLY D 104 11.06 36.30 -11.73
N SER D 105 12.29 36.53 -12.17
CA SER D 105 12.97 37.73 -11.74
C SER D 105 12.61 39.01 -12.30
N ALA D 106 11.84 39.06 -13.33
CA ALA D 106 11.39 40.29 -13.86
C ALA D 106 10.40 41.02 -13.02
N TYR D 107 9.68 40.31 -12.17
CA TYR D 107 8.67 40.96 -11.38
C TYR D 107 9.09 41.13 -9.94
N ILE D 108 10.40 41.09 -9.66
CA ILE D 108 10.81 41.23 -8.32
C ILE D 108 10.45 42.61 -7.88
N ASN D 109 9.78 42.76 -6.77
CA ASN D 109 9.31 44.00 -6.23
C ASN D 109 8.48 44.76 -7.20
N LYS D 110 7.70 44.08 -8.01
CA LYS D 110 6.82 44.70 -8.96
C LYS D 110 5.41 44.27 -8.73
N PHE D 111 4.46 44.82 -9.47
CA PHE D 111 3.06 44.47 -9.36
C PHE D 111 2.73 43.38 -10.38
N VAL D 112 2.01 42.33 -9.94
CA VAL D 112 1.63 41.23 -10.82
C VAL D 112 0.19 40.83 -10.56
N SER D 113 -0.44 40.23 -11.57
CA SER D 113 -1.80 39.71 -11.47
C SER D 113 -1.83 38.38 -12.20
N ILE D 114 -2.22 37.31 -11.50
CA ILE D 114 -2.12 35.96 -12.06
C ILE D 114 -3.45 35.24 -11.93
N ASP D 115 -3.83 34.53 -12.99
CA ASP D 115 -4.95 33.60 -12.97
C ASP D 115 -4.53 32.34 -12.23
N ALA D 116 -5.13 32.07 -11.07
CA ALA D 116 -4.58 31.10 -10.14
C ALA D 116 -5.61 30.12 -9.63
N LEU D 117 -5.26 28.83 -9.72
CA LEU D 117 -5.93 27.77 -8.98
C LEU D 117 -5.30 27.69 -7.60
N VAL D 118 -6.08 28.02 -6.57
CA VAL D 118 -5.61 27.81 -5.21
C VAL D 118 -5.57 26.32 -4.93
N VAL D 119 -4.44 25.84 -4.41
CA VAL D 119 -4.23 24.42 -4.18
C VAL D 119 -4.22 24.08 -2.70
N LYS D 120 -3.67 24.97 -1.87
CA LYS D 120 -3.61 24.71 -0.43
C LYS D 120 -3.81 26.04 0.29
N ARG D 121 -4.37 25.97 1.50
CA ARG D 121 -4.37 27.10 2.41
C ARG D 121 -3.98 26.64 3.81
N SER D 122 -3.40 27.55 4.59
CA SER D 122 -2.81 27.22 5.88
C SER D 122 -3.78 27.54 7.03
N ASP D 123 -3.34 27.21 8.25
CA ASP D 123 -4.03 27.67 9.45
C ASP D 123 -3.85 29.17 9.59
N ILE D 124 -4.85 29.83 10.19
CA ILE D 124 -4.70 31.25 10.49
C ILE D 124 -3.66 31.40 11.58
N ARG D 125 -2.76 32.35 11.40
CA ARG D 125 -1.74 32.61 12.37
C ARG D 125 -1.67 34.06 12.71
N PRO D 126 -1.93 34.42 13.96
CA PRO D 126 -1.81 35.84 14.36
C PRO D 126 -0.41 36.36 14.13
N LYS D 127 -0.30 37.60 13.70
CA LYS D 127 0.96 38.25 13.40
C LYS D 127 0.93 39.64 13.93
N ILE D 128 1.99 40.10 14.56
CA ILE D 128 2.04 41.43 15.14
C ILE D 128 2.32 42.55 14.21
N ARG D 129 1.57 43.64 14.33
CA ARG D 129 1.82 44.78 13.49
C ARG D 129 2.46 45.90 14.29
N ASP D 130 1.77 46.36 15.31
CA ASP D 130 2.32 47.40 16.12
C ASP D 130 2.79 46.68 17.32
N ALA D 131 4.09 46.68 17.53
CA ALA D 131 4.65 45.96 18.62
C ALA D 131 5.11 46.85 19.71
N VAL D 132 5.08 46.32 20.91
CA VAL D 132 5.57 46.98 22.12
C VAL D 132 6.62 46.07 22.74
N PHE D 133 7.79 46.64 23.06
CA PHE D 133 8.88 45.93 23.70
C PHE D 133 9.16 46.60 25.05
N VAL D 134 9.58 45.79 26.03
CA VAL D 134 9.94 46.30 27.35
C VAL D 134 11.35 45.81 27.69
N CYS D 135 12.17 46.70 28.25
CA CYS D 135 13.53 46.36 28.63
C CYS D 135 13.53 45.67 29.99
N THR D 136 14.39 44.66 30.14
CA THR D 136 14.50 43.93 31.38
C THR D 136 15.41 44.61 32.39
N PHE D 137 16.04 45.72 32.01
CA PHE D 137 17.00 46.42 32.85
C PHE D 137 16.52 47.81 33.23
N CYS D 138 16.21 48.66 32.26
CA CYS D 138 15.76 50.02 32.50
C CYS D 138 14.25 50.18 32.43
N ASN D 139 13.55 49.11 32.02
CA ASN D 139 12.09 49.04 31.84
C ASN D 139 11.55 50.01 30.80
N ALA D 140 12.38 50.41 29.83
CA ALA D 140 11.88 51.32 28.81
C ALA D 140 10.93 50.61 27.86
N LYS D 141 9.92 51.34 27.37
CA LYS D 141 9.00 50.84 26.37
C LYS D 141 9.44 51.34 25.00
N VAL D 142 9.65 50.41 24.08
CA VAL D 142 9.95 50.71 22.68
C VAL D 142 8.72 50.34 21.86
N LYS D 143 8.38 51.16 20.87
CA LYS D 143 7.22 50.93 20.02
C LYS D 143 7.67 50.94 18.57
N ALA D 144 7.34 49.90 17.83
CA ALA D 144 7.71 49.86 16.44
C ALA D 144 6.70 49.08 15.67
N ASN D 145 6.59 49.37 14.39
CA ASN D 145 5.68 48.67 13.51
C ASN D 145 6.50 47.69 12.79
N LEU D 146 6.21 46.43 13.01
CA LEU D 146 6.95 45.35 12.42
C LEU D 146 6.88 45.24 10.92
N GLU D 147 5.80 45.70 10.33
CA GLU D 147 5.69 45.62 8.89
C GLU D 147 6.54 46.64 8.19
N LYS D 148 6.99 47.66 8.90
CA LYS D 148 7.77 48.74 8.32
C LYS D 148 9.13 48.96 8.98
N GLU D 149 9.37 48.39 10.17
CA GLU D 149 10.64 48.50 10.87
C GLU D 149 11.12 47.09 11.24
N GLU D 150 12.45 46.93 11.34
CA GLU D 150 13.03 45.71 11.88
C GLU D 150 12.75 45.65 13.39
N ILE D 151 12.82 44.44 13.95
CA ILE D 151 12.63 44.29 15.40
C ILE D 151 13.82 44.90 16.13
N PRO D 152 13.63 45.87 17.02
CA PRO D 152 14.80 46.44 17.71
C PRO D 152 15.58 45.40 18.47
N LYS D 153 16.88 45.66 18.55
CA LYS D 153 17.89 44.68 18.90
C LYS D 153 18.56 44.98 20.23
N VAL D 154 18.64 46.25 20.59
CA VAL D 154 19.13 46.72 21.88
C VAL D 154 18.13 47.74 22.37
N CYS D 155 18.07 47.92 23.68
CA CYS D 155 17.26 48.99 24.22
C CYS D 155 17.75 50.34 23.69
N PRO D 156 16.86 51.24 23.29
CA PRO D 156 17.33 52.58 22.86
C PRO D 156 18.00 53.38 23.95
N GLU D 157 17.84 53.00 25.22
CA GLU D 157 18.38 53.77 26.33
C GLU D 157 19.57 53.11 26.99
N CYS D 158 19.43 51.88 27.49
CA CYS D 158 20.54 51.21 28.16
C CYS D 158 21.55 50.62 27.18
N LYS D 159 21.17 50.49 25.90
CA LYS D 159 22.05 49.98 24.87
C LYS D 159 22.51 48.56 25.18
N LYS D 160 21.68 47.80 25.91
CA LYS D 160 21.90 46.39 26.18
C LYS D 160 20.90 45.55 25.38
N ARG D 161 21.24 44.29 25.18
CA ARG D 161 20.36 43.36 24.45
C ARG D 161 19.36 42.79 25.45
N THR D 162 18.35 43.60 25.80
CA THR D 162 17.44 43.25 26.89
C THR D 162 15.97 43.49 26.55
N LEU D 163 15.64 43.83 25.30
CA LEU D 163 14.26 44.11 24.96
C LEU D 163 13.48 42.81 24.75
N LYS D 164 12.27 42.77 25.29
CA LYS D 164 11.40 41.61 25.25
C LYS D 164 10.02 42.05 24.78
N ILE D 165 9.50 41.36 23.76
CA ILE D 165 8.19 41.71 23.24
C ILE D 165 7.11 41.35 24.25
N VAL D 166 6.13 42.24 24.40
CA VAL D 166 5.00 42.04 25.29
C VAL D 166 3.75 41.87 24.44
N PRO D 167 3.34 40.63 24.17
CA PRO D 167 2.22 40.42 23.25
C PRO D 167 0.92 41.06 23.72
N GLU D 168 0.72 41.17 25.03
CA GLU D 168 -0.54 41.67 25.56
C GLU D 168 -0.79 43.12 25.17
N GLU D 169 0.27 43.89 24.91
CA GLU D 169 0.15 45.28 24.52
C GLU D 169 0.43 45.50 23.04
N SER D 170 0.83 44.46 22.32
CA SER D 170 1.04 44.54 20.88
C SER D 170 -0.27 44.27 20.15
N SER D 171 -0.33 44.73 18.90
CA SER D 171 -1.50 44.53 18.08
C SER D 171 -1.23 43.42 17.07
N PHE D 172 -2.26 42.70 16.70
CA PHE D 172 -2.17 41.52 15.85
C PHE D 172 -3.10 41.66 14.64
N PHE D 173 -2.78 40.92 13.60
CA PHE D 173 -3.62 40.86 12.44
C PHE D 173 -3.42 39.46 11.89
N ASN D 174 -4.46 38.84 11.36
CA ASN D 174 -4.34 37.48 10.85
C ASN D 174 -3.52 37.32 9.60
N SER D 175 -2.92 36.16 9.44
CA SER D 175 -2.17 35.86 8.27
C SER D 175 -2.38 34.42 7.83
N GLN D 176 -2.33 34.17 6.55
CA GLN D 176 -2.53 32.85 5.97
C GLN D 176 -1.56 32.65 4.81
N LYS D 177 -1.13 31.41 4.63
CA LYS D 177 -0.25 31.01 3.53
C LYS D 177 -1.04 30.12 2.58
N ILE D 178 -1.03 30.46 1.29
CA ILE D 178 -1.75 29.69 0.28
C ILE D 178 -0.80 29.29 -0.84
N ALA D 179 -0.91 28.04 -1.29
CA ALA D 179 -0.23 27.54 -2.46
C ALA D 179 -1.08 27.83 -3.70
N VAL D 180 -0.41 28.16 -4.80
CA VAL D 180 -1.08 28.58 -6.03
C VAL D 180 -0.40 28.01 -7.25
N GLN D 181 -1.16 27.88 -8.33
CA GLN D 181 -0.72 27.23 -9.53
C GLN D 181 -1.52 27.79 -10.69
N ASP D 182 -1.06 27.50 -11.90
CA ASP D 182 -1.85 27.79 -13.08
C ASP D 182 -3.06 26.85 -13.13
N PRO D 183 -4.21 27.35 -13.59
CA PRO D 183 -5.35 26.46 -13.83
C PRO D 183 -4.94 25.37 -14.82
N LEU D 184 -5.49 24.16 -14.62
CA LEU D 184 -5.11 23.04 -15.48
C LEU D 184 -5.45 23.31 -16.95
N GLU D 185 -6.46 24.14 -17.23
CA GLU D 185 -6.91 24.37 -18.59
C GLU D 185 -5.88 25.12 -19.44
N ARG D 186 -4.88 25.74 -18.82
CA ARG D 186 -3.91 26.56 -19.53
C ARG D 186 -2.56 25.86 -19.73
N LEU D 187 -2.40 24.64 -19.23
CA LEU D 187 -1.13 23.92 -19.31
C LEU D 187 -1.13 23.05 -20.57
N SER D 188 -0.25 23.38 -21.52
CA SER D 188 -0.11 22.54 -22.69
C SER D 188 0.54 21.21 -22.35
N GLY D 189 1.57 21.25 -21.51
CA GLY D 189 2.25 20.05 -21.09
C GLY D 189 1.63 19.46 -19.85
N SER D 190 2.41 18.61 -19.21
CA SER D 190 2.06 17.93 -17.97
C SER D 190 2.24 18.91 -16.81
N ILE D 191 1.61 18.61 -15.67
CA ILE D 191 1.51 19.65 -14.61
C ILE D 191 2.90 20.01 -14.11
N PRO D 192 3.21 21.30 -13.99
CA PRO D 192 4.44 21.70 -13.29
C PRO D 192 4.44 21.19 -11.87
N THR D 193 5.60 20.78 -11.38
CA THR D 193 5.72 20.09 -10.11
C THR D 193 6.01 21.05 -8.96
N TRP D 194 5.47 22.27 -9.01
CA TRP D 194 5.69 23.24 -7.95
C TRP D 194 4.54 24.24 -7.93
N GLN D 195 4.46 24.97 -6.82
CA GLN D 195 3.43 25.97 -6.58
C GLN D 195 4.08 27.25 -6.08
N LEU D 196 3.44 28.37 -6.35
CA LEU D 196 3.87 29.67 -5.85
C LEU D 196 3.28 29.91 -4.47
N GLU D 197 4.14 30.29 -3.53
CA GLU D 197 3.71 30.71 -2.21
C GLU D 197 3.07 32.10 -2.28
N ALA D 198 1.97 32.29 -1.57
CA ALA D 198 1.29 33.58 -1.51
C ALA D 198 0.78 33.78 -0.09
N TRP D 199 0.60 35.03 0.31
CA TRP D 199 0.29 35.37 1.69
C TRP D 199 -0.90 36.31 1.74
N LEU D 200 -1.88 35.94 2.56
CA LEU D 200 -3.06 36.73 2.73
C LEU D 200 -2.97 37.40 4.07
N ASP D 201 -3.39 38.64 4.12
CA ASP D 201 -3.35 39.42 5.35
C ASP D 201 -4.70 40.01 5.64
N ASP D 202 -5.06 40.07 6.91
CA ASP D 202 -6.31 40.67 7.37
C ASP D 202 -7.57 40.07 6.76
N ASP D 203 -8.37 40.91 6.13
CA ASP D 203 -9.61 40.46 5.52
C ASP D 203 -9.46 39.51 4.35
N LEU D 204 -8.31 39.48 3.70
CA LEU D 204 -8.03 38.56 2.61
C LEU D 204 -8.05 37.12 3.08
N VAL D 205 -7.58 36.88 4.30
CA VAL D 205 -7.56 35.58 4.93
C VAL D 205 -8.86 34.81 4.76
N ASN D 206 -8.74 33.55 4.33
CA ASN D 206 -9.79 32.57 4.08
C ASN D 206 -10.70 32.98 2.93
N MET D 207 -10.33 34.02 2.18
CA MET D 207 -11.05 34.40 0.98
C MET D 207 -10.60 33.61 -0.25
N ALA D 208 -9.45 32.93 -0.18
CA ALA D 208 -8.96 32.04 -1.23
C ALA D 208 -9.01 30.62 -0.70
N ILE D 209 -9.99 29.84 -1.14
CA ILE D 209 -10.21 28.48 -0.65
C ILE D 209 -9.57 27.51 -1.64
N PRO D 210 -9.03 26.38 -1.18
CA PRO D 210 -8.50 25.40 -2.13
C PRO D 210 -9.55 24.99 -3.15
N GLY D 211 -9.19 25.07 -4.43
CA GLY D 211 -10.10 24.77 -5.53
C GLY D 211 -10.57 25.98 -6.31
N ASP D 212 -10.51 27.17 -5.72
CA ASP D 212 -10.98 28.36 -6.39
C ASP D 212 -10.01 28.78 -7.51
N ARG D 213 -10.50 29.55 -8.47
CA ARG D 213 -9.72 30.10 -9.59
C ARG D 213 -9.94 31.60 -9.48
N ILE D 214 -8.94 32.35 -9.02
CA ILE D 214 -8.99 33.75 -8.60
C ILE D 214 -7.90 34.50 -9.33
N GLU D 215 -8.20 35.73 -9.75
CA GLU D 215 -7.16 36.63 -10.22
C GLU D 215 -6.54 37.23 -8.95
N ILE D 216 -5.36 36.73 -8.61
CA ILE D 216 -4.64 37.16 -7.41
C ILE D 216 -3.62 38.20 -7.84
N SER D 217 -3.71 39.40 -7.29
CA SER D 217 -2.75 40.46 -7.61
C SER D 217 -1.98 40.84 -6.36
N GLY D 218 -0.69 41.08 -6.54
CA GLY D 218 0.16 41.39 -5.41
C GLY D 218 1.52 41.84 -5.88
N VAL D 219 2.47 41.82 -4.97
CA VAL D 219 3.82 42.32 -5.23
C VAL D 219 4.77 41.14 -5.03
N LEU D 220 5.37 40.65 -6.12
CA LEU D 220 6.30 39.53 -5.97
C LEU D 220 7.48 39.95 -5.12
N LYS D 221 7.97 39.03 -4.28
CA LYS D 221 9.07 39.33 -3.37
C LYS D 221 10.03 38.14 -3.36
N ILE D 222 11.23 38.38 -2.83
CA ILE D 222 12.28 37.37 -2.78
C ILE D 222 12.86 37.32 -1.37
N ARG D 223 13.32 36.13 -1.00
CA ARG D 223 13.97 35.89 0.26
C ARG D 223 15.04 34.85 0.01
N PRO D 224 16.07 34.81 0.83
CA PRO D 224 17.14 33.87 0.56
C PRO D 224 16.68 32.45 0.62
N ARG D 225 17.14 31.65 -0.32
CA ARG D 225 16.74 30.27 -0.39
C ARG D 225 17.26 29.50 0.78
N LYS D 226 16.44 28.58 1.24
CA LYS D 226 16.78 27.74 2.34
C LYS D 226 16.85 26.30 1.87
N ASP D 227 17.94 25.64 2.23
CA ASP D 227 18.25 24.24 1.88
C ASP D 227 17.39 23.20 2.56
N SER D 228 17.42 21.95 2.08
CA SER D 228 16.74 20.91 2.81
C SER D 228 17.25 20.91 4.24
N ARG D 229 18.57 20.94 4.41
CA ARG D 229 19.16 20.97 5.71
C ARG D 229 18.82 22.25 6.46
N GLY D 230 18.91 23.38 5.80
CA GLY D 230 18.71 24.63 6.46
C GLY D 230 19.67 25.72 6.11
N LYS D 231 20.77 25.34 5.47
CA LYS D 231 21.80 26.28 5.09
C LYS D 231 21.38 27.22 3.96
N VAL D 232 21.27 28.49 4.32
CA VAL D 232 20.90 29.55 3.42
C VAL D 232 21.94 29.75 2.36
N ASP D 233 21.51 29.80 1.09
CA ASP D 233 22.45 29.97 -0.05
C ASP D 233 22.70 31.47 -0.25
N PRO D 234 23.89 31.90 -0.68
CA PRO D 234 24.22 33.33 -0.77
C PRO D 234 23.45 34.20 -1.78
N SER D 235 23.54 33.88 -3.08
CA SER D 235 22.90 34.72 -4.12
C SER D 235 21.71 33.99 -4.73
N ILE D 236 21.24 32.92 -4.09
CA ILE D 236 20.12 32.16 -4.58
C ILE D 236 18.93 32.43 -3.70
N TYR D 237 17.82 32.86 -4.29
CA TYR D 237 16.65 33.21 -3.52
C TYR D 237 15.37 32.52 -3.96
N SER D 238 14.40 32.41 -3.07
CA SER D 238 13.10 31.84 -3.41
C SER D 238 12.09 32.96 -3.47
N MET D 239 10.99 32.73 -4.15
CA MET D 239 9.99 33.74 -4.46
C MET D 239 8.72 33.49 -3.64
N TYR D 240 8.00 34.57 -3.36
CA TYR D 240 6.75 34.51 -2.62
C TYR D 240 5.97 35.78 -2.89
N LEU D 241 4.66 35.63 -3.07
CA LEU D 241 3.79 36.74 -3.45
C LEU D 241 3.13 37.33 -2.22
N ASN D 242 3.17 38.66 -2.11
CA ASN D 242 2.45 39.39 -1.06
C ASN D 242 1.16 39.90 -1.67
N VAL D 243 0.05 39.22 -1.38
CA VAL D 243 -1.20 39.49 -2.07
C VAL D 243 -1.78 40.82 -1.59
N THR D 244 -2.24 41.63 -2.54
CA THR D 244 -2.95 42.85 -2.22
C THR D 244 -4.39 42.85 -2.71
N SER D 245 -4.75 41.97 -3.65
CA SER D 245 -6.12 42.00 -4.15
C SER D 245 -6.53 40.61 -4.63
N LEU D 246 -7.82 40.33 -4.48
CA LEU D 246 -8.42 39.04 -4.83
C LEU D 246 -9.69 39.30 -5.65
N GLU D 247 -9.61 39.13 -6.98
CA GLU D 247 -10.76 39.35 -7.86
C GLU D 247 -11.22 37.99 -8.37
N THR D 248 -12.39 37.56 -7.97
CA THR D 248 -12.84 36.26 -8.35
C THR D 248 -13.12 36.11 -9.78
N LYS D 249 -13.70 37.10 -10.41
CA LYS D 249 -13.88 37.15 -11.86
C LYS D 249 -14.83 36.19 -12.59
N GLN D 250 -15.68 35.54 -11.85
CA GLN D 250 -16.69 34.59 -12.32
C GLN D 250 -17.38 34.30 -11.02
N LYS D 251 -18.30 35.17 -10.64
CA LYS D 251 -18.88 35.00 -9.35
C LYS D 251 -20.08 34.12 -9.44
N GLU D 252 -20.37 33.44 -8.33
CA GLU D 252 -21.55 32.59 -8.26
C GLU D 252 -22.77 33.44 -8.04
N PHE D 253 -23.95 32.96 -8.34
CA PHE D 253 -25.19 33.74 -8.35
C PHE D 253 -25.38 34.49 -7.05
N ALA D 254 -25.07 33.85 -5.93
CA ALA D 254 -25.21 34.53 -4.64
C ALA D 254 -24.27 35.73 -4.57
N ASP D 255 -23.07 35.60 -5.14
CA ASP D 255 -22.05 36.64 -5.01
C ASP D 255 -22.01 37.62 -6.17
N ILE D 256 -22.75 37.37 -7.25
CA ILE D 256 -22.78 38.34 -8.33
C ILE D 256 -23.37 39.65 -7.82
N ASP D 257 -22.68 40.75 -8.12
CA ASP D 257 -23.09 42.06 -7.63
C ASP D 257 -24.00 42.71 -8.67
N ILE D 258 -25.13 43.27 -8.22
CA ILE D 258 -26.05 43.94 -9.12
C ILE D 258 -26.24 45.35 -8.63
N SER D 259 -26.04 46.33 -9.47
CA SER D 259 -26.23 47.69 -9.07
C SER D 259 -27.62 48.18 -9.42
N GLU D 260 -28.03 49.26 -8.77
CA GLU D 260 -29.33 49.85 -9.00
C GLU D 260 -29.57 50.13 -10.47
N ASP D 261 -28.54 50.52 -11.19
CA ASP D 261 -28.76 50.71 -12.61
C ASP D 261 -29.10 49.39 -13.24
N GLU D 262 -28.34 48.35 -12.89
CA GLU D 262 -28.52 47.01 -13.41
C GLU D 262 -29.84 46.44 -12.98
N GLU D 263 -30.24 46.76 -11.75
CA GLU D 263 -31.51 46.29 -11.24
C GLU D 263 -32.64 46.80 -12.12
N ARG D 264 -32.56 48.06 -12.52
CA ARG D 264 -33.57 48.63 -13.38
C ARG D 264 -33.63 47.86 -14.69
N GLN D 265 -32.49 47.49 -15.26
CA GLN D 265 -32.51 46.73 -16.48
C GLN D 265 -33.18 45.41 -16.26
N ILE D 266 -32.84 44.76 -15.16
CA ILE D 266 -33.44 43.49 -14.90
C ILE D 266 -34.92 43.62 -14.72
N LYS D 267 -35.37 44.62 -13.98
CA LYS D 267 -36.79 44.74 -13.74
C LYS D 267 -37.53 44.98 -15.04
N GLU D 268 -36.97 45.84 -15.88
CA GLU D 268 -37.59 46.10 -17.14
C GLU D 268 -37.59 44.83 -17.94
N LEU D 269 -36.56 44.01 -17.82
CA LEU D 269 -36.58 42.77 -18.59
C LEU D 269 -37.79 41.90 -18.25
N SER D 270 -38.13 41.80 -16.96
CA SER D 270 -39.27 40.95 -16.60
C SER D 270 -40.53 41.34 -17.37
N LYS D 271 -40.72 42.64 -17.62
CA LYS D 271 -41.96 43.12 -18.21
C LYS D 271 -42.20 42.52 -19.59
N ASP D 272 -41.14 42.14 -20.30
CA ASP D 272 -41.26 41.50 -21.60
C ASP D 272 -42.18 40.28 -21.45
N PRO D 273 -43.30 40.21 -22.19
CA PRO D 273 -44.24 39.11 -21.96
C PRO D 273 -43.70 37.78 -22.42
N GLU D 274 -42.66 37.80 -23.24
CA GLU D 274 -42.04 36.61 -23.79
C GLU D 274 -40.74 36.27 -23.09
N ILE D 275 -40.57 36.70 -21.85
CA ILE D 275 -39.27 36.55 -21.19
C ILE D 275 -38.92 35.08 -21.00
N PHE D 276 -39.90 34.25 -20.64
CA PHE D 276 -39.54 32.87 -20.39
C PHE D 276 -39.01 32.20 -21.64
N ASN D 277 -39.68 32.43 -22.77
CA ASN D 277 -39.23 31.86 -24.03
C ASN D 277 -37.88 32.45 -24.40
N LYS D 278 -37.68 33.71 -24.03
CA LYS D 278 -36.44 34.42 -24.34
C LYS D 278 -35.24 33.81 -23.62
N VAL D 279 -35.39 33.46 -22.35
CA VAL D 279 -34.41 32.63 -21.67
C VAL D 279 -34.35 31.22 -22.26
N THR D 280 -35.48 30.65 -22.56
CA THR D 280 -35.47 29.33 -23.10
C THR D 280 -34.69 29.20 -24.35
N GLN D 281 -34.60 30.25 -25.12
CA GLN D 281 -33.83 30.18 -26.31
C GLN D 281 -32.37 30.39 -26.04
N SER D 282 -32.05 31.03 -24.95
CA SER D 282 -30.66 31.28 -24.59
C SER D 282 -29.98 30.07 -23.94
N VAL D 283 -30.74 29.00 -23.66
CA VAL D 283 -30.16 27.86 -22.96
C VAL D 283 -29.05 27.23 -23.79
N ALA D 284 -29.37 26.83 -25.02
CA ALA D 284 -28.43 26.13 -25.89
C ALA D 284 -28.51 26.70 -27.31
N PRO D 285 -27.98 27.92 -27.51
CA PRO D 285 -28.06 28.55 -28.84
C PRO D 285 -27.45 27.71 -29.98
N SER D 286 -26.43 26.91 -29.69
CA SER D 286 -25.77 26.11 -30.71
C SER D 286 -26.66 25.08 -31.40
N ILE D 287 -27.54 24.43 -30.64
CA ILE D 287 -28.40 23.40 -31.21
C ILE D 287 -29.77 23.92 -31.70
N TYR D 288 -30.34 23.25 -32.70
CA TYR D 288 -31.64 23.59 -33.24
C TYR D 288 -32.71 22.69 -32.63
N GLY D 289 -33.83 23.24 -32.25
CA GLY D 289 -34.85 22.40 -31.76
C GLY D 289 -34.71 22.21 -30.30
N TYR D 290 -35.15 21.04 -29.79
CA TYR D 290 -35.08 20.71 -28.38
C TYR D 290 -35.73 21.82 -27.55
N ASN D 291 -36.83 22.38 -28.04
CA ASN D 291 -37.46 23.47 -27.30
C ASN D 291 -37.96 23.02 -25.95
N GLU D 292 -38.47 21.78 -25.84
CA GLU D 292 -38.98 21.36 -24.58
C GLU D 292 -37.87 21.21 -23.58
N ILE D 293 -36.78 20.61 -23.99
CA ILE D 293 -35.65 20.42 -23.12
C ILE D 293 -35.14 21.73 -22.64
N LYS D 294 -34.97 22.66 -23.55
CA LYS D 294 -34.51 23.97 -23.20
C LYS D 294 -35.43 24.62 -22.22
N GLN D 295 -36.73 24.49 -22.38
CA GLN D 295 -37.65 25.02 -21.43
C GLN D 295 -37.34 24.44 -20.08
N ALA D 296 -37.21 23.14 -20.03
CA ALA D 296 -36.97 22.50 -18.74
C ALA D 296 -35.65 22.94 -18.14
N VAL D 297 -34.61 23.06 -18.97
CA VAL D 297 -33.30 23.45 -18.45
C VAL D 297 -33.35 24.89 -17.94
N ALA D 298 -34.08 25.78 -18.62
CA ALA D 298 -34.23 27.14 -18.12
C ALA D 298 -34.89 27.15 -16.74
N LEU D 299 -35.98 26.40 -16.61
CA LEU D 299 -36.61 26.28 -15.30
C LEU D 299 -35.66 25.68 -14.27
N GLN D 300 -34.73 24.84 -14.72
CA GLN D 300 -33.66 24.39 -13.84
C GLN D 300 -32.78 25.55 -13.42
N LEU D 301 -32.51 26.46 -14.34
CA LEU D 301 -31.55 27.51 -14.00
C LEU D 301 -32.12 28.40 -12.90
N PHE D 302 -33.42 28.70 -12.98
CA PHE D 302 -34.06 29.49 -11.93
C PHE D 302 -34.31 28.66 -10.67
N GLY D 303 -34.91 27.48 -10.84
CA GLY D 303 -35.16 26.59 -9.73
C GLY D 303 -36.34 27.02 -8.87
N GLY D 304 -36.73 26.14 -7.97
CA GLY D 304 -37.85 26.38 -7.08
C GLY D 304 -37.60 27.31 -5.91
N THR D 305 -38.39 27.19 -4.87
CA THR D 305 -38.22 28.11 -3.78
C THR D 305 -37.51 27.53 -2.65
N PRO D 306 -36.40 28.12 -2.32
CA PRO D 306 -35.54 27.68 -1.25
C PRO D 306 -36.04 28.11 0.06
N GLY D 307 -35.72 27.37 1.10
CA GLY D 307 -36.11 27.71 2.43
C GLY D 307 -37.40 27.12 2.89
N LYS D 308 -38.07 26.39 2.02
CA LYS D 308 -39.32 25.80 2.40
C LYS D 308 -39.06 24.79 3.45
N LYS D 309 -39.55 24.98 4.66
CA LYS D 309 -39.33 24.02 5.71
C LYS D 309 -40.70 23.40 6.02
N LEU D 310 -40.68 22.18 6.53
CA LEU D 310 -41.90 21.43 6.82
C LEU D 310 -42.16 21.37 8.33
N VAL D 311 -43.28 20.75 8.69
CA VAL D 311 -43.73 20.82 10.09
C VAL D 311 -42.68 20.24 11.02
N ASP D 312 -42.05 19.15 10.62
CA ASP D 312 -41.03 18.54 11.47
C ASP D 312 -39.67 19.21 11.32
N GLY D 313 -39.60 20.39 10.71
CA GLY D 313 -38.32 21.05 10.53
C GLY D 313 -37.47 20.48 9.41
N GLY D 314 -37.99 19.53 8.63
CA GLY D 314 -37.29 19.00 7.48
C GLY D 314 -37.12 20.10 6.44
N GLN D 315 -36.60 19.77 5.27
CA GLN D 315 -36.32 20.75 4.23
C GLN D 315 -36.81 20.22 2.90
N ILE D 316 -37.42 21.11 2.11
CA ILE D 316 -37.98 20.77 0.81
C ILE D 316 -36.92 21.01 -0.24
N ARG D 317 -36.63 20.01 -1.05
CA ARG D 317 -35.72 20.21 -2.17
C ARG D 317 -36.31 21.22 -3.15
N SER D 318 -35.48 22.16 -3.56
CA SER D 318 -35.86 23.20 -4.48
C SER D 318 -35.18 23.11 -5.83
N ASP D 319 -33.96 22.57 -5.89
CA ASP D 319 -33.24 22.34 -7.13
C ASP D 319 -33.93 21.25 -7.95
N MET D 320 -33.73 21.30 -9.25
CA MET D 320 -34.36 20.39 -10.19
C MET D 320 -33.34 19.47 -10.82
N HIS D 321 -33.72 18.21 -11.03
CA HIS D 321 -32.89 17.20 -11.66
C HIS D 321 -33.53 16.78 -12.97
N ILE D 322 -32.75 16.79 -14.05
CA ILE D 322 -33.26 16.54 -15.39
C ILE D 322 -32.38 15.48 -16.04
N LEU D 323 -32.95 14.32 -16.33
CA LEU D 323 -32.24 13.29 -17.09
C LEU D 323 -32.52 13.54 -18.57
N LEU D 324 -31.53 13.32 -19.41
CA LEU D 324 -31.73 13.28 -20.86
C LEU D 324 -31.28 11.92 -21.38
N ILE D 325 -32.04 11.31 -22.27
CA ILE D 325 -31.63 10.04 -22.77
C ILE D 325 -31.80 10.11 -24.26
N GLY D 326 -30.87 9.52 -25.07
CA GLY D 326 -30.98 9.38 -26.52
C GLY D 326 -29.74 8.71 -27.08
N ASP D 327 -29.84 8.37 -28.36
CA ASP D 327 -28.79 7.67 -29.09
C ASP D 327 -27.59 8.59 -29.33
N PRO D 328 -26.48 8.06 -29.83
CA PRO D 328 -25.38 8.92 -30.27
C PRO D 328 -25.85 9.89 -31.34
N GLY D 329 -25.28 11.09 -31.33
CA GLY D 329 -25.73 12.12 -32.24
C GLY D 329 -26.96 12.88 -31.79
N SER D 330 -27.45 12.62 -30.59
CA SER D 330 -28.57 13.35 -30.02
C SER D 330 -28.16 14.71 -29.45
N ALA D 331 -26.89 15.07 -29.52
CA ALA D 331 -26.37 16.34 -29.03
C ALA D 331 -26.47 16.47 -27.52
N LYS D 332 -26.51 15.36 -26.83
CA LYS D 332 -26.65 15.37 -25.42
C LYS D 332 -25.44 15.98 -24.83
N THR D 333 -24.27 15.55 -25.31
CA THR D 333 -23.01 16.06 -24.73
C THR D 333 -22.99 17.59 -24.86
N ARG D 334 -23.27 18.10 -26.05
CA ARG D 334 -23.18 19.57 -26.29
C ARG D 334 -24.12 20.33 -25.35
N ILE D 335 -25.36 19.89 -25.23
CA ILE D 335 -26.33 20.58 -24.32
C ILE D 335 -25.69 20.70 -22.94
N LEU D 336 -25.25 19.58 -22.37
CA LEU D 336 -24.67 19.59 -21.00
C LEU D 336 -23.47 20.53 -20.95
N GLN D 337 -22.55 20.40 -21.89
CA GLN D 337 -21.32 21.23 -21.84
C GLN D 337 -21.67 22.71 -21.89
N SER D 338 -22.66 23.08 -22.70
CA SER D 338 -23.02 24.51 -22.87
C SER D 338 -23.71 25.00 -21.61
N VAL D 339 -24.58 24.19 -21.03
CA VAL D 339 -25.22 24.59 -19.75
C VAL D 339 -24.11 24.82 -18.73
N SER D 340 -23.07 23.98 -18.76
CA SER D 340 -21.94 24.11 -17.81
C SER D 340 -21.25 25.46 -18.02
N ARG D 341 -21.04 25.84 -19.27
CA ARG D 341 -20.34 27.13 -19.56
C ARG D 341 -21.21 28.32 -19.15
N LEU D 342 -22.52 28.25 -19.31
CA LEU D 342 -23.42 29.38 -19.05
C LEU D 342 -23.43 29.69 -17.56
N VAL D 343 -23.82 28.72 -16.74
CA VAL D 343 -23.95 28.96 -15.27
C VAL D 343 -22.58 29.31 -14.71
N PRO D 344 -22.46 30.37 -13.87
CA PRO D 344 -21.19 30.69 -13.24
C PRO D 344 -20.40 29.45 -12.79
N LYS D 345 -21.01 28.58 -11.97
CA LYS D 345 -20.31 27.38 -11.44
C LYS D 345 -20.70 26.15 -12.28
N GLY D 346 -19.87 25.77 -13.24
CA GLY D 346 -20.26 24.66 -14.12
C GLY D 346 -19.36 23.45 -13.97
N ILE D 347 -19.95 22.31 -13.63
CA ILE D 347 -19.16 21.06 -13.46
C ILE D 347 -19.57 20.05 -14.51
N TYR D 348 -18.74 19.83 -15.53
CA TYR D 348 -19.03 18.77 -16.51
C TYR D 348 -18.22 17.55 -16.10
N VAL D 349 -18.88 16.41 -15.93
CA VAL D 349 -18.16 15.19 -15.46
C VAL D 349 -18.76 13.96 -16.11
N SER D 350 -18.03 12.84 -16.09
CA SER D 350 -18.52 11.58 -16.61
C SER D 350 -18.82 10.63 -15.46
N GLY D 351 -19.87 9.81 -15.63
CA GLY D 351 -20.27 8.89 -14.58
C GLY D 351 -19.33 7.72 -14.38
N LYS D 352 -18.52 7.41 -15.40
CA LYS D 352 -17.51 6.37 -15.24
C LYS D 352 -16.58 6.76 -14.10
N SER D 353 -16.47 5.91 -13.08
CA SER D 353 -15.62 6.22 -11.94
C SER D 353 -14.88 4.97 -11.46
N VAL D 354 -13.64 5.18 -11.02
CA VAL D 354 -12.90 4.17 -10.28
C VAL D 354 -13.28 4.30 -8.81
N THR D 355 -13.14 3.21 -8.06
CA THR D 355 -13.57 3.24 -6.66
C THR D 355 -12.76 4.27 -5.89
N GLY D 356 -13.47 5.10 -5.12
CA GLY D 356 -12.87 6.18 -4.41
C GLY D 356 -12.76 7.47 -5.19
N GLY D 357 -13.12 7.45 -6.47
CA GLY D 357 -13.09 8.64 -7.29
C GLY D 357 -14.46 8.94 -7.87
N GLY D 358 -15.51 8.67 -7.10
CA GLY D 358 -16.86 8.82 -7.58
C GLY D 358 -17.40 10.24 -7.46
N LEU D 359 -18.60 10.43 -8.00
CA LEU D 359 -19.27 11.73 -7.87
C LEU D 359 -19.72 11.97 -6.44
N THR D 360 -20.09 10.90 -5.73
CA THR D 360 -20.50 10.95 -4.34
C THR D 360 -19.32 10.79 -3.38
N ALA D 361 -18.09 10.90 -3.89
CA ALA D 361 -16.92 10.80 -3.04
C ALA D 361 -16.97 11.87 -1.95
N VAL D 362 -16.63 11.47 -0.73
CA VAL D 362 -16.57 12.39 0.41
C VAL D 362 -15.33 12.06 1.22
N ALA D 363 -14.93 13.01 2.06
CA ALA D 363 -13.70 12.87 2.82
C ALA D 363 -13.80 11.75 3.84
N GLU D 364 -12.65 11.16 4.15
CA GLU D 364 -12.55 10.11 5.17
C GLU D 364 -11.46 10.49 6.16
N ARG D 365 -11.68 10.13 7.42
CA ARG D 365 -10.74 10.42 8.49
C ARG D 365 -9.50 9.55 8.37
N ASP D 366 -8.35 10.21 8.25
CA ASP D 366 -7.05 9.55 8.21
C ASP D 366 -6.08 10.34 9.07
N ASP D 367 -5.52 9.69 10.10
CA ASP D 367 -4.54 10.36 10.94
C ASP D 367 -3.27 10.70 10.17
N PHE D 368 -2.92 9.90 9.17
CA PHE D 368 -1.70 10.14 8.42
C PHE D 368 -1.85 11.31 7.45
N SER D 369 -3.08 11.57 6.98
CA SER D 369 -3.32 12.65 6.05
C SER D 369 -3.27 14.01 6.76
N GLU D 370 -2.92 15.05 6.00
CA GLU D 370 -2.79 16.38 6.57
C GLU D 370 -4.17 16.93 6.93
N GLY D 371 -4.31 17.42 8.15
CA GLY D 371 -5.59 17.86 8.64
C GLY D 371 -6.49 16.76 9.16
N GLY D 372 -6.02 15.52 9.15
CA GLY D 372 -6.80 14.42 9.69
C GLY D 372 -7.84 13.86 8.77
N TRP D 373 -7.98 14.39 7.55
CA TRP D 373 -9.01 13.97 6.62
C TRP D 373 -8.36 13.71 5.27
N THR D 374 -8.88 12.72 4.56
CA THR D 374 -8.41 12.46 3.20
C THR D 374 -8.84 13.58 2.27
N LEU D 375 -8.03 13.81 1.24
CA LEU D 375 -8.30 14.84 0.24
C LEU D 375 -9.20 14.27 -0.86
N LYS D 376 -10.41 13.88 -0.46
CA LYS D 376 -11.37 13.21 -1.34
C LYS D 376 -12.65 14.01 -1.36
N ALA D 377 -13.07 14.44 -2.56
CA ALA D 377 -14.29 15.22 -2.71
C ALA D 377 -14.75 15.11 -4.16
N GLY D 378 -16.00 14.68 -4.36
CA GLY D 378 -16.54 14.49 -5.68
C GLY D 378 -17.33 15.69 -6.17
N ALA D 379 -17.94 15.52 -7.35
CA ALA D 379 -18.65 16.62 -8.00
C ALA D 379 -19.90 17.03 -7.23
N MET D 380 -20.56 16.09 -6.55
CA MET D 380 -21.79 16.42 -5.84
C MET D 380 -21.51 17.34 -4.65
N VAL D 381 -20.38 17.12 -3.98
CA VAL D 381 -20.02 17.95 -2.83
C VAL D 381 -19.24 19.21 -3.24
N LEU D 382 -18.50 19.13 -4.34
CA LEU D 382 -17.72 20.27 -4.84
C LEU D 382 -18.56 21.25 -5.63
N GLY D 383 -19.76 20.83 -6.02
CA GLY D 383 -20.66 21.68 -6.77
C GLY D 383 -21.82 22.22 -5.96
N ASN D 384 -21.61 22.45 -4.66
CA ASN D 384 -22.66 23.01 -3.83
C ASN D 384 -23.12 24.33 -4.45
N GLY D 385 -24.35 24.36 -4.94
CA GLY D 385 -24.94 25.59 -5.41
C GLY D 385 -24.96 25.82 -6.91
N GLY D 386 -24.86 24.77 -7.71
CA GLY D 386 -24.88 24.93 -9.15
C GLY D 386 -25.28 23.65 -9.85
N ILE D 387 -25.30 23.75 -11.18
CA ILE D 387 -25.63 22.63 -12.04
C ILE D 387 -24.39 21.76 -12.24
N VAL D 388 -24.56 20.47 -11.91
CA VAL D 388 -23.47 19.49 -12.12
C VAL D 388 -23.93 18.59 -13.27
N ALA D 389 -23.27 18.69 -14.41
CA ALA D 389 -23.64 17.89 -15.59
C ALA D 389 -22.92 16.55 -15.54
N ILE D 390 -23.68 15.46 -15.47
CA ILE D 390 -23.08 14.10 -15.43
C ILE D 390 -23.39 13.36 -16.73
N ASP D 391 -22.48 13.42 -17.70
CA ASP D 391 -22.63 12.67 -18.94
C ASP D 391 -22.28 11.20 -18.69
N GLN D 392 -22.64 10.36 -19.65
CA GLN D 392 -22.63 8.91 -19.45
C GLN D 392 -23.12 8.53 -18.04
N PHE D 393 -24.36 8.92 -17.73
CA PHE D 393 -24.97 8.55 -16.45
C PHE D 393 -25.27 7.05 -16.36
N ASP D 394 -25.22 6.32 -17.48
CA ASP D 394 -25.41 4.88 -17.50
C ASP D 394 -24.19 4.12 -16.99
N LYS D 395 -23.03 4.75 -16.96
CA LYS D 395 -21.80 4.11 -16.49
C LYS D 395 -21.52 4.42 -15.03
N ILE D 396 -22.50 4.94 -14.29
CA ILE D 396 -22.35 5.21 -12.87
C ILE D 396 -21.96 3.94 -12.13
N SER D 397 -21.05 4.08 -11.17
CA SER D 397 -20.64 2.95 -10.33
C SER D 397 -21.81 2.51 -9.45
N GLU D 398 -21.65 1.34 -8.84
CA GLU D 398 -22.64 0.88 -7.86
C GLU D 398 -22.63 1.76 -6.62
N GLU D 399 -21.43 2.14 -6.15
CA GLU D 399 -21.32 3.06 -5.01
C GLU D 399 -21.96 4.41 -5.34
N ASP D 400 -21.67 4.95 -6.53
CA ASP D 400 -22.29 6.21 -6.94
C ASP D 400 -23.79 6.06 -7.06
N THR D 401 -24.26 4.98 -7.68
CA THR D 401 -25.70 4.69 -7.69
C THR D 401 -26.31 4.85 -6.30
N ALA D 402 -25.83 4.07 -5.34
CA ALA D 402 -26.48 4.09 -4.03
C ALA D 402 -26.43 5.48 -3.41
N ALA D 403 -25.28 6.15 -3.49
CA ALA D 403 -25.15 7.44 -2.80
C ALA D 403 -25.97 8.54 -3.45
N LEU D 404 -26.21 8.44 -4.76
CA LEU D 404 -26.97 9.49 -5.44
C LEU D 404 -28.44 9.47 -5.07
N HIS D 405 -28.92 8.37 -4.50
CA HIS D 405 -30.24 8.36 -3.85
C HIS D 405 -30.40 9.54 -2.92
N GLU D 406 -29.51 9.63 -1.93
CA GLU D 406 -29.54 10.71 -0.94
C GLU D 406 -29.02 12.01 -1.50
N ALA D 407 -28.06 11.97 -2.44
CA ALA D 407 -27.54 13.21 -3.01
C ALA D 407 -28.62 13.93 -3.82
N LEU D 408 -29.46 13.18 -4.55
CA LEU D 408 -30.47 13.79 -5.39
C LEU D 408 -31.74 14.08 -4.62
N GLU D 409 -31.95 13.46 -3.52
CA GLU D 409 -33.14 13.70 -2.79
C GLU D 409 -32.94 14.59 -1.62
N SER D 410 -32.11 14.23 -0.70
CA SER D 410 -31.86 15.03 0.49
C SER D 410 -30.77 16.08 0.29
N GLN D 411 -30.05 16.04 -0.83
CA GLN D 411 -28.95 16.99 -1.05
C GLN D 411 -27.96 16.91 0.10
N THR D 412 -27.80 15.70 0.65
CA THR D 412 -26.84 15.39 1.69
C THR D 412 -26.24 14.03 1.39
N ILE D 413 -24.97 13.86 1.75
CA ILE D 413 -24.28 12.57 1.68
C ILE D 413 -23.88 12.21 3.10
N SER D 414 -24.61 11.29 3.72
CA SER D 414 -24.39 10.95 5.12
C SER D 414 -23.43 9.77 5.24
N VAL D 415 -22.67 9.74 6.33
CA VAL D 415 -21.65 8.71 6.52
C VAL D 415 -21.53 8.42 8.02
N ALA D 416 -21.18 7.15 8.32
CA ALA D 416 -20.78 6.72 9.67
C ALA D 416 -19.48 5.93 9.51
N LYS D 417 -18.35 6.64 9.52
CA LYS D 417 -17.07 6.01 9.25
C LYS D 417 -15.99 6.54 10.19
N ALA D 418 -15.10 5.64 10.61
CA ALA D 418 -13.94 6.00 11.42
C ALA D 418 -14.34 6.72 12.71
N GLY D 419 -15.50 6.40 13.26
CA GLY D 419 -15.96 7.01 14.49
C GLY D 419 -16.64 8.35 14.33
N ILE D 420 -16.75 8.84 13.09
CA ILE D 420 -17.36 10.13 12.81
C ILE D 420 -18.68 9.89 12.10
N ILE D 421 -19.74 10.54 12.58
CA ILE D 421 -21.04 10.48 12.02
C ILE D 421 -21.16 11.84 11.39
N ALA D 422 -21.32 11.92 10.10
CA ALA D 422 -21.28 13.21 9.44
C ALA D 422 -22.23 13.28 8.25
N THR D 423 -22.86 14.43 8.09
CA THR D 423 -23.81 14.68 6.99
C THR D 423 -23.20 15.75 6.08
N PHE D 424 -22.48 15.31 5.05
CA PHE D 424 -21.91 16.23 4.07
C PHE D 424 -23.01 16.92 3.28
N ASN D 425 -22.73 18.15 2.84
CA ASN D 425 -23.67 18.90 2.02
C ASN D 425 -23.38 18.65 0.54
N ALA D 426 -24.42 18.27 -0.20
CA ALA D 426 -24.29 17.97 -1.63
C ALA D 426 -25.44 18.63 -2.38
N LYS D 427 -25.69 19.90 -2.12
CA LYS D 427 -26.72 20.59 -2.88
C LYS D 427 -26.29 20.91 -4.30
N ALA D 428 -27.07 20.44 -5.27
CA ALA D 428 -26.77 20.72 -6.67
C ALA D 428 -27.98 20.43 -7.54
N SER D 429 -27.88 20.87 -8.80
CA SER D 429 -28.90 20.65 -9.82
C SER D 429 -28.31 19.77 -10.91
N VAL D 430 -28.62 18.48 -10.88
CA VAL D 430 -27.98 17.52 -11.77
C VAL D 430 -28.71 17.50 -13.11
N LEU D 431 -28.00 17.86 -14.18
CA LEU D 431 -28.47 17.67 -15.55
C LEU D 431 -27.70 16.48 -16.12
N ALA D 432 -28.33 15.32 -16.11
CA ALA D 432 -27.67 14.09 -16.54
C ALA D 432 -27.95 13.80 -18.00
N ALA D 433 -27.15 12.89 -18.57
CA ALA D 433 -27.31 12.42 -19.93
C ALA D 433 -26.84 10.98 -19.99
N ALA D 434 -27.53 10.14 -20.75
CA ALA D 434 -27.20 8.73 -20.83
C ALA D 434 -27.47 8.21 -22.23
N ASN D 435 -26.58 7.34 -22.71
CA ASN D 435 -26.79 6.64 -23.96
C ASN D 435 -27.53 5.32 -23.73
N PRO D 436 -28.21 4.81 -24.76
CA PRO D 436 -29.02 3.60 -24.57
C PRO D 436 -28.18 2.42 -24.10
N LYS D 437 -28.84 1.48 -23.42
CA LYS D 437 -28.16 0.29 -22.89
C LYS D 437 -27.42 -0.44 -24.01
N PHE D 438 -28.17 -0.93 -24.99
CA PHE D 438 -27.66 -1.85 -25.99
C PHE D 438 -27.86 -1.26 -27.39
N GLY D 439 -26.77 -0.84 -28.00
CA GLY D 439 -26.85 -0.28 -29.33
C GLY D 439 -27.79 0.89 -29.32
N ARG D 440 -28.83 0.79 -30.14
CA ARG D 440 -29.74 1.89 -30.32
C ARG D 440 -30.91 1.79 -29.34
N PHE D 441 -31.81 2.74 -29.49
CA PHE D 441 -33.02 2.88 -28.69
C PHE D 441 -34.12 2.34 -29.63
N ASP D 442 -34.21 0.97 -29.61
CA ASP D 442 -35.21 0.14 -30.25
C ASP D 442 -36.55 0.86 -30.39
N PRO D 443 -37.04 1.11 -31.61
CA PRO D 443 -38.36 1.77 -31.64
C PRO D 443 -39.60 0.92 -31.37
N HIS D 444 -39.75 -0.28 -31.97
CA HIS D 444 -40.98 -1.03 -31.74
C HIS D 444 -41.12 -1.37 -30.26
N LYS D 445 -40.02 -1.83 -29.64
CA LYS D 445 -40.00 -2.06 -28.20
C LYS D 445 -40.01 -0.72 -27.48
N TYR D 446 -40.84 -0.60 -26.44
CA TYR D 446 -41.06 0.71 -25.87
C TYR D 446 -40.00 1.07 -24.83
N PRO D 447 -40.02 2.29 -24.36
CA PRO D 447 -38.85 2.79 -23.64
C PRO D 447 -38.74 2.50 -22.15
N ALA D 448 -37.70 3.09 -21.56
CA ALA D 448 -37.44 3.16 -20.12
C ALA D 448 -37.04 1.80 -19.57
N GLU D 449 -37.41 0.73 -20.26
CA GLU D 449 -36.84 -0.58 -19.97
C GLU D 449 -35.44 -0.69 -20.55
N GLN D 450 -35.22 0.02 -21.64
CA GLN D 450 -34.02 -0.06 -22.49
C GLN D 450 -32.85 0.72 -21.93
N PHE D 451 -33.03 1.32 -20.78
CA PHE D 451 -31.98 2.06 -20.12
C PHE D 451 -31.54 1.32 -18.87
N ASP D 452 -30.25 1.05 -18.76
CA ASP D 452 -29.74 0.35 -17.58
C ASP D 452 -29.34 1.36 -16.51
N ILE D 453 -30.36 2.05 -16.02
CA ILE D 453 -30.30 2.84 -14.79
C ILE D 453 -31.26 2.18 -13.80
N SER D 454 -30.93 2.27 -12.52
CA SER D 454 -31.80 1.69 -11.51
C SER D 454 -33.17 2.39 -11.55
N PRO D 455 -34.23 1.67 -11.37
CA PRO D 455 -35.51 2.35 -11.31
C PRO D 455 -35.58 3.29 -10.13
N THR D 456 -35.02 2.90 -9.02
CA THR D 456 -35.05 3.71 -7.81
C THR D 456 -34.26 5.01 -7.95
N LEU D 457 -33.21 5.00 -8.78
CA LEU D 457 -32.48 6.24 -9.04
C LEU D 457 -33.23 7.14 -10.01
N LEU D 458 -34.02 6.56 -10.91
CA LEU D 458 -34.80 7.37 -11.85
C LEU D 458 -35.97 8.05 -11.16
N SER D 459 -36.45 7.47 -10.06
CA SER D 459 -37.52 8.15 -9.31
C SER D 459 -37.05 9.51 -8.80
N ARG D 460 -35.74 9.67 -8.56
CA ARG D 460 -35.24 10.91 -7.98
C ARG D 460 -35.15 12.06 -8.98
N PHE D 461 -35.08 11.77 -10.28
CA PHE D 461 -35.08 12.81 -11.31
C PHE D 461 -36.48 13.37 -11.48
N ASP D 462 -36.59 14.69 -11.63
CA ASP D 462 -37.88 15.31 -11.86
C ASP D 462 -38.39 15.01 -13.28
N LEU D 463 -37.53 15.15 -14.27
CA LEU D 463 -37.93 15.04 -15.67
C LEU D 463 -36.95 14.14 -16.42
N ILE D 464 -37.45 13.01 -16.92
CA ILE D 464 -36.67 12.12 -17.77
C ILE D 464 -37.20 12.29 -19.19
N PHE D 465 -36.41 12.94 -20.05
CA PHE D 465 -36.84 13.28 -21.40
C PHE D 465 -36.17 12.32 -22.38
N PRO D 466 -36.86 11.32 -22.92
CA PRO D 466 -36.27 10.53 -24.02
C PRO D 466 -36.04 11.39 -25.26
N ILE D 467 -34.95 11.11 -25.99
CA ILE D 467 -34.72 11.70 -27.30
C ILE D 467 -34.63 10.63 -28.37
N ARG D 468 -35.43 10.80 -29.45
CA ARG D 468 -35.47 9.86 -30.52
C ARG D 468 -35.36 10.66 -31.84
N ASP D 469 -34.85 9.98 -32.85
CA ASP D 469 -34.70 10.46 -34.22
C ASP D 469 -36.01 10.25 -34.97
N ILE D 470 -36.74 11.34 -35.24
CA ILE D 470 -37.98 11.29 -36.04
C ILE D 470 -37.73 11.14 -37.53
N MET D 471 -36.50 11.37 -38.00
CA MET D 471 -36.15 11.21 -39.41
C MET D 471 -37.09 11.92 -40.41
N ASP D 472 -37.44 13.16 -40.09
CA ASP D 472 -38.21 14.02 -40.97
C ASP D 472 -37.21 14.84 -41.77
N THR D 473 -37.23 14.74 -43.09
CA THR D 473 -36.30 15.47 -43.88
C THR D 473 -36.43 16.93 -43.72
N GLU D 474 -37.63 17.41 -43.45
CA GLU D 474 -37.73 18.84 -43.16
C GLU D 474 -36.80 19.21 -42.01
N LEU D 475 -36.80 18.41 -40.98
CA LEU D 475 -35.97 18.71 -39.84
C LEU D 475 -34.53 18.71 -40.24
N ASP D 476 -34.17 17.81 -41.11
CA ASP D 476 -32.81 17.68 -41.55
C ASP D 476 -32.35 18.85 -42.30
N LYS D 477 -33.22 19.42 -43.11
CA LYS D 477 -32.81 20.57 -43.83
C LYS D 477 -32.61 21.66 -42.84
N SER D 478 -33.53 21.82 -41.93
CA SER D 478 -33.36 22.90 -41.00
C SER D 478 -32.15 22.69 -40.13
N ILE D 479 -31.93 21.47 -39.68
CA ILE D 479 -30.79 21.21 -38.83
C ILE D 479 -29.54 21.55 -39.56
N ALA D 480 -29.38 21.01 -40.75
CA ALA D 480 -28.20 21.24 -41.52
C ALA D 480 -27.83 22.69 -41.70
N ASN D 481 -28.74 23.49 -42.22
CA ASN D 481 -28.45 24.88 -42.49
C ASN D 481 -27.94 25.63 -41.31
N TYR D 482 -28.61 25.44 -40.19
CA TYR D 482 -28.28 26.05 -38.94
C TYR D 482 -26.88 25.70 -38.59
N ILE D 483 -26.54 24.44 -38.66
CA ILE D 483 -25.21 24.03 -38.40
C ILE D 483 -24.28 24.68 -39.35
N LEU D 484 -24.56 24.61 -40.63
CA LEU D 484 -23.65 25.16 -41.58
C LEU D 484 -23.50 26.62 -41.50
N ASN D 485 -24.58 27.32 -41.17
CA ASN D 485 -24.50 28.74 -41.03
C ASN D 485 -23.54 29.13 -39.96
N GLN D 486 -23.58 28.45 -38.82
CA GLN D 486 -22.69 28.77 -37.73
C GLN D 486 -21.26 28.62 -38.13
N HIS D 487 -20.95 27.56 -38.83
CA HIS D 487 -19.61 27.30 -39.27
C HIS D 487 -19.19 28.35 -40.24
N GLU D 488 -20.11 28.69 -41.13
CA GLU D 488 -19.89 29.71 -42.12
C GLU D 488 -19.49 30.97 -41.39
N ALA D 489 -20.26 31.37 -40.40
CA ALA D 489 -19.92 32.53 -39.64
C ALA D 489 -18.56 32.43 -38.97
N ALA D 490 -18.26 31.29 -38.38
CA ALA D 490 -16.97 31.15 -37.70
C ALA D 490 -15.81 31.39 -38.66
N GLY D 491 -15.94 30.82 -39.84
CA GLY D 491 -14.92 30.96 -40.84
C GLY D 491 -14.73 32.38 -41.18
N ALA D 492 -15.85 33.05 -41.37
CA ALA D 492 -15.80 34.46 -41.68
C ALA D 492 -15.08 35.24 -40.58
N ALA D 493 -15.31 34.88 -39.32
CA ALA D 493 -14.72 35.63 -38.22
C ALA D 493 -13.23 35.37 -38.07
N ILE D 494 -12.72 34.26 -38.53
CA ILE D 494 -11.30 34.08 -38.48
C ILE D 494 -10.57 35.02 -39.40
N ALA D 495 -11.26 35.61 -40.33
CA ALA D 495 -10.67 36.56 -41.25
C ALA D 495 -11.41 37.90 -41.33
N ASP D 496 -12.43 38.10 -40.50
CA ASP D 496 -13.25 39.31 -40.56
C ASP D 496 -13.69 39.60 -41.99
N GLU D 505 -27.63 38.43 -33.11
CA GLU D 505 -27.69 38.73 -31.68
C GLU D 505 -28.12 37.51 -30.84
N PRO D 506 -27.88 37.56 -29.54
CA PRO D 506 -28.49 36.64 -28.63
C PRO D 506 -29.72 37.40 -28.04
N PRO D 507 -30.81 36.66 -27.64
CA PRO D 507 -31.93 37.41 -27.05
C PRO D 507 -31.50 38.24 -25.86
N ILE D 508 -30.72 37.66 -24.96
CA ILE D 508 -30.26 38.36 -23.77
C ILE D 508 -28.77 38.29 -23.62
N GLU D 509 -28.10 39.39 -23.33
CA GLU D 509 -26.67 39.38 -23.12
C GLU D 509 -26.31 38.42 -22.01
N HIS D 510 -25.28 37.62 -22.20
CA HIS D 510 -24.86 36.62 -21.26
C HIS D 510 -24.71 37.12 -19.87
N SER D 511 -24.02 38.22 -19.69
CA SER D 511 -23.82 38.75 -18.36
C SER D 511 -25.08 39.30 -17.81
N LEU D 512 -25.93 39.84 -18.65
CA LEU D 512 -27.18 40.36 -18.19
C LEU D 512 -28.01 39.21 -17.76
N LEU D 513 -28.01 38.18 -18.55
CA LEU D 513 -28.76 37.02 -18.23
C LEU D 513 -28.36 36.42 -16.91
N LYS D 514 -27.08 36.35 -16.61
CA LYS D 514 -26.72 35.74 -15.36
C LYS D 514 -27.17 36.64 -14.26
N LYS D 515 -26.98 37.91 -14.43
CA LYS D 515 -27.44 38.83 -13.39
C LYS D 515 -28.95 38.74 -13.19
N TYR D 516 -29.71 38.45 -14.24
CA TYR D 516 -31.14 38.27 -14.08
C TYR D 516 -31.45 37.05 -13.22
N ILE D 517 -30.83 35.91 -13.56
CA ILE D 517 -31.06 34.69 -12.78
C ILE D 517 -30.59 34.90 -11.34
N ALA D 518 -29.50 35.65 -11.15
CA ALA D 518 -29.03 35.93 -9.80
C ALA D 518 -30.04 36.76 -9.02
N TYR D 519 -30.54 37.84 -9.61
CA TYR D 519 -31.54 38.65 -8.95
C TYR D 519 -32.76 37.81 -8.60
N ALA D 520 -33.23 37.00 -9.55
CA ALA D 520 -34.40 36.17 -9.32
C ALA D 520 -34.17 35.22 -8.16
N LYS D 521 -33.02 34.63 -8.13
CA LYS D 521 -32.72 33.68 -7.13
C LYS D 521 -32.63 34.31 -5.81
N ARG D 522 -32.14 35.52 -5.74
CA ARG D 522 -31.93 36.10 -4.45
C ARG D 522 -33.11 36.72 -3.80
N TYR D 523 -33.87 37.49 -4.55
CA TYR D 523 -35.01 38.18 -3.98
C TYR D 523 -36.40 37.65 -4.20
N VAL D 524 -36.55 36.57 -4.94
CA VAL D 524 -37.87 36.08 -5.19
C VAL D 524 -38.17 34.67 -4.75
N MET D 525 -39.11 34.50 -3.85
CA MET D 525 -39.48 33.19 -3.39
C MET D 525 -40.98 33.00 -3.54
N PRO D 526 -41.38 32.47 -4.68
CA PRO D 526 -42.77 32.30 -5.07
C PRO D 526 -43.53 31.46 -4.12
N ARG D 527 -44.74 31.87 -3.80
CA ARG D 527 -45.57 31.07 -2.94
C ARG D 527 -46.70 30.53 -3.76
N LEU D 528 -47.30 29.48 -3.27
CA LEU D 528 -48.37 28.84 -4.00
C LEU D 528 -49.70 29.54 -3.85
N SER D 529 -50.32 29.85 -4.98
CA SER D 529 -51.66 30.36 -5.00
C SER D 529 -52.60 29.20 -5.05
N GLU D 530 -53.73 29.29 -4.35
CA GLU D 530 -54.69 28.19 -4.30
C GLU D 530 -55.14 27.72 -5.67
N GLU D 531 -55.36 28.67 -6.55
CA GLU D 531 -55.81 28.33 -7.91
C GLU D 531 -54.85 27.30 -8.51
N ALA D 532 -53.55 27.52 -8.36
CA ALA D 532 -52.56 26.63 -8.98
C ALA D 532 -52.40 25.36 -8.14
N SER D 533 -52.51 25.50 -6.83
CA SER D 533 -52.46 24.30 -5.95
C SER D 533 -53.53 23.31 -6.41
N ASN D 534 -54.73 23.81 -6.71
CA ASN D 534 -55.84 22.90 -7.09
C ASN D 534 -55.55 22.28 -8.47
N ARG D 535 -54.92 23.02 -9.37
CA ARG D 535 -54.69 22.48 -10.73
C ARG D 535 -53.72 21.30 -10.62
N ILE D 536 -52.72 21.41 -9.77
CA ILE D 536 -51.73 20.31 -9.59
C ILE D 536 -52.46 19.11 -8.99
N LYS D 537 -53.20 19.33 -7.91
CA LYS D 537 -53.98 18.25 -7.27
C LYS D 537 -54.80 17.54 -8.35
N GLU D 538 -55.53 18.30 -9.15
CA GLU D 538 -56.36 17.70 -10.22
C GLU D 538 -55.48 16.83 -11.09
N TYR D 539 -54.47 17.41 -11.73
CA TYR D 539 -53.62 16.65 -12.67
C TYR D 539 -53.12 15.37 -12.02
N TYR D 540 -52.68 15.43 -10.76
CA TYR D 540 -52.24 14.20 -10.07
C TYR D 540 -53.39 13.20 -10.03
N VAL D 541 -54.49 13.54 -9.37
CA VAL D 541 -55.59 12.56 -9.22
C VAL D 541 -56.02 12.11 -10.60
N ASP D 542 -55.96 13.01 -11.58
CA ASP D 542 -56.38 12.64 -12.91
C ASP D 542 -55.40 11.70 -13.51
N LEU D 543 -54.13 11.98 -13.31
CA LEU D 543 -53.10 11.11 -13.83
C LEU D 543 -53.12 9.74 -13.21
N ARG D 544 -53.45 9.65 -11.94
CA ARG D 544 -53.48 8.36 -11.31
C ARG D 544 -54.52 7.42 -11.88
N ARG D 545 -55.73 7.90 -12.12
CA ARG D 545 -56.70 6.98 -12.68
C ARG D 545 -56.19 6.81 -14.08
N ALA D 546 -56.07 5.57 -14.51
CA ALA D 546 -55.53 5.21 -15.81
C ALA D 546 -54.16 5.83 -16.04
N THR D 553 -43.70 3.08 -16.27
CA THR D 553 -43.76 4.48 -15.89
C THR D 553 -44.74 4.72 -14.76
N PRO D 554 -44.39 4.37 -13.54
CA PRO D 554 -45.35 4.62 -12.46
C PRO D 554 -45.38 6.09 -12.00
N ILE D 555 -46.46 6.53 -11.34
CA ILE D 555 -46.69 7.91 -10.91
C ILE D 555 -47.02 7.88 -9.42
N THR D 556 -46.12 8.35 -8.60
CA THR D 556 -46.28 8.43 -7.16
C THR D 556 -46.48 9.87 -6.72
N PRO D 557 -46.75 10.09 -5.43
CA PRO D 557 -46.82 11.48 -4.92
C PRO D 557 -45.55 12.30 -5.16
N ARG D 558 -44.46 11.67 -5.61
CA ARG D 558 -43.25 12.42 -5.92
C ARG D 558 -43.51 13.47 -6.99
N GLN D 559 -44.24 13.10 -8.04
CA GLN D 559 -44.58 14.06 -9.09
C GLN D 559 -45.32 15.28 -8.58
N ILE D 560 -46.04 15.18 -7.47
CA ILE D 560 -46.64 16.39 -6.89
C ILE D 560 -45.54 17.38 -6.50
N GLU D 561 -44.53 16.89 -5.76
CA GLU D 561 -43.42 17.73 -5.36
C GLU D 561 -42.65 18.25 -6.57
N GLY D 562 -42.53 17.42 -7.59
CA GLY D 562 -41.82 17.84 -8.80
C GLY D 562 -42.53 18.99 -9.49
N LEU D 563 -43.86 18.96 -9.54
CA LEU D 563 -44.62 20.00 -10.27
C LEU D 563 -44.57 21.30 -9.47
N ILE D 564 -44.73 21.22 -8.16
CA ILE D 564 -44.62 22.43 -7.31
C ILE D 564 -43.30 23.11 -7.63
N ARG D 565 -42.21 22.35 -7.58
CA ARG D 565 -40.87 22.90 -7.88
C ARG D 565 -40.90 23.56 -9.25
N MET D 566 -41.37 22.83 -10.26
CA MET D 566 -41.32 23.35 -11.62
C MET D 566 -42.16 24.62 -11.77
N ALA D 567 -43.32 24.67 -11.11
CA ALA D 567 -44.19 25.83 -11.16
C ALA D 567 -43.60 27.01 -10.40
N GLU D 568 -43.09 26.76 -9.19
CA GLU D 568 -42.39 27.82 -8.48
C GLU D 568 -41.25 28.38 -9.33
N ALA D 569 -40.59 27.52 -10.10
CA ALA D 569 -39.54 28.00 -11.01
C ALA D 569 -40.11 28.88 -12.11
N SER D 570 -41.27 28.50 -12.67
CA SER D 570 -41.88 29.35 -13.69
C SER D 570 -42.30 30.70 -13.11
N ALA D 571 -42.67 30.72 -11.83
CA ALA D 571 -42.95 32.00 -11.18
C ALA D 571 -41.69 32.83 -11.03
N LYS D 572 -40.61 32.20 -10.64
CA LYS D 572 -39.38 32.91 -10.46
C LYS D 572 -38.84 33.43 -11.75
N SER D 573 -39.05 32.71 -12.82
CA SER D 573 -38.56 33.14 -14.12
C SER D 573 -39.06 34.53 -14.47
N GLN D 574 -40.27 34.88 -14.03
CA GLN D 574 -40.87 36.17 -14.34
C GLN D 574 -40.84 37.14 -13.17
N LEU D 575 -40.02 36.87 -12.18
CA LEU D 575 -39.90 37.68 -10.99
C LEU D 575 -41.20 37.89 -10.32
N ARG D 576 -42.06 36.91 -10.31
CA ARG D 576 -43.32 37.08 -9.63
C ARG D 576 -43.31 36.32 -8.35
N ASP D 577 -43.99 36.80 -7.33
CA ASP D 577 -44.00 36.11 -6.09
C ASP D 577 -45.08 35.13 -5.95
N VAL D 578 -45.98 35.05 -6.91
CA VAL D 578 -47.06 34.10 -6.75
C VAL D 578 -47.19 33.24 -7.96
N VAL D 579 -47.23 31.94 -7.74
CA VAL D 579 -47.33 31.01 -8.83
C VAL D 579 -48.69 31.04 -9.46
N SER D 580 -48.73 31.38 -10.73
CA SER D 580 -50.02 31.44 -11.41
C SER D 580 -50.45 30.04 -11.85
N VAL D 581 -51.66 29.90 -12.38
CA VAL D 581 -52.11 28.65 -12.93
C VAL D 581 -51.41 28.46 -14.23
N LYS D 582 -51.10 29.52 -14.95
CA LYS D 582 -50.27 29.36 -16.14
C LYS D 582 -48.96 28.67 -15.80
N ASP D 583 -48.41 29.01 -14.63
CA ASP D 583 -47.11 28.43 -14.20
C ASP D 583 -47.26 26.93 -14.07
N ALA D 584 -48.31 26.47 -13.39
CA ALA D 584 -48.55 25.02 -13.23
C ALA D 584 -48.75 24.40 -14.61
N ASN D 585 -49.52 25.07 -15.45
CA ASN D 585 -49.81 24.51 -16.79
C ASN D 585 -48.48 24.31 -17.51
N LEU D 586 -47.51 25.20 -17.29
CA LEU D 586 -46.19 24.96 -17.89
C LEU D 586 -45.55 23.71 -17.32
N ALA D 587 -45.62 23.54 -15.99
CA ALA D 587 -45.05 22.34 -15.37
C ALA D 587 -45.73 21.08 -15.91
N ILE D 588 -47.02 21.16 -16.11
CA ILE D 588 -47.75 20.05 -16.61
C ILE D 588 -47.46 19.82 -18.04
N SER D 589 -47.28 20.86 -18.79
CA SER D 589 -46.89 20.68 -20.18
C SER D 589 -45.59 19.89 -20.31
N LEU D 590 -44.54 20.33 -19.64
CA LEU D 590 -43.27 19.62 -19.71
C LEU D 590 -43.42 18.20 -19.19
N SER D 591 -44.24 18.02 -18.21
CA SER D 591 -44.44 16.72 -17.72
C SER D 591 -45.11 15.86 -18.74
N GLU D 592 -46.13 16.36 -19.40
CA GLU D 592 -46.81 15.53 -20.35
C GLU D 592 -45.92 15.19 -21.49
N TYR D 593 -45.05 16.08 -21.88
CA TYR D 593 -44.07 15.76 -22.91
C TYR D 593 -43.19 14.60 -22.46
N MET D 594 -42.82 14.57 -21.17
CA MET D 594 -42.07 13.41 -20.66
C MET D 594 -42.90 12.13 -20.79
N LEU D 595 -44.12 12.15 -20.29
CA LEU D 595 -44.96 10.97 -20.33
C LEU D 595 -45.15 10.44 -21.70
N LYS D 596 -45.39 11.31 -22.65
CA LYS D 596 -45.47 10.85 -24.03
C LYS D 596 -44.22 10.08 -24.43
N THR D 597 -43.07 10.43 -23.86
CA THR D 597 -41.82 9.73 -24.10
C THR D 597 -41.42 9.81 -25.58
N THR E 7 43.83 36.07 -24.71
CA THR E 7 44.24 37.39 -25.17
C THR E 7 43.02 38.14 -25.69
N SER E 8 43.11 39.47 -25.76
CA SER E 8 42.04 40.25 -26.38
C SER E 8 41.84 39.88 -27.83
N SER E 9 42.87 39.35 -28.49
CA SER E 9 42.73 38.91 -29.85
C SER E 9 41.61 37.91 -30.02
N LEU E 10 41.29 37.23 -28.95
CA LEU E 10 40.23 36.28 -28.96
C LEU E 10 38.96 37.04 -29.25
N LYS E 11 38.77 38.11 -28.51
CA LYS E 11 37.63 38.93 -28.66
C LYS E 11 37.63 39.58 -29.99
N LEU E 12 38.77 40.00 -30.47
CA LEU E 12 38.80 40.60 -31.78
C LEU E 12 38.43 39.55 -32.80
N LEU E 13 38.94 38.34 -32.64
CA LEU E 13 38.62 37.25 -33.54
C LEU E 13 37.15 36.96 -33.57
N PHE E 14 36.51 37.08 -32.44
CA PHE E 14 35.12 36.77 -32.43
C PHE E 14 34.36 37.86 -33.11
N ASP E 15 34.80 39.09 -32.99
CA ASP E 15 34.15 40.18 -33.70
C ASP E 15 34.15 39.90 -35.19
N GLU E 16 35.26 39.48 -35.73
CA GLU E 16 35.30 39.21 -37.13
C GLU E 16 34.38 38.08 -37.42
N PHE E 17 34.55 36.98 -36.68
CA PHE E 17 33.75 35.79 -36.90
C PHE E 17 32.31 36.07 -36.87
N LEU E 18 31.89 36.72 -35.80
CA LEU E 18 30.51 37.05 -35.61
C LEU E 18 29.92 37.83 -36.76
N GLU E 19 30.59 38.87 -37.21
CA GLU E 19 30.03 39.66 -38.30
C GLU E 19 29.94 38.76 -39.53
N SER E 20 31.02 37.99 -39.78
CA SER E 20 31.21 37.28 -41.04
C SER E 20 30.15 36.20 -41.24
N TYR E 21 29.66 35.66 -40.15
CA TYR E 21 28.70 34.59 -40.23
C TYR E 21 27.30 34.79 -39.71
N TYR E 22 27.08 35.69 -38.77
CA TYR E 22 25.74 35.85 -38.24
C TYR E 22 25.35 37.30 -38.23
N SER E 23 25.64 37.97 -39.33
CA SER E 23 25.36 39.39 -39.45
C SER E 23 23.94 39.78 -39.39
N ASP E 24 23.11 39.11 -40.16
CA ASP E 24 21.71 39.44 -40.16
C ASP E 24 21.16 39.21 -38.80
N GLU E 25 21.45 38.05 -38.26
CA GLU E 25 20.97 37.63 -36.97
C GLU E 25 21.24 38.61 -35.88
N ILE E 26 22.45 39.10 -35.85
CA ILE E 26 22.82 40.04 -34.82
C ILE E 26 22.00 41.30 -34.90
N LYS E 27 21.79 41.78 -36.12
CA LYS E 27 20.99 42.97 -36.31
C LYS E 27 19.58 42.72 -35.83
N ASP E 28 19.04 41.54 -36.14
CA ASP E 28 17.73 41.19 -35.69
C ASP E 28 17.67 41.20 -34.18
N ILE E 29 18.68 40.68 -33.52
CA ILE E 29 18.71 40.69 -32.09
C ILE E 29 18.68 42.09 -31.58
N ILE E 30 19.46 42.98 -32.18
CA ILE E 30 19.54 44.34 -31.72
C ILE E 30 18.21 45.02 -31.78
N ILE E 31 17.49 44.79 -32.86
CA ILE E 31 16.21 45.36 -32.95
C ILE E 31 15.32 44.81 -31.85
N LYS E 32 15.33 43.50 -31.63
CA LYS E 32 14.43 42.91 -30.64
C LYS E 32 14.92 42.67 -29.22
N PHE E 33 16.16 43.03 -28.94
CA PHE E 33 16.68 42.86 -27.61
C PHE E 33 15.89 43.76 -26.67
N PRO E 34 15.52 43.29 -25.47
CA PRO E 34 16.00 42.08 -24.79
C PRO E 34 15.14 40.83 -24.95
N ASN E 35 13.91 40.98 -25.39
CA ASN E 35 13.00 39.85 -25.48
C ASN E 35 13.58 38.70 -26.32
N LYS E 36 14.69 38.98 -26.96
CA LYS E 36 15.40 38.01 -27.73
C LYS E 36 16.83 38.34 -27.44
N ARG E 37 17.49 37.56 -26.60
CA ARG E 37 18.87 37.87 -26.29
C ARG E 37 19.87 36.76 -26.50
N SER E 38 19.47 35.68 -27.16
CA SER E 38 20.38 34.58 -27.35
C SER E 38 20.62 34.29 -28.79
N LEU E 39 21.88 34.11 -29.13
CA LEU E 39 22.22 33.85 -30.50
C LEU E 39 22.87 32.53 -30.69
N PRO E 40 22.17 31.58 -31.31
CA PRO E 40 22.61 30.22 -31.58
C PRO E 40 23.78 30.26 -32.51
N VAL E 41 24.77 29.41 -32.32
CA VAL E 41 25.92 29.44 -33.19
C VAL E 41 26.43 28.07 -33.51
N ASN E 42 26.23 27.61 -34.73
CA ASN E 42 26.68 26.30 -35.10
C ASN E 42 28.16 26.22 -34.94
N ILE E 43 28.62 25.22 -34.22
CA ILE E 43 30.04 25.07 -33.96
C ILE E 43 30.84 24.85 -35.22
N SER E 44 30.29 24.10 -36.17
CA SER E 44 30.99 23.83 -37.41
C SER E 44 31.38 25.13 -38.06
N ASP E 45 30.55 26.16 -37.93
CA ASP E 45 30.96 27.40 -38.58
C ASP E 45 32.22 27.96 -37.93
N LEU E 46 32.38 27.76 -36.66
CA LEU E 46 33.58 28.19 -36.01
C LEU E 46 34.68 27.27 -36.46
N GLU E 47 34.38 26.01 -36.67
CA GLU E 47 35.37 25.10 -37.23
C GLU E 47 35.88 25.59 -38.57
N GLU E 48 34.96 26.07 -39.42
CA GLU E 48 35.36 26.61 -40.71
C GLU E 48 36.25 27.84 -40.53
N PHE E 49 35.81 28.73 -39.67
CA PHE E 49 36.54 29.93 -39.45
C PHE E 49 37.87 29.69 -38.78
N ASP E 50 37.94 29.26 -37.53
CA ASP E 50 39.22 29.06 -36.93
C ASP E 50 39.19 27.74 -36.24
N PRO E 51 39.74 26.68 -36.92
CA PRO E 51 39.67 25.38 -36.24
C PRO E 51 40.31 25.38 -34.85
N ASP E 52 41.35 26.18 -34.64
CA ASP E 52 42.05 26.18 -33.36
C ASP E 52 41.14 26.67 -32.23
N THR E 53 40.40 27.73 -32.45
CA THR E 53 39.52 28.15 -31.40
C THR E 53 38.39 27.18 -31.28
N ALA E 54 37.96 26.57 -32.36
CA ALA E 54 36.89 25.58 -32.26
C ALA E 54 37.26 24.46 -31.32
N THR E 55 38.50 23.96 -31.41
CA THR E 55 38.97 22.94 -30.47
C THR E 55 39.11 23.51 -29.05
N ASN E 56 39.51 24.75 -28.95
CA ASN E 56 39.65 25.29 -27.64
C ASN E 56 38.26 25.49 -26.98
N LEU E 57 37.16 25.41 -27.76
CA LEU E 57 35.88 25.43 -27.13
C LEU E 57 35.76 24.18 -26.33
N ILE E 58 36.07 23.05 -26.89
CA ILE E 58 35.96 21.79 -26.15
C ILE E 58 36.88 21.80 -24.95
N ALA E 59 38.12 22.27 -25.13
CA ALA E 59 39.09 22.14 -24.04
C ALA E 59 38.85 23.15 -22.92
N ASP E 60 38.60 24.39 -23.27
CA ASP E 60 38.40 25.41 -22.30
C ASP E 60 37.15 26.23 -22.56
N PRO E 61 36.00 25.62 -22.54
CA PRO E 61 34.82 26.36 -22.90
C PRO E 61 34.44 27.55 -22.13
N GLU E 62 34.76 27.63 -20.87
CA GLU E 62 34.32 28.76 -20.12
C GLU E 62 35.02 29.97 -20.63
N ILE E 63 36.30 29.87 -20.82
CA ILE E 63 37.06 30.98 -21.28
C ILE E 63 36.61 31.51 -22.61
N ILE E 64 36.50 30.68 -23.61
CA ILE E 64 36.13 31.22 -24.89
C ILE E 64 34.71 31.54 -25.03
N ILE E 65 33.84 31.00 -24.20
CA ILE E 65 32.44 31.34 -24.34
C ILE E 65 32.28 32.73 -23.84
N ASP E 66 32.96 33.01 -22.75
CA ASP E 66 32.97 34.29 -22.16
C ASP E 66 33.40 35.31 -23.16
N ALA E 67 34.50 35.07 -23.84
CA ALA E 67 35.01 35.95 -24.83
C ALA E 67 33.99 36.25 -25.87
N ALA E 68 33.32 35.27 -26.40
CA ALA E 68 32.33 35.53 -27.41
C ALA E 68 31.25 36.41 -26.88
N ASN E 69 30.79 36.12 -25.68
CA ASN E 69 29.76 36.90 -25.07
C ASN E 69 30.22 38.31 -24.97
N GLU E 70 31.44 38.51 -24.60
CA GLU E 70 32.01 39.86 -24.57
C GLU E 70 31.95 40.50 -25.96
N SER E 71 32.36 39.75 -26.98
CA SER E 71 32.35 40.26 -28.34
C SER E 71 30.94 40.63 -28.79
N LEU E 72 29.99 39.76 -28.51
CA LEU E 72 28.64 40.02 -28.91
C LEU E 72 28.12 41.27 -28.27
N MET E 73 28.28 41.39 -26.98
CA MET E 73 27.78 42.56 -26.27
C MET E 73 28.40 43.83 -26.84
N GLY E 74 29.69 43.79 -27.18
CA GLY E 74 30.25 44.91 -27.94
C GLY E 74 29.58 45.12 -29.30
N LYS E 75 29.12 44.03 -29.89
CA LYS E 75 28.50 44.11 -31.21
C LYS E 75 27.19 44.82 -31.16
N LEU E 76 26.68 45.08 -29.99
CA LEU E 76 25.44 45.81 -29.92
C LEU E 76 25.66 46.75 -28.80
N ALA E 77 26.51 47.72 -29.08
CA ALA E 77 26.89 48.67 -28.05
C ALA E 77 25.79 49.70 -27.85
N GLY E 78 25.73 50.25 -26.64
CA GLY E 78 24.77 51.27 -26.32
C GLY E 78 23.43 50.78 -25.82
N LEU E 79 23.17 49.49 -25.90
CA LEU E 79 21.92 48.97 -25.40
C LEU E 79 21.99 48.86 -23.90
N ASN E 80 20.86 48.78 -23.26
CA ASN E 80 20.84 48.71 -21.81
C ASN E 80 21.16 47.30 -21.36
N PHE E 81 22.15 47.18 -20.48
CA PHE E 81 22.59 45.89 -19.95
C PHE E 81 22.54 45.89 -18.43
N ASP E 82 21.66 46.68 -17.84
CA ASP E 82 21.55 46.72 -16.39
C ASP E 82 20.79 45.51 -15.85
N THR E 83 19.82 45.05 -16.63
CA THR E 83 19.05 43.92 -16.19
C THR E 83 19.14 42.70 -17.10
N TYR E 84 19.54 42.89 -18.34
CA TYR E 84 19.62 41.77 -19.24
C TYR E 84 20.94 41.77 -19.96
N ILE E 85 21.41 40.60 -20.39
CA ILE E 85 22.69 40.47 -21.06
C ILE E 85 22.52 39.54 -22.22
N PRO E 86 23.14 39.83 -23.37
CA PRO E 86 23.09 38.93 -24.52
C PRO E 86 23.92 37.67 -24.30
N HIS E 87 23.48 36.59 -24.94
CA HIS E 87 24.10 35.31 -24.79
C HIS E 87 24.42 34.66 -26.11
N VAL E 88 25.56 33.98 -26.14
CA VAL E 88 25.96 33.26 -27.33
C VAL E 88 25.81 31.81 -26.96
N ARG E 89 25.05 31.06 -27.72
CA ARG E 89 24.85 29.67 -27.36
C ARG E 89 25.34 28.72 -28.41
N PHE E 90 26.51 28.17 -28.21
CA PHE E 90 27.08 27.28 -29.19
C PHE E 90 26.37 25.98 -29.23
N TYR E 91 26.35 25.37 -30.39
CA TYR E 91 25.68 24.10 -30.54
C TYR E 91 26.18 23.22 -31.66
N ASN E 92 25.66 22.01 -31.69
CA ASN E 92 26.00 21.02 -32.68
C ASN E 92 27.41 20.54 -32.94
N GLN E 93 28.08 20.00 -31.93
CA GLN E 93 29.40 19.43 -32.15
C GLN E 93 29.36 17.93 -31.83
N SER E 94 30.39 17.19 -32.22
CA SER E 94 30.44 15.75 -32.05
C SER E 94 31.76 15.27 -31.47
N ILE E 95 32.62 16.19 -31.00
CA ILE E 95 33.88 15.77 -30.39
C ILE E 95 33.60 14.93 -29.15
N ASN E 96 32.75 15.43 -28.26
CA ASN E 96 32.42 14.80 -26.99
C ASN E 96 30.91 14.62 -26.96
N THR E 97 30.42 13.45 -27.34
CA THR E 97 28.99 13.14 -27.30
C THR E 97 28.76 11.99 -26.34
N PRO E 98 29.08 12.15 -25.07
CA PRO E 98 28.91 11.04 -24.12
C PRO E 98 27.44 10.75 -23.89
N MET E 99 27.16 9.55 -23.40
CA MET E 99 25.86 9.28 -22.80
C MET E 99 25.80 9.89 -21.40
N VAL E 100 24.58 10.17 -20.94
CA VAL E 100 24.43 10.63 -19.57
C VAL E 100 24.97 9.58 -18.61
N LEU E 101 24.89 8.35 -19.02
CA LEU E 101 25.34 7.26 -18.21
C LEU E 101 26.85 7.20 -18.06
N ASN E 102 27.59 7.61 -19.07
CA ASN E 102 29.04 7.55 -19.07
C ASN E 102 29.71 8.89 -18.78
N VAL E 103 28.93 9.98 -18.66
CA VAL E 103 29.52 11.27 -18.29
C VAL E 103 30.39 11.08 -17.05
N GLY E 104 31.58 11.65 -17.06
CA GLY E 104 32.50 11.39 -15.99
C GLY E 104 33.65 12.36 -15.88
N SER E 105 34.72 11.91 -15.22
CA SER E 105 35.84 12.78 -14.88
C SER E 105 36.53 13.36 -16.10
N ALA E 106 36.46 12.69 -17.25
CA ALA E 106 37.21 13.14 -18.42
C ALA E 106 36.68 14.45 -18.98
N TYR E 107 35.42 14.80 -18.69
CA TYR E 107 34.80 15.98 -19.27
C TYR E 107 34.68 17.13 -18.26
N ILE E 108 35.41 17.06 -17.14
CA ILE E 108 35.31 18.10 -16.13
C ILE E 108 35.83 19.42 -16.71
N ASN E 109 35.00 20.50 -16.64
CA ASN E 109 35.28 21.84 -17.19
C ASN E 109 35.51 21.83 -18.70
N LYS E 110 34.88 20.86 -19.37
CA LYS E 110 35.00 20.67 -20.81
C LYS E 110 33.61 20.75 -21.42
N PHE E 111 33.56 21.02 -22.73
CA PHE E 111 32.30 21.13 -23.45
C PHE E 111 31.75 19.74 -23.74
N VAL E 112 30.47 19.50 -23.43
CA VAL E 112 29.84 18.21 -23.63
C VAL E 112 28.49 18.43 -24.31
N SER E 113 28.06 17.45 -25.11
CA SER E 113 26.74 17.47 -25.73
C SER E 113 26.09 16.10 -25.53
N ILE E 114 24.94 16.05 -24.86
CA ILE E 114 24.26 14.81 -24.48
C ILE E 114 22.84 14.83 -25.03
N ASP E 115 22.49 13.78 -25.76
CA ASP E 115 21.12 13.52 -26.22
C ASP E 115 20.32 13.01 -25.04
N ALA E 116 19.36 13.78 -24.56
CA ALA E 116 18.85 13.62 -23.21
C ALA E 116 17.34 13.64 -23.14
N LEU E 117 16.83 12.99 -22.08
CA LEU E 117 15.42 12.98 -21.72
C LEU E 117 15.28 13.72 -20.40
N VAL E 118 14.50 14.79 -20.40
CA VAL E 118 14.27 15.56 -19.18
C VAL E 118 13.29 14.80 -18.29
N VAL E 119 13.64 14.64 -17.02
CA VAL E 119 12.84 13.88 -16.07
C VAL E 119 12.16 14.81 -15.06
N LYS E 120 12.86 15.84 -14.60
CA LYS E 120 12.30 16.74 -13.60
C LYS E 120 12.76 18.15 -13.88
N ARG E 121 11.95 19.13 -13.49
CA ARG E 121 12.32 20.54 -13.53
C ARG E 121 11.91 21.20 -12.22
N SER E 122 12.65 22.22 -11.82
CA SER E 122 12.45 22.83 -10.50
C SER E 122 11.76 24.20 -10.62
N ASP E 123 11.56 24.84 -9.49
CA ASP E 123 10.95 26.14 -9.48
C ASP E 123 11.98 27.14 -9.87
N ILE E 124 11.58 28.28 -10.34
CA ILE E 124 12.52 29.26 -10.75
C ILE E 124 13.17 29.85 -9.55
N ARG E 125 14.48 29.88 -9.45
CA ARG E 125 15.16 30.45 -8.30
C ARG E 125 16.03 31.57 -8.77
N PRO E 126 15.66 32.80 -8.50
CA PRO E 126 16.45 33.89 -8.98
C PRO E 126 17.81 34.02 -8.41
N LYS E 127 18.75 34.49 -9.17
CA LYS E 127 20.15 34.62 -8.74
C LYS E 127 20.61 36.02 -8.99
N ILE E 128 21.66 36.46 -8.33
CA ILE E 128 22.15 37.82 -8.48
C ILE E 128 23.32 37.95 -9.42
N ARG E 129 23.22 38.80 -10.43
CA ARG E 129 24.32 38.97 -11.35
C ARG E 129 25.16 40.13 -10.94
N ASP E 130 24.62 41.32 -10.99
CA ASP E 130 25.39 42.49 -10.61
C ASP E 130 24.88 42.86 -9.27
N ALA E 131 25.74 42.75 -8.28
CA ALA E 131 25.36 43.02 -6.91
C ALA E 131 25.78 44.38 -6.46
N VAL E 132 25.16 44.86 -5.39
CA VAL E 132 25.39 46.18 -4.84
C VAL E 132 25.43 46.00 -3.32
N PHE E 133 26.64 45.90 -2.76
CA PHE E 133 26.86 45.82 -1.32
C PHE E 133 27.06 47.22 -0.75
N VAL E 134 26.94 47.33 0.57
CA VAL E 134 27.12 48.65 1.26
C VAL E 134 27.94 48.39 2.52
N CYS E 135 28.60 49.38 3.08
CA CYS E 135 29.27 49.14 4.31
C CYS E 135 28.39 49.48 5.47
N THR E 136 28.56 48.79 6.57
CA THR E 136 27.78 49.07 7.80
C THR E 136 28.66 49.88 8.74
N PHE E 137 29.73 50.48 8.25
CA PHE E 137 30.52 51.42 9.00
C PHE E 137 30.73 52.72 8.24
N CYS E 138 31.00 52.69 6.95
CA CYS E 138 31.15 53.93 6.25
C CYS E 138 30.21 54.15 5.10
N ASN E 139 29.10 53.42 5.01
CA ASN E 139 28.04 53.57 3.98
C ASN E 139 28.69 53.69 2.60
N ALA E 140 29.61 52.82 2.23
CA ALA E 140 30.20 52.93 0.97
C ALA E 140 29.55 51.87 0.12
N LYS E 141 29.10 52.25 -1.03
CA LYS E 141 28.54 51.34 -2.01
C LYS E 141 29.67 50.63 -2.75
N VAL E 142 29.65 49.30 -2.69
CA VAL E 142 30.56 48.47 -3.46
C VAL E 142 29.70 47.73 -4.48
N LYS E 143 30.19 47.50 -5.69
CA LYS E 143 29.39 46.81 -6.70
C LYS E 143 30.24 45.76 -7.41
N ALA E 144 29.69 44.59 -7.67
CA ALA E 144 30.44 43.57 -8.36
C ALA E 144 29.56 42.57 -9.05
N ASN E 145 30.14 41.77 -9.91
CA ASN E 145 29.39 40.76 -10.60
C ASN E 145 29.74 39.41 -10.05
N LEU E 146 28.74 38.79 -9.47
CA LEU E 146 28.88 37.48 -8.88
C LEU E 146 29.18 36.41 -9.86
N GLU E 147 28.64 36.52 -11.06
CA GLU E 147 28.91 35.50 -12.05
C GLU E 147 30.34 35.54 -12.50
N LYS E 148 31.00 36.68 -12.33
CA LYS E 148 32.38 36.83 -12.75
C LYS E 148 33.36 36.96 -11.59
N GLU E 149 32.92 37.46 -10.44
CA GLU E 149 33.81 37.75 -9.31
C GLU E 149 33.40 36.96 -8.08
N GLU E 150 34.20 37.08 -7.04
CA GLU E 150 33.87 36.49 -5.77
C GLU E 150 33.22 37.59 -4.97
N ILE E 151 32.35 37.22 -4.05
CA ILE E 151 31.64 38.19 -3.28
C ILE E 151 32.60 39.00 -2.49
N PRO E 152 32.54 40.32 -2.58
CA PRO E 152 33.50 41.08 -1.82
C PRO E 152 33.25 41.07 -0.38
N LYS E 153 34.28 40.95 0.47
CA LYS E 153 34.06 41.01 1.92
C LYS E 153 34.79 42.16 2.65
N VAL E 154 35.59 42.92 1.93
CA VAL E 154 36.37 44.02 2.55
C VAL E 154 35.92 45.36 1.96
N CYS E 155 35.43 46.30 2.75
CA CYS E 155 34.98 47.55 2.20
C CYS E 155 36.18 48.24 1.82
N PRO E 156 36.36 48.58 0.56
CA PRO E 156 37.55 49.36 0.30
C PRO E 156 37.54 50.69 1.01
N GLU E 157 36.43 51.38 1.09
CA GLU E 157 36.47 52.69 1.70
C GLU E 157 36.76 52.76 3.15
N CYS E 158 36.17 51.90 3.95
CA CYS E 158 36.49 51.93 5.36
C CYS E 158 37.51 50.93 5.75
N LYS E 159 37.96 50.09 4.81
CA LYS E 159 38.99 49.07 5.01
C LYS E 159 38.65 47.92 5.90
N LYS E 160 37.41 47.76 6.28
CA LYS E 160 37.07 46.79 7.27
C LYS E 160 35.99 45.90 6.77
N ARG E 161 36.06 44.63 7.11
CA ARG E 161 35.06 43.69 6.55
C ARG E 161 33.69 43.96 7.17
N THR E 162 32.93 44.84 6.58
CA THR E 162 31.64 45.18 7.10
C THR E 162 30.62 45.38 6.01
N LEU E 163 30.72 44.60 4.95
CA LEU E 163 29.86 44.78 3.76
C LEU E 163 28.59 43.94 3.87
N LYS E 164 27.48 44.44 3.31
CA LYS E 164 26.21 43.73 3.36
C LYS E 164 25.50 43.95 2.03
N ILE E 165 25.01 42.87 1.43
CA ILE E 165 24.38 42.97 0.12
C ILE E 165 23.07 43.75 0.21
N VAL E 166 22.77 44.48 -0.85
CA VAL E 166 21.49 45.18 -0.96
C VAL E 166 20.72 44.51 -2.09
N PRO E 167 19.79 43.60 -1.79
CA PRO E 167 19.03 42.96 -2.88
C PRO E 167 18.28 43.96 -3.75
N GLU E 168 17.83 45.08 -3.19
CA GLU E 168 16.93 45.97 -3.93
C GLU E 168 17.60 46.56 -5.16
N GLU E 169 18.90 46.85 -5.06
CA GLU E 169 19.62 47.52 -6.15
C GLU E 169 20.39 46.57 -7.04
N SER E 170 20.43 45.28 -6.72
CA SER E 170 21.21 44.31 -7.48
C SER E 170 20.39 43.71 -8.60
N SER E 171 21.10 43.25 -9.62
CA SER E 171 20.55 42.63 -10.79
C SER E 171 20.11 41.22 -10.50
N PHE E 172 19.20 40.67 -11.30
CA PHE E 172 18.74 39.31 -11.06
C PHE E 172 18.38 38.54 -12.34
N PHE E 173 18.62 37.22 -12.35
CA PHE E 173 18.22 36.40 -13.47
C PHE E 173 17.73 35.07 -13.00
N ASN E 174 16.83 34.44 -13.71
CA ASN E 174 16.30 33.20 -13.23
C ASN E 174 17.18 32.05 -13.41
N SER E 175 16.97 30.98 -12.66
CA SER E 175 17.73 29.75 -12.76
C SER E 175 16.80 28.57 -12.50
N GLN E 176 17.14 27.42 -13.08
CA GLN E 176 16.37 26.21 -12.82
C GLN E 176 17.32 25.03 -12.69
N LYS E 177 16.87 24.00 -11.94
CA LYS E 177 17.54 22.71 -11.87
C LYS E 177 16.70 21.65 -12.59
N ILE E 178 17.21 21.12 -13.70
CA ILE E 178 16.55 20.01 -14.39
C ILE E 178 17.33 18.72 -14.12
N ALA E 179 16.63 17.59 -14.18
CA ALA E 179 17.20 16.25 -14.05
C ALA E 179 17.11 15.57 -15.40
N VAL E 180 18.20 14.91 -15.82
CA VAL E 180 18.34 14.42 -17.19
C VAL E 180 18.87 13.00 -17.17
N GLN E 181 18.37 12.14 -18.08
CA GLN E 181 18.77 10.78 -18.26
C GLN E 181 18.90 10.43 -19.74
N ASP E 182 19.56 9.33 -20.08
CA ASP E 182 19.57 8.82 -21.44
C ASP E 182 18.14 8.48 -21.86
N PRO E 183 17.76 8.76 -23.11
CA PRO E 183 16.45 8.30 -23.60
C PRO E 183 16.37 6.79 -23.46
N LEU E 184 15.19 6.29 -23.09
CA LEU E 184 15.07 4.87 -22.82
C LEU E 184 15.35 4.05 -24.09
N GLU E 185 15.13 4.67 -25.26
CA GLU E 185 15.34 4.02 -26.54
C GLU E 185 16.80 3.70 -26.81
N ARG E 186 17.72 4.36 -26.10
CA ARG E 186 19.14 4.15 -26.29
C ARG E 186 19.73 3.11 -25.34
N LEU E 187 19.04 2.81 -24.26
CA LEU E 187 19.54 1.84 -23.32
C LEU E 187 19.32 0.43 -23.81
N SER E 188 20.38 -0.35 -23.82
CA SER E 188 20.29 -1.73 -24.29
C SER E 188 19.36 -2.52 -23.41
N GLY E 189 19.46 -2.29 -22.09
CA GLY E 189 18.59 -2.96 -21.12
C GLY E 189 18.87 -2.43 -19.73
N SER E 190 17.94 -2.58 -18.80
CA SER E 190 18.11 -2.15 -17.38
C SER E 190 18.10 -0.63 -17.28
N ILE E 191 17.18 -0.07 -16.49
CA ILE E 191 17.07 1.42 -16.42
C ILE E 191 18.00 1.97 -15.33
N PRO E 192 19.05 2.75 -15.66
CA PRO E 192 19.97 3.32 -14.69
C PRO E 192 19.19 3.98 -13.60
N THR E 193 19.75 3.96 -12.42
CA THR E 193 19.09 4.46 -11.27
C THR E 193 19.47 5.86 -10.90
N TRP E 194 20.02 6.61 -11.84
CA TRP E 194 20.38 7.96 -11.51
C TRP E 194 20.24 8.88 -12.67
N GLN E 195 20.15 10.15 -12.36
CA GLN E 195 20.02 11.19 -13.37
C GLN E 195 21.14 12.21 -13.17
N LEU E 196 21.50 12.89 -14.25
CA LEU E 196 22.47 13.97 -14.20
C LEU E 196 21.79 15.29 -13.88
N GLU E 197 22.37 16.04 -12.95
CA GLU E 197 21.89 17.38 -12.62
C GLU E 197 22.32 18.37 -13.69
N ALA E 198 21.41 19.27 -14.07
CA ALA E 198 21.73 20.31 -15.04
C ALA E 198 21.07 21.60 -14.59
N TRP E 199 21.68 22.73 -14.96
CA TRP E 199 21.20 24.05 -14.56
C TRP E 199 20.95 24.91 -15.80
N LEU E 200 19.80 25.58 -15.82
CA LEU E 200 19.45 26.47 -16.90
C LEU E 200 19.41 27.85 -16.34
N ASP E 201 19.97 28.81 -17.06
CA ASP E 201 20.00 30.19 -16.59
C ASP E 201 19.42 31.16 -17.62
N ASP E 202 18.64 32.11 -17.15
CA ASP E 202 17.99 33.13 -17.97
C ASP E 202 17.14 32.59 -19.10
N ASP E 203 17.44 33.04 -20.31
CA ASP E 203 16.71 32.62 -21.52
C ASP E 203 16.42 31.12 -21.61
N LEU E 204 17.24 30.29 -20.98
CA LEU E 204 17.02 28.87 -21.02
C LEU E 204 15.89 28.32 -20.16
N VAL E 205 15.72 28.88 -18.97
CA VAL E 205 14.70 28.45 -18.02
C VAL E 205 13.34 28.16 -18.58
N ASN E 206 12.75 27.04 -18.13
CA ASN E 206 11.45 26.52 -18.54
C ASN E 206 11.40 26.19 -20.03
N MET E 207 12.56 26.04 -20.65
CA MET E 207 12.64 25.60 -22.04
C MET E 207 12.84 24.09 -22.17
N ALA E 208 13.31 23.42 -21.11
CA ALA E 208 13.42 21.97 -21.05
C ALA E 208 12.31 21.46 -20.14
N ILE E 209 11.27 20.86 -20.74
CA ILE E 209 10.10 20.41 -19.99
C ILE E 209 10.23 18.92 -19.73
N PRO E 210 9.79 18.40 -18.58
CA PRO E 210 9.82 16.94 -18.36
C PRO E 210 9.17 16.20 -19.53
N GLY E 211 9.86 15.17 -20.02
CA GLY E 211 9.42 14.39 -21.15
C GLY E 211 10.06 14.76 -22.48
N ASP E 212 10.57 15.99 -22.59
CA ASP E 212 11.18 16.42 -23.84
C ASP E 212 12.53 15.74 -24.04
N ARG E 213 12.81 15.38 -25.30
CA ARG E 213 14.11 14.83 -25.70
C ARG E 213 14.88 15.94 -26.41
N ILE E 214 15.95 16.43 -25.78
CA ILE E 214 16.69 17.59 -26.24
C ILE E 214 18.17 17.25 -26.25
N GLU E 215 18.92 17.83 -27.18
CA GLU E 215 20.35 17.67 -27.20
C GLU E 215 20.81 18.86 -26.40
N ILE E 216 21.27 18.61 -25.19
CA ILE E 216 21.68 19.61 -24.20
C ILE E 216 23.21 19.70 -24.23
N SER E 217 23.72 20.90 -24.49
CA SER E 217 25.14 21.18 -24.49
C SER E 217 25.47 22.00 -23.26
N GLY E 218 26.72 21.90 -22.81
CA GLY E 218 27.13 22.69 -21.68
C GLY E 218 28.52 22.30 -21.21
N VAL E 219 28.87 22.81 -20.03
CA VAL E 219 30.17 22.57 -19.41
C VAL E 219 29.94 21.74 -18.15
N LEU E 220 30.51 20.54 -18.14
CA LEU E 220 30.44 19.72 -16.94
C LEU E 220 31.24 20.37 -15.81
N LYS E 221 30.71 20.31 -14.59
CA LYS E 221 31.34 20.90 -13.42
C LYS E 221 31.28 19.89 -12.29
N ILE E 222 32.00 20.18 -11.21
CA ILE E 222 32.01 19.28 -10.05
C ILE E 222 31.95 20.09 -8.78
N ARG E 223 31.59 19.41 -7.72
CA ARG E 223 31.49 19.97 -6.40
C ARG E 223 31.63 18.85 -5.42
N PRO E 224 32.02 19.16 -4.21
CA PRO E 224 32.20 18.10 -3.24
C PRO E 224 30.93 17.36 -2.96
N ARG E 225 31.04 16.06 -2.89
CA ARG E 225 29.93 15.19 -2.65
C ARG E 225 29.64 15.16 -1.21
N LYS E 226 28.36 15.10 -0.87
CA LYS E 226 27.92 15.02 0.50
C LYS E 226 27.25 13.69 0.61
N ASP E 227 27.42 13.00 1.73
CA ASP E 227 26.83 11.68 1.92
C ASP E 227 25.39 11.70 2.40
N SER E 228 24.88 10.57 2.89
CA SER E 228 23.48 10.60 3.29
C SER E 228 23.28 11.58 4.45
N ARG E 229 24.22 11.63 5.38
CA ARG E 229 24.16 12.49 6.56
C ARG E 229 24.78 13.86 6.35
N GLY E 230 25.23 14.17 5.13
CA GLY E 230 25.71 15.49 4.78
C GLY E 230 27.17 15.76 5.08
N LYS E 231 27.89 14.76 5.53
CA LYS E 231 29.30 14.94 5.77
C LYS E 231 30.00 14.89 4.43
N VAL E 232 31.14 15.54 4.33
CA VAL E 232 31.83 15.60 3.08
C VAL E 232 33.23 15.06 3.14
N ASP E 233 33.57 14.13 2.26
CA ASP E 233 34.94 13.65 2.21
C ASP E 233 35.59 14.53 1.16
N PRO E 234 36.88 14.78 1.30
CA PRO E 234 37.55 15.70 0.39
C PRO E 234 37.99 15.07 -0.92
N SER E 235 37.79 13.77 -1.11
CA SER E 235 38.29 13.08 -2.31
C SER E 235 37.21 12.77 -3.34
N ILE E 236 35.96 12.66 -2.90
CA ILE E 236 34.85 12.33 -3.77
C ILE E 236 33.96 13.51 -4.04
N TYR E 237 33.63 13.73 -5.31
CA TYR E 237 32.89 14.87 -5.78
C TYR E 237 31.65 14.50 -6.59
N SER E 238 30.70 15.41 -6.72
CA SER E 238 29.48 15.20 -7.51
C SER E 238 29.57 16.02 -8.79
N MET E 239 28.80 15.70 -9.81
CA MET E 239 28.83 16.33 -11.12
C MET E 239 27.52 17.06 -11.41
N TYR E 240 27.63 18.19 -12.12
CA TYR E 240 26.48 18.94 -12.59
C TYR E 240 26.84 19.69 -13.86
N LEU E 241 25.92 19.67 -14.84
CA LEU E 241 26.12 20.36 -16.11
C LEU E 241 25.57 21.78 -16.04
N ASN E 242 26.36 22.74 -16.51
CA ASN E 242 25.92 24.13 -16.65
C ASN E 242 25.56 24.34 -18.11
N VAL E 243 24.27 24.29 -18.41
CA VAL E 243 23.80 24.23 -19.79
C VAL E 243 24.06 25.54 -20.51
N THR E 244 24.50 25.43 -21.76
CA THR E 244 24.69 26.58 -22.62
C THR E 244 23.83 26.55 -23.89
N SER E 245 23.28 25.40 -24.26
CA SER E 245 22.51 25.29 -25.49
C SER E 245 21.50 24.17 -25.41
N LEU E 246 20.36 24.40 -26.02
CA LEU E 246 19.28 23.44 -26.07
C LEU E 246 18.78 23.39 -27.49
N GLU E 247 19.27 22.46 -28.27
CA GLU E 247 18.82 22.36 -29.62
C GLU E 247 17.87 21.23 -29.59
N THR E 248 16.62 21.51 -29.90
CA THR E 248 15.62 20.51 -29.81
C THR E 248 15.52 19.54 -30.95
N LYS E 249 16.49 19.54 -31.86
CA LYS E 249 16.46 18.60 -32.98
C LYS E 249 15.19 18.67 -33.78
N GLN E 250 14.46 17.58 -33.87
CA GLN E 250 13.18 17.60 -34.59
C GLN E 250 12.13 18.29 -33.75
N LYS E 251 11.51 19.34 -34.27
CA LYS E 251 10.55 20.07 -33.48
C LYS E 251 9.12 20.02 -33.97
N GLU E 252 8.22 20.24 -33.04
CA GLU E 252 6.80 20.21 -33.29
C GLU E 252 6.33 21.30 -34.25
N PHE E 253 5.34 20.96 -35.06
CA PHE E 253 4.77 21.82 -36.09
C PHE E 253 4.70 23.31 -35.84
N ALA E 254 4.23 23.70 -34.67
CA ALA E 254 4.12 25.11 -34.40
C ALA E 254 5.49 25.64 -34.14
N ASP E 255 6.43 24.85 -33.62
CA ASP E 255 7.75 25.36 -33.37
C ASP E 255 8.69 25.26 -34.56
N ILE E 256 8.30 24.55 -35.61
CA ILE E 256 9.18 24.42 -36.77
C ILE E 256 9.46 25.80 -37.31
N ASP E 257 10.72 26.14 -37.55
CA ASP E 257 10.95 27.50 -38.02
C ASP E 257 11.29 27.60 -39.49
N ILE E 258 10.36 28.06 -40.31
CA ILE E 258 10.56 28.19 -41.73
C ILE E 258 11.31 29.43 -42.05
N SER E 259 11.95 29.49 -43.18
CA SER E 259 12.69 30.70 -43.51
C SER E 259 12.13 31.32 -44.79
N GLU E 260 12.78 32.40 -45.27
CA GLU E 260 12.30 33.08 -46.47
C GLU E 260 12.70 32.33 -47.74
N ASP E 261 13.98 31.97 -47.85
CA ASP E 261 14.45 31.24 -49.03
C ASP E 261 13.63 29.98 -49.24
N GLU E 262 13.29 29.28 -48.16
CA GLU E 262 12.48 28.08 -48.26
C GLU E 262 10.99 28.39 -48.35
N GLU E 263 10.53 29.51 -47.82
CA GLU E 263 9.11 29.89 -47.98
C GLU E 263 8.79 30.00 -49.42
N ARG E 264 9.67 30.65 -50.18
CA ARG E 264 9.45 30.74 -51.62
C ARG E 264 9.19 29.35 -52.19
N GLN E 265 10.08 28.40 -51.87
CA GLN E 265 9.89 27.04 -52.31
C GLN E 265 8.50 26.57 -51.98
N ILE E 266 8.14 26.75 -50.70
CA ILE E 266 6.83 26.37 -50.18
C ILE E 266 5.71 26.81 -51.03
N LYS E 267 5.71 28.07 -51.38
CA LYS E 267 4.65 28.56 -52.21
C LYS E 267 4.73 27.87 -53.54
N GLU E 268 5.93 27.66 -54.06
CA GLU E 268 6.03 26.98 -55.35
C GLU E 268 5.40 25.60 -55.30
N LEU E 269 5.55 24.86 -54.20
CA LEU E 269 4.99 23.52 -54.23
C LEU E 269 3.47 23.61 -54.36
N SER E 270 2.87 24.59 -53.65
CA SER E 270 1.42 24.76 -53.69
C SER E 270 0.89 24.77 -55.12
N LYS E 271 1.67 25.33 -56.06
CA LYS E 271 1.18 25.49 -57.43
C LYS E 271 1.00 24.15 -58.14
N ASP E 272 1.79 23.14 -57.78
CA ASP E 272 1.74 21.83 -58.42
C ASP E 272 0.34 21.31 -58.44
N PRO E 273 -0.18 21.03 -59.62
CA PRO E 273 -1.56 20.57 -59.63
C PRO E 273 -1.84 19.31 -58.90
N GLU E 274 -0.92 18.36 -58.82
CA GLU E 274 -1.21 17.15 -58.13
C GLU E 274 -0.46 17.13 -56.80
N ILE E 275 -0.26 18.28 -56.21
CA ILE E 275 0.50 18.31 -54.98
C ILE E 275 -0.11 17.51 -53.84
N PHE E 276 -1.41 17.58 -53.65
CA PHE E 276 -2.02 16.81 -52.59
C PHE E 276 -1.82 15.35 -52.87
N ASN E 277 -2.02 14.93 -54.12
CA ASN E 277 -1.80 13.53 -54.43
C ASN E 277 -0.37 13.11 -54.24
N LYS E 278 0.58 14.00 -54.54
CA LYS E 278 1.97 13.73 -54.30
C LYS E 278 2.14 13.53 -52.79
N VAL E 279 1.52 14.37 -51.97
CA VAL E 279 1.57 14.24 -50.53
C VAL E 279 0.94 12.94 -50.07
N THR E 280 -0.16 12.52 -50.67
CA THR E 280 -0.82 11.28 -50.22
C THR E 280 0.07 10.10 -50.35
N GLN E 281 0.87 10.09 -51.43
CA GLN E 281 1.79 8.94 -51.67
C GLN E 281 2.80 8.89 -50.53
N SER E 282 3.28 10.05 -50.09
CA SER E 282 4.24 10.10 -49.02
C SER E 282 3.70 9.70 -47.66
N VAL E 283 2.43 9.38 -47.52
CA VAL E 283 1.90 8.99 -46.21
C VAL E 283 2.59 7.75 -45.69
N ALA E 284 2.40 6.62 -46.38
CA ALA E 284 2.91 5.32 -45.94
C ALA E 284 3.64 4.74 -47.14
N PRO E 285 4.86 5.20 -47.41
CA PRO E 285 5.54 4.75 -48.64
C PRO E 285 5.61 3.23 -48.73
N SER E 286 5.90 2.60 -47.63
CA SER E 286 6.16 1.19 -47.66
C SER E 286 5.03 0.31 -48.03
N ILE E 287 3.80 0.76 -47.93
CA ILE E 287 2.74 -0.13 -48.25
C ILE E 287 2.10 0.01 -49.60
N TYR E 288 2.11 -1.04 -50.39
CA TYR E 288 1.38 -1.04 -51.65
C TYR E 288 -0.12 -0.94 -51.38
N GLY E 289 -0.81 -0.15 -52.20
CA GLY E 289 -2.25 -0.04 -52.09
C GLY E 289 -2.70 0.88 -50.97
N TYR E 290 -3.91 0.68 -50.46
CA TYR E 290 -4.40 1.47 -49.33
C TYR E 290 -4.28 2.96 -49.63
N ASN E 291 -4.43 3.30 -50.91
CA ASN E 291 -4.33 4.70 -51.33
C ASN E 291 -5.48 5.52 -50.77
N GLU E 292 -6.67 4.93 -50.62
CA GLU E 292 -7.81 5.64 -50.04
C GLU E 292 -7.59 5.93 -48.56
N ILE E 293 -7.10 4.94 -47.81
CA ILE E 293 -6.69 5.18 -46.44
C ILE E 293 -5.60 6.25 -46.42
N LYS E 294 -4.63 6.14 -47.33
CA LYS E 294 -3.56 7.12 -47.37
C LYS E 294 -4.10 8.51 -47.59
N GLN E 295 -5.18 8.67 -48.37
CA GLN E 295 -5.70 10.02 -48.52
C GLN E 295 -6.33 10.50 -47.22
N ALA E 296 -7.13 9.65 -46.60
CA ALA E 296 -7.73 10.04 -45.32
C ALA E 296 -6.65 10.55 -44.37
N VAL E 297 -5.55 9.80 -44.30
CA VAL E 297 -4.45 10.21 -43.43
C VAL E 297 -3.87 11.55 -43.89
N ALA E 298 -3.64 11.69 -45.19
CA ALA E 298 -3.04 12.92 -45.70
C ALA E 298 -3.91 14.13 -45.38
N LEU E 299 -5.22 13.98 -45.47
CA LEU E 299 -6.12 15.05 -45.05
C LEU E 299 -5.93 15.34 -43.56
N GLN E 300 -5.84 14.28 -42.74
CA GLN E 300 -5.68 14.47 -41.30
C GLN E 300 -4.42 15.26 -40.98
N LEU E 301 -3.34 15.01 -41.71
CA LEU E 301 -2.08 15.68 -41.43
C LEU E 301 -2.22 17.20 -41.50
N PHE E 302 -3.06 17.69 -42.42
CA PHE E 302 -3.28 19.12 -42.57
C PHE E 302 -4.35 19.65 -41.63
N GLY E 303 -5.40 18.91 -41.43
CA GLY E 303 -6.41 19.28 -40.48
C GLY E 303 -7.41 20.30 -40.84
N GLY E 304 -8.48 20.37 -40.08
CA GLY E 304 -9.53 21.31 -40.35
C GLY E 304 -9.26 22.72 -39.90
N THR E 305 -10.15 23.64 -40.15
CA THR E 305 -9.86 24.97 -39.75
C THR E 305 -9.85 25.05 -38.29
N PRO E 306 -8.82 25.64 -37.73
CA PRO E 306 -8.77 25.70 -36.31
C PRO E 306 -9.16 26.99 -35.78
N GLY E 307 -9.71 27.05 -34.61
CA GLY E 307 -10.09 28.30 -34.05
C GLY E 307 -11.50 28.66 -34.30
N LYS E 308 -12.24 27.83 -34.99
CA LYS E 308 -13.58 28.19 -35.25
C LYS E 308 -14.26 28.04 -33.96
N LYS E 309 -15.07 28.99 -33.57
CA LYS E 309 -15.82 28.90 -32.33
C LYS E 309 -17.30 29.11 -32.62
N LEU E 310 -18.14 28.46 -31.84
CA LEU E 310 -19.58 28.62 -32.04
C LEU E 310 -20.07 29.91 -31.37
N VAL E 311 -21.34 30.19 -31.60
CA VAL E 311 -21.97 31.42 -31.09
C VAL E 311 -21.84 31.55 -29.57
N ASP E 312 -22.00 30.46 -28.84
CA ASP E 312 -21.93 30.53 -27.38
C ASP E 312 -20.50 30.41 -26.88
N GLY E 313 -19.53 30.37 -27.78
CA GLY E 313 -18.13 30.20 -27.41
C GLY E 313 -17.67 28.78 -27.32
N GLY E 314 -18.49 27.82 -27.74
CA GLY E 314 -18.08 26.43 -27.71
C GLY E 314 -17.19 26.10 -28.89
N GLN E 315 -15.99 25.60 -28.58
CA GLN E 315 -15.03 25.32 -29.65
C GLN E 315 -15.53 24.18 -30.53
N ILE E 316 -15.01 24.19 -31.75
CA ILE E 316 -15.38 23.24 -32.78
C ILE E 316 -14.12 22.46 -33.11
N ARG E 317 -14.20 21.13 -33.12
CA ARG E 317 -13.00 20.35 -33.40
C ARG E 317 -12.54 20.58 -34.83
N SER E 318 -11.24 20.76 -35.02
CA SER E 318 -10.64 20.84 -36.31
C SER E 318 -9.86 19.61 -36.65
N ASP E 319 -9.23 18.96 -35.71
CA ASP E 319 -8.51 17.72 -35.97
C ASP E 319 -9.48 16.61 -36.36
N MET E 320 -8.98 15.65 -37.13
CA MET E 320 -9.75 14.51 -37.60
C MET E 320 -9.36 13.25 -36.84
N HIS E 321 -10.29 12.31 -36.74
CA HIS E 321 -10.06 11.00 -36.14
C HIS E 321 -10.43 9.91 -37.12
N ILE E 322 -9.62 8.86 -37.18
CA ILE E 322 -9.76 7.80 -38.17
C ILE E 322 -9.53 6.44 -37.53
N LEU E 323 -10.52 5.56 -37.60
CA LEU E 323 -10.35 4.17 -37.22
C LEU E 323 -10.04 3.31 -38.43
N LEU E 324 -9.22 2.28 -38.23
CA LEU E 324 -8.89 1.30 -39.26
C LEU E 324 -9.11 -0.13 -38.74
N ILE E 325 -10.33 -0.65 -38.87
CA ILE E 325 -10.59 -2.05 -38.55
C ILE E 325 -10.02 -2.95 -39.65
N GLY E 326 -9.30 -4.00 -39.27
CA GLY E 326 -8.79 -4.91 -40.26
C GLY E 326 -8.70 -6.31 -39.72
N ASP E 327 -8.07 -7.19 -40.44
CA ASP E 327 -7.87 -8.52 -40.06
C ASP E 327 -6.39 -8.66 -39.73
N PRO E 328 -5.99 -9.76 -39.14
CA PRO E 328 -4.59 -9.85 -38.83
C PRO E 328 -3.93 -10.05 -40.15
N GLY E 329 -2.82 -9.41 -40.36
CA GLY E 329 -2.15 -9.45 -41.61
C GLY E 329 -2.49 -8.33 -42.52
N SER E 330 -3.18 -7.33 -42.05
CA SER E 330 -3.61 -6.28 -42.94
C SER E 330 -2.83 -5.03 -42.98
N ALA E 331 -1.62 -5.03 -42.45
CA ALA E 331 -0.73 -3.89 -42.40
C ALA E 331 -1.22 -2.74 -41.61
N LYS E 332 -1.99 -3.00 -40.60
CA LYS E 332 -2.49 -1.97 -39.79
C LYS E 332 -1.39 -1.45 -39.01
N THR E 333 -0.67 -2.28 -38.34
CA THR E 333 0.39 -1.77 -37.52
C THR E 333 1.41 -0.97 -38.25
N ARG E 334 1.75 -1.35 -39.46
CA ARG E 334 2.77 -0.60 -40.16
C ARG E 334 2.35 0.79 -40.54
N ILE E 335 1.11 0.97 -40.84
CA ILE E 335 0.64 2.26 -41.21
C ILE E 335 0.72 3.18 -40.04
N LEU E 336 0.27 2.70 -38.92
CA LEU E 336 0.23 3.46 -37.71
C LEU E 336 1.59 3.88 -37.36
N GLN E 337 2.52 2.97 -37.37
CA GLN E 337 3.84 3.33 -37.04
C GLN E 337 4.38 4.28 -38.02
N SER E 338 4.18 4.10 -39.30
CA SER E 338 4.78 5.04 -40.22
C SER E 338 4.28 6.43 -40.08
N VAL E 339 2.98 6.62 -40.02
CA VAL E 339 2.51 8.00 -39.86
C VAL E 339 3.01 8.61 -38.55
N SER E 340 3.19 7.78 -37.51
CA SER E 340 3.75 8.29 -36.26
C SER E 340 5.16 8.82 -36.48
N ARG E 341 5.95 8.27 -37.36
CA ARG E 341 7.28 8.70 -37.53
C ARG E 341 7.29 9.89 -38.37
N LEU E 342 6.38 9.96 -39.29
CA LEU E 342 6.36 11.12 -40.18
C LEU E 342 6.17 12.42 -39.39
N VAL E 343 5.25 12.47 -38.46
CA VAL E 343 4.97 13.67 -37.72
C VAL E 343 6.02 13.96 -36.67
N PRO E 344 6.27 15.23 -36.34
CA PRO E 344 7.27 15.44 -35.31
C PRO E 344 6.79 14.86 -34.01
N LYS E 345 5.64 15.32 -33.57
CA LYS E 345 5.11 14.86 -32.32
C LYS E 345 4.51 13.52 -32.55
N GLY E 346 5.30 12.46 -32.58
CA GLY E 346 4.76 11.17 -32.91
C GLY E 346 4.50 10.28 -31.76
N ILE E 347 3.32 9.71 -31.63
CA ILE E 347 3.08 8.84 -30.52
C ILE E 347 2.46 7.53 -30.97
N TYR E 348 3.08 6.41 -30.68
CA TYR E 348 2.47 5.12 -30.96
C TYR E 348 2.28 4.39 -29.64
N VAL E 349 1.10 3.82 -29.43
CA VAL E 349 0.78 3.18 -28.15
C VAL E 349 -0.32 2.15 -28.37
N SER E 350 -0.35 1.14 -27.51
CA SER E 350 -1.34 0.08 -27.58
C SER E 350 -2.54 0.46 -26.72
N GLY E 351 -3.71 -0.05 -27.11
CA GLY E 351 -4.93 0.27 -26.38
C GLY E 351 -5.05 -0.44 -25.05
N LYS E 352 -4.46 -1.63 -24.94
CA LYS E 352 -4.53 -2.35 -23.68
C LYS E 352 -3.83 -1.55 -22.59
N SER E 353 -4.42 -1.54 -21.40
CA SER E 353 -3.92 -0.74 -20.30
C SER E 353 -4.27 -1.39 -18.96
N VAL E 354 -3.37 -1.25 -18.00
CA VAL E 354 -3.69 -1.57 -16.61
C VAL E 354 -4.49 -0.42 -16.02
N THR E 355 -5.27 -0.72 -14.98
CA THR E 355 -6.13 0.28 -14.39
C THR E 355 -5.29 1.42 -13.81
N GLY E 356 -5.63 2.66 -14.20
CA GLY E 356 -4.89 3.83 -13.78
C GLY E 356 -3.69 4.17 -14.62
N GLY E 357 -3.42 3.38 -15.66
CA GLY E 357 -2.33 3.66 -16.57
C GLY E 357 -2.81 3.80 -18.01
N GLY E 358 -3.96 4.44 -18.20
CA GLY E 358 -4.65 4.42 -19.47
C GLY E 358 -4.25 5.55 -20.41
N LEU E 359 -4.89 5.55 -21.58
CA LEU E 359 -4.65 6.59 -22.57
C LEU E 359 -5.18 7.92 -22.09
N THR E 360 -6.37 7.91 -21.47
CA THR E 360 -6.99 9.08 -20.91
C THR E 360 -6.57 9.34 -19.47
N ALA E 361 -5.46 8.75 -19.03
CA ALA E 361 -4.96 8.95 -17.68
C ALA E 361 -4.68 10.43 -17.44
N VAL E 362 -4.99 10.91 -16.24
CA VAL E 362 -4.90 12.33 -15.95
C VAL E 362 -4.49 12.47 -14.48
N ALA E 363 -3.70 13.49 -14.19
CA ALA E 363 -3.12 13.61 -12.86
C ALA E 363 -4.21 13.71 -11.79
N GLU E 364 -3.90 13.18 -10.61
CA GLU E 364 -4.72 13.33 -9.41
C GLU E 364 -3.97 14.18 -8.39
N ARG E 365 -4.66 14.52 -7.30
CA ARG E 365 -4.12 15.39 -6.27
C ARG E 365 -3.72 14.54 -5.08
N ASP E 366 -2.41 14.43 -4.86
CA ASP E 366 -1.84 13.72 -3.71
C ASP E 366 -0.91 14.69 -2.99
N ASP E 367 -1.20 14.95 -1.72
CA ASP E 367 -0.37 15.87 -0.94
C ASP E 367 0.99 15.29 -0.61
N PHE E 368 1.12 13.96 -0.63
CA PHE E 368 2.42 13.34 -0.38
C PHE E 368 3.31 13.32 -1.61
N SER E 369 2.75 13.57 -2.79
CA SER E 369 3.52 13.52 -4.03
C SER E 369 4.36 14.79 -4.21
N GLU E 370 5.25 14.74 -5.20
CA GLU E 370 6.10 15.88 -5.52
C GLU E 370 5.28 16.92 -6.28
N GLY E 371 5.16 18.12 -5.72
CA GLY E 371 4.38 19.16 -6.34
C GLY E 371 2.88 19.03 -6.17
N GLY E 372 2.42 18.15 -5.29
CA GLY E 372 1.01 18.07 -4.98
C GLY E 372 0.17 17.36 -6.01
N TRP E 373 0.77 16.75 -7.02
CA TRP E 373 0.04 16.11 -8.11
C TRP E 373 0.75 14.85 -8.53
N THR E 374 0.01 13.76 -8.66
CA THR E 374 0.60 12.50 -9.08
C THR E 374 1.18 12.64 -10.48
N LEU E 375 2.17 11.80 -10.78
CA LEU E 375 2.79 11.77 -12.11
C LEU E 375 2.00 10.78 -12.96
N LYS E 376 0.82 11.22 -13.40
CA LYS E 376 -0.06 10.42 -14.24
C LYS E 376 -0.47 11.26 -15.44
N ALA E 377 -0.13 10.80 -16.65
CA ALA E 377 -0.51 11.47 -17.88
C ALA E 377 -0.39 10.52 -19.06
N GLY E 378 -1.49 10.29 -19.78
CA GLY E 378 -1.52 9.34 -20.87
C GLY E 378 -1.22 9.99 -22.21
N ALA E 379 -1.43 9.21 -23.27
CA ALA E 379 -1.14 9.70 -24.62
C ALA E 379 -2.01 10.90 -24.99
N MET E 380 -3.30 10.87 -24.64
CA MET E 380 -4.20 11.94 -25.05
C MET E 380 -3.76 13.27 -24.47
N VAL E 381 -3.37 13.29 -23.19
CA VAL E 381 -2.89 14.53 -22.57
C VAL E 381 -1.56 14.94 -23.19
N LEU E 382 -0.80 13.97 -23.60
CA LEU E 382 0.48 14.22 -24.16
C LEU E 382 0.47 14.34 -25.64
N GLY E 383 -0.67 14.28 -26.28
CA GLY E 383 -0.71 14.38 -27.69
C GLY E 383 -0.30 15.71 -28.23
N ASN E 384 -0.69 16.79 -27.59
CA ASN E 384 -0.28 18.12 -27.99
C ASN E 384 -0.45 18.47 -29.44
N GLY E 385 -1.58 18.12 -30.00
CA GLY E 385 -1.95 18.43 -31.36
C GLY E 385 -1.50 17.43 -32.41
N GLY E 386 -0.58 16.53 -32.09
CA GLY E 386 -0.07 15.62 -33.06
C GLY E 386 -0.90 14.40 -33.21
N ILE E 387 -0.44 13.45 -33.96
CA ILE E 387 -1.22 12.29 -34.15
C ILE E 387 -0.89 11.25 -33.14
N VAL E 388 -1.88 10.67 -32.48
CA VAL E 388 -1.71 9.65 -31.47
C VAL E 388 -2.22 8.34 -32.05
N ALA E 389 -1.31 7.42 -32.36
CA ALA E 389 -1.66 6.15 -32.99
C ALA E 389 -1.96 5.14 -31.90
N ILE E 390 -3.17 4.60 -31.93
CA ILE E 390 -3.66 3.71 -30.87
C ILE E 390 -3.95 2.37 -31.52
N ASP E 391 -2.95 1.48 -31.52
CA ASP E 391 -3.20 0.14 -32.05
C ASP E 391 -4.01 -0.65 -31.03
N GLN E 392 -4.60 -1.75 -31.50
CA GLN E 392 -5.39 -2.63 -30.63
C GLN E 392 -6.41 -1.82 -29.83
N PHE E 393 -7.20 -1.02 -30.58
CA PHE E 393 -8.26 -0.21 -30.02
C PHE E 393 -9.42 -1.04 -29.48
N ASP E 394 -9.50 -2.29 -29.83
CA ASP E 394 -10.52 -3.10 -29.26
C ASP E 394 -10.19 -3.51 -27.85
N LYS E 395 -8.94 -3.43 -27.46
CA LYS E 395 -8.50 -3.83 -26.14
C LYS E 395 -8.56 -2.71 -25.11
N ILE E 396 -9.14 -1.56 -25.41
CA ILE E 396 -9.05 -0.45 -24.46
C ILE E 396 -9.85 -0.82 -23.22
N SER E 397 -9.53 -0.17 -22.11
CA SER E 397 -10.28 -0.40 -20.88
C SER E 397 -11.67 0.25 -20.91
N GLU E 398 -12.51 -0.17 -19.96
CA GLU E 398 -13.82 0.48 -19.78
C GLU E 398 -13.66 1.94 -19.39
N GLU E 399 -12.71 2.23 -18.50
CA GLU E 399 -12.44 3.61 -18.09
C GLU E 399 -11.99 4.46 -19.29
N ASP E 400 -11.08 3.92 -20.10
CA ASP E 400 -10.69 4.62 -21.32
C ASP E 400 -11.87 4.77 -22.27
N THR E 401 -12.73 3.77 -22.34
CA THR E 401 -13.89 3.87 -23.22
C THR E 401 -14.74 5.08 -22.85
N ALA E 402 -15.07 5.21 -21.56
CA ALA E 402 -15.90 6.32 -21.13
C ALA E 402 -15.19 7.66 -21.36
N ALA E 403 -13.92 7.76 -20.98
CA ALA E 403 -13.24 9.06 -21.05
C ALA E 403 -12.94 9.49 -22.48
N LEU E 404 -12.76 8.54 -23.40
CA LEU E 404 -12.45 8.89 -24.76
C LEU E 404 -13.61 9.56 -25.48
N HIS E 405 -14.83 9.40 -24.99
CA HIS E 405 -15.94 10.17 -25.54
C HIS E 405 -15.60 11.66 -25.53
N GLU E 406 -15.41 12.19 -24.34
CA GLU E 406 -15.05 13.63 -24.21
C GLU E 406 -13.76 13.89 -24.97
N ALA E 407 -12.73 13.08 -24.74
CA ALA E 407 -11.45 13.30 -25.36
C ALA E 407 -11.46 13.39 -26.85
N LEU E 408 -12.28 12.60 -27.48
CA LEU E 408 -12.36 12.58 -28.93
C LEU E 408 -13.29 13.63 -29.49
N GLU E 409 -14.29 14.09 -28.72
CA GLU E 409 -15.15 15.16 -29.21
C GLU E 409 -14.73 16.53 -28.71
N SER E 410 -14.76 16.75 -27.40
CA SER E 410 -14.45 18.11 -26.86
C SER E 410 -12.94 18.32 -26.83
N GLN E 411 -12.17 17.29 -27.15
CA GLN E 411 -10.72 17.33 -27.12
C GLN E 411 -10.30 17.84 -25.77
N THR E 412 -10.83 17.23 -24.72
CA THR E 412 -10.62 17.67 -23.37
C THR E 412 -11.08 16.63 -22.40
N ILE E 413 -10.46 16.53 -21.22
CA ILE E 413 -10.85 15.55 -20.23
C ILE E 413 -11.19 16.25 -18.92
N SER E 414 -12.44 16.18 -18.50
CA SER E 414 -12.84 16.86 -17.28
C SER E 414 -12.97 15.95 -16.10
N VAL E 415 -12.56 16.44 -14.93
CA VAL E 415 -12.54 15.68 -13.68
C VAL E 415 -13.05 16.55 -12.55
N ALA E 416 -13.64 15.90 -11.52
CA ALA E 416 -13.93 16.54 -10.23
C ALA E 416 -13.56 15.54 -9.13
N LYS E 417 -12.28 15.54 -8.77
CA LYS E 417 -11.79 14.65 -7.74
C LYS E 417 -10.82 15.39 -6.80
N ALA E 418 -10.70 14.88 -5.59
CA ALA E 418 -9.80 15.40 -4.55
C ALA E 418 -10.02 16.90 -4.32
N GLY E 419 -11.26 17.36 -4.43
CA GLY E 419 -11.57 18.74 -4.17
C GLY E 419 -11.28 19.68 -5.32
N ILE E 420 -10.76 19.18 -6.44
CA ILE E 420 -10.38 20.00 -7.58
C ILE E 420 -11.29 19.65 -8.75
N ILE E 421 -11.87 20.69 -9.35
CA ILE E 421 -12.58 20.60 -10.62
C ILE E 421 -11.61 21.07 -11.69
N ALA E 422 -11.44 20.28 -12.74
CA ALA E 422 -10.43 20.62 -13.73
C ALA E 422 -10.83 20.09 -15.10
N THR E 423 -10.22 20.67 -16.12
CA THR E 423 -10.44 20.27 -17.47
C THR E 423 -9.09 20.22 -18.14
N PHE E 424 -8.57 19.02 -18.33
CA PHE E 424 -7.28 18.86 -18.95
C PHE E 424 -7.41 18.97 -20.45
N ASN E 425 -6.35 19.37 -21.10
CA ASN E 425 -6.38 19.51 -22.55
C ASN E 425 -5.88 18.22 -23.20
N ALA E 426 -6.76 17.58 -23.95
CA ALA E 426 -6.44 16.36 -24.63
C ALA E 426 -6.60 16.52 -26.11
N LYS E 427 -6.10 17.62 -26.64
CA LYS E 427 -6.19 17.89 -28.08
C LYS E 427 -5.21 16.99 -28.83
N ALA E 428 -5.73 16.22 -29.78
CA ALA E 428 -4.90 15.33 -30.59
C ALA E 428 -5.77 14.69 -31.67
N SER E 429 -5.11 14.19 -32.71
CA SER E 429 -5.77 13.55 -33.84
C SER E 429 -5.51 12.04 -33.75
N VAL E 430 -6.54 11.27 -33.42
CA VAL E 430 -6.37 9.84 -33.20
C VAL E 430 -6.37 9.11 -34.53
N LEU E 431 -5.50 8.11 -34.65
CA LEU E 431 -5.49 7.18 -35.78
C LEU E 431 -5.52 5.76 -35.21
N ALA E 432 -6.71 5.23 -35.00
CA ALA E 432 -6.86 3.94 -34.34
C ALA E 432 -6.75 2.80 -35.35
N ALA E 433 -6.52 1.60 -34.81
CA ALA E 433 -6.48 0.36 -35.58
C ALA E 433 -6.95 -0.75 -34.66
N ALA E 434 -7.89 -1.60 -35.11
CA ALA E 434 -8.39 -2.66 -34.24
C ALA E 434 -8.50 -3.97 -35.02
N ASN E 435 -8.89 -5.04 -34.32
CA ASN E 435 -9.03 -6.34 -34.95
C ASN E 435 -10.42 -6.91 -34.67
N PRO E 436 -10.92 -7.84 -35.52
CA PRO E 436 -12.26 -8.38 -35.23
C PRO E 436 -12.45 -9.12 -33.89
N LYS E 437 -13.71 -9.34 -33.54
CA LYS E 437 -14.06 -9.98 -32.31
C LYS E 437 -13.41 -11.34 -32.10
N PHE E 438 -13.28 -12.13 -33.14
CA PHE E 438 -12.65 -13.42 -32.95
C PHE E 438 -11.46 -13.50 -33.82
N GLY E 439 -10.81 -12.37 -34.03
CA GLY E 439 -9.66 -12.31 -34.90
C GLY E 439 -9.98 -12.35 -36.39
N ARG E 440 -10.60 -13.39 -36.93
CA ARG E 440 -10.93 -13.41 -38.35
C ARG E 440 -12.17 -12.61 -38.62
N PHE E 441 -12.20 -11.99 -39.78
CA PHE E 441 -13.29 -11.17 -40.14
C PHE E 441 -14.16 -11.90 -41.15
N LYS E 445 -21.44 -11.31 -42.70
CA LYS E 445 -22.07 -10.98 -41.43
C LYS E 445 -21.72 -9.53 -41.13
N TYR E 446 -22.56 -8.85 -40.35
CA TYR E 446 -22.37 -7.42 -40.11
C TYR E 446 -21.00 -7.07 -39.59
N PRO E 447 -20.32 -6.18 -40.32
CA PRO E 447 -18.98 -5.71 -40.00
C PRO E 447 -19.01 -4.96 -38.69
N ALA E 448 -20.06 -4.18 -38.48
CA ALA E 448 -20.22 -3.43 -37.27
C ALA E 448 -20.26 -4.36 -36.06
N GLU E 449 -20.97 -5.47 -36.18
CA GLU E 449 -21.09 -6.44 -35.11
C GLU E 449 -19.74 -7.05 -34.74
N GLN E 450 -18.90 -7.22 -35.74
CA GLN E 450 -17.59 -7.87 -35.61
C GLN E 450 -16.49 -7.11 -34.88
N PHE E 451 -16.64 -5.81 -34.86
CA PHE E 451 -15.73 -4.88 -34.19
C PHE E 451 -15.45 -4.93 -32.71
N ASP E 452 -16.47 -5.15 -31.91
CA ASP E 452 -16.37 -5.18 -30.45
C ASP E 452 -15.85 -3.90 -29.84
N ILE E 453 -16.25 -2.80 -30.43
CA ILE E 453 -15.93 -1.48 -29.96
C ILE E 453 -17.28 -0.89 -29.72
N SER E 454 -17.46 -0.27 -28.57
CA SER E 454 -18.74 0.32 -28.21
C SER E 454 -19.32 1.21 -29.27
N PRO E 455 -20.60 1.02 -29.57
CA PRO E 455 -21.31 1.81 -30.58
C PRO E 455 -21.17 3.32 -30.38
N THR E 456 -21.22 3.78 -29.12
CA THR E 456 -21.15 5.22 -28.85
C THR E 456 -19.78 5.78 -29.23
N LEU E 457 -18.71 5.05 -28.92
CA LEU E 457 -17.36 5.55 -29.18
C LEU E 457 -17.04 5.57 -30.67
N LEU E 458 -17.62 4.67 -31.46
CA LEU E 458 -17.38 4.68 -32.89
C LEU E 458 -17.89 5.97 -33.52
N SER E 459 -18.90 6.60 -32.94
CA SER E 459 -19.43 7.84 -33.49
C SER E 459 -18.41 8.96 -33.46
N ARG E 460 -17.54 8.99 -32.44
CA ARG E 460 -16.60 10.10 -32.29
C ARG E 460 -15.52 10.08 -33.36
N PHE E 461 -15.35 8.98 -34.08
CA PHE E 461 -14.45 8.94 -35.24
C PHE E 461 -15.13 9.58 -36.44
N ASP E 462 -14.39 10.41 -37.17
CA ASP E 462 -14.94 10.97 -38.40
C ASP E 462 -15.07 9.91 -39.49
N LEU E 463 -14.13 8.97 -39.57
CA LEU E 463 -14.04 8.04 -40.69
C LEU E 463 -13.53 6.70 -40.19
N ILE E 464 -14.27 5.63 -40.48
CA ILE E 464 -13.95 4.28 -40.05
C ILE E 464 -13.72 3.47 -41.31
N PHE E 465 -12.47 3.10 -41.69
CA PHE E 465 -12.39 2.37 -42.96
C PHE E 465 -12.08 0.92 -42.64
N PRO E 466 -12.90 -0.03 -43.07
CA PRO E 466 -12.53 -1.44 -42.98
C PRO E 466 -11.53 -1.86 -44.06
N ILE E 467 -10.88 -3.00 -43.80
CA ILE E 467 -9.90 -3.55 -44.70
C ILE E 467 -10.22 -5.02 -44.95
N ARG E 468 -10.28 -5.47 -46.20
CA ARG E 468 -10.56 -6.85 -46.53
C ARG E 468 -9.67 -7.26 -47.68
N ASP E 469 -9.26 -8.51 -47.75
CA ASP E 469 -8.43 -8.93 -48.86
C ASP E 469 -9.36 -9.61 -49.84
N ILE E 470 -9.04 -9.51 -51.10
CA ILE E 470 -9.87 -10.08 -52.13
C ILE E 470 -9.29 -11.25 -52.90
N MET E 471 -8.10 -11.69 -52.52
CA MET E 471 -7.41 -12.77 -53.18
C MET E 471 -7.40 -12.62 -54.68
N ASP E 472 -6.74 -11.58 -55.16
CA ASP E 472 -6.62 -11.35 -56.58
C ASP E 472 -5.19 -11.60 -56.93
N THR E 473 -4.98 -12.52 -57.85
CA THR E 473 -3.64 -12.87 -58.22
C THR E 473 -2.79 -11.73 -58.69
N GLU E 474 -3.31 -10.88 -59.59
CA GLU E 474 -2.57 -9.76 -60.04
C GLU E 474 -2.17 -8.92 -58.85
N LEU E 475 -3.10 -8.67 -57.94
CA LEU E 475 -2.78 -7.96 -56.74
C LEU E 475 -1.70 -8.71 -56.00
N ASP E 476 -1.94 -9.99 -55.79
CA ASP E 476 -1.01 -10.87 -55.10
C ASP E 476 0.37 -10.75 -55.72
N LYS E 477 0.42 -10.91 -57.03
CA LYS E 477 1.64 -10.79 -57.73
C LYS E 477 2.20 -9.40 -57.52
N SER E 478 1.38 -8.38 -57.63
CA SER E 478 1.85 -7.05 -57.44
C SER E 478 2.39 -6.84 -56.07
N ILE E 479 1.69 -7.33 -55.06
CA ILE E 479 2.12 -7.12 -53.70
C ILE E 479 3.48 -7.67 -53.43
N ALA E 480 3.75 -8.85 -53.93
CA ALA E 480 5.05 -9.46 -53.78
C ALA E 480 6.12 -8.69 -54.47
N ASN E 481 5.80 -8.10 -55.61
CA ASN E 481 6.75 -7.29 -56.30
C ASN E 481 7.19 -6.21 -55.38
N TYR E 482 6.27 -5.48 -54.80
CA TYR E 482 6.65 -4.40 -53.96
C TYR E 482 7.42 -4.87 -52.78
N ILE E 483 6.97 -5.93 -52.13
CA ILE E 483 7.64 -6.47 -50.95
C ILE E 483 9.06 -6.87 -51.27
N LEU E 484 9.19 -7.88 -52.10
CA LEU E 484 10.51 -8.40 -52.50
C LEU E 484 11.44 -7.30 -53.00
N ASN E 485 10.92 -6.34 -53.77
CA ASN E 485 11.79 -5.28 -54.25
C ASN E 485 12.33 -4.45 -53.11
N GLN E 486 11.46 -4.06 -52.16
CA GLN E 486 11.95 -3.29 -51.00
C GLN E 486 13.07 -4.02 -50.29
N HIS E 487 12.85 -5.30 -50.04
CA HIS E 487 13.84 -6.07 -49.34
C HIS E 487 15.14 -6.12 -50.07
N GLU E 488 15.08 -6.47 -51.34
CA GLU E 488 16.29 -6.58 -52.15
C GLU E 488 17.07 -5.27 -52.12
N ALA E 489 16.36 -4.14 -52.25
CA ALA E 489 17.04 -2.85 -52.23
C ALA E 489 17.74 -2.59 -50.91
N ALA E 490 17.07 -2.91 -49.79
CA ALA E 490 17.71 -2.72 -48.48
C ALA E 490 18.95 -3.58 -48.34
N GLY E 491 18.89 -4.81 -48.83
CA GLY E 491 20.05 -5.66 -48.72
C GLY E 491 21.16 -5.08 -49.54
N ALA E 492 20.78 -4.49 -50.65
CA ALA E 492 21.76 -3.91 -51.51
C ALA E 492 22.46 -2.81 -50.80
N ALA E 493 21.67 -1.95 -50.20
CA ALA E 493 22.19 -0.78 -49.49
C ALA E 493 23.19 -1.20 -48.42
N ILE E 494 22.87 -2.27 -47.68
CA ILE E 494 23.84 -2.79 -46.72
C ILE E 494 25.07 -3.32 -47.44
N ALA E 495 24.84 -3.97 -48.57
CA ALA E 495 25.93 -4.54 -49.36
C ALA E 495 26.80 -3.45 -49.98
N ASP E 496 26.20 -2.32 -50.30
CA ASP E 496 26.90 -1.14 -50.83
C ASP E 496 27.77 -1.51 -52.03
N PRO E 507 9.42 10.73 -53.22
CA PRO E 507 8.62 11.59 -54.06
C PRO E 507 8.81 12.97 -53.48
N ILE E 508 7.94 13.56 -52.70
CA ILE E 508 8.27 14.86 -52.13
C ILE E 508 9.22 14.60 -50.99
N GLU E 509 10.04 15.56 -50.62
CA GLU E 509 10.99 15.31 -49.54
C GLU E 509 10.27 15.20 -48.19
N HIS E 510 10.91 14.50 -47.26
CA HIS E 510 10.45 14.39 -45.87
C HIS E 510 10.45 15.74 -45.17
N SER E 511 11.57 16.42 -45.02
CA SER E 511 11.58 17.64 -44.23
C SER E 511 10.81 18.73 -44.90
N LEU E 512 10.78 18.69 -46.22
CA LEU E 512 10.06 19.71 -46.91
C LEU E 512 8.62 19.54 -46.68
N LEU E 513 8.14 18.31 -46.63
CA LEU E 513 6.75 18.05 -46.38
C LEU E 513 6.32 18.55 -45.05
N LYS E 514 7.23 18.45 -44.13
CA LYS E 514 6.96 18.85 -42.82
C LYS E 514 6.79 20.30 -42.87
N LYS E 515 7.67 20.98 -43.57
CA LYS E 515 7.57 22.41 -43.60
C LYS E 515 6.31 22.86 -44.27
N TYR E 516 5.93 22.16 -45.32
CA TYR E 516 4.75 22.52 -46.08
C TYR E 516 3.57 22.48 -45.21
N ILE E 517 3.43 21.40 -44.48
CA ILE E 517 2.32 21.27 -43.60
C ILE E 517 2.32 22.32 -42.53
N ALA E 518 3.49 22.64 -42.07
CA ALA E 518 3.63 23.59 -41.02
C ALA E 518 3.09 24.89 -41.47
N TYR E 519 3.52 25.32 -42.63
CA TYR E 519 3.09 26.58 -43.18
C TYR E 519 1.59 26.58 -43.29
N ALA E 520 1.06 25.53 -43.89
CA ALA E 520 -0.35 25.37 -44.06
C ALA E 520 -1.04 25.42 -42.75
N LYS E 521 -0.51 24.73 -41.78
CA LYS E 521 -1.16 24.73 -40.50
C LYS E 521 -1.07 26.07 -39.92
N ARG E 522 0.07 26.70 -40.07
CA ARG E 522 0.28 27.95 -39.42
C ARG E 522 -0.32 29.11 -40.06
N TYR E 523 -0.43 29.13 -41.36
CA TYR E 523 -0.90 30.32 -41.99
C TYR E 523 -2.17 30.30 -42.78
N VAL E 524 -2.75 29.15 -43.02
CA VAL E 524 -3.95 29.10 -43.82
C VAL E 524 -5.15 28.63 -43.05
N MET E 525 -6.28 29.30 -43.13
CA MET E 525 -7.41 28.90 -42.37
C MET E 525 -8.61 29.00 -43.21
N PRO E 526 -8.97 27.95 -43.89
CA PRO E 526 -10.06 28.01 -44.83
C PRO E 526 -11.39 28.47 -44.37
N ARG E 527 -12.13 29.18 -45.21
CA ARG E 527 -13.44 29.67 -44.84
C ARG E 527 -14.42 29.00 -45.75
N LEU E 528 -15.54 28.59 -45.25
CA LEU E 528 -16.56 27.96 -46.07
C LEU E 528 -17.20 28.91 -47.08
N SER E 529 -17.54 28.38 -48.24
CA SER E 529 -18.16 29.18 -49.27
C SER E 529 -19.55 28.71 -49.57
N GLU E 530 -20.35 29.60 -50.09
CA GLU E 530 -21.72 29.30 -50.46
C GLU E 530 -21.86 28.06 -51.30
N GLU E 531 -21.11 27.96 -52.39
CA GLU E 531 -21.29 26.77 -53.27
C GLU E 531 -20.94 25.50 -52.48
N ALA E 532 -19.83 25.53 -51.74
CA ALA E 532 -19.36 24.34 -51.00
C ALA E 532 -20.37 23.94 -49.94
N SER E 533 -20.77 24.93 -49.15
CA SER E 533 -21.75 24.62 -48.07
C SER E 533 -22.96 23.99 -48.73
N ASN E 534 -23.38 24.43 -49.89
CA ASN E 534 -24.57 23.83 -50.44
C ASN E 534 -24.41 22.39 -50.80
N ARG E 535 -23.27 22.07 -51.33
CA ARG E 535 -23.03 20.74 -51.75
C ARG E 535 -23.05 19.81 -50.60
N ILE E 536 -22.40 20.18 -49.54
CA ILE E 536 -22.39 19.33 -48.38
C ILE E 536 -23.75 19.18 -47.80
N LYS E 537 -24.45 20.32 -47.75
CA LYS E 537 -25.78 20.38 -47.20
C LYS E 537 -26.64 19.48 -48.02
N GLU E 538 -26.55 19.56 -49.35
CA GLU E 538 -27.38 18.75 -50.24
C GLU E 538 -27.01 17.31 -50.06
N TYR E 539 -25.70 17.06 -49.96
CA TYR E 539 -25.19 15.72 -49.78
C TYR E 539 -25.74 15.07 -48.52
N TYR E 540 -25.54 15.72 -47.39
CA TYR E 540 -25.99 15.18 -46.11
C TYR E 540 -27.47 14.84 -46.13
N VAL E 541 -28.30 15.81 -46.50
CA VAL E 541 -29.74 15.60 -46.56
C VAL E 541 -30.06 14.41 -47.47
N ASP E 542 -29.51 14.43 -48.69
CA ASP E 542 -29.75 13.33 -49.63
C ASP E 542 -29.34 12.00 -49.01
N LEU E 543 -28.15 11.98 -48.40
CA LEU E 543 -27.66 10.77 -47.77
C LEU E 543 -28.52 10.38 -46.63
N ARG E 544 -28.95 11.33 -45.86
CA ARG E 544 -29.77 11.01 -44.77
C ARG E 544 -31.10 10.54 -45.27
N ARG E 545 -31.62 11.22 -46.28
CA ARG E 545 -32.94 10.89 -46.83
C ARG E 545 -33.06 9.43 -47.16
N ALA E 546 -32.07 8.88 -47.87
CA ALA E 546 -32.16 7.52 -48.21
C ALA E 546 -31.95 6.83 -46.90
N GLY E 547 -32.79 5.88 -46.53
CA GLY E 547 -32.73 5.19 -45.25
C GLY E 547 -31.49 5.11 -44.37
N PRO E 554 -25.48 4.00 -38.88
CA PRO E 554 -26.37 5.12 -38.54
C PRO E 554 -25.79 6.50 -38.96
N ILE E 555 -26.57 7.30 -39.70
CA ILE E 555 -26.28 8.71 -39.98
C ILE E 555 -26.96 9.62 -38.98
N THR E 556 -26.21 10.53 -38.35
CA THR E 556 -26.72 11.53 -37.46
C THR E 556 -26.10 12.85 -37.87
N PRO E 557 -26.53 13.98 -37.27
CA PRO E 557 -25.95 15.30 -37.59
C PRO E 557 -24.48 15.40 -37.44
N ARG E 558 -23.94 14.69 -36.46
CA ARG E 558 -22.55 14.46 -36.21
C ARG E 558 -21.79 14.24 -37.53
N GLN E 559 -22.25 13.33 -38.39
CA GLN E 559 -21.61 13.10 -39.65
C GLN E 559 -21.42 14.29 -40.51
N ILE E 560 -22.26 15.28 -40.42
CA ILE E 560 -22.14 16.44 -41.25
C ILE E 560 -20.86 17.07 -40.88
N GLU E 561 -20.69 17.30 -39.60
CA GLU E 561 -19.54 17.96 -39.01
C GLU E 561 -18.25 17.48 -39.52
N GLY E 562 -18.11 16.19 -39.63
CA GLY E 562 -16.93 15.66 -40.20
C GLY E 562 -16.76 16.17 -41.58
N LEU E 563 -17.75 16.19 -42.47
CA LEU E 563 -17.56 16.68 -43.85
C LEU E 563 -16.94 18.01 -43.86
N ILE E 564 -17.41 18.87 -42.99
CA ILE E 564 -16.84 20.21 -42.95
C ILE E 564 -15.35 20.14 -42.62
N ARG E 565 -14.95 19.30 -41.71
CA ARG E 565 -13.57 19.26 -41.35
C ARG E 565 -12.75 18.76 -42.45
N MET E 566 -13.17 17.72 -43.07
CA MET E 566 -12.35 17.16 -44.13
C MET E 566 -12.29 18.10 -45.34
N ALA E 567 -13.38 18.81 -45.62
CA ALA E 567 -13.35 19.78 -46.72
C ALA E 567 -12.36 20.91 -46.43
N GLU E 568 -12.37 21.40 -45.19
CA GLU E 568 -11.44 22.44 -44.80
C GLU E 568 -10.02 21.88 -44.93
N ALA E 569 -9.83 20.62 -44.54
CA ALA E 569 -8.52 19.99 -44.65
C ALA E 569 -8.06 19.92 -46.10
N SER E 570 -8.96 19.62 -47.01
CA SER E 570 -8.60 19.55 -48.41
C SER E 570 -8.25 20.89 -48.91
N ALA E 571 -8.89 21.91 -48.39
CA ALA E 571 -8.54 23.24 -48.80
C ALA E 571 -7.14 23.55 -48.32
N LYS E 572 -6.87 23.20 -47.10
CA LYS E 572 -5.58 23.48 -46.56
C LYS E 572 -4.53 22.76 -47.29
N SER E 573 -4.84 21.63 -47.83
CA SER E 573 -3.86 20.82 -48.54
C SER E 573 -3.20 21.57 -49.68
N GLN E 574 -3.92 22.49 -50.28
CA GLN E 574 -3.37 23.22 -51.38
C GLN E 574 -3.15 24.65 -51.09
N LEU E 575 -3.09 24.99 -49.82
CA LEU E 575 -2.88 26.35 -49.32
C LEU E 575 -3.87 27.36 -49.75
N ARG E 576 -5.09 26.95 -50.01
CA ARG E 576 -6.12 27.87 -50.42
C ARG E 576 -6.91 28.35 -49.22
N ASP E 577 -7.29 29.62 -49.21
CA ASP E 577 -8.05 30.13 -48.10
C ASP E 577 -9.53 29.97 -48.23
N VAL E 578 -10.00 29.55 -49.39
CA VAL E 578 -11.43 29.39 -49.57
C VAL E 578 -11.75 27.94 -49.75
N VAL E 579 -12.90 27.53 -49.26
CA VAL E 579 -13.26 26.14 -49.25
C VAL E 579 -13.39 25.33 -50.52
N SER E 580 -13.90 25.89 -51.62
CA SER E 580 -14.00 25.17 -52.91
C SER E 580 -15.09 24.08 -52.91
N VAL E 581 -15.44 23.57 -54.09
CA VAL E 581 -16.52 22.60 -54.20
C VAL E 581 -15.93 21.27 -54.53
N LYS E 582 -14.70 21.28 -55.02
CA LYS E 582 -14.07 20.04 -55.34
C LYS E 582 -13.69 19.45 -54.00
N ASP E 583 -13.20 20.29 -53.11
CA ASP E 583 -12.83 19.88 -51.79
C ASP E 583 -13.98 19.19 -51.11
N ALA E 584 -15.18 19.73 -51.22
CA ALA E 584 -16.30 19.11 -50.61
C ALA E 584 -16.49 17.79 -51.31
N ASN E 585 -16.26 17.77 -52.58
CA ASN E 585 -16.41 16.54 -53.28
C ASN E 585 -15.45 15.54 -52.76
N LEU E 586 -14.21 15.97 -52.58
CA LEU E 586 -13.17 15.06 -52.09
C LEU E 586 -13.58 14.43 -50.81
N ALA E 587 -14.02 15.26 -49.89
CA ALA E 587 -14.51 14.80 -48.63
C ALA E 587 -15.63 13.84 -48.84
N ILE E 588 -16.55 14.10 -49.72
CA ILE E 588 -17.64 13.17 -49.87
C ILE E 588 -17.20 11.87 -50.44
N SER E 589 -16.25 11.93 -51.33
CA SER E 589 -15.75 10.73 -51.92
C SER E 589 -15.25 9.73 -50.91
N LEU E 590 -14.54 10.20 -49.90
CA LEU E 590 -14.04 9.34 -48.88
C LEU E 590 -15.17 8.81 -48.10
N SER E 591 -16.10 9.67 -47.80
CA SER E 591 -17.22 9.27 -47.06
C SER E 591 -17.97 8.28 -47.78
N GLU E 592 -18.14 8.44 -49.09
CA GLU E 592 -18.88 7.45 -49.87
C GLU E 592 -18.14 6.14 -49.73
N TYR E 593 -16.84 6.21 -49.99
CA TYR E 593 -15.99 5.05 -49.91
C TYR E 593 -16.10 4.31 -48.62
N MET E 594 -16.09 5.04 -47.52
CA MET E 594 -16.22 4.46 -46.22
C MET E 594 -17.48 3.65 -46.18
N LEU E 595 -18.57 4.26 -46.53
CA LEU E 595 -19.82 3.58 -46.48
C LEU E 595 -19.96 2.38 -47.37
N LYS E 596 -19.35 2.47 -48.51
CA LYS E 596 -19.39 1.37 -49.37
C LYS E 596 -18.67 0.28 -48.68
N THR E 597 -17.54 0.57 -48.05
CA THR E 597 -16.81 -0.56 -47.45
C THR E 597 -17.49 -1.06 -46.17
N LEU E 598 -18.17 -0.14 -45.50
CA LEU E 598 -18.88 -0.50 -44.29
C LEU E 598 -20.02 -1.44 -44.58
N ALA E 599 -20.42 -1.48 -45.85
CA ALA E 599 -21.47 -2.36 -46.32
C ALA E 599 -20.98 -3.15 -47.53
N GLN F 5 64.65 -2.29 -3.32
CA GLN F 5 65.48 -3.43 -3.71
C GLN F 5 64.62 -4.57 -4.20
N GLN F 6 63.75 -5.08 -3.33
CA GLN F 6 62.88 -6.16 -3.69
C GLN F 6 61.90 -5.67 -4.71
N THR F 7 61.53 -4.40 -4.63
CA THR F 7 60.57 -3.85 -5.56
C THR F 7 61.23 -3.65 -6.88
N SER F 8 62.51 -3.33 -6.86
CA SER F 8 63.17 -3.16 -8.12
C SER F 8 63.20 -4.49 -8.76
N SER F 9 63.62 -5.53 -8.02
CA SER F 9 63.73 -6.88 -8.64
C SER F 9 62.38 -7.30 -9.23
N LEU F 10 61.31 -6.99 -8.50
CA LEU F 10 59.95 -7.38 -8.97
C LEU F 10 59.66 -6.68 -10.29
N LYS F 11 60.04 -5.41 -10.39
CA LYS F 11 59.77 -4.65 -11.64
C LYS F 11 60.42 -5.38 -12.81
N LEU F 12 61.66 -5.82 -12.66
CA LEU F 12 62.39 -6.48 -13.76
C LEU F 12 61.75 -7.84 -14.07
N LEU F 13 61.37 -8.59 -13.04
CA LEU F 13 60.66 -9.86 -13.30
C LEU F 13 59.45 -9.54 -14.18
N PHE F 14 58.69 -8.51 -13.82
CA PHE F 14 57.45 -8.22 -14.56
C PHE F 14 57.78 -7.76 -15.98
N ASP F 15 58.83 -6.96 -16.15
CA ASP F 15 59.27 -6.54 -17.50
C ASP F 15 59.45 -7.80 -18.35
N GLU F 16 60.26 -8.73 -17.85
CA GLU F 16 60.53 -9.95 -18.66
C GLU F 16 59.20 -10.68 -18.94
N PHE F 17 58.37 -10.88 -17.92
CA PHE F 17 57.12 -11.66 -18.10
C PHE F 17 56.22 -11.01 -19.15
N LEU F 18 56.13 -9.69 -19.15
CA LEU F 18 55.20 -8.98 -20.05
C LEU F 18 55.77 -9.02 -21.47
N GLU F 19 57.08 -8.93 -21.60
CA GLU F 19 57.62 -9.05 -22.97
C GLU F 19 57.38 -10.47 -23.47
N SER F 20 57.61 -11.46 -22.63
CA SER F 20 57.49 -12.84 -23.10
C SER F 20 56.05 -13.18 -23.46
N TYR F 21 55.09 -12.75 -22.65
CA TYR F 21 53.73 -13.24 -22.84
C TYR F 21 52.77 -12.22 -23.47
N TYR F 22 52.90 -10.93 -23.21
CA TYR F 22 51.91 -9.93 -23.60
C TYR F 22 52.52 -8.80 -24.42
N SER F 23 53.50 -9.12 -25.25
CA SER F 23 54.15 -8.12 -26.10
C SER F 23 53.15 -7.46 -27.05
N ASP F 24 52.41 -8.28 -27.81
CA ASP F 24 51.48 -7.75 -28.81
C ASP F 24 50.39 -6.91 -28.16
N GLU F 25 49.86 -7.38 -27.03
CA GLU F 25 48.80 -6.66 -26.32
C GLU F 25 49.31 -5.32 -25.79
N ILE F 26 50.51 -5.30 -25.19
CA ILE F 26 51.07 -4.04 -24.71
C ILE F 26 51.25 -3.07 -25.88
N LYS F 27 51.62 -3.58 -27.06
CA LYS F 27 51.78 -2.68 -28.20
C LYS F 27 50.44 -2.08 -28.64
N ASP F 28 49.39 -2.90 -28.68
CA ASP F 28 48.07 -2.34 -29.00
C ASP F 28 47.69 -1.24 -28.01
N ILE F 29 48.04 -1.44 -26.74
CA ILE F 29 47.74 -0.39 -25.75
C ILE F 29 48.56 0.86 -26.02
N ILE F 30 49.81 0.71 -26.47
CA ILE F 30 50.59 1.90 -26.82
C ILE F 30 49.88 2.66 -27.92
N ILE F 31 49.40 1.95 -28.93
CA ILE F 31 48.79 2.64 -30.08
C ILE F 31 47.54 3.38 -29.66
N LYS F 32 46.69 2.77 -28.82
CA LYS F 32 45.37 3.32 -28.57
C LYS F 32 45.21 4.04 -27.23
N PHE F 33 46.28 4.15 -26.44
CA PHE F 33 46.22 4.92 -25.19
C PHE F 33 45.67 6.32 -25.47
N PRO F 34 44.79 6.85 -24.61
CA PRO F 34 44.27 6.26 -23.37
C PRO F 34 42.99 5.45 -23.57
N ASN F 35 42.38 5.52 -24.75
CA ASN F 35 41.11 4.85 -24.97
C ASN F 35 41.16 3.39 -24.54
N LYS F 36 42.29 2.73 -24.81
CA LYS F 36 42.57 1.39 -24.30
C LYS F 36 43.76 1.52 -23.35
N ARG F 37 43.54 1.33 -22.05
CA ARG F 37 44.59 1.42 -21.06
C ARG F 37 44.62 0.30 -20.05
N SER F 38 44.07 -0.83 -20.37
CA SER F 38 44.05 -1.95 -19.42
C SER F 38 44.56 -3.21 -20.11
N LEU F 39 45.48 -3.91 -19.46
CA LEU F 39 46.02 -5.15 -20.00
C LEU F 39 45.51 -6.36 -19.22
N PRO F 40 44.61 -7.17 -19.77
CA PRO F 40 44.21 -8.40 -19.09
C PRO F 40 45.37 -9.40 -19.06
N VAL F 41 45.66 -9.94 -17.87
CA VAL F 41 46.78 -10.85 -17.68
C VAL F 41 46.28 -12.10 -16.98
N ASN F 42 46.31 -13.19 -17.71
CA ASN F 42 45.88 -14.42 -17.16
C ASN F 42 46.93 -14.87 -16.23
N ILE F 43 46.54 -15.23 -15.03
CA ILE F 43 47.48 -15.67 -14.04
C ILE F 43 48.19 -16.94 -14.38
N SER F 44 47.51 -17.83 -15.08
CA SER F 44 48.09 -19.07 -15.52
C SER F 44 49.41 -18.83 -16.20
N ASP F 45 49.53 -17.73 -16.91
CA ASP F 45 50.79 -17.38 -17.57
C ASP F 45 51.84 -16.99 -16.54
N LEU F 46 51.43 -16.24 -15.52
CA LEU F 46 52.35 -15.93 -14.42
C LEU F 46 52.65 -17.18 -13.61
N GLU F 47 51.71 -18.14 -13.56
CA GLU F 47 52.08 -19.42 -12.97
C GLU F 47 53.37 -19.88 -13.61
N GLU F 48 53.31 -19.98 -14.94
CA GLU F 48 54.39 -20.58 -15.71
C GLU F 48 55.68 -19.81 -15.51
N PHE F 49 55.62 -18.47 -15.60
CA PHE F 49 56.86 -17.71 -15.59
C PHE F 49 57.65 -17.92 -14.31
N ASP F 50 57.10 -17.50 -13.17
CA ASP F 50 57.70 -17.76 -11.88
C ASP F 50 56.57 -18.12 -10.91
N PRO F 51 56.40 -19.40 -10.56
CA PRO F 51 55.27 -19.75 -9.68
C PRO F 51 55.27 -18.99 -8.35
N ASP F 52 56.45 -18.59 -7.87
CA ASP F 52 56.52 -17.90 -6.58
C ASP F 52 55.81 -16.55 -6.62
N THR F 53 56.03 -15.75 -7.66
CA THR F 53 55.27 -14.51 -7.81
C THR F 53 53.77 -14.76 -8.00
N ALA F 54 53.37 -15.90 -8.57
CA ALA F 54 51.92 -16.15 -8.67
C ALA F 54 51.31 -16.41 -7.29
N THR F 55 52.01 -17.18 -6.45
CA THR F 55 51.52 -17.35 -5.07
C THR F 55 51.55 -16.02 -4.31
N ASN F 56 52.52 -15.16 -4.62
CA ASN F 56 52.61 -13.86 -3.98
C ASN F 56 51.51 -12.92 -4.44
N LEU F 57 50.90 -13.17 -5.59
CA LEU F 57 49.71 -12.41 -5.95
C LEU F 57 48.57 -12.69 -4.98
N ILE F 58 48.29 -13.97 -4.75
CA ILE F 58 47.19 -14.35 -3.85
C ILE F 58 47.47 -13.91 -2.43
N ALA F 59 48.75 -13.85 -2.02
CA ALA F 59 49.06 -13.48 -0.64
C ALA F 59 49.30 -11.98 -0.45
N ASP F 60 50.05 -11.33 -1.34
CA ASP F 60 50.34 -9.89 -1.22
C ASP F 60 49.94 -9.24 -2.54
N PRO F 61 48.64 -9.21 -2.85
CA PRO F 61 48.21 -8.74 -4.17
C PRO F 61 48.57 -7.29 -4.46
N GLU F 62 48.52 -6.42 -3.45
CA GLU F 62 48.73 -4.99 -3.70
C GLU F 62 50.19 -4.69 -4.04
N ILE F 63 51.13 -5.36 -3.36
CA ILE F 63 52.55 -5.11 -3.63
C ILE F 63 52.90 -5.45 -5.07
N ILE F 64 52.54 -6.66 -5.51
CA ILE F 64 52.96 -7.10 -6.83
C ILE F 64 52.07 -6.56 -7.92
N ILE F 65 50.82 -6.19 -7.61
CA ILE F 65 50.01 -5.48 -8.59
C ILE F 65 50.59 -4.10 -8.84
N ASP F 66 50.99 -3.40 -7.77
CA ASP F 66 51.61 -2.09 -7.94
C ASP F 66 52.93 -2.21 -8.70
N ALA F 67 53.62 -3.31 -8.54
CA ALA F 67 54.84 -3.51 -9.27
C ALA F 67 54.55 -3.73 -10.70
N ALA F 68 53.61 -4.56 -10.98
CA ALA F 68 53.28 -4.84 -12.37
C ALA F 68 52.81 -3.58 -13.09
N ASN F 69 52.03 -2.75 -12.40
CA ASN F 69 51.61 -1.47 -12.96
C ASN F 69 52.81 -0.57 -13.23
N GLU F 70 53.74 -0.60 -12.31
CA GLU F 70 54.93 0.18 -12.45
C GLU F 70 55.64 -0.29 -13.69
N SER F 71 55.78 -1.57 -13.88
CA SER F 71 56.47 -2.04 -15.03
C SER F 71 55.76 -1.68 -16.29
N LEU F 72 54.48 -1.88 -16.35
CA LEU F 72 53.71 -1.59 -17.56
C LEU F 72 53.81 -0.12 -17.94
N MET F 73 53.89 0.78 -16.94
CA MET F 73 54.16 2.17 -17.24
C MET F 73 55.54 2.35 -17.86
N GLY F 74 56.50 1.64 -17.33
CA GLY F 74 57.84 1.66 -17.85
C GLY F 74 57.88 1.22 -19.29
N LYS F 75 57.07 0.24 -19.63
CA LYS F 75 56.97 -0.22 -21.00
C LYS F 75 56.18 0.72 -21.89
N LEU F 76 55.41 1.60 -21.32
CA LEU F 76 54.68 2.64 -22.02
C LEU F 76 55.37 4.00 -21.85
N ALA F 77 56.69 4.00 -21.66
CA ALA F 77 57.42 5.25 -21.54
C ALA F 77 57.24 6.10 -22.79
N GLY F 78 57.03 7.40 -22.58
CA GLY F 78 56.78 8.34 -23.65
C GLY F 78 55.34 8.79 -23.76
N LEU F 79 54.40 7.95 -23.33
CA LEU F 79 52.99 8.32 -23.32
C LEU F 79 52.73 9.27 -22.16
N ASN F 80 51.65 10.00 -22.27
CA ASN F 80 51.31 11.02 -21.29
C ASN F 80 50.35 10.46 -20.25
N PHE F 81 50.82 10.38 -19.00
CA PHE F 81 50.06 9.85 -17.87
C PHE F 81 49.56 10.95 -16.94
N ASP F 82 49.29 12.13 -17.49
CA ASP F 82 48.77 13.23 -16.70
C ASP F 82 47.31 13.00 -16.29
N THR F 83 46.45 12.58 -17.22
CA THR F 83 45.06 12.30 -16.88
C THR F 83 44.83 10.83 -16.55
N TYR F 84 45.08 9.94 -17.52
CA TYR F 84 44.84 8.50 -17.38
C TYR F 84 46.08 7.69 -17.03
N ILE F 85 45.88 6.46 -16.55
CA ILE F 85 46.93 5.61 -16.12
C ILE F 85 46.73 4.20 -16.62
N PRO F 86 47.82 3.51 -17.01
CA PRO F 86 47.63 2.12 -17.42
C PRO F 86 47.38 1.22 -16.22
N HIS F 87 46.70 0.12 -16.48
CA HIS F 87 46.35 -0.82 -15.48
C HIS F 87 46.58 -2.26 -15.81
N VAL F 88 47.18 -3.00 -14.94
CA VAL F 88 47.32 -4.45 -15.12
C VAL F 88 46.20 -5.12 -14.35
N ARG F 89 45.35 -5.88 -15.04
CA ARG F 89 44.23 -6.48 -14.43
C ARG F 89 44.33 -7.97 -14.49
N PHE F 90 44.76 -8.60 -13.42
CA PHE F 90 44.90 -10.04 -13.39
C PHE F 90 43.61 -10.78 -13.26
N TYR F 91 43.51 -11.92 -13.91
CA TYR F 91 42.33 -12.72 -13.77
C TYR F 91 42.64 -14.18 -13.83
N ASN F 92 41.61 -14.99 -13.81
CA ASN F 92 41.76 -16.42 -13.86
C ASN F 92 42.61 -17.18 -12.87
N GLN F 93 42.23 -17.15 -11.61
CA GLN F 93 42.93 -17.93 -10.61
C GLN F 93 41.92 -18.80 -9.91
N SER F 94 42.36 -19.89 -9.29
CA SER F 94 41.46 -20.79 -8.64
C SER F 94 41.82 -21.14 -7.22
N ILE F 95 42.79 -20.47 -6.66
CA ILE F 95 43.22 -20.73 -5.28
C ILE F 95 42.21 -20.18 -4.28
N ASN F 96 41.76 -18.94 -4.50
CA ASN F 96 40.83 -18.26 -3.59
C ASN F 96 39.57 -17.93 -4.37
N THR F 97 38.63 -18.86 -4.40
CA THR F 97 37.36 -18.70 -5.11
C THR F 97 36.19 -18.79 -4.14
N PRO F 98 36.11 -17.89 -3.15
CA PRO F 98 35.04 -17.99 -2.15
C PRO F 98 33.68 -17.60 -2.72
N MET F 99 32.62 -18.07 -2.05
CA MET F 99 31.28 -17.56 -2.29
C MET F 99 31.12 -16.23 -1.56
N VAL F 100 30.29 -15.35 -2.12
CA VAL F 100 30.06 -14.06 -1.46
C VAL F 100 29.57 -14.27 -0.03
N LEU F 101 28.76 -15.30 0.19
CA LEU F 101 28.28 -15.60 1.54
C LEU F 101 29.43 -15.89 2.48
N ASN F 102 30.41 -16.67 2.04
CA ASN F 102 31.46 -17.14 2.91
C ASN F 102 32.72 -16.29 2.88
N VAL F 103 32.77 -15.22 2.09
CA VAL F 103 33.92 -14.33 2.15
C VAL F 103 34.10 -13.85 3.58
N GLY F 104 35.34 -13.81 4.04
CA GLY F 104 35.57 -13.46 5.41
C GLY F 104 36.99 -13.05 5.73
N SER F 105 37.35 -13.21 7.00
CA SER F 105 38.61 -12.68 7.51
C SER F 105 39.84 -13.36 6.89
N ALA F 106 39.68 -14.55 6.32
CA ALA F 106 40.82 -15.25 5.75
C ALA F 106 41.36 -14.57 4.51
N TYR F 107 40.54 -13.78 3.81
CA TYR F 107 40.93 -13.15 2.55
C TYR F 107 41.23 -11.66 2.71
N ILE F 108 41.39 -11.18 3.94
CA ILE F 108 41.64 -9.76 4.15
C ILE F 108 42.98 -9.39 3.51
N ASN F 109 42.95 -8.42 2.60
CA ASN F 109 44.15 -7.97 1.90
C ASN F 109 44.78 -9.11 1.12
N LYS F 110 43.93 -9.96 0.54
CA LYS F 110 44.34 -11.08 -0.29
C LYS F 110 43.53 -11.07 -1.58
N PHE F 111 44.02 -11.72 -2.60
CA PHE F 111 43.34 -11.79 -3.87
C PHE F 111 42.22 -12.79 -3.83
N VAL F 112 41.05 -12.43 -4.33
CA VAL F 112 39.93 -13.35 -4.37
C VAL F 112 39.20 -13.17 -5.66
N SER F 113 38.54 -14.21 -6.13
CA SER F 113 37.76 -14.16 -7.34
C SER F 113 36.42 -14.74 -6.99
N ILE F 114 35.34 -14.08 -7.34
CA ILE F 114 34.03 -14.55 -6.94
C ILE F 114 33.08 -14.58 -8.13
N ASP F 115 32.26 -15.62 -8.20
CA ASP F 115 31.16 -15.69 -9.16
C ASP F 115 30.00 -14.85 -8.64
N ALA F 116 29.63 -13.79 -9.37
CA ALA F 116 28.78 -12.79 -8.76
C ALA F 116 27.64 -12.34 -9.67
N LEU F 117 26.47 -12.18 -9.05
CA LEU F 117 25.35 -11.49 -9.66
C LEU F 117 25.39 -10.03 -9.21
N VAL F 118 25.59 -9.12 -10.17
CA VAL F 118 25.46 -7.71 -9.86
C VAL F 118 23.99 -7.40 -9.61
N VAL F 119 23.72 -6.64 -8.54
CA VAL F 119 22.36 -6.26 -8.17
C VAL F 119 22.15 -4.75 -8.26
N LYS F 120 23.13 -3.96 -7.84
CA LYS F 120 23.00 -2.51 -7.87
C LYS F 120 24.31 -1.90 -8.39
N ARG F 121 24.19 -0.73 -8.96
CA ARG F 121 25.31 0.05 -9.43
C ARG F 121 25.00 1.49 -9.07
N SER F 122 26.01 2.26 -8.75
CA SER F 122 25.83 3.63 -8.29
C SER F 122 26.04 4.63 -9.43
N ASP F 123 25.96 5.91 -9.09
CA ASP F 123 26.33 6.97 -10.01
C ASP F 123 27.85 7.06 -10.10
N ILE F 124 28.34 7.55 -11.24
CA ILE F 124 29.77 7.80 -11.39
C ILE F 124 30.15 8.97 -10.50
N ARG F 125 31.15 8.75 -9.66
CA ARG F 125 31.61 9.77 -8.77
C ARG F 125 33.06 10.09 -8.93
N PRO F 126 33.38 11.24 -9.51
CA PRO F 126 34.79 11.62 -9.67
C PRO F 126 35.55 11.60 -8.34
N LYS F 127 36.76 11.06 -8.38
CA LYS F 127 37.60 10.87 -7.19
C LYS F 127 39.02 11.29 -7.54
N ILE F 128 39.67 11.98 -6.62
CA ILE F 128 40.96 12.59 -6.91
C ILE F 128 42.08 11.58 -6.67
N ARG F 129 43.05 11.47 -7.58
CA ARG F 129 44.21 10.67 -7.39
C ARG F 129 45.43 11.55 -7.07
N ASP F 130 45.88 12.36 -7.99
CA ASP F 130 47.08 13.19 -7.80
C ASP F 130 46.62 14.53 -7.27
N ALA F 131 46.57 14.66 -5.94
CA ALA F 131 45.93 15.79 -5.30
C ALA F 131 46.94 16.89 -4.98
N VAL F 132 46.44 18.13 -5.01
CA VAL F 132 47.17 19.32 -4.61
C VAL F 132 46.46 19.92 -3.40
N PHE F 133 47.22 20.34 -2.39
CA PHE F 133 46.68 20.94 -1.18
C PHE F 133 47.36 22.27 -0.97
N VAL F 134 46.62 23.24 -0.40
CA VAL F 134 47.20 24.59 -0.10
C VAL F 134 46.86 24.96 1.34
N CYS F 135 47.73 25.69 2.01
CA CYS F 135 47.49 26.05 3.40
C CYS F 135 46.83 27.41 3.55
N THR F 136 45.92 27.56 4.49
CA THR F 136 45.19 28.85 4.62
C THR F 136 46.03 29.81 5.43
N PHE F 137 47.04 29.33 6.13
CA PHE F 137 47.88 30.13 6.94
C PHE F 137 49.23 30.41 6.34
N CYS F 138 49.86 29.46 5.68
CA CYS F 138 51.16 29.76 5.10
C CYS F 138 51.31 29.53 3.62
N ASN F 139 50.20 29.32 2.95
CA ASN F 139 50.12 29.14 1.48
C ASN F 139 51.15 28.10 1.01
N ALA F 140 51.29 26.98 1.68
CA ALA F 140 52.23 25.99 1.28
C ALA F 140 51.48 24.99 0.41
N LYS F 141 52.10 24.50 -0.67
CA LYS F 141 51.47 23.51 -1.57
C LYS F 141 51.98 22.11 -1.21
N VAL F 142 51.10 21.21 -0.79
CA VAL F 142 51.49 19.87 -0.51
C VAL F 142 50.86 18.97 -1.55
N LYS F 143 51.65 18.17 -2.25
CA LYS F 143 51.19 17.25 -3.28
C LYS F 143 51.14 15.84 -2.73
N ALA F 144 50.17 15.06 -3.21
CA ALA F 144 50.11 13.66 -2.77
C ALA F 144 49.21 12.79 -3.63
N ASN F 145 49.63 11.57 -3.94
CA ASN F 145 48.67 10.61 -4.45
C ASN F 145 47.87 10.05 -3.30
N LEU F 146 46.55 10.12 -3.40
CA LEU F 146 45.65 9.71 -2.32
C LEU F 146 45.26 8.24 -2.42
N GLU F 147 45.63 7.56 -3.50
CA GLU F 147 45.51 6.11 -3.54
C GLU F 147 46.69 5.42 -2.85
N LYS F 148 47.81 6.12 -2.69
CA LYS F 148 49.00 5.58 -2.03
C LYS F 148 49.23 6.18 -0.65
N GLU F 149 49.05 7.48 -0.50
CA GLU F 149 49.19 8.19 0.76
C GLU F 149 47.81 8.51 1.32
N GLU F 150 47.74 8.70 2.63
CA GLU F 150 46.53 9.25 3.24
C GLU F 150 46.47 10.77 3.01
N ILE F 151 45.28 11.32 3.26
CA ILE F 151 45.07 12.75 3.07
C ILE F 151 45.87 13.54 4.10
N PRO F 152 46.71 14.48 3.68
CA PRO F 152 47.42 15.32 4.67
C PRO F 152 46.44 16.01 5.60
N LYS F 153 46.59 15.86 6.91
CA LYS F 153 45.70 16.52 7.82
C LYS F 153 46.32 17.69 8.52
N VAL F 154 47.64 17.83 8.48
CA VAL F 154 48.34 18.94 9.19
C VAL F 154 49.45 19.48 8.29
N CYS F 155 49.56 20.78 8.12
CA CYS F 155 50.51 21.36 7.21
C CYS F 155 51.86 21.10 7.68
N PRO F 156 52.75 20.64 6.84
CA PRO F 156 54.08 20.41 7.34
C PRO F 156 54.85 21.65 7.75
N GLU F 157 54.87 22.72 6.97
CA GLU F 157 55.64 23.87 7.39
C GLU F 157 55.07 24.63 8.54
N CYS F 158 53.78 24.87 8.49
CA CYS F 158 53.11 25.67 9.49
C CYS F 158 52.53 24.89 10.62
N LYS F 159 52.62 23.59 10.57
CA LYS F 159 52.18 22.72 11.64
C LYS F 159 50.81 22.96 12.22
N LYS F 160 49.79 23.10 11.40
CA LYS F 160 48.46 23.29 11.95
C LYS F 160 47.49 22.57 11.04
N ARG F 161 46.30 22.27 11.53
CA ARG F 161 45.28 21.55 10.72
C ARG F 161 44.57 22.52 9.79
N THR F 162 45.21 23.09 8.78
CA THR F 162 44.56 23.97 7.87
C THR F 162 44.67 23.60 6.42
N LEU F 163 45.16 22.44 6.09
CA LEU F 163 45.27 22.06 4.69
C LEU F 163 43.94 22.04 3.96
N LYS F 164 43.93 22.47 2.70
CA LYS F 164 42.70 22.50 1.93
C LYS F 164 42.97 21.95 0.55
N ILE F 165 42.15 21.03 0.08
CA ILE F 165 42.39 20.44 -1.23
C ILE F 165 42.04 21.43 -2.33
N VAL F 166 42.80 21.41 -3.40
CA VAL F 166 42.54 22.30 -4.44
C VAL F 166 42.11 21.52 -5.62
N PRO F 167 40.83 21.47 -5.90
CA PRO F 167 40.39 20.68 -7.03
C PRO F 167 40.82 21.06 -8.37
N GLU F 168 41.21 22.29 -8.60
CA GLU F 168 41.55 22.68 -9.95
C GLU F 168 42.94 22.31 -10.34
N GLU F 169 43.75 21.93 -9.38
CA GLU F 169 45.07 21.54 -9.67
C GLU F 169 45.19 20.06 -9.42
N SER F 170 44.11 19.32 -9.28
CA SER F 170 44.22 17.90 -9.04
C SER F 170 43.69 17.05 -10.15
N SER F 171 44.10 15.79 -10.18
CA SER F 171 43.63 14.85 -11.18
C SER F 171 42.49 14.01 -10.61
N PHE F 172 41.66 13.45 -11.50
CA PHE F 172 40.42 12.77 -11.14
C PHE F 172 40.30 11.45 -11.88
N PHE F 173 39.60 10.48 -11.32
CA PHE F 173 39.37 9.19 -11.97
C PHE F 173 38.05 8.65 -11.50
N ASN F 174 37.22 8.13 -12.38
CA ASN F 174 35.90 7.68 -12.00
C ASN F 174 35.76 6.59 -11.01
N SER F 175 34.74 6.59 -10.18
CA SER F 175 34.54 5.54 -9.23
C SER F 175 33.09 5.18 -9.20
N GLN F 176 32.78 3.95 -8.90
CA GLN F 176 31.41 3.44 -8.87
C GLN F 176 31.29 2.36 -7.80
N LYS F 177 30.22 2.42 -7.00
CA LYS F 177 29.92 1.40 -6.01
C LYS F 177 28.90 0.43 -6.58
N ILE F 178 29.19 -0.88 -6.49
CA ILE F 178 28.26 -1.91 -6.94
C ILE F 178 27.97 -2.85 -5.78
N ALA F 179 26.81 -3.50 -5.84
CA ALA F 179 26.36 -4.48 -4.86
C ALA F 179 26.32 -5.83 -5.54
N VAL F 180 26.82 -6.85 -4.86
CA VAL F 180 27.03 -8.15 -5.48
C VAL F 180 26.64 -9.24 -4.50
N GLN F 181 26.08 -10.33 -5.01
CA GLN F 181 25.79 -11.50 -4.18
C GLN F 181 26.05 -12.74 -5.02
N ASP F 182 25.77 -13.88 -4.45
CA ASP F 182 25.93 -15.11 -5.20
C ASP F 182 24.78 -15.26 -6.20
N PRO F 183 25.03 -15.86 -7.36
CA PRO F 183 23.94 -16.23 -8.26
C PRO F 183 22.93 -17.08 -7.49
N LEU F 184 21.64 -16.84 -7.75
CA LEU F 184 20.60 -17.60 -7.08
C LEU F 184 20.64 -19.08 -7.41
N GLU F 185 21.28 -19.44 -8.52
CA GLU F 185 21.41 -20.84 -8.92
C GLU F 185 22.39 -21.59 -8.02
N ARG F 186 23.22 -20.85 -7.28
CA ARG F 186 24.24 -21.48 -6.42
C ARG F 186 23.78 -21.61 -4.97
N LEU F 187 22.84 -20.78 -4.55
CA LEU F 187 22.30 -20.90 -3.21
C LEU F 187 21.47 -22.17 -3.09
N SER F 188 21.51 -22.78 -1.90
CA SER F 188 20.80 -24.01 -1.61
C SER F 188 19.42 -23.80 -0.99
N GLY F 189 19.26 -22.73 -0.21
CA GLY F 189 18.01 -22.45 0.47
C GLY F 189 17.53 -21.04 0.22
N SER F 190 17.42 -20.25 1.27
CA SER F 190 16.91 -18.88 1.19
C SER F 190 18.01 -17.91 0.78
N ILE F 191 17.59 -16.75 0.29
CA ILE F 191 18.55 -15.72 -0.10
C ILE F 191 19.14 -15.07 1.16
N PRO F 192 20.45 -14.89 1.24
CA PRO F 192 21.02 -14.13 2.36
C PRO F 192 20.49 -12.70 2.40
N THR F 193 20.35 -12.18 3.61
CA THR F 193 19.86 -10.82 3.80
C THR F 193 20.93 -9.75 3.56
N TRP F 194 22.07 -10.10 2.96
CA TRP F 194 23.14 -9.14 2.75
C TRP F 194 23.82 -9.37 1.41
N GLN F 195 24.64 -8.39 1.03
CA GLN F 195 25.27 -8.40 -0.28
C GLN F 195 26.50 -7.51 -0.21
N LEU F 196 27.55 -7.95 -0.89
CA LEU F 196 28.90 -7.44 -0.73
C LEU F 196 29.08 -6.15 -1.50
N GLU F 197 29.74 -5.18 -0.87
CA GLU F 197 30.12 -3.93 -1.51
C GLU F 197 31.37 -4.12 -2.35
N ALA F 198 31.36 -3.57 -3.57
CA ALA F 198 32.52 -3.62 -4.45
C ALA F 198 32.68 -2.26 -5.09
N TRP F 199 33.91 -1.92 -5.46
CA TRP F 199 34.25 -0.61 -5.99
C TRP F 199 34.98 -0.75 -7.32
N LEU F 200 34.56 0.01 -8.31
CA LEU F 200 35.15 -0.02 -9.60
C LEU F 200 35.83 1.30 -9.83
N ASP F 201 37.00 1.27 -10.44
CA ASP F 201 37.73 2.49 -10.68
C ASP F 201 38.08 2.64 -12.13
N ASP F 202 38.28 3.86 -12.55
CA ASP F 202 38.63 4.19 -13.93
C ASP F 202 37.82 3.48 -14.98
N ASP F 203 38.44 2.66 -15.80
CA ASP F 203 37.71 2.02 -16.89
C ASP F 203 36.84 0.83 -16.57
N LEU F 204 36.76 0.44 -15.32
CA LEU F 204 35.96 -0.70 -14.94
C LEU F 204 34.57 -0.24 -14.67
N VAL F 205 34.41 1.07 -14.52
CA VAL F 205 33.16 1.64 -14.24
C VAL F 205 32.19 1.35 -15.33
N ASN F 206 30.91 1.10 -15.04
CA ASN F 206 29.80 0.77 -15.93
C ASN F 206 30.08 -0.48 -16.77
N MET F 207 30.97 -1.34 -16.29
CA MET F 207 31.16 -2.66 -16.86
C MET F 207 30.51 -3.75 -16.02
N ALA F 208 29.79 -3.37 -14.97
CA ALA F 208 29.07 -4.31 -14.09
C ALA F 208 27.62 -3.81 -14.02
N ILE F 209 26.82 -4.18 -15.01
CA ILE F 209 25.43 -3.75 -15.11
C ILE F 209 24.58 -4.63 -14.20
N PRO F 210 23.57 -4.08 -13.51
CA PRO F 210 22.69 -4.92 -12.70
C PRO F 210 22.12 -6.08 -13.51
N GLY F 211 22.24 -7.30 -12.96
CA GLY F 211 21.78 -8.51 -13.59
C GLY F 211 22.85 -9.36 -14.23
N ASP F 212 24.03 -8.80 -14.49
CA ASP F 212 25.08 -9.58 -15.10
C ASP F 212 25.62 -10.61 -14.11
N ARG F 213 26.17 -11.70 -14.65
CA ARG F 213 26.96 -12.67 -13.90
C ARG F 213 28.42 -12.49 -14.33
N ILE F 214 29.25 -12.02 -13.44
CA ILE F 214 30.63 -11.75 -13.75
C ILE F 214 31.53 -12.39 -12.75
N GLU F 215 32.68 -12.87 -13.18
CA GLU F 215 33.67 -13.41 -12.30
C GLU F 215 34.44 -12.21 -11.89
N ILE F 216 34.27 -11.79 -10.65
CA ILE F 216 34.91 -10.58 -10.21
C ILE F 216 36.07 -10.83 -9.29
N SER F 217 37.21 -10.26 -9.61
CA SER F 217 38.40 -10.46 -8.83
C SER F 217 38.93 -9.17 -8.30
N GLY F 218 39.63 -9.25 -7.20
CA GLY F 218 40.20 -8.09 -6.59
C GLY F 218 40.69 -8.39 -5.22
N VAL F 219 41.14 -7.36 -4.55
CA VAL F 219 41.65 -7.47 -3.18
C VAL F 219 40.52 -7.14 -2.21
N LEU F 220 40.22 -8.08 -1.31
CA LEU F 220 39.28 -7.79 -0.24
C LEU F 220 39.90 -6.83 0.77
N LYS F 221 39.07 -5.91 1.30
CA LYS F 221 39.52 -4.86 2.21
C LYS F 221 38.57 -4.80 3.39
N ILE F 222 39.00 -4.10 4.45
CA ILE F 222 38.19 -3.90 5.65
C ILE F 222 38.22 -2.43 6.03
N ARG F 223 37.10 -2.00 6.58
CA ARG F 223 36.87 -0.65 7.00
C ARG F 223 36.17 -0.73 8.33
N PRO F 224 36.44 0.18 9.24
CA PRO F 224 35.76 0.06 10.52
C PRO F 224 34.29 0.23 10.39
N ARG F 225 33.54 -0.66 11.01
CA ARG F 225 32.10 -0.68 10.96
C ARG F 225 31.48 0.43 11.72
N LYS F 226 30.40 0.99 11.20
CA LYS F 226 29.70 2.04 11.86
C LYS F 226 28.39 1.55 12.37
N ASP F 227 27.94 2.09 13.48
CA ASP F 227 26.68 1.73 14.10
C ASP F 227 25.50 2.37 13.43
N SER F 228 24.30 2.01 13.85
CA SER F 228 23.14 2.69 13.29
C SER F 228 23.18 4.19 13.58
N ARG F 229 23.97 4.58 14.54
CA ARG F 229 24.09 5.97 14.88
C ARG F 229 25.43 6.54 14.48
N GLY F 230 26.14 5.90 13.59
CA GLY F 230 27.44 6.37 13.15
C GLY F 230 28.54 6.24 14.19
N LYS F 231 28.40 5.42 15.21
CA LYS F 231 29.52 5.31 16.14
C LYS F 231 30.33 4.10 15.79
N VAL F 232 31.63 4.24 15.61
CA VAL F 232 32.41 3.07 15.24
C VAL F 232 32.54 2.01 16.30
N ASP F 233 32.46 0.77 15.86
CA ASP F 233 32.58 -0.37 16.73
C ASP F 233 34.01 -0.50 17.16
N PRO F 234 34.22 -1.12 18.30
CA PRO F 234 35.59 -1.11 18.82
C PRO F 234 36.58 -1.87 17.95
N SER F 235 36.35 -3.17 17.78
CA SER F 235 37.22 -4.03 16.99
C SER F 235 36.46 -4.74 15.89
N ILE F 236 35.28 -4.27 15.58
CA ILE F 236 34.47 -4.87 14.55
C ILE F 236 34.60 -4.12 13.26
N TYR F 237 34.71 -4.84 12.16
CA TYR F 237 34.96 -4.25 10.87
C TYR F 237 34.00 -4.67 9.77
N SER F 238 33.98 -3.91 8.69
CA SER F 238 33.13 -4.20 7.55
C SER F 238 33.98 -4.49 6.36
N MET F 239 33.45 -5.19 5.39
CA MET F 239 34.19 -5.65 4.22
C MET F 239 33.74 -4.92 2.96
N TYR F 240 34.64 -4.87 1.99
CA TYR F 240 34.38 -4.28 0.67
C TYR F 240 35.51 -4.69 -0.25
N LEU F 241 35.17 -5.04 -1.49
CA LEU F 241 36.12 -5.56 -2.46
C LEU F 241 36.55 -4.44 -3.42
N ASN F 242 37.85 -4.22 -3.53
CA ASN F 242 38.41 -3.31 -4.52
C ASN F 242 38.69 -4.13 -5.77
N VAL F 243 37.79 -4.06 -6.72
CA VAL F 243 37.89 -4.84 -7.91
C VAL F 243 39.04 -4.49 -8.77
N THR F 244 39.79 -5.49 -9.18
CA THR F 244 40.89 -5.30 -10.07
C THR F 244 40.63 -5.89 -11.42
N SER F 245 39.64 -6.75 -11.59
CA SER F 245 39.34 -7.33 -12.90
C SER F 245 37.95 -7.85 -13.08
N LEU F 246 37.45 -7.81 -14.28
CA LEU F 246 36.16 -8.36 -14.54
C LEU F 246 36.27 -9.28 -15.70
N GLU F 247 35.82 -10.51 -15.55
CA GLU F 247 35.87 -11.46 -16.63
C GLU F 247 34.51 -12.01 -16.79
N THR F 248 33.89 -11.75 -17.94
CA THR F 248 32.55 -12.32 -18.22
C THR F 248 32.77 -13.71 -18.81
N LYS F 249 32.33 -14.75 -18.11
CA LYS F 249 32.64 -16.13 -18.56
C LYS F 249 31.65 -16.59 -19.64
N GLN F 250 30.43 -16.07 -19.61
CA GLN F 250 29.41 -16.48 -20.60
C GLN F 250 29.69 -15.80 -21.93
N LYS F 251 29.51 -14.48 -22.01
CA LYS F 251 29.81 -13.70 -23.25
C LYS F 251 28.70 -13.88 -24.28
N GLU F 252 27.99 -12.79 -24.61
CA GLU F 252 26.94 -12.85 -25.66
C GLU F 252 27.61 -12.99 -27.03
N PHE F 253 26.84 -13.31 -28.07
CA PHE F 253 27.42 -13.58 -29.41
C PHE F 253 28.29 -12.43 -29.89
N ALA F 254 27.84 -11.19 -29.72
CA ALA F 254 28.60 -10.07 -30.27
C ALA F 254 29.90 -9.86 -29.52
N ASP F 255 29.87 -10.11 -28.22
CA ASP F 255 31.07 -9.83 -27.38
C ASP F 255 32.04 -11.02 -27.49
N ILE F 256 31.58 -12.13 -28.06
CA ILE F 256 32.44 -13.35 -28.15
C ILE F 256 33.72 -12.98 -28.89
N ASP F 257 34.85 -13.58 -28.49
CA ASP F 257 36.14 -13.24 -29.13
C ASP F 257 36.54 -14.37 -30.08
N ILE F 258 37.06 -14.03 -31.27
CA ILE F 258 37.40 -15.03 -32.27
C ILE F 258 38.87 -14.85 -32.62
N SER F 259 39.67 -15.88 -32.35
CA SER F 259 41.06 -15.85 -32.76
C SER F 259 41.18 -16.14 -34.25
N GLU F 260 42.34 -15.80 -34.80
CA GLU F 260 42.65 -15.99 -36.20
C GLU F 260 42.64 -17.48 -36.44
N ASP F 261 43.15 -18.23 -35.46
CA ASP F 261 43.15 -19.67 -35.57
C ASP F 261 41.73 -20.16 -35.58
N GLU F 262 40.91 -19.57 -34.73
CA GLU F 262 39.51 -19.91 -34.69
C GLU F 262 38.87 -19.55 -36.00
N GLU F 263 39.22 -18.39 -36.56
CA GLU F 263 38.68 -17.93 -37.84
C GLU F 263 39.05 -18.97 -38.88
N ARG F 264 40.29 -19.43 -38.88
CA ARG F 264 40.71 -20.47 -39.80
C ARG F 264 39.91 -21.72 -39.54
N GLN F 265 39.72 -22.07 -38.27
CA GLN F 265 39.00 -23.25 -37.97
C GLN F 265 37.61 -23.11 -38.45
N ILE F 266 36.98 -21.98 -38.16
CA ILE F 266 35.59 -21.81 -38.53
C ILE F 266 35.33 -21.86 -40.00
N LYS F 267 36.20 -21.26 -40.78
CA LYS F 267 35.97 -21.23 -42.19
C LYS F 267 35.93 -22.62 -42.79
N GLU F 268 36.82 -23.49 -42.35
CA GLU F 268 36.86 -24.85 -42.83
C GLU F 268 35.53 -25.53 -42.63
N LEU F 269 34.83 -25.19 -41.56
CA LEU F 269 33.54 -25.82 -41.36
C LEU F 269 32.64 -25.42 -42.49
N SER F 270 32.71 -24.15 -42.86
CA SER F 270 31.87 -23.62 -43.90
C SER F 270 31.93 -24.37 -45.19
N LYS F 271 33.05 -25.00 -45.55
CA LYS F 271 33.18 -25.69 -46.84
C LYS F 271 32.51 -27.05 -46.93
N ASP F 272 32.29 -27.71 -45.78
CA ASP F 272 31.66 -29.01 -45.80
C ASP F 272 30.25 -28.86 -46.35
N PRO F 273 29.81 -29.79 -47.21
CA PRO F 273 28.45 -29.62 -47.73
C PRO F 273 27.35 -29.71 -46.67
N GLU F 274 27.51 -30.61 -45.71
CA GLU F 274 26.48 -30.82 -44.68
C GLU F 274 26.57 -30.02 -43.37
N ILE F 275 27.20 -28.84 -43.37
CA ILE F 275 27.23 -28.04 -42.14
C ILE F 275 25.84 -27.78 -41.57
N PHE F 276 24.87 -27.42 -42.41
CA PHE F 276 23.56 -27.15 -41.94
C PHE F 276 22.96 -28.39 -41.34
N ASN F 277 23.12 -29.52 -42.01
CA ASN F 277 22.61 -30.73 -41.42
C ASN F 277 23.35 -31.02 -40.13
N LYS F 278 24.66 -30.82 -40.11
CA LYS F 278 25.41 -31.04 -38.91
C LYS F 278 24.92 -30.12 -37.81
N VAL F 279 24.68 -28.87 -38.13
CA VAL F 279 24.21 -27.96 -37.13
C VAL F 279 22.86 -28.41 -36.66
N THR F 280 21.99 -28.73 -37.60
CA THR F 280 20.68 -29.16 -37.24
C THR F 280 20.67 -30.31 -36.33
N GLN F 281 21.72 -31.11 -36.34
CA GLN F 281 21.84 -32.24 -35.45
C GLN F 281 22.45 -31.90 -34.10
N SER F 282 22.84 -30.66 -33.91
CA SER F 282 23.36 -30.18 -32.64
C SER F 282 22.31 -29.47 -31.78
N VAL F 283 21.09 -29.28 -32.30
CA VAL F 283 20.11 -28.43 -31.64
C VAL F 283 19.65 -29.01 -30.31
N ALA F 284 18.99 -30.17 -30.36
CA ALA F 284 18.46 -30.86 -29.19
C ALA F 284 18.93 -32.30 -29.26
N PRO F 285 20.22 -32.55 -28.99
CA PRO F 285 20.74 -33.93 -29.12
C PRO F 285 19.91 -34.95 -28.36
N SER F 286 19.47 -34.57 -27.20
CA SER F 286 18.75 -35.48 -26.37
C SER F 286 17.46 -35.95 -26.93
N ILE F 287 16.87 -35.23 -27.85
CA ILE F 287 15.62 -35.68 -28.40
C ILE F 287 15.85 -36.47 -29.63
N TYR F 288 14.94 -37.36 -29.95
CA TYR F 288 15.03 -38.21 -31.14
C TYR F 288 14.00 -37.77 -32.15
N GLY F 289 14.41 -37.50 -33.36
CA GLY F 289 13.44 -37.08 -34.32
C GLY F 289 13.32 -35.60 -34.25
N TYR F 290 12.12 -35.09 -34.51
CA TYR F 290 11.81 -33.69 -34.55
C TYR F 290 12.80 -33.02 -35.43
N ASN F 291 12.96 -33.46 -36.65
CA ASN F 291 13.96 -32.89 -37.48
C ASN F 291 13.55 -31.61 -38.08
N GLU F 292 12.29 -31.50 -38.42
CA GLU F 292 11.85 -30.27 -39.00
C GLU F 292 11.96 -29.17 -37.99
N ILE F 293 11.53 -29.43 -36.77
CA ILE F 293 11.62 -28.48 -35.70
C ILE F 293 13.06 -28.10 -35.47
N LYS F 294 13.93 -29.09 -35.43
CA LYS F 294 15.32 -28.85 -35.25
C LYS F 294 15.86 -28.00 -36.34
N GLN F 295 15.48 -28.23 -37.58
CA GLN F 295 15.97 -27.40 -38.65
C GLN F 295 15.57 -25.95 -38.42
N ALA F 296 14.34 -25.71 -38.02
CA ALA F 296 13.92 -24.37 -37.82
C ALA F 296 14.62 -23.76 -36.72
N VAL F 297 14.73 -24.43 -35.58
CA VAL F 297 15.51 -23.83 -34.49
C VAL F 297 16.90 -23.47 -34.98
N ALA F 298 17.50 -24.33 -35.79
CA ALA F 298 18.83 -24.06 -36.33
C ALA F 298 18.81 -22.76 -37.13
N LEU F 299 17.80 -22.58 -37.99
CA LEU F 299 17.71 -21.34 -38.77
C LEU F 299 17.49 -20.14 -37.87
N GLN F 300 16.75 -20.31 -36.78
CA GLN F 300 16.53 -19.22 -35.83
C GLN F 300 17.82 -18.82 -35.14
N LEU F 301 18.71 -19.78 -34.89
CA LEU F 301 19.96 -19.45 -34.20
C LEU F 301 20.81 -18.47 -35.00
N PHE F 302 20.72 -18.52 -36.34
CA PHE F 302 21.46 -17.59 -37.18
C PHE F 302 20.69 -16.32 -37.48
N GLY F 303 19.39 -16.46 -37.78
CA GLY F 303 18.55 -15.32 -38.07
C GLY F 303 18.77 -14.75 -39.46
N GLY F 304 17.93 -13.80 -39.88
CA GLY F 304 18.06 -13.18 -41.18
C GLY F 304 19.11 -12.09 -41.19
N THR F 305 19.14 -11.35 -42.27
CA THR F 305 20.11 -10.26 -42.43
C THR F 305 19.70 -9.08 -41.57
N PRO F 306 20.53 -8.64 -40.62
CA PRO F 306 20.17 -7.48 -39.80
C PRO F 306 20.53 -6.18 -40.48
N GLY F 307 19.88 -5.11 -40.03
CA GLY F 307 20.11 -3.78 -40.58
C GLY F 307 19.26 -3.41 -41.77
N LYS F 308 18.41 -4.31 -42.25
CA LYS F 308 17.49 -3.96 -43.31
C LYS F 308 16.52 -2.88 -42.82
N LYS F 309 16.39 -1.82 -43.62
CA LYS F 309 15.46 -0.71 -43.41
C LYS F 309 14.56 -0.60 -44.64
N LEU F 310 13.29 -0.25 -44.41
CA LEU F 310 12.29 -0.06 -45.44
C LEU F 310 12.51 1.27 -46.11
N VAL F 311 11.75 1.57 -47.17
CA VAL F 311 11.97 2.84 -47.85
C VAL F 311 11.82 4.01 -46.88
N ASP F 312 10.94 3.87 -45.88
CA ASP F 312 10.49 4.98 -45.02
C ASP F 312 11.35 5.09 -43.79
N GLY F 313 12.38 4.26 -43.74
CA GLY F 313 13.32 4.17 -42.66
C GLY F 313 12.87 3.29 -41.51
N GLY F 314 11.82 2.50 -41.72
CA GLY F 314 11.41 1.54 -40.72
C GLY F 314 12.42 0.41 -40.64
N GLN F 315 12.12 -0.63 -39.85
CA GLN F 315 13.04 -1.73 -39.68
C GLN F 315 12.40 -3.00 -40.10
N ILE F 316 13.15 -3.92 -40.67
CA ILE F 316 12.55 -5.14 -41.06
C ILE F 316 13.07 -6.14 -40.09
N ARG F 317 12.22 -6.92 -39.50
CA ARG F 317 12.63 -7.91 -38.53
C ARG F 317 13.47 -9.00 -39.20
N SER F 318 14.61 -9.33 -38.60
CA SER F 318 15.45 -10.45 -39.02
C SER F 318 15.28 -11.66 -38.13
N ASP F 319 15.12 -11.46 -36.82
CA ASP F 319 14.95 -12.56 -35.89
C ASP F 319 13.70 -13.36 -36.23
N MET F 320 13.73 -14.66 -35.95
CA MET F 320 12.63 -15.56 -36.24
C MET F 320 11.93 -15.96 -34.94
N HIS F 321 10.61 -16.15 -35.04
CA HIS F 321 9.80 -16.62 -33.93
C HIS F 321 9.20 -17.98 -34.29
N ILE F 322 9.26 -18.91 -33.33
CA ILE F 322 8.74 -20.25 -33.52
C ILE F 322 7.83 -20.60 -32.36
N LEU F 323 6.73 -21.27 -32.66
CA LEU F 323 5.82 -21.86 -31.69
C LEU F 323 5.66 -23.37 -31.92
N LEU F 324 5.59 -24.10 -30.81
CA LEU F 324 5.42 -25.54 -30.79
C LEU F 324 4.21 -25.85 -29.91
N ILE F 325 3.13 -26.32 -30.52
CA ILE F 325 2.01 -26.73 -29.77
C ILE F 325 1.97 -28.21 -29.85
N GLY F 326 1.85 -28.91 -28.71
CA GLY F 326 1.79 -30.35 -28.74
C GLY F 326 1.17 -30.88 -27.48
N ASP F 327 1.02 -32.19 -27.38
CA ASP F 327 0.46 -32.81 -26.20
C ASP F 327 1.46 -32.91 -25.09
N PRO F 328 1.00 -33.22 -23.89
CA PRO F 328 1.96 -33.40 -22.83
C PRO F 328 2.80 -34.59 -23.15
N GLY F 329 4.08 -34.50 -22.89
CA GLY F 329 4.93 -35.62 -23.16
C GLY F 329 5.39 -35.59 -24.58
N SER F 330 5.31 -34.44 -25.20
CA SER F 330 5.79 -34.36 -26.57
C SER F 330 7.08 -33.61 -26.62
N ALA F 331 7.84 -33.65 -25.53
CA ALA F 331 9.16 -33.04 -25.41
C ALA F 331 9.27 -31.56 -25.55
N LYS F 332 8.19 -30.85 -25.35
CA LYS F 332 8.25 -29.42 -25.52
C LYS F 332 9.24 -28.73 -24.62
N THR F 333 9.12 -28.96 -23.33
CA THR F 333 9.99 -28.27 -22.43
C THR F 333 11.44 -28.53 -22.62
N ARG F 334 11.83 -29.73 -22.97
CA ARG F 334 13.20 -30.04 -23.18
C ARG F 334 13.82 -29.39 -24.34
N ILE F 335 13.06 -29.14 -25.37
CA ILE F 335 13.64 -28.53 -26.49
C ILE F 335 13.87 -27.13 -26.15
N LEU F 336 12.90 -26.51 -25.51
CA LEU F 336 13.02 -25.12 -25.12
C LEU F 336 14.18 -24.98 -24.22
N GLN F 337 14.27 -25.81 -23.22
CA GLN F 337 15.38 -25.75 -22.36
C GLN F 337 16.64 -26.07 -23.04
N SER F 338 16.72 -26.98 -23.97
CA SER F 338 17.99 -27.22 -24.56
C SER F 338 18.42 -26.06 -25.37
N VAL F 339 17.53 -25.41 -26.09
CA VAL F 339 17.97 -24.32 -26.89
C VAL F 339 18.40 -23.19 -26.07
N SER F 340 17.77 -22.98 -24.96
CA SER F 340 18.21 -21.89 -24.08
C SER F 340 19.62 -22.17 -23.54
N ARG F 341 20.08 -23.39 -23.42
CA ARG F 341 21.37 -23.63 -22.85
C ARG F 341 22.36 -23.47 -23.91
N LEU F 342 22.02 -23.90 -25.10
CA LEU F 342 23.00 -23.78 -26.17
C LEU F 342 23.37 -22.33 -26.44
N VAL F 343 22.38 -21.47 -26.62
CA VAL F 343 22.64 -20.07 -26.88
C VAL F 343 23.41 -19.43 -25.72
N PRO F 344 24.25 -18.39 -25.95
CA PRO F 344 25.09 -17.84 -24.88
C PRO F 344 24.26 -17.41 -23.66
N LYS F 345 23.51 -16.33 -23.78
CA LYS F 345 22.65 -15.89 -22.66
C LYS F 345 21.20 -16.13 -23.05
N GLY F 346 20.67 -17.31 -22.73
CA GLY F 346 19.29 -17.64 -23.05
C GLY F 346 18.42 -17.52 -21.80
N ILE F 347 17.18 -17.09 -22.01
CA ILE F 347 16.17 -17.02 -20.96
C ILE F 347 15.18 -18.15 -21.19
N TYR F 348 14.86 -18.89 -20.13
CA TYR F 348 13.73 -19.82 -20.11
C TYR F 348 12.75 -19.34 -19.05
N VAL F 349 11.49 -19.13 -19.46
CA VAL F 349 10.51 -18.52 -18.56
C VAL F 349 9.13 -19.09 -18.86
N SER F 350 8.32 -19.19 -17.83
CA SER F 350 6.93 -19.61 -17.98
C SER F 350 6.06 -18.42 -18.38
N GLY F 351 5.01 -18.70 -19.15
CA GLY F 351 4.10 -17.66 -19.56
C GLY F 351 3.19 -17.15 -18.46
N LYS F 352 2.93 -17.96 -17.45
CA LYS F 352 2.12 -17.49 -16.32
C LYS F 352 2.78 -16.28 -15.69
N SER F 353 1.98 -15.26 -15.39
CA SER F 353 2.49 -14.02 -14.82
C SER F 353 1.46 -13.48 -13.83
N VAL F 354 1.88 -12.49 -13.04
CA VAL F 354 0.98 -11.72 -12.18
C VAL F 354 0.96 -10.33 -12.78
N THR F 355 -0.08 -9.55 -12.46
CA THR F 355 -0.12 -8.20 -12.98
C THR F 355 1.11 -7.42 -12.50
N GLY F 356 1.84 -6.84 -13.45
CA GLY F 356 3.07 -6.14 -13.14
C GLY F 356 4.32 -7.00 -13.13
N GLY F 357 4.20 -8.28 -13.43
CA GLY F 357 5.34 -9.18 -13.45
C GLY F 357 5.41 -9.99 -14.72
N GLY F 358 5.08 -9.38 -15.87
CA GLY F 358 4.93 -10.09 -17.11
C GLY F 358 6.19 -10.13 -17.94
N LEU F 359 6.08 -10.79 -19.09
CA LEU F 359 7.21 -10.89 -20.02
C LEU F 359 7.50 -9.55 -20.69
N THR F 360 6.47 -8.72 -20.86
CA THR F 360 6.59 -7.42 -21.51
C THR F 360 6.62 -6.29 -20.49
N ALA F 361 6.99 -6.59 -19.25
CA ALA F 361 7.10 -5.56 -18.22
C ALA F 361 8.20 -4.56 -18.59
N VAL F 362 7.94 -3.29 -18.27
CA VAL F 362 8.86 -2.20 -18.55
C VAL F 362 8.83 -1.21 -17.39
N ALA F 363 9.89 -0.41 -17.29
CA ALA F 363 10.02 0.54 -16.20
C ALA F 363 8.95 1.64 -16.31
N GLU F 364 8.47 2.08 -15.15
CA GLU F 364 7.45 3.11 -15.06
C GLU F 364 7.98 4.22 -14.15
N ARG F 365 7.97 5.45 -14.66
CA ARG F 365 8.41 6.59 -13.87
C ARG F 365 7.67 6.66 -12.54
N ASP F 366 8.44 6.79 -11.46
CA ASP F 366 7.90 6.87 -10.11
C ASP F 366 8.91 7.59 -9.24
N ASP F 367 8.50 8.74 -8.72
CA ASP F 367 9.39 9.53 -7.87
C ASP F 367 9.69 8.81 -6.56
N PHE F 368 8.74 8.04 -6.04
CA PHE F 368 8.95 7.36 -4.77
C PHE F 368 9.99 6.26 -4.89
N SER F 369 10.18 5.70 -6.08
CA SER F 369 11.18 4.67 -6.29
C SER F 369 12.57 5.27 -6.37
N GLU F 370 13.57 4.43 -6.14
CA GLU F 370 14.97 4.86 -6.18
C GLU F 370 15.39 5.10 -7.63
N GLY F 371 15.81 6.34 -7.92
CA GLY F 371 16.23 6.69 -9.25
C GLY F 371 15.12 7.13 -10.18
N GLY F 372 13.91 7.35 -9.68
CA GLY F 372 12.85 7.87 -10.51
C GLY F 372 12.22 6.86 -11.46
N TRP F 373 12.40 5.57 -11.20
CA TRP F 373 11.91 4.53 -12.09
C TRP F 373 11.69 3.26 -11.27
N THR F 374 10.67 2.50 -11.63
CA THR F 374 10.38 1.25 -10.96
C THR F 374 11.32 0.16 -11.45
N LEU F 375 11.55 -0.84 -10.59
CA LEU F 375 12.37 -1.99 -10.95
C LEU F 375 11.47 -2.99 -11.67
N LYS F 376 11.30 -2.78 -12.97
CA LYS F 376 10.46 -3.65 -13.80
C LYS F 376 11.15 -3.87 -15.14
N ALA F 377 11.45 -5.12 -15.44
CA ALA F 377 12.05 -5.51 -16.72
C ALA F 377 11.82 -7.00 -16.90
N GLY F 378 11.08 -7.38 -17.94
CA GLY F 378 10.79 -8.76 -18.22
C GLY F 378 11.76 -9.38 -19.20
N ALA F 379 11.45 -10.62 -19.61
CA ALA F 379 12.35 -11.36 -20.49
C ALA F 379 12.53 -10.66 -21.82
N MET F 380 11.48 -10.03 -22.35
CA MET F 380 11.58 -9.38 -23.65
C MET F 380 12.56 -8.21 -23.61
N VAL F 381 12.50 -7.39 -22.55
CA VAL F 381 13.43 -6.28 -22.42
C VAL F 381 14.83 -6.78 -22.14
N LEU F 382 14.96 -7.91 -21.45
CA LEU F 382 16.25 -8.48 -21.10
C LEU F 382 16.77 -9.45 -22.16
N GLY F 383 16.12 -9.53 -23.32
CA GLY F 383 16.45 -10.55 -24.30
C GLY F 383 17.80 -10.35 -24.96
N ASN F 384 18.28 -9.10 -25.00
CA ASN F 384 19.53 -8.70 -25.66
C ASN F 384 19.84 -9.53 -26.90
N GLY F 385 18.84 -9.71 -27.77
CA GLY F 385 19.05 -10.41 -29.02
C GLY F 385 19.11 -11.92 -28.93
N GLY F 386 19.14 -12.46 -27.71
CA GLY F 386 19.14 -13.89 -27.54
C GLY F 386 17.77 -14.50 -27.73
N ILE F 387 17.71 -15.81 -27.54
CA ILE F 387 16.47 -16.56 -27.68
C ILE F 387 15.77 -16.59 -26.33
N VAL F 388 14.54 -16.10 -26.29
CA VAL F 388 13.72 -16.08 -25.09
C VAL F 388 12.69 -17.21 -25.23
N ALA F 389 12.91 -18.31 -24.53
CA ALA F 389 12.05 -19.49 -24.62
C ALA F 389 10.94 -19.37 -23.59
N ILE F 390 9.71 -19.23 -24.07
CA ILE F 390 8.55 -19.03 -23.23
C ILE F 390 7.74 -20.32 -23.27
N ASP F 391 7.82 -21.10 -22.20
CA ASP F 391 6.97 -22.27 -22.08
C ASP F 391 5.60 -21.84 -21.56
N GLN F 392 4.62 -22.73 -21.71
CA GLN F 392 3.25 -22.47 -21.27
C GLN F 392 2.75 -21.14 -21.85
N PHE F 393 2.93 -20.98 -23.16
CA PHE F 393 2.46 -19.79 -23.86
C PHE F 393 0.94 -19.69 -23.88
N ASP F 394 0.23 -20.80 -23.59
CA ASP F 394 -1.22 -20.75 -23.49
C ASP F 394 -1.69 -20.02 -22.23
N LYS F 395 -0.81 -19.81 -21.26
CA LYS F 395 -1.16 -19.17 -20.01
C LYS F 395 -0.76 -17.70 -19.97
N ILE F 396 -0.53 -17.09 -21.14
CA ILE F 396 -0.08 -15.71 -21.19
C ILE F 396 -1.20 -14.78 -20.71
N SER F 397 -0.86 -13.84 -19.83
CA SER F 397 -1.84 -12.90 -19.33
C SER F 397 -2.32 -11.99 -20.46
N GLU F 398 -3.54 -11.46 -20.29
CA GLU F 398 -4.09 -10.58 -21.31
C GLU F 398 -3.18 -9.39 -21.57
N GLU F 399 -2.64 -8.79 -20.50
CA GLU F 399 -1.69 -7.69 -20.66
C GLU F 399 -0.49 -8.10 -21.52
N ASP F 400 0.11 -9.25 -21.20
CA ASP F 400 1.21 -9.74 -22.01
C ASP F 400 0.76 -10.09 -23.41
N THR F 401 -0.41 -10.70 -23.55
CA THR F 401 -0.92 -11.00 -24.90
C THR F 401 -0.91 -9.76 -25.75
N ALA F 402 -1.43 -8.65 -25.22
CA ALA F 402 -1.52 -7.42 -25.99
C ALA F 402 -0.13 -6.87 -26.32
N ALA F 403 0.76 -6.78 -25.32
CA ALA F 403 2.07 -6.18 -25.58
C ALA F 403 2.93 -7.02 -26.50
N LEU F 404 2.72 -8.34 -26.52
CA LEU F 404 3.56 -9.22 -27.34
C LEU F 404 3.31 -9.04 -28.83
N HIS F 405 2.15 -8.54 -29.23
CA HIS F 405 1.95 -8.24 -30.64
C HIS F 405 3.04 -7.29 -31.13
N GLU F 406 3.18 -6.14 -30.46
CA GLU F 406 4.19 -5.15 -30.84
C GLU F 406 5.60 -5.64 -30.55
N ALA F 407 5.80 -6.41 -29.47
CA ALA F 407 7.14 -6.88 -29.17
C ALA F 407 7.64 -7.88 -30.21
N LEU F 408 6.76 -8.75 -30.71
CA LEU F 408 7.17 -9.71 -31.72
C LEU F 408 7.34 -9.05 -33.09
N GLU F 409 6.43 -8.14 -33.46
CA GLU F 409 6.54 -7.54 -34.78
C GLU F 409 7.63 -6.47 -34.82
N SER F 410 7.49 -5.42 -34.01
CA SER F 410 8.39 -4.28 -34.08
C SER F 410 9.61 -4.41 -33.18
N GLN F 411 9.69 -5.45 -32.34
CA GLN F 411 10.80 -5.62 -31.40
C GLN F 411 10.96 -4.35 -30.55
N THR F 412 9.82 -3.83 -30.11
CA THR F 412 9.76 -2.69 -29.20
C THR F 412 8.52 -2.81 -28.35
N ILE F 413 8.58 -2.23 -27.15
CA ILE F 413 7.41 -2.08 -26.27
C ILE F 413 7.23 -0.58 -26.01
N SER F 414 6.22 0.02 -26.64
CA SER F 414 6.00 1.45 -26.53
C SER F 414 5.03 1.75 -25.39
N VAL F 415 5.24 2.90 -24.74
CA VAL F 415 4.44 3.28 -23.59
C VAL F 415 4.26 4.79 -23.59
N ALA F 416 3.10 5.23 -23.08
CA ALA F 416 2.84 6.64 -22.77
C ALA F 416 2.22 6.67 -21.37
N LYS F 417 3.10 6.71 -20.36
CA LYS F 417 2.66 6.61 -18.97
C LYS F 417 3.50 7.55 -18.11
N ALA F 418 2.88 8.12 -17.08
CA ALA F 418 3.56 8.99 -16.13
C ALA F 418 4.23 10.18 -16.83
N GLY F 419 3.63 10.64 -17.90
CA GLY F 419 4.15 11.80 -18.59
C GLY F 419 5.30 11.48 -19.49
N ILE F 420 5.67 10.22 -19.53
CA ILE F 420 6.77 9.83 -20.38
C ILE F 420 6.29 8.97 -21.50
N ILE F 421 6.70 9.32 -22.71
CA ILE F 421 6.34 8.55 -23.86
C ILE F 421 7.62 8.00 -24.42
N ALA F 422 7.77 6.68 -24.44
CA ALA F 422 8.99 6.11 -24.95
C ALA F 422 8.82 4.70 -25.46
N THR F 423 9.78 4.25 -26.24
CA THR F 423 9.72 2.92 -26.79
C THR F 423 10.89 2.08 -26.35
N PHE F 424 10.64 1.16 -25.46
CA PHE F 424 11.65 0.23 -24.96
C PHE F 424 12.05 -0.74 -26.06
N ASN F 425 13.29 -1.23 -25.99
CA ASN F 425 13.81 -2.18 -26.96
C ASN F 425 13.61 -3.60 -26.46
N ALA F 426 13.01 -4.45 -27.29
CA ALA F 426 12.66 -5.81 -26.93
C ALA F 426 13.10 -6.79 -28.00
N LYS F 427 14.34 -6.65 -28.48
CA LYS F 427 14.85 -7.54 -29.50
C LYS F 427 15.08 -8.93 -28.93
N ALA F 428 14.44 -9.93 -29.52
CA ALA F 428 14.57 -11.30 -29.06
C ALA F 428 13.95 -12.25 -30.07
N SER F 429 14.46 -13.48 -30.10
CA SER F 429 13.95 -14.56 -30.93
C SER F 429 13.20 -15.52 -30.02
N VAL F 430 11.88 -15.42 -29.99
CA VAL F 430 11.07 -16.22 -29.09
C VAL F 430 10.95 -17.64 -29.65
N LEU F 431 11.03 -18.63 -28.76
CA LEU F 431 10.77 -20.03 -29.07
C LEU F 431 9.73 -20.51 -28.06
N ALA F 432 8.46 -20.30 -28.38
CA ALA F 432 7.36 -20.57 -27.45
C ALA F 432 6.86 -22.01 -27.61
N ALA F 433 6.23 -22.50 -26.53
CA ALA F 433 5.68 -23.84 -26.49
C ALA F 433 4.40 -23.81 -25.67
N ALA F 434 3.35 -24.45 -26.20
CA ALA F 434 2.04 -24.44 -25.54
C ALA F 434 1.41 -25.81 -25.62
N ASN F 435 0.56 -26.07 -24.64
CA ASN F 435 -0.24 -27.26 -24.57
C ASN F 435 -1.61 -26.88 -25.10
N PRO F 436 -2.36 -27.82 -25.63
CA PRO F 436 -3.69 -27.57 -26.18
C PRO F 436 -4.73 -27.34 -25.11
N LYS F 437 -5.87 -26.78 -25.49
CA LYS F 437 -6.90 -26.52 -24.51
C LYS F 437 -7.54 -27.81 -24.12
N PHE F 438 -8.05 -27.85 -22.90
CA PHE F 438 -8.67 -29.05 -22.35
C PHE F 438 -7.74 -30.24 -22.50
N GLY F 439 -6.51 -30.08 -22.05
CA GLY F 439 -5.51 -31.13 -22.11
C GLY F 439 -5.04 -31.59 -23.47
N ARG F 440 -5.17 -32.89 -23.71
CA ARG F 440 -4.73 -33.51 -24.94
C ARG F 440 -5.36 -32.99 -26.20
N PHE F 441 -4.54 -32.88 -27.26
CA PHE F 441 -5.04 -32.42 -28.57
C PHE F 441 -6.45 -32.97 -28.81
N LYS F 445 -9.43 -32.38 -35.27
CA LYS F 445 -10.09 -31.23 -35.96
C LYS F 445 -9.07 -30.12 -36.18
N TYR F 446 -9.53 -28.93 -36.52
CA TYR F 446 -8.62 -27.78 -36.80
C TYR F 446 -7.69 -27.54 -35.62
N PRO F 447 -6.37 -27.75 -35.80
CA PRO F 447 -5.41 -27.54 -34.73
C PRO F 447 -5.48 -26.11 -34.16
N ALA F 448 -5.63 -25.10 -35.02
CA ALA F 448 -5.62 -23.74 -34.51
C ALA F 448 -6.66 -23.49 -33.42
N GLU F 449 -7.85 -24.11 -33.52
CA GLU F 449 -8.90 -23.82 -32.52
C GLU F 449 -8.58 -24.54 -31.20
N GLN F 450 -7.79 -25.61 -31.25
CA GLN F 450 -7.43 -26.38 -30.10
C GLN F 450 -6.63 -25.68 -29.01
N PHE F 451 -5.93 -24.62 -29.34
CA PHE F 451 -5.17 -23.91 -28.32
C PHE F 451 -5.61 -22.48 -28.09
N ASP F 452 -5.56 -22.07 -26.84
CA ASP F 452 -6.00 -20.76 -26.38
C ASP F 452 -5.05 -19.62 -26.61
N ILE F 453 -4.76 -19.32 -27.88
CA ILE F 453 -3.89 -18.23 -28.28
C ILE F 453 -4.64 -17.39 -29.31
N SER F 454 -4.57 -16.07 -29.15
CA SER F 454 -5.30 -15.19 -30.05
C SER F 454 -4.82 -15.42 -31.48
N PRO F 455 -5.73 -15.33 -32.44
CA PRO F 455 -5.33 -15.43 -33.83
C PRO F 455 -4.38 -14.38 -34.18
N THR F 456 -4.59 -13.23 -33.62
CA THR F 456 -3.76 -12.14 -33.91
C THR F 456 -2.36 -12.34 -33.44
N LEU F 457 -2.18 -12.92 -32.29
CA LEU F 457 -0.82 -13.13 -31.77
C LEU F 457 -0.09 -14.24 -32.52
N LEU F 458 -0.85 -15.26 -32.92
CA LEU F 458 -0.38 -16.33 -33.79
C LEU F 458 0.14 -15.82 -35.13
N SER F 459 -0.44 -14.74 -35.64
CA SER F 459 0.07 -14.17 -36.88
C SER F 459 1.52 -13.71 -36.77
N ARG F 460 2.02 -13.47 -35.55
CA ARG F 460 3.35 -12.91 -35.39
C ARG F 460 4.45 -13.98 -35.43
N PHE F 461 4.11 -15.25 -35.25
CA PHE F 461 5.10 -16.33 -35.34
C PHE F 461 5.37 -16.68 -36.80
N ASP F 462 6.58 -17.09 -37.12
CA ASP F 462 6.89 -17.48 -38.45
C ASP F 462 6.66 -18.93 -38.65
N LEU F 463 6.71 -19.73 -37.59
CA LEU F 463 6.52 -21.16 -37.73
C LEU F 463 5.74 -21.75 -36.55
N ILE F 464 4.71 -22.55 -36.84
CA ILE F 464 3.91 -23.17 -35.79
C ILE F 464 3.99 -24.67 -36.04
N PHE F 465 4.71 -25.42 -35.20
CA PHE F 465 4.86 -26.86 -35.40
C PHE F 465 3.99 -27.69 -34.48
N PRO F 466 2.87 -28.21 -34.98
CA PRO F 466 2.08 -29.05 -34.08
C PRO F 466 2.79 -30.36 -33.91
N ILE F 467 2.69 -30.96 -32.73
CA ILE F 467 3.35 -32.22 -32.52
C ILE F 467 2.30 -33.28 -32.23
N ARG F 468 2.32 -34.40 -32.96
CA ARG F 468 1.34 -35.41 -32.71
C ARG F 468 1.96 -36.73 -32.48
N ASP F 469 1.22 -37.61 -31.83
CA ASP F 469 1.66 -38.95 -31.56
C ASP F 469 1.07 -39.79 -32.66
N ILE F 470 1.91 -40.48 -33.42
CA ILE F 470 1.44 -41.30 -34.51
C ILE F 470 1.39 -42.76 -34.10
N MET F 471 1.69 -42.97 -32.83
CA MET F 471 1.62 -44.27 -32.19
C MET F 471 2.22 -45.44 -32.95
N ASP F 472 3.08 -45.17 -33.90
CA ASP F 472 3.74 -46.27 -34.58
C ASP F 472 4.54 -47.09 -33.58
N THR F 473 4.32 -48.39 -33.53
CA THR F 473 5.04 -49.19 -32.59
C THR F 473 6.52 -49.12 -32.83
N GLU F 474 6.92 -49.22 -34.06
CA GLU F 474 8.35 -49.17 -34.35
C GLU F 474 8.96 -47.84 -33.94
N LEU F 475 8.18 -46.79 -33.99
CA LEU F 475 8.67 -45.49 -33.58
C LEU F 475 8.83 -45.56 -32.11
N ASP F 476 7.92 -46.24 -31.44
CA ASP F 476 8.05 -46.37 -30.03
C ASP F 476 9.28 -47.16 -29.74
N LYS F 477 9.49 -48.23 -30.47
CA LYS F 477 10.67 -49.02 -30.27
C LYS F 477 11.89 -48.20 -30.45
N SER F 478 11.95 -47.44 -31.51
CA SER F 478 13.11 -46.66 -31.79
C SER F 478 13.37 -45.66 -30.69
N ILE F 479 12.35 -44.99 -30.23
CA ILE F 479 12.53 -44.01 -29.20
C ILE F 479 13.00 -44.62 -27.93
N ALA F 480 12.43 -45.73 -27.58
CA ALA F 480 12.76 -46.40 -26.38
C ALA F 480 14.21 -46.72 -26.32
N ASN F 481 14.73 -47.28 -27.39
CA ASN F 481 16.14 -47.59 -27.47
C ASN F 481 16.95 -46.35 -27.26
N TYR F 482 16.59 -45.29 -27.94
CA TYR F 482 17.26 -44.04 -27.81
C TYR F 482 17.32 -43.55 -26.43
N ILE F 483 16.25 -43.63 -25.68
CA ILE F 483 16.33 -43.09 -24.36
C ILE F 483 17.13 -43.98 -23.51
N LEU F 484 16.87 -45.27 -23.57
CA LEU F 484 17.58 -46.17 -22.71
C LEU F 484 19.06 -46.10 -22.89
N ASN F 485 19.51 -46.00 -24.11
CA ASN F 485 20.92 -45.88 -24.37
C ASN F 485 21.46 -44.64 -23.69
N GLN F 486 20.76 -43.52 -23.74
CA GLN F 486 21.25 -42.31 -23.10
C GLN F 486 21.47 -42.46 -21.65
N HIS F 487 20.52 -42.99 -20.95
CA HIS F 487 20.66 -43.11 -19.54
C HIS F 487 21.75 -44.04 -19.20
N GLU F 488 21.75 -45.20 -19.86
CA GLU F 488 22.74 -46.23 -19.64
C GLU F 488 24.10 -45.62 -19.68
N ALA F 489 24.33 -44.84 -20.68
CA ALA F 489 25.63 -44.22 -20.86
C ALA F 489 25.96 -43.28 -19.70
N ALA F 490 24.99 -42.45 -19.30
CA ALA F 490 25.24 -41.54 -18.19
C ALA F 490 25.57 -42.31 -16.91
N GLY F 491 24.82 -43.38 -16.64
CA GLY F 491 25.10 -44.17 -15.45
C GLY F 491 26.46 -44.82 -15.48
N ALA F 492 26.86 -45.34 -16.65
CA ALA F 492 28.20 -45.89 -16.80
C ALA F 492 29.26 -44.83 -16.57
N ALA F 493 28.99 -43.59 -17.00
CA ALA F 493 29.94 -42.51 -16.81
C ALA F 493 30.09 -42.16 -15.33
N ILE F 494 29.05 -42.35 -14.55
CA ILE F 494 29.20 -42.02 -13.16
C ILE F 494 30.18 -42.97 -12.52
N ALA F 495 30.29 -44.16 -13.07
CA ALA F 495 31.22 -45.13 -12.53
C ALA F 495 32.53 -45.26 -13.30
N ASP F 496 32.68 -44.47 -14.37
CA ASP F 496 33.85 -44.47 -15.24
C ASP F 496 34.18 -45.78 -15.95
N VAL F 497 33.15 -46.53 -16.30
CA VAL F 497 33.31 -47.77 -17.03
C VAL F 497 32.44 -47.54 -18.24
N GLU F 498 32.92 -47.82 -19.44
CA GLU F 498 32.10 -47.52 -20.60
C GLU F 498 31.64 -48.66 -21.47
N SER F 499 30.33 -48.72 -21.68
CA SER F 499 29.74 -49.72 -22.58
C SER F 499 28.80 -49.00 -23.52
N SER F 500 28.89 -49.22 -24.82
CA SER F 500 27.98 -48.53 -25.71
C SER F 500 26.92 -49.44 -26.28
N GLU F 505 28.35 -37.68 -28.69
CA GLU F 505 29.43 -37.14 -29.49
C GLU F 505 28.83 -36.19 -30.50
N PRO F 506 28.69 -34.93 -30.15
CA PRO F 506 28.03 -33.97 -31.02
C PRO F 506 28.77 -33.76 -32.28
N PRO F 507 28.11 -33.63 -33.42
CA PRO F 507 28.87 -33.44 -34.64
C PRO F 507 29.73 -32.23 -34.61
N ILE F 508 29.34 -31.23 -33.86
CA ILE F 508 30.16 -30.05 -33.78
C ILE F 508 30.37 -29.74 -32.34
N GLU F 509 31.55 -29.35 -31.93
CA GLU F 509 31.80 -29.04 -30.53
C GLU F 509 31.00 -27.80 -30.12
N HIS F 510 30.60 -27.76 -28.85
CA HIS F 510 29.72 -26.68 -28.39
C HIS F 510 30.38 -25.31 -28.54
N SER F 511 31.62 -25.18 -28.07
CA SER F 511 32.32 -23.90 -28.16
C SER F 511 32.46 -23.48 -29.64
N LEU F 512 32.87 -24.42 -30.49
CA LEU F 512 33.03 -24.11 -31.90
C LEU F 512 31.71 -23.67 -32.51
N LEU F 513 30.60 -24.34 -32.17
CA LEU F 513 29.31 -23.96 -32.71
C LEU F 513 28.95 -22.54 -32.30
N LYS F 514 29.16 -22.20 -31.02
CA LYS F 514 28.88 -20.85 -30.56
C LYS F 514 29.65 -19.83 -31.38
N LYS F 515 30.95 -20.07 -31.57
CA LYS F 515 31.75 -19.10 -32.31
C LYS F 515 31.41 -19.07 -33.79
N TYR F 516 30.98 -20.18 -34.34
CA TYR F 516 30.64 -20.22 -35.73
C TYR F 516 29.44 -19.33 -35.92
N ILE F 517 28.42 -19.55 -35.11
CA ILE F 517 27.22 -18.73 -35.21
C ILE F 517 27.58 -17.25 -35.00
N ALA F 518 28.41 -16.96 -34.01
CA ALA F 518 28.77 -15.56 -33.75
C ALA F 518 29.47 -14.93 -34.95
N TYR F 519 30.40 -15.67 -35.55
CA TYR F 519 31.06 -15.20 -36.76
C TYR F 519 30.05 -14.90 -37.86
N ALA F 520 29.18 -15.88 -38.15
CA ALA F 520 28.21 -15.68 -39.22
C ALA F 520 27.33 -14.46 -38.97
N LYS F 521 26.99 -14.21 -37.70
CA LYS F 521 26.16 -13.05 -37.38
C LYS F 521 26.92 -11.74 -37.57
N ARG F 522 28.21 -11.71 -37.23
CA ARG F 522 28.94 -10.45 -37.44
C ARG F 522 29.12 -10.14 -38.91
N TYR F 523 29.63 -11.10 -39.67
CA TYR F 523 30.23 -10.81 -40.96
C TYR F 523 29.33 -11.15 -42.15
N VAL F 524 28.66 -12.29 -42.11
CA VAL F 524 27.78 -12.66 -43.22
C VAL F 524 26.50 -11.83 -43.16
N MET F 525 26.14 -11.20 -44.26
CA MET F 525 24.92 -10.39 -44.36
C MET F 525 24.28 -10.72 -45.69
N PRO F 526 23.46 -11.75 -45.71
CA PRO F 526 22.87 -12.23 -46.94
C PRO F 526 22.02 -11.23 -47.69
N ARG F 527 22.19 -11.23 -49.00
CA ARG F 527 21.47 -10.37 -49.92
C ARG F 527 20.75 -11.30 -50.84
N LEU F 528 19.48 -11.07 -51.07
CA LEU F 528 18.73 -11.94 -51.94
C LEU F 528 19.14 -11.86 -53.40
N SER F 529 19.26 -13.01 -54.03
CA SER F 529 19.60 -13.06 -55.42
C SER F 529 18.30 -13.09 -56.18
N GLU F 530 18.31 -12.59 -57.41
CA GLU F 530 17.09 -12.67 -58.19
C GLU F 530 16.61 -14.12 -58.35
N GLU F 531 17.51 -15.10 -58.37
CA GLU F 531 17.09 -16.47 -58.59
C GLU F 531 16.24 -16.92 -57.45
N ALA F 532 16.76 -16.75 -56.26
CA ALA F 532 16.06 -17.11 -55.05
C ALA F 532 14.85 -16.25 -54.86
N SER F 533 14.99 -14.98 -55.18
CA SER F 533 13.89 -14.07 -54.99
C SER F 533 12.69 -14.46 -55.79
N ASN F 534 12.89 -14.85 -57.03
CA ASN F 534 11.76 -15.23 -57.84
C ASN F 534 11.03 -16.42 -57.29
N ARG F 535 11.76 -17.41 -56.81
CA ARG F 535 11.13 -18.61 -56.33
C ARG F 535 10.21 -18.30 -55.18
N ILE F 536 10.65 -17.48 -54.25
CA ILE F 536 9.78 -17.08 -53.17
C ILE F 536 8.65 -16.26 -53.71
N LYS F 537 9.00 -15.36 -54.62
CA LYS F 537 8.03 -14.47 -55.18
C LYS F 537 6.97 -15.24 -55.87
N GLU F 538 7.30 -16.27 -56.63
CA GLU F 538 6.23 -17.02 -57.21
C GLU F 538 5.46 -17.74 -56.13
N TYR F 539 6.19 -18.45 -55.29
CA TYR F 539 5.65 -19.33 -54.25
C TYR F 539 4.43 -18.92 -53.53
N TYR F 540 4.44 -17.66 -53.18
CA TYR F 540 3.38 -17.02 -52.46
C TYR F 540 2.06 -17.07 -53.19
N VAL F 541 2.08 -16.66 -54.45
CA VAL F 541 0.89 -16.62 -55.25
C VAL F 541 0.24 -17.97 -55.37
N ASP F 542 1.03 -18.98 -55.73
CA ASP F 542 0.49 -20.34 -55.86
C ASP F 542 -0.03 -20.81 -54.55
N LEU F 543 0.69 -20.52 -53.47
CA LEU F 543 0.24 -20.86 -52.16
C LEU F 543 -1.07 -20.13 -51.89
N ARG F 544 -1.20 -18.87 -52.27
CA ARG F 544 -2.40 -18.14 -52.02
C ARG F 544 -3.64 -18.77 -52.66
N ARG F 545 -3.53 -19.35 -53.85
CA ARG F 545 -4.70 -19.96 -54.45
C ARG F 545 -5.18 -21.07 -53.56
N ALA F 546 -6.50 -21.14 -53.38
CA ALA F 546 -7.15 -22.13 -52.54
C ALA F 546 -6.48 -22.20 -51.17
N PRO F 554 -5.76 -18.92 -43.46
CA PRO F 554 -5.36 -17.55 -43.16
C PRO F 554 -3.94 -17.28 -43.65
N ILE F 555 -3.79 -16.81 -44.89
CA ILE F 555 -2.48 -16.57 -45.50
C ILE F 555 -2.29 -15.12 -45.82
N THR F 556 -1.29 -14.46 -45.28
CA THR F 556 -1.15 -13.06 -45.52
C THR F 556 0.14 -12.72 -46.14
N PRO F 557 0.38 -11.46 -46.43
CA PRO F 557 1.66 -11.12 -47.00
C PRO F 557 2.81 -11.40 -46.12
N ARG F 558 2.65 -11.45 -44.79
CA ARG F 558 3.73 -11.63 -43.87
C ARG F 558 4.42 -12.94 -44.12
N GLN F 559 3.71 -13.92 -44.69
CA GLN F 559 4.45 -15.13 -44.98
C GLN F 559 5.66 -14.89 -45.84
N ILE F 560 5.60 -13.97 -46.81
CA ILE F 560 6.75 -13.70 -47.63
C ILE F 560 7.91 -13.23 -46.79
N GLU F 561 7.64 -12.36 -45.82
CA GLU F 561 8.66 -11.85 -44.95
C GLU F 561 9.29 -12.96 -44.18
N GLY F 562 8.49 -13.90 -43.70
CA GLY F 562 9.04 -15.04 -43.01
C GLY F 562 9.90 -15.85 -43.93
N LEU F 563 9.48 -15.96 -45.16
CA LEU F 563 10.23 -16.73 -46.12
C LEU F 563 11.58 -16.11 -46.31
N ILE F 564 11.60 -14.80 -46.48
CA ILE F 564 12.84 -14.13 -46.71
C ILE F 564 13.78 -14.30 -45.56
N ARG F 565 13.27 -14.19 -44.36
CA ARG F 565 14.07 -14.34 -43.20
C ARG F 565 14.66 -15.70 -43.19
N MET F 566 13.81 -16.71 -43.33
CA MET F 566 14.34 -18.07 -43.22
C MET F 566 15.39 -18.35 -44.30
N ALA F 567 15.12 -17.95 -45.54
CA ALA F 567 16.08 -18.19 -46.61
C ALA F 567 17.37 -17.43 -46.38
N GLU F 568 17.27 -16.17 -45.96
CA GLU F 568 18.48 -15.43 -45.60
C GLU F 568 19.26 -16.16 -44.52
N ALA F 569 18.54 -16.73 -43.54
CA ALA F 569 19.21 -17.49 -42.50
C ALA F 569 19.89 -18.74 -43.05
N SER F 570 19.31 -19.36 -44.08
CA SER F 570 19.99 -20.52 -44.67
C SER F 570 21.24 -20.10 -45.43
N ALA F 571 21.26 -18.87 -45.96
CA ALA F 571 22.48 -18.34 -46.54
C ALA F 571 23.53 -18.10 -45.46
N LYS F 572 23.14 -17.44 -44.37
CA LYS F 572 24.04 -17.21 -43.23
C LYS F 572 24.49 -18.51 -42.57
N SER F 573 23.72 -19.55 -42.70
CA SER F 573 24.10 -20.78 -42.07
C SER F 573 25.29 -21.37 -42.76
N GLN F 574 25.52 -20.98 -43.99
CA GLN F 574 26.63 -21.52 -44.72
C GLN F 574 27.68 -20.49 -45.05
N LEU F 575 27.65 -19.40 -44.33
CA LEU F 575 28.62 -18.31 -44.47
C LEU F 575 28.68 -17.79 -45.91
N ARG F 576 27.52 -17.68 -46.54
CA ARG F 576 27.39 -17.25 -47.92
C ARG F 576 26.68 -15.91 -47.97
N ASP F 577 27.22 -14.98 -48.77
CA ASP F 577 26.67 -13.64 -48.90
C ASP F 577 25.48 -13.51 -49.78
N VAL F 578 25.14 -14.57 -50.49
CA VAL F 578 24.01 -14.51 -51.39
C VAL F 578 23.04 -15.60 -51.09
N VAL F 579 21.77 -15.29 -51.24
CA VAL F 579 20.74 -16.26 -50.99
C VAL F 579 20.46 -16.99 -52.26
N SER F 580 20.73 -18.28 -52.24
CA SER F 580 20.50 -19.12 -53.40
C SER F 580 19.05 -19.61 -53.43
N VAL F 581 18.67 -20.19 -54.55
CA VAL F 581 17.34 -20.70 -54.63
C VAL F 581 17.26 -21.86 -53.69
N LYS F 582 18.38 -22.53 -53.51
CA LYS F 582 18.43 -23.67 -52.60
C LYS F 582 17.95 -23.29 -51.22
N ASP F 583 18.43 -22.16 -50.71
CA ASP F 583 17.97 -21.61 -49.45
C ASP F 583 16.47 -21.34 -49.48
N ALA F 584 16.01 -20.81 -50.59
CA ALA F 584 14.62 -20.50 -50.68
C ALA F 584 13.82 -21.74 -50.61
N ASN F 585 14.38 -22.79 -51.16
CA ASN F 585 13.63 -24.02 -51.13
C ASN F 585 13.52 -24.51 -49.73
N LEU F 586 14.59 -24.41 -48.97
CA LEU F 586 14.54 -24.86 -47.58
C LEU F 586 13.50 -24.06 -46.78
N ALA F 587 13.43 -22.75 -47.01
CA ALA F 587 12.36 -21.97 -46.38
C ALA F 587 11.00 -22.49 -46.80
N ILE F 588 10.88 -22.85 -48.05
CA ILE F 588 9.62 -23.34 -48.49
C ILE F 588 9.32 -24.67 -47.85
N SER F 589 10.30 -25.49 -47.68
CA SER F 589 10.02 -26.79 -47.15
C SER F 589 9.55 -26.73 -45.75
N LEU F 590 10.12 -25.83 -44.97
CA LEU F 590 9.68 -25.69 -43.61
C LEU F 590 8.31 -25.18 -43.60
N SER F 591 8.03 -24.21 -44.45
CA SER F 591 6.74 -23.67 -44.56
C SER F 591 5.76 -24.70 -44.99
N GLU F 592 6.13 -25.54 -45.93
CA GLU F 592 5.28 -26.59 -46.37
C GLU F 592 4.95 -27.52 -45.25
N TYR F 593 5.96 -27.89 -44.48
CA TYR F 593 5.74 -28.78 -43.35
C TYR F 593 4.73 -28.18 -42.37
N MET F 594 4.81 -26.88 -42.10
CA MET F 594 3.90 -26.30 -41.19
C MET F 594 2.49 -26.41 -41.69
N LEU F 595 2.27 -26.13 -42.94
CA LEU F 595 0.95 -26.20 -43.47
C LEU F 595 0.43 -27.54 -43.50
N LYS F 596 1.27 -28.49 -43.86
CA LYS F 596 0.81 -29.85 -43.94
C LYS F 596 0.43 -30.30 -42.60
N THR F 597 1.28 -30.01 -41.65
CA THR F 597 0.98 -30.34 -40.35
C THR F 597 -0.17 -29.59 -39.82
N LEU F 598 -0.36 -28.34 -40.12
CA LEU F 598 -1.48 -27.69 -39.54
C LEU F 598 -2.83 -27.94 -40.13
N ALA F 599 -2.93 -28.56 -41.31
CA ALA F 599 -4.18 -28.67 -42.07
C ALA F 599 -5.28 -29.34 -41.26
N VAL F 600 -5.16 -30.66 -41.06
CA VAL F 600 -6.15 -31.41 -40.24
C VAL F 600 -5.62 -32.84 -40.03
PB ADP G . -8.56 -37.87 5.39
O1B ADP G . -9.90 -37.66 4.92
O2B ADP G . -8.29 -38.98 4.51
O3B ADP G . -7.72 -36.73 5.11
PA ADP G . -7.08 -38.97 7.17
O1A ADP G . -6.20 -38.95 5.94
O2A ADP G . -6.60 -38.37 8.46
O3A ADP G . -8.45 -38.28 6.84
O5' ADP G . -7.74 -40.42 7.35
C5' ADP G . -7.41 -41.21 8.48
C4' ADP G . -8.63 -41.94 8.97
O4' ADP G . -8.70 -43.28 8.54
C3' ADP G . -8.41 -42.03 10.43
O3' ADP G . -9.70 -42.00 10.93
C2' ADP G . -7.76 -43.39 10.62
O2' ADP G . -7.96 -43.97 11.90
C1' ADP G . -8.44 -44.20 9.58
N9 ADP G . -7.60 -45.36 9.18
C8 ADP G . -6.73 -46.13 9.87
N7 ADP G . -6.25 -47.11 9.10
C5 ADP G . -6.83 -46.99 7.90
C6 ADP G . -6.83 -47.61 6.58
N6 ADP G . -6.13 -48.66 6.28
N1 ADP G . -7.60 -47.14 5.64
C2 ADP G . -8.37 -46.09 5.80
N3 ADP G . -8.42 -45.46 6.95
C4 ADP G . -7.69 -45.85 7.99
H5'1 ADP G . -6.63 -41.94 8.21
H5'2 ADP G . -6.99 -40.52 9.27
H4' ADP G . -9.58 -41.37 8.75
H3' ADP G . -7.84 -41.27 10.83
H2' ADP G . -6.70 -43.33 10.40
HO2' ADP G . -7.31 -43.62 12.53
H1' ADP G . -9.39 -44.57 9.99
H8 ADP G . -6.45 -45.97 10.92
HN61 ADP G . -6.17 -49.05 5.32
HN62 ADP G . -5.53 -49.07 6.94
H2 ADP G . -8.97 -45.74 4.99
P PO4 H . 12.58 2.99 24.74
O1 PO4 H . 13.64 3.58 23.99
O2 PO4 H . 12.79 3.04 26.18
O3 PO4 H . 11.36 3.71 24.47
O4 PO4 H . 12.50 1.63 24.27
ZN ZN I . 52.85 7.49 24.11
PB ADP J . -30.77 -18.36 14.12
O1B ADP J . -29.41 -18.97 14.23
O2B ADP J . -31.85 -19.33 13.96
O3B ADP J . -30.86 -17.25 13.16
PA ADP J . -30.99 -18.74 16.73
O1A ADP J . -30.73 -20.07 16.10
O2A ADP J . -30.04 -18.28 17.77
O3A ADP J . -31.04 -17.71 15.53
O5' ADP J . -32.44 -18.60 17.41
C5' ADP J . -32.51 -18.11 18.75
C4' ADP J . -33.91 -17.63 19.15
O4' ADP J . -34.86 -18.70 19.03
C3' ADP J . -33.96 -17.20 20.60
O3' ADP J . -34.73 -16.00 20.70
C2' ADP J . -34.68 -18.31 21.31
O2' ADP J . -35.49 -17.86 22.39
C1' ADP J . -35.58 -18.88 20.23
N9 ADP J . -35.82 -20.31 20.54
C8 ADP J . -36.04 -21.28 19.66
N7 ADP J . -36.22 -22.47 20.27
C5 ADP J . -36.13 -22.25 21.57
C6 ADP J . -36.22 -23.07 22.78
N6 ADP J . -36.46 -24.38 22.68
N1 ADP J . -36.05 -22.47 23.96
C2 ADP J . -35.80 -21.16 24.05
N3 ADP J . -35.71 -20.35 22.98
C4 ADP J . -35.86 -20.82 21.75
H5'1 ADP J . -32.15 -18.81 19.51
H5'2 ADP J . -31.85 -17.20 18.80
H4' ADP J . -34.23 -16.78 18.50
H3' ADP J . -33.00 -17.07 20.98
H2' ADP J . -33.97 -19.05 21.64
HO2' ADP J . -34.92 -17.44 23.05
H1' ADP J . -36.53 -18.33 20.21
H8 ADP J . -36.07 -21.15 18.57
HN61 ADP J . -35.78 -25.05 23.06
HN62 ADP J . -37.29 -24.70 22.25
H2 ADP J . -35.68 -20.72 25.01
P PO4 K . 4.06 16.77 21.75
O1 PO4 K . 5.44 17.26 21.93
O2 PO4 K . 3.99 15.33 22.09
O3 PO4 K . 3.13 17.56 22.59
O4 PO4 K . 3.70 16.89 20.32
ZN ZN L . 36.64 8.10 44.44
PB ADP M . -38.19 6.48 -2.04
O1B ADP M . -39.39 5.96 -1.29
O2B ADP M . -36.86 5.91 -1.59
O3B ADP M . -38.38 6.50 -3.54
PA ADP M . -39.15 8.76 -0.70
O1A ADP M . -38.58 10.08 -0.24
O2A ADP M . -39.68 7.79 0.33
O3A ADP M . -38.08 8.04 -1.66
O5' ADP M . -40.35 9.13 -1.72
C5' ADP M . -41.65 9.43 -1.21
C4' ADP M . -41.96 10.83 -1.74
O4' ADP M . -43.34 10.83 -2.14
C3' ADP M . -41.82 12.03 -0.81
O3' ADP M . -41.62 13.22 -1.60
C2' ADP M . -43.16 12.14 -0.10
O2' ADP M . -43.54 13.47 0.27
C1' ADP M . -44.13 11.55 -1.16
N9 ADP M . -45.15 10.65 -0.58
C8 ADP M . -45.41 9.38 -0.95
N7 ADP M . -46.42 8.86 -0.20
C5 ADP M . -46.82 9.83 0.65
C6 ADP M . -47.85 9.96 1.70
N6 ADP M . -48.66 8.92 1.99
N1 ADP M . -47.96 11.14 2.34
C2 ADP M . -47.16 12.19 2.06
N3 ADP M . -46.20 12.14 1.11
C4 ADP M . -46.00 11.01 0.38
H5'1 ADP M . -41.62 9.47 -0.11
H5'2 ADP M . -42.40 8.68 -1.57
H4' ADP M . -41.33 11.02 -2.64
H3' ADP M . -41.05 11.89 -0.14
HO3' ADP M . -40.74 13.49 -1.53
H2' ADP M . -43.16 11.51 0.77
HO2' ADP M . -43.80 13.48 1.21
H1' ADP M . -44.64 12.38 -1.66
H8 ADP M . -44.86 8.82 -1.73
HN61 ADP M . -49.37 9.01 2.73
HN62 ADP M . -48.56 8.06 1.50
H2 ADP M . -47.29 13.11 2.61
P PO4 N . 6.42 25.91 8.37
O1 PO4 N . 6.93 25.32 9.63
O2 PO4 N . 7.49 25.66 7.38
O3 PO4 N . 6.22 27.38 8.49
O4 PO4 N . 5.18 25.17 7.97
ZN ZN O . 19.66 28.78 47.25
P PO4 P . 17.75 21.38 -2.43
O1 PO4 P . 18.77 22.42 -2.72
O2 PO4 P . 17.08 21.57 -1.12
O3 PO4 P . 18.47 20.08 -2.41
O4 PO4 P . 16.73 21.38 -3.51
P PO4 Q . -24.09 12.75 -28.18
O1 PO4 Q . -23.58 12.59 -26.77
O2 PO4 Q . -23.41 11.74 -29.06
O3 PO4 Q . -23.75 14.14 -28.67
O4 PO4 Q . -25.58 12.56 -28.23
ZN ZN R . 16.93 49.56 28.45
PB ADP S . -1.57 -6.39 -38.53
O1B ADP S . -2.00 -5.37 -39.45
O2B ADP S . -1.53 -7.76 -38.94
O3B ADP S . -2.22 -6.23 -37.24
PA ADP S . 0.57 -5.88 -39.66
O1A ADP S . -0.17 -6.57 -40.73
O2A ADP S . 0.37 -4.46 -39.44
O3A ADP S . -0.05 -6.30 -38.30
O5' ADP S . 2.17 -5.93 -39.85
C5' ADP S . 2.68 -5.63 -41.14
C4' ADP S . 2.14 -6.67 -42.11
O4' ADP S . 1.40 -6.14 -43.21
C3' ADP S . 3.21 -7.47 -42.79
O3' ADP S . 3.74 -8.48 -41.94
C2' ADP S . 2.44 -8.11 -43.89
O2' ADP S . 1.53 -9.10 -43.44
C1' ADP S . 1.54 -7.01 -44.34
N9 ADP S . 2.19 -6.26 -45.40
C8 ADP S . 3.49 -6.00 -45.43
N7 ADP S . 3.76 -5.25 -46.51
C5 ADP S . 2.62 -5.04 -47.15
C6 ADP S . 2.21 -4.36 -48.34
N6 ADP S . 3.09 -3.72 -49.08
N1 ADP S . 0.94 -4.36 -48.68
C2 ADP S . 0.03 -4.99 -47.96
N3 ADP S . 0.35 -5.65 -46.88
C4 ADP S . 1.59 -5.71 -46.42
H5'1 ADP S . 3.79 -5.65 -41.13
H5'2 ADP S . 2.33 -4.60 -41.46
H4' ADP S . 1.51 -7.42 -41.57
H3' ADP S . 3.98 -6.86 -43.09
H2' ADP S . 3.07 -8.48 -44.68
HO2' ADP S . 1.08 -9.50 -44.20
H1' ADP S . 0.56 -7.39 -44.66
H8 ADP S . 4.26 -6.31 -44.72
HN61 ADP S . 3.08 -3.82 -50.10
HN62 ADP S . 3.77 -3.14 -48.65
H2 ADP S . -0.99 -4.96 -48.29
P PO4 T . 26.47 7.22 0.75
O1 PO4 T . 27.91 7.14 0.44
O2 PO4 T . 26.31 7.74 2.14
O3 PO4 T . 25.78 8.15 -0.15
O4 PO4 T . 25.85 5.88 0.57
ZN ZN U . 33.39 50.74 4.83
PB ADP V . 4.47 -30.52 -21.81
O1B ADP V . 5.26 -29.26 -21.85
O2B ADP V . 3.47 -30.70 -20.72
O3B ADP V . 4.14 -31.06 -23.16
PA ADP V . 6.64 -31.82 -22.34
O1A ADP V . 6.13 -32.60 -23.46
O2A ADP V . 7.29 -30.57 -22.62
O3A ADP V . 5.48 -31.66 -21.40
O5' ADP V . 7.71 -32.75 -21.58
C5' ADP V . 8.74 -33.36 -22.36
C4' ADP V . 8.76 -34.86 -22.04
O4' ADP V . 8.92 -35.73 -23.17
C3' ADP V . 9.93 -35.16 -21.14
O3' ADP V . 9.45 -35.42 -19.81
C2' ADP V . 10.69 -36.30 -21.75
O2' ADP V . 11.01 -37.29 -20.79
C1' ADP V . 9.80 -36.84 -22.88
N9 ADP V . 10.61 -37.22 -24.07
C8 ADP V . 11.90 -37.43 -23.96
N7 ADP V . 12.47 -37.73 -25.13
C5 ADP V . 11.54 -37.70 -26.04
C6 ADP V . 11.56 -37.93 -27.47
N6 ADP V . 12.72 -38.23 -28.05
N1 ADP V . 10.42 -37.82 -28.14
C2 ADP V . 9.30 -37.50 -27.50
N3 ADP V . 9.23 -37.27 -26.18
C4 ADP V . 10.29 -37.35 -25.37
H5'1 ADP V . 8.26 -33.23 -23.31
H5'2 ADP V . 9.73 -32.84 -22.28
H4' ADP V . 7.82 -35.14 -21.50
H3' ADP V . 10.56 -34.33 -21.10
H2' ADP V . 11.60 -35.86 -22.13
HO2' ADP V . 11.04 -38.17 -21.22
H1' ADP V . 9.23 -37.70 -22.53
H8 ADP V . 12.48 -37.40 -23.02
HN61 ADP V . 13.61 -37.97 -27.59
HN62 ADP V . 12.74 -38.71 -28.92
H2 ADP V . 8.40 -37.41 -28.08
P PO4 W . 23.72 -1.95 14.49
O1 PO4 W . 24.90 -2.49 15.21
O2 PO4 W . 24.11 -1.04 13.39
O3 PO4 W . 22.93 -1.18 15.48
O4 PO4 W . 22.95 -3.06 13.89
ZN ZN X . 50.73 26.05 6.79
#